data_8H8S
#
_entry.id   8H8S
#
_cell.length_a   182.100
_cell.length_b   204.700
_cell.length_c   177.900
_cell.angle_alpha   90.00
_cell.angle_beta   90.00
_cell.angle_gamma   90.00
#
_symmetry.space_group_name_H-M   'P 21 21 21'
#
loop_
_entity.id
_entity.type
_entity.pdbx_description
1 polymer 'Cytochrome c oxidase subunit 1'
2 polymer 'Cytochrome c oxidase subunit 2'
3 polymer 'Cytochrome c oxidase subunit 3'
4 polymer 'Cytochrome c oxidase subunit 4 isoform 1, mitochondrial'
5 polymer 'Cytochrome c oxidase subunit 5A'
6 polymer 'Cytochrome c oxidase subunit 5B, mitochondrial'
7 polymer 'Cytochrome c oxidase subunit 6A2, mitochondrial'
8 polymer 'Cytochrome c oxidase subunit 6B1'
9 polymer 'Cytochrome c oxidase subunit 6C'
10 polymer 'Cytochrome c oxidase subunit 7A1'
11 polymer 'Cytochrome c oxidase subunit 7B, mitochondrial'
12 polymer 'Cytochrome c oxidase subunit 7C, mitochondrial'
13 polymer 'Cytochrome c oxidase subunit 8B, mitochondrial'
14 non-polymer HEME-A
15 non-polymer 'COPPER (II) ION'
16 non-polymer 'MAGNESIUM ION'
17 non-polymer 'CALCIUM ION'
18 non-polymer CARDIOLIPIN
19 non-polymer EICOSANE
20 non-polymer DECYL-BETA-D-MALTOPYRANOSIDE
21 non-polymer 1,2-ETHANEDIOL
22 non-polymer '(1R)-2-{[{[(2S)-2,3-DIHYDROXYPROPYL]OXY}(HYDROXY)PHOSPHORYL]OXY}-1-[(PALMITOYLOXY)METHYL]ETHYL (11E)-OCTADEC-11-ENOATE'
23 non-polymer 'DINUCLEAR COPPER ION'
24 non-polymer 'CHOLIC ACID'
25 non-polymer 'UNKNOWN ATOM OR ION'
26 non-polymer 'ZINC ION'
27 non-polymer '(1S)-2-{[(2-AMINOETHOXY)(HYDROXY)PHOSPHORYL]OXY}-1-[(STEAROYLOXY)METHYL]ETHYL (5E,8E,11E,14E)-ICOSA-5,8,11,14-TETRAENOATE'
28 water water
#
loop_
_entity_poly.entity_id
_entity_poly.type
_entity_poly.pdbx_seq_one_letter_code
_entity_poly.pdbx_strand_id
1 'polypeptide(L)'
;(FME)FINRWLFSTNHKDIGTLYLLFGAWAGMVGTALSLLIRAELGQPGTLLGDDQIYNVVVTAHAFVMIFFMVMPIMIG
GFGNWLVPLMIGAPDMAFPRMNNMSFWLLPPSFLLLLASSMVEAGAGTGWTVYPPLAGNLAHAGASVDLTIFSLHLAGVS
SILGAINFITTIINMKPPAMSQYQTPLFVWSVMITAVLLLLSLPVLAAGITMLLTDRNLNTTFFDPAGGGDPILYQHLFW
FFGHPEVYILILPGFGMISHIVTYYSGKKEPFGYMGMVWAMMSIGFLGFIVWAHHMFTVGMDVDTRAYFTSATMIIAIPT
GVKVFSWLATLHGGNIKWSPAMMWALGFIFLFTVGGLTGIVLANSSLDIVLHDTYYVVAHFHYVLSMGAVFAIMGGFVHW
FPLFSGYTLNDTWAKIHFAIMFVGVNMTFFPQHFLGLSGMPRRYSDYPDAYTMWNTISSMGSFISLTAVMLMVFIIWEAF
ASKREVLTVDLTTTNLEWLNGCPPPYHTFEEPTYVNLK
;
A,N
2 'polypeptide(L)'
;(FME)AYPMQLGFQDATSPIMEELLHFHDHTLMIVFLISSLVLYIISLMLTTKLTHTSTMDAQEVETIWTILPAIILILI
ALPSLRILYMMDEINNPSLTVKTMGHQWYWSYEYTDYEDLSFDSYMIPTSELKPGELRLLEVDNRVVLPMEMTIRMLVSS
EDVLHSWAVPSLGLKTDAIPGRLNQTTLMSSRPGLYYGQCSEICGSNHSFMPIVLELVPLKYFEKWSASML
;
B,O
3 'polypeptide(L)'
;MTHQTHAYHMVNPSPWPLTGALSALLMTSGLTMWFHFNSMTLLMIGLTTNMLTMYQWWRDVIRESTFQGHHTPAVQKGLR
YGMILFIISEVLFFTGFFWAFYHSSLAPTPELGGCWPPTGIHPLNPLEVPLLNTSVLLASGVSITWAHHSLMEGDRKHML
QALFITITLGVYFTLLQASEYYEAPFTISDGVYGSTFFVATGFHGLHVIIGSTFLIVCFFRQLKFHFTSNHHFGFEAAAW
YWHFVDVVWLFLYVSIYWWGS
;
C,P
4 'polypeptide(L)'
;AHGSVVKSEDYALPSYVDRRDYPLPDVAHVKNLSASQKALKEKEKASWSSLSIDEKVELYRLKFKESFAEMNRSTNEWKT
VVGAAMFFIGFTALLLIWEKHYVYGPIPHTFEEEWVAKQTKRMLDMKVAPIQGFSAKWDYDKNEWKK
;
D,Q
5 'polypeptide(L)'
;SHGSHETDEEFDARWVTYFNKPDIDAWELRKGMNTLVGYDLVPEPKIIDAALRACRRLNDFASAVRILEVVKDKAGPHKE
IYPYVIQELRPTLNELGISTPEELGLDKV
;
E,R
6 'polypeptide(L)'
;ASGGGVPTDEEQATGLEREVMLAARKGQDPYNILAPKATSGTKEDPNLVPSITNKRIVGCICEEDNSTVIWFWLHKGEAQ
RCPSCGTHYKLVPHQLAH
;
F,S
7 'polypeptide(L)'
;ASAAKGDHGGTGARTWRFLTFGLALPSVALCTLNSWLHSGHRERPAFIPYHHLRIRTKPFSWGDGNHTFFHNPRVNPLPT
GYEKP
;
G,T
8 'polypeptide(L)'
;AEDIQAKIKNYQTAPFDSRFPNQNQTRNCWQNYLDFHRCEKAMTAKGGDVSVCEWYRRVYKSLCPISWVSTWDDRRAEGT
FPGKI
;
H,U
9 'polypeptide(L)' STALAKPQMRGLLARRLRFHIVGAFMVSLGFATFYKFAVAEKRKKAYADFYRNYDSMKDFEEMRKAGIFQSAK I,V
10 'polypeptide(L)' FENRVAEKQKLFQEDNGLPVHLKGGATDNILYRVTMTLCLGGTLYSLYCLGWASFPHKK J,W
11 'polypeptide(L)' IHQKRAPDFHDKYGNAVLASGATFCVAVWVYMATQIGIEWNPSPVGRVTPKEWREQ K,X
12 'polypeptide(L)' SHYEEGPGKNIPFSVENKWRLLAMMTLFFGSGFAAPFFIVRHQLLKK L,Y
13 'polypeptide(L)' ITAKPAKTPTSPKEQAIGLSVTFLSFLLPAGWVLYHLDNYKKSSAA M,Z
#
loop_
_chem_comp.id
_chem_comp.type
_chem_comp.name
_chem_comp.formula
CA non-polymer 'CALCIUM ION' 'Ca 2'
CDL non-polymer CARDIOLIPIN 'C81 H156 O17 P2 -2'
CHD non-polymer 'CHOLIC ACID' 'C24 H40 O5'
CU non-polymer 'COPPER (II) ION' 'Cu 2'
CUA non-polymer 'DINUCLEAR COPPER ION' Cu2
DMU D-saccharide DECYL-BETA-D-MALTOPYRANOSIDE 'C22 H42 O11'
EDO non-polymer 1,2-ETHANEDIOL 'C2 H6 O2'
HEA non-polymer HEME-A 'C49 H56 Fe N4 O6'
LFA non-polymer EICOSANE 'C20 H42'
MG non-polymer 'MAGNESIUM ION' 'Mg 2'
PEK non-polymer '(1S)-2-{[(2-AMINOETHOXY)(HYDROXY)PHOSPHORYL]OXY}-1-[(STEAROYLOXY)METHYL]ETHYL (5E,8E,11E,14E)-ICOSA-5,8,11,14-TETRAENOATE' 'C43 H78 N O8 P'
PGV non-polymer '(1R)-2-{[{[(2S)-2,3-DIHYDROXYPROPYL]OXY}(HYDROXY)PHOSPHORYL]OXY}-1-[(PALMITOYLOXY)METHYL]ETHYL (11E)-OCTADEC-11-ENOATE' 'C40 H77 O10 P'
UNX non-polymer 'UNKNOWN ATOM OR ION' ?
ZN non-polymer 'ZINC ION' 'Zn 2'
#
# COMPACT_ATOMS: atom_id res chain seq x y z
N FME A 1 3.52 -35.12 -40.72
CN FME A 1 2.33 -34.83 -40.21
O1 FME A 1 2.11 -33.97 -39.36
CA FME A 1 4.74 -34.49 -40.27
CB FME A 1 5.97 -35.13 -40.93
CG FME A 1 7.12 -35.28 -39.95
SD FME A 1 6.99 -36.70 -38.79
CE FME A 1 5.95 -36.05 -37.46
C FME A 1 4.74 -32.97 -40.54
O FME A 1 5.22 -32.19 -39.71
N PHE A 2 4.21 -32.54 -41.68
CA PHE A 2 4.17 -31.14 -42.02
C PHE A 2 3.28 -30.38 -41.02
N ILE A 3 2.06 -30.87 -40.78
CA ILE A 3 1.14 -30.24 -39.80
C ILE A 3 1.80 -30.23 -38.42
N ASN A 4 2.36 -31.37 -38.01
CA ASN A 4 3.00 -31.46 -36.67
C ASN A 4 4.07 -30.39 -36.55
N ARG A 5 4.86 -30.22 -37.61
CA ARG A 5 6.04 -29.30 -37.52
C ARG A 5 5.59 -27.83 -37.61
N TRP A 6 4.65 -27.51 -38.49
CA TRP A 6 4.39 -26.10 -38.86
C TRP A 6 3.10 -25.55 -38.27
N LEU A 7 2.15 -26.39 -37.86
CA LEU A 7 0.90 -25.93 -37.21
C LEU A 7 0.95 -26.19 -35.70
N PHE A 8 1.71 -27.19 -35.27
CA PHE A 8 1.75 -27.66 -33.87
C PHE A 8 3.14 -27.40 -33.26
N SER A 9 3.91 -26.45 -33.83
CA SER A 9 5.30 -26.19 -33.39
C SER A 9 5.37 -25.90 -31.89
N THR A 10 6.46 -26.38 -31.28
CA THR A 10 6.96 -25.98 -29.96
C THR A 10 8.46 -25.63 -30.06
N ASN A 11 8.88 -25.15 -31.22
CA ASN A 11 10.28 -24.88 -31.53
C ASN A 11 10.47 -23.39 -31.79
N HIS A 12 11.38 -22.76 -31.03
CA HIS A 12 11.62 -21.30 -31.15
C HIS A 12 12.04 -20.90 -32.57
N LYS A 13 12.84 -21.71 -33.25
CA LYS A 13 13.35 -21.33 -34.58
C LYS A 13 12.21 -21.38 -35.60
N ASP A 14 11.50 -22.50 -35.66
CA ASP A 14 10.39 -22.65 -36.63
C ASP A 14 9.34 -21.57 -36.36
N ILE A 15 9.01 -21.29 -35.11
CA ILE A 15 8.03 -20.21 -34.80
C ILE A 15 8.59 -18.85 -35.29
N GLY A 16 9.84 -18.57 -35.00
CA GLY A 16 10.51 -17.41 -35.58
C GLY A 16 10.39 -17.33 -37.10
N THR A 17 10.59 -18.44 -37.79
CA THR A 17 10.47 -18.50 -39.25
C THR A 17 9.01 -18.16 -39.63
N LEU A 18 8.03 -18.70 -38.92
CA LEU A 18 6.60 -18.39 -39.19
C LEU A 18 6.37 -16.86 -39.04
N TYR A 19 6.90 -16.27 -38.00
CA TYR A 19 6.76 -14.81 -37.81
C TYR A 19 7.41 -14.00 -38.95
N LEU A 20 8.60 -14.38 -39.40
CA LEU A 20 9.28 -13.67 -40.49
C LEU A 20 8.44 -13.77 -41.78
N LEU A 21 7.89 -14.94 -42.09
CA LEU A 21 7.06 -15.12 -43.31
C LEU A 21 5.80 -14.23 -43.19
N PHE A 22 5.17 -14.27 -42.02
CA PHE A 22 3.94 -13.51 -41.76
C PHE A 22 4.23 -12.01 -41.93
N GLY A 23 5.29 -11.54 -41.28
CA GLY A 23 5.66 -10.11 -41.32
C GLY A 23 6.04 -9.68 -42.73
N ALA A 24 6.72 -10.52 -43.50
CA ALA A 24 7.09 -10.19 -44.88
C ALA A 24 5.79 -10.01 -45.72
N TRP A 25 4.85 -10.93 -45.58
CA TRP A 25 3.55 -10.87 -46.30
C TRP A 25 2.83 -9.59 -45.87
N ALA A 26 2.76 -9.32 -44.58
CA ALA A 26 2.11 -8.10 -44.06
C ALA A 26 2.81 -6.87 -44.66
N GLY A 27 4.14 -6.89 -44.79
CA GLY A 27 4.82 -5.72 -45.37
C GLY A 27 4.39 -5.46 -46.81
N MET A 28 4.06 -6.51 -47.56
CA MET A 28 3.60 -6.29 -48.95
C MET A 28 2.21 -5.60 -48.88
N VAL A 29 1.35 -6.03 -47.97
CA VAL A 29 0.02 -5.41 -47.81
C VAL A 29 0.21 -3.94 -47.41
N GLY A 30 1.05 -3.70 -46.41
CA GLY A 30 1.24 -2.32 -45.91
C GLY A 30 1.87 -1.42 -46.96
N THR A 31 2.75 -1.98 -47.80
CA THR A 31 3.40 -1.26 -48.90
C THR A 31 2.36 -0.89 -49.97
N ALA A 32 1.50 -1.84 -50.35
CA ALA A 32 0.45 -1.60 -51.35
C ALA A 32 -0.44 -0.45 -50.83
N LEU A 33 -0.83 -0.50 -49.56
CA LEU A 33 -1.68 0.55 -48.95
C LEU A 33 -0.97 1.90 -49.06
N SER A 34 0.33 1.94 -48.75
CA SER A 34 1.15 3.17 -48.81
C SER A 34 1.18 3.71 -50.25
N LEU A 35 1.25 2.83 -51.25
CA LEU A 35 1.32 3.26 -52.66
C LEU A 35 -0.06 3.83 -53.08
N LEU A 36 -1.16 3.31 -52.54
CA LEU A 36 -2.51 3.85 -52.79
C LEU A 36 -2.63 5.27 -52.20
N ILE A 37 -2.13 5.46 -51.00
CA ILE A 37 -2.07 6.79 -50.35
C ILE A 37 -1.36 7.74 -51.32
N ARG A 38 -0.15 7.37 -51.71
CA ARG A 38 0.68 8.31 -52.52
C ARG A 38 0.12 8.45 -53.94
N ALA A 39 -0.61 7.48 -54.48
CA ALA A 39 -1.20 7.60 -55.82
C ALA A 39 -2.31 8.65 -55.73
N GLU A 40 -3.10 8.63 -54.65
CA GLU A 40 -4.13 9.69 -54.45
C GLU A 40 -3.42 11.05 -54.30
N LEU A 41 -2.36 11.10 -53.53
CA LEU A 41 -1.72 12.43 -53.26
C LEU A 41 -0.80 12.87 -54.38
N GLY A 42 -0.54 12.04 -55.37
CA GLY A 42 0.46 12.36 -56.41
C GLY A 42 -0.02 13.38 -57.42
N GLN A 43 -1.32 13.67 -57.46
CA GLN A 43 -1.85 14.76 -58.32
C GLN A 43 -2.99 15.41 -57.53
N PRO A 44 -3.14 16.74 -57.65
CA PRO A 44 -4.28 17.42 -57.06
C PRO A 44 -5.58 16.95 -57.71
N GLY A 45 -6.68 17.02 -56.97
CA GLY A 45 -7.95 16.47 -57.44
C GLY A 45 -8.13 15.11 -56.84
N THR A 46 -9.19 14.40 -57.21
CA THR A 46 -9.48 13.09 -56.62
C THR A 46 -9.15 11.97 -57.60
N LEU A 47 -8.57 10.89 -57.06
CA LEU A 47 -8.29 9.64 -57.82
C LEU A 47 -9.33 8.58 -57.48
N LEU A 48 -9.56 8.34 -56.20
CA LEU A 48 -10.43 7.23 -55.75
C LEU A 48 -11.91 7.68 -55.85
N GLY A 49 -12.17 8.99 -55.77
CA GLY A 49 -13.52 9.57 -55.86
C GLY A 49 -14.33 9.18 -54.64
N ASP A 50 -13.64 8.86 -53.55
CA ASP A 50 -14.31 8.33 -52.34
C ASP A 50 -13.35 8.50 -51.19
N ASP A 51 -13.53 9.59 -50.46
CA ASP A 51 -12.53 9.91 -49.43
C ASP A 51 -12.72 9.00 -48.22
N GLN A 52 -13.94 8.43 -48.01
CA GLN A 52 -14.06 7.41 -46.95
C GLN A 52 -13.03 6.30 -47.31
N ILE A 53 -12.93 5.90 -48.59
CA ILE A 53 -11.97 4.81 -48.98
C ILE A 53 -10.54 5.27 -48.72
N TYR A 54 -10.21 6.50 -49.08
CA TYR A 54 -8.87 7.04 -48.75
C TYR A 54 -8.60 6.87 -47.25
N ASN A 55 -9.56 7.25 -46.38
CA ASN A 55 -9.37 7.23 -44.91
C ASN A 55 -9.18 5.78 -44.44
N VAL A 56 -9.91 4.85 -45.04
CA VAL A 56 -9.78 3.42 -44.71
C VAL A 56 -8.36 2.95 -45.08
N VAL A 57 -7.88 3.33 -46.26
CA VAL A 57 -6.55 2.95 -46.73
C VAL A 57 -5.49 3.44 -45.73
N VAL A 58 -5.57 4.70 -45.31
CA VAL A 58 -4.58 5.28 -44.39
C VAL A 58 -4.63 4.49 -43.07
N THR A 59 -5.84 4.21 -42.56
CA THR A 59 -6.03 3.58 -41.25
C THR A 59 -5.35 2.19 -41.34
N ALA A 60 -5.72 1.42 -42.38
CA ALA A 60 -5.23 0.03 -42.56
C ALA A 60 -3.70 0.02 -42.77
N HIS A 61 -3.17 0.97 -43.55
CA HIS A 61 -1.72 1.14 -43.74
C HIS A 61 -1.00 1.09 -42.39
N ALA A 62 -1.45 1.93 -41.45
CA ALA A 62 -0.79 2.06 -40.14
C ALA A 62 -0.91 0.74 -39.37
N PHE A 63 -2.11 0.21 -39.26
CA PHE A 63 -2.30 -1.02 -38.42
C PHE A 63 -1.43 -2.15 -39.00
N VAL A 64 -1.40 -2.28 -40.32
CA VAL A 64 -0.65 -3.39 -40.97
C VAL A 64 0.85 -3.17 -40.69
N MET A 65 1.35 -1.96 -40.94
CA MET A 65 2.82 -1.74 -40.77
C MET A 65 3.23 -1.94 -39.30
N ILE A 66 2.42 -1.52 -38.34
CA ILE A 66 2.77 -1.56 -36.91
C ILE A 66 2.57 -2.99 -36.35
N PHE A 67 1.35 -3.49 -36.42
CA PHE A 67 0.94 -4.70 -35.69
C PHE A 67 1.29 -5.96 -36.50
N PHE A 68 1.35 -5.89 -37.83
CA PHE A 68 1.52 -7.12 -38.62
C PHE A 68 2.88 -7.18 -39.31
N MET A 69 3.58 -6.06 -39.49
CA MET A 69 4.93 -6.10 -40.10
C MET A 69 5.98 -5.90 -38.99
N VAL A 70 6.07 -4.73 -38.36
CA VAL A 70 7.25 -4.44 -37.48
C VAL A 70 7.24 -5.35 -36.25
N MET A 71 6.14 -5.40 -35.47
CA MET A 71 6.18 -6.14 -34.21
C MET A 71 6.39 -7.64 -34.48
N PRO A 72 5.69 -8.29 -35.41
CA PRO A 72 5.94 -9.71 -35.67
C PRO A 72 7.38 -9.98 -36.12
N ILE A 73 7.94 -9.13 -36.98
CA ILE A 73 9.33 -9.38 -37.47
C ILE A 73 10.31 -9.19 -36.31
N MET A 74 10.24 -8.06 -35.59
CA MET A 74 11.30 -7.72 -34.64
C MET A 74 11.21 -8.69 -33.44
N ILE A 75 10.01 -8.87 -32.89
CA ILE A 75 9.83 -9.56 -31.60
C ILE A 75 9.59 -11.04 -31.91
N GLY A 76 8.59 -11.32 -32.72
CA GLY A 76 8.26 -12.71 -33.04
C GLY A 76 9.36 -13.38 -33.83
N GLY A 77 9.93 -12.70 -34.80
CA GLY A 77 10.87 -13.31 -35.76
C GLY A 77 12.29 -13.29 -35.22
N PHE A 78 12.91 -12.13 -35.20
CA PHE A 78 14.27 -12.02 -34.64
C PHE A 78 14.30 -12.46 -33.16
N GLY A 79 13.31 -12.05 -32.36
CA GLY A 79 13.32 -12.39 -30.94
C GLY A 79 13.32 -13.90 -30.76
N ASN A 80 12.38 -14.60 -31.41
CA ASN A 80 12.28 -16.06 -31.23
C ASN A 80 13.54 -16.75 -31.76
N TRP A 81 14.03 -16.37 -32.93
CA TRP A 81 15.23 -17.00 -33.51
C TRP A 81 16.46 -16.77 -32.60
N LEU A 82 16.69 -15.51 -32.20
CA LEU A 82 17.99 -15.12 -31.66
C LEU A 82 18.06 -15.22 -30.13
N VAL A 83 17.00 -14.89 -29.38
CA VAL A 83 17.14 -14.72 -27.92
C VAL A 83 17.60 -16.05 -27.30
N PRO A 84 16.96 -17.20 -27.58
CA PRO A 84 17.42 -18.44 -26.94
C PRO A 84 18.85 -18.74 -27.36
N LEU A 85 19.18 -18.55 -28.63
CA LEU A 85 20.55 -18.86 -29.09
C LEU A 85 21.55 -17.96 -28.37
N MET A 86 21.24 -16.69 -28.15
CA MET A 86 22.23 -15.77 -27.56
C MET A 86 22.45 -16.03 -26.06
N ILE A 87 21.53 -16.72 -25.39
CA ILE A 87 21.69 -17.07 -23.95
C ILE A 87 21.90 -18.59 -23.80
N GLY A 88 22.10 -19.32 -24.89
CA GLY A 88 22.40 -20.76 -24.77
C GLY A 88 21.24 -21.57 -24.21
N ALA A 89 20.02 -21.08 -24.40
CA ALA A 89 18.80 -21.74 -23.87
C ALA A 89 18.30 -22.74 -24.91
N PRO A 90 17.65 -23.83 -24.48
CA PRO A 90 17.19 -24.86 -25.42
C PRO A 90 15.89 -24.55 -26.15
N ASP A 91 15.15 -23.57 -25.61
CA ASP A 91 13.96 -23.00 -26.28
C ASP A 91 13.49 -21.82 -25.45
N MET A 92 12.28 -21.35 -25.74
CA MET A 92 11.56 -20.37 -24.88
C MET A 92 11.05 -21.06 -23.59
N ALA A 93 10.74 -20.26 -22.55
CA ALA A 93 10.19 -20.77 -21.29
C ALA A 93 8.88 -21.56 -21.59
N PHE A 94 8.03 -21.04 -22.48
CA PHE A 94 6.66 -21.55 -22.68
C PHE A 94 6.53 -21.82 -24.16
N PRO A 95 7.09 -22.97 -24.61
CA PRO A 95 7.26 -23.19 -26.04
C PRO A 95 5.94 -23.43 -26.77
N ARG A 96 4.93 -23.90 -26.05
CA ARG A 96 3.60 -24.13 -26.64
C ARG A 96 2.78 -22.81 -26.64
N MET A 97 2.82 -22.07 -25.55
CA MET A 97 2.17 -20.72 -25.53
C MET A 97 2.78 -19.85 -26.66
N ASN A 98 4.09 -19.94 -26.91
CA ASN A 98 4.78 -19.21 -27.99
C ASN A 98 4.03 -19.42 -29.32
N ASN A 99 3.61 -20.67 -29.60
CA ASN A 99 2.97 -21.01 -30.87
C ASN A 99 1.62 -20.28 -30.92
N MET A 100 0.95 -20.09 -29.77
CA MET A 100 -0.37 -19.41 -29.79
C MET A 100 -0.19 -17.91 -30.02
N SER A 101 0.91 -17.33 -29.54
CA SER A 101 1.23 -15.94 -29.89
C SER A 101 1.31 -15.81 -31.41
N PHE A 102 1.94 -16.76 -32.08
CA PHE A 102 2.01 -16.72 -33.54
C PHE A 102 0.58 -16.88 -34.10
N TRP A 103 -0.13 -17.96 -33.75
CA TRP A 103 -1.34 -18.29 -34.51
C TRP A 103 -2.49 -17.31 -34.23
N LEU A 104 -2.38 -16.45 -33.22
CA LEU A 104 -3.37 -15.36 -33.03
C LEU A 104 -3.22 -14.30 -34.11
N LEU A 105 -2.10 -14.22 -34.82
CA LEU A 105 -1.90 -13.11 -35.76
C LEU A 105 -2.66 -13.30 -37.08
N PRO A 106 -2.69 -14.49 -37.73
CA PRO A 106 -3.52 -14.62 -38.94
C PRO A 106 -4.98 -14.27 -38.69
N PRO A 107 -5.61 -14.76 -37.61
CA PRO A 107 -6.97 -14.30 -37.32
C PRO A 107 -7.09 -12.80 -37.04
N SER A 108 -6.15 -12.22 -36.28
CA SER A 108 -6.15 -10.76 -36.07
C SER A 108 -6.16 -10.06 -37.44
N PHE A 109 -5.34 -10.52 -38.37
CA PHE A 109 -5.17 -9.88 -39.68
C PHE A 109 -6.50 -10.07 -40.47
N LEU A 110 -7.06 -11.27 -40.38
CA LEU A 110 -8.34 -11.54 -41.06
C LEU A 110 -9.43 -10.57 -40.55
N LEU A 111 -9.46 -10.27 -39.25
CA LEU A 111 -10.48 -9.36 -38.72
C LEU A 111 -10.22 -7.95 -39.29
N LEU A 112 -8.97 -7.55 -39.44
CA LEU A 112 -8.65 -6.23 -40.03
C LEU A 112 -9.11 -6.21 -41.51
N LEU A 113 -8.83 -7.23 -42.28
N LEU A 113 -8.82 -7.26 -42.28
CA LEU A 113 -9.22 -7.21 -43.71
CA LEU A 113 -9.33 -7.49 -43.67
C LEU A 113 -10.77 -7.39 -43.77
C LEU A 113 -10.83 -7.22 -43.63
N ALA A 114 -11.47 -8.01 -42.77
CA ALA A 114 -12.95 -8.05 -42.73
C ALA A 114 -13.49 -6.62 -42.50
N SER A 115 -12.85 -5.86 -41.62
N SER A 115 -12.85 -5.88 -41.60
CA SER A 115 -13.23 -4.46 -41.28
CA SER A 115 -13.21 -4.48 -41.30
C SER A 115 -13.27 -3.61 -42.57
C SER A 115 -13.31 -3.67 -42.60
N SER A 116 -12.36 -3.86 -43.52
CA SER A 116 -12.23 -3.05 -44.74
C SER A 116 -13.23 -3.51 -45.82
N MET A 117 -13.78 -4.71 -45.69
N MET A 117 -13.75 -4.73 -45.73
CA MET A 117 -14.61 -5.37 -46.73
CA MET A 117 -14.63 -5.32 -46.77
C MET A 117 -16.09 -5.19 -46.39
C MET A 117 -16.08 -5.04 -46.40
N VAL A 118 -16.41 -5.04 -45.12
CA VAL A 118 -17.82 -4.83 -44.71
C VAL A 118 -18.11 -3.32 -44.67
N GLU A 119 -19.38 -3.01 -44.86
CA GLU A 119 -19.88 -1.61 -44.84
C GLU A 119 -18.92 -0.72 -45.66
N ALA A 120 -18.49 0.39 -45.07
CA ALA A 120 -17.61 1.35 -45.77
C ALA A 120 -16.22 1.38 -45.10
N GLY A 121 -15.85 0.34 -44.36
CA GLY A 121 -14.55 0.30 -43.68
C GLY A 121 -14.47 1.18 -42.45
N ALA A 122 -13.35 1.08 -41.75
CA ALA A 122 -13.04 1.93 -40.58
C ALA A 122 -12.13 3.08 -41.06
N GLY A 123 -12.74 4.22 -41.38
CA GLY A 123 -11.99 5.37 -41.87
C GLY A 123 -11.69 6.30 -40.71
N THR A 124 -10.93 5.86 -39.72
CA THR A 124 -10.86 6.51 -38.39
C THR A 124 -9.50 7.14 -38.10
N GLY A 125 -8.49 6.78 -38.85
CA GLY A 125 -7.09 6.89 -38.39
C GLY A 125 -6.77 5.73 -37.45
N TRP A 126 -5.49 5.40 -37.30
CA TRP A 126 -5.11 4.24 -36.45
C TRP A 126 -5.36 4.53 -34.96
N THR A 127 -5.64 5.79 -34.61
CA THR A 127 -5.98 6.23 -33.25
C THR A 127 -7.43 5.82 -32.87
N VAL A 128 -8.31 5.70 -33.85
CA VAL A 128 -9.71 5.22 -33.66
C VAL A 128 -10.42 6.14 -32.66
N TYR A 129 -10.22 7.45 -32.77
CA TYR A 129 -10.86 8.38 -31.79
C TYR A 129 -12.39 8.38 -31.93
N PRO A 130 -13.13 8.32 -30.81
CA PRO A 130 -14.55 8.67 -30.80
C PRO A 130 -14.63 10.20 -30.79
N PRO A 131 -15.77 10.80 -31.22
CA PRO A 131 -16.95 10.06 -31.71
C PRO A 131 -16.90 9.59 -33.17
N LEU A 132 -15.88 9.97 -33.94
CA LEU A 132 -15.81 9.51 -35.36
C LEU A 132 -15.90 7.96 -35.39
N ALA A 133 -15.24 7.28 -34.44
CA ALA A 133 -15.23 5.81 -34.39
C ALA A 133 -16.46 5.24 -33.66
N GLY A 134 -17.39 6.09 -33.22
CA GLY A 134 -18.57 5.64 -32.50
C GLY A 134 -19.65 5.13 -33.44
N ASN A 135 -20.76 4.72 -32.82
CA ASN A 135 -21.84 3.95 -33.55
C ASN A 135 -22.76 4.87 -34.40
N LEU A 136 -22.58 6.18 -34.35
N LEU A 136 -22.55 6.17 -34.40
CA LEU A 136 -23.35 7.13 -35.20
CA LEU A 136 -23.37 7.09 -35.24
C LEU A 136 -22.52 7.48 -36.44
C LEU A 136 -22.54 7.56 -36.46
N ALA A 137 -21.27 7.94 -36.26
CA ALA A 137 -20.43 8.41 -37.37
C ALA A 137 -19.75 7.22 -38.05
N HIS A 138 -19.66 6.05 -37.37
CA HIS A 138 -19.15 4.79 -37.99
C HIS A 138 -20.11 3.64 -37.62
N ALA A 139 -21.36 3.79 -38.00
CA ALA A 139 -22.37 2.75 -37.75
C ALA A 139 -21.91 1.44 -38.48
N GLY A 140 -22.21 0.30 -37.87
CA GLY A 140 -22.04 -1.02 -38.47
C GLY A 140 -20.74 -1.70 -37.97
N ALA A 141 -20.34 -2.79 -38.60
CA ALA A 141 -19.38 -3.73 -37.99
C ALA A 141 -17.91 -3.30 -38.14
N SER A 142 -17.56 -2.40 -39.06
CA SER A 142 -16.14 -2.14 -39.42
C SER A 142 -15.31 -1.82 -38.16
N VAL A 143 -15.71 -0.85 -37.35
CA VAL A 143 -14.85 -0.45 -36.21
C VAL A 143 -14.80 -1.60 -35.17
N ASP A 144 -15.89 -2.35 -35.01
CA ASP A 144 -15.88 -3.47 -34.02
C ASP A 144 -14.87 -4.52 -34.47
N LEU A 145 -14.80 -4.79 -35.77
CA LEU A 145 -13.85 -5.76 -36.35
C LEU A 145 -12.42 -5.25 -36.14
N THR A 146 -12.21 -3.95 -36.25
CA THR A 146 -10.91 -3.34 -35.96
C THR A 146 -10.57 -3.51 -34.48
N ILE A 147 -11.50 -3.21 -33.59
CA ILE A 147 -11.29 -3.39 -32.14
C ILE A 147 -10.91 -4.86 -31.89
N PHE A 148 -11.67 -5.82 -32.41
CA PHE A 148 -11.35 -7.23 -32.13
C PHE A 148 -9.97 -7.61 -32.70
N SER A 149 -9.61 -7.07 -33.86
CA SER A 149 -8.28 -7.28 -34.45
C SER A 149 -7.22 -6.89 -33.41
N LEU A 150 -7.38 -5.71 -32.83
CA LEU A 150 -6.43 -5.19 -31.84
C LEU A 150 -6.45 -6.07 -30.58
N HIS A 151 -7.61 -6.58 -30.16
CA HIS A 151 -7.68 -7.46 -28.98
C HIS A 151 -6.82 -8.70 -29.25
N LEU A 152 -6.96 -9.31 -30.43
CA LEU A 152 -6.20 -10.56 -30.64
C LEU A 152 -4.70 -10.24 -30.79
N ALA A 153 -4.34 -9.20 -31.50
CA ALA A 153 -2.92 -8.74 -31.56
C ALA A 153 -2.39 -8.45 -30.15
N GLY A 154 -3.20 -7.81 -29.31
CA GLY A 154 -2.79 -7.48 -27.95
C GLY A 154 -2.51 -8.73 -27.13
N VAL A 155 -3.43 -9.71 -27.16
CA VAL A 155 -3.22 -10.94 -26.39
C VAL A 155 -1.91 -11.59 -26.91
N SER A 156 -1.74 -11.66 -28.22
CA SER A 156 -0.55 -12.28 -28.84
C SER A 156 0.70 -11.68 -28.17
N SER A 157 0.78 -10.35 -28.14
CA SER A 157 2.00 -9.64 -27.70
C SER A 157 2.12 -9.70 -26.18
N ILE A 158 1.01 -9.65 -25.42
CA ILE A 158 1.05 -9.78 -23.93
C ILE A 158 1.64 -11.16 -23.56
N LEU A 159 1.08 -12.23 -24.15
CA LEU A 159 1.61 -13.59 -23.83
C LEU A 159 3.06 -13.68 -24.33
N GLY A 160 3.40 -13.09 -25.49
CA GLY A 160 4.80 -13.09 -25.98
C GLY A 160 5.71 -12.35 -24.99
N ALA A 161 5.24 -11.24 -24.42
CA ALA A 161 6.06 -10.47 -23.46
C ALA A 161 6.34 -11.34 -22.24
N ILE A 162 5.29 -12.02 -21.72
CA ILE A 162 5.44 -12.92 -20.54
C ILE A 162 6.52 -13.98 -20.88
N ASN A 163 6.45 -14.50 -22.09
CA ASN A 163 7.38 -15.56 -22.57
C ASN A 163 8.81 -15.00 -22.58
N PHE A 164 9.03 -13.85 -23.19
CA PHE A 164 10.40 -13.31 -23.32
C PHE A 164 10.96 -12.88 -21.98
N ILE A 165 10.15 -12.22 -21.12
CA ILE A 165 10.69 -11.79 -19.81
C ILE A 165 11.11 -13.06 -19.05
N THR A 166 10.23 -14.08 -19.02
CA THR A 166 10.51 -15.30 -18.22
C THR A 166 11.79 -15.98 -18.78
N THR A 167 11.89 -16.11 -20.09
CA THR A 167 12.99 -16.78 -20.78
C THR A 167 14.30 -16.06 -20.40
N ILE A 168 14.29 -14.75 -20.56
CA ILE A 168 15.50 -13.95 -20.37
C ILE A 168 15.92 -13.95 -18.90
N ILE A 169 14.99 -13.87 -17.97
CA ILE A 169 15.32 -13.88 -16.51
C ILE A 169 15.80 -15.28 -16.10
N ASN A 170 15.12 -16.32 -16.57
CA ASN A 170 15.15 -17.64 -15.90
C ASN A 170 16.06 -18.62 -16.64
N MET A 171 16.39 -18.41 -17.91
CA MET A 171 16.98 -19.49 -18.74
C MET A 171 18.40 -19.19 -19.25
N LYS A 172 19.11 -18.31 -18.59
CA LYS A 172 20.52 -18.03 -18.93
C LYS A 172 21.37 -19.08 -18.25
N PRO A 173 22.64 -19.24 -18.69
CA PRO A 173 23.53 -20.11 -17.93
C PRO A 173 23.65 -19.59 -16.50
N PRO A 174 23.76 -20.48 -15.50
CA PRO A 174 23.78 -20.05 -14.11
C PRO A 174 24.90 -19.06 -13.78
N ALA A 175 26.01 -19.08 -14.51
CA ALA A 175 27.10 -18.10 -14.26
C ALA A 175 26.82 -16.74 -14.90
N MET A 176 25.90 -16.66 -15.84
CA MET A 176 25.66 -15.45 -16.68
C MET A 176 24.72 -14.50 -15.92
N SER A 177 25.21 -13.36 -15.51
CA SER A 177 24.35 -12.31 -14.91
C SER A 177 23.60 -11.57 -16.02
N GLN A 178 22.67 -10.71 -15.62
CA GLN A 178 21.96 -9.87 -16.61
C GLN A 178 23.00 -9.00 -17.32
N TYR A 179 24.10 -8.66 -16.65
CA TYR A 179 25.13 -7.77 -17.24
C TYR A 179 26.15 -8.55 -18.09
N GLN A 180 25.87 -9.80 -18.41
CA GLN A 180 26.65 -10.56 -19.42
C GLN A 180 25.70 -11.06 -20.51
N THR A 181 24.54 -10.45 -20.67
CA THR A 181 23.68 -10.82 -21.80
C THR A 181 23.89 -9.81 -22.91
N PRO A 182 23.78 -10.26 -24.15
CA PRO A 182 23.93 -9.37 -25.28
C PRO A 182 22.87 -8.24 -25.34
N LEU A 183 23.27 -7.09 -25.91
CA LEU A 183 22.35 -5.93 -26.02
C LEU A 183 21.03 -6.29 -26.72
N PHE A 184 21.02 -7.16 -27.73
CA PHE A 184 19.75 -7.51 -28.38
C PHE A 184 18.82 -8.14 -27.33
N VAL A 185 19.34 -9.02 -26.48
CA VAL A 185 18.53 -9.68 -25.45
C VAL A 185 18.00 -8.61 -24.48
N TRP A 186 18.83 -7.64 -24.08
CA TRP A 186 18.34 -6.52 -23.25
C TRP A 186 17.18 -5.80 -23.98
N SER A 187 17.36 -5.51 -25.26
CA SER A 187 16.38 -4.72 -26.05
C SER A 187 15.03 -5.45 -26.06
N VAL A 188 15.06 -6.78 -26.16
CA VAL A 188 13.79 -7.57 -26.21
C VAL A 188 13.17 -7.59 -24.81
N MET A 189 13.97 -7.74 -23.76
CA MET A 189 13.46 -7.75 -22.36
C MET A 189 12.73 -6.43 -22.12
N ILE A 190 13.38 -5.31 -22.44
CA ILE A 190 12.80 -3.97 -22.14
C ILE A 190 11.52 -3.79 -22.98
N THR A 191 11.57 -4.16 -24.25
CA THR A 191 10.38 -4.08 -25.14
C THR A 191 9.23 -4.89 -24.48
N ALA A 192 9.52 -6.10 -24.04
CA ALA A 192 8.50 -6.99 -23.43
C ALA A 192 7.90 -6.31 -22.19
N VAL A 193 8.72 -5.70 -21.34
CA VAL A 193 8.18 -4.99 -20.15
C VAL A 193 7.23 -3.88 -20.65
N LEU A 194 7.62 -3.11 -21.67
CA LEU A 194 6.73 -2.04 -22.18
C LEU A 194 5.40 -2.63 -22.69
N LEU A 195 5.48 -3.76 -23.39
CA LEU A 195 4.26 -4.41 -23.91
C LEU A 195 3.36 -4.82 -22.75
N LEU A 196 3.94 -5.50 -21.75
CA LEU A 196 3.19 -6.06 -20.61
C LEU A 196 2.38 -4.95 -19.93
N LEU A 197 2.97 -3.76 -19.80
CA LEU A 197 2.31 -2.68 -19.02
C LEU A 197 1.35 -1.85 -19.90
N SER A 198 1.67 -1.64 -21.17
CA SER A 198 0.96 -0.68 -22.05
C SER A 198 -0.27 -1.34 -22.72
N LEU A 199 -0.09 -2.53 -23.27
CA LEU A 199 -1.20 -3.15 -24.03
C LEU A 199 -2.45 -3.34 -23.18
N PRO A 200 -2.39 -3.68 -21.89
CA PRO A 200 -3.63 -3.83 -21.12
C PRO A 200 -4.42 -2.51 -21.02
N VAL A 201 -3.72 -1.37 -21.08
CA VAL A 201 -4.39 -0.06 -21.01
C VAL A 201 -5.10 0.17 -22.34
N LEU A 202 -4.43 -0.08 -23.46
CA LEU A 202 -5.12 -0.06 -24.76
C LEU A 202 -6.35 -0.97 -24.70
N ALA A 203 -6.19 -2.20 -24.22
CA ALA A 203 -7.29 -3.18 -24.17
C ALA A 203 -8.48 -2.58 -23.41
N ALA A 204 -8.21 -1.94 -22.29
CA ALA A 204 -9.27 -1.31 -21.47
C ALA A 204 -9.96 -0.22 -22.34
N GLY A 205 -9.17 0.65 -22.95
CA GLY A 205 -9.77 1.76 -23.73
C GLY A 205 -10.57 1.28 -24.92
N ILE A 206 -10.10 0.30 -25.71
CA ILE A 206 -10.86 -0.14 -26.91
C ILE A 206 -12.06 -0.96 -26.45
N THR A 207 -11.98 -1.58 -25.28
CA THR A 207 -13.12 -2.31 -24.70
C THR A 207 -14.24 -1.30 -24.36
N MET A 208 -13.87 -0.19 -23.73
N MET A 208 -13.86 -0.18 -23.77
CA MET A 208 -14.79 0.93 -23.45
CA MET A 208 -14.82 0.89 -23.44
C MET A 208 -15.40 1.41 -24.77
C MET A 208 -15.37 1.49 -24.74
N LEU A 209 -14.58 1.53 -25.82
CA LEU A 209 -15.13 1.96 -27.12
C LEU A 209 -16.15 0.94 -27.64
N LEU A 210 -15.83 -0.34 -27.49
CA LEU A 210 -16.74 -1.43 -27.91
C LEU A 210 -18.08 -1.33 -27.16
N THR A 211 -18.05 -1.11 -25.85
CA THR A 211 -19.27 -1.05 -25.02
C THR A 211 -20.03 0.24 -25.38
N ASP A 212 -19.33 1.35 -25.67
CA ASP A 212 -20.04 2.59 -26.09
C ASP A 212 -20.77 2.31 -27.41
N ARG A 213 -20.19 1.49 -28.28
CA ARG A 213 -20.74 1.22 -29.61
C ARG A 213 -21.90 0.21 -29.53
N ASN A 214 -21.93 -0.67 -28.52
CA ASN A 214 -22.83 -1.86 -28.56
C ASN A 214 -23.66 -2.07 -27.29
N LEU A 215 -23.27 -1.54 -26.12
CA LEU A 215 -23.95 -1.84 -24.85
C LEU A 215 -24.47 -0.56 -24.20
N ASN A 216 -24.49 0.54 -24.95
CA ASN A 216 -25.07 1.81 -24.45
C ASN A 216 -24.32 2.36 -23.23
N THR A 217 -23.01 2.08 -23.11
CA THR A 217 -22.16 2.84 -22.17
C THR A 217 -21.89 4.22 -22.78
N THR A 218 -21.36 5.09 -21.94
CA THR A 218 -21.09 6.48 -22.37
C THR A 218 -19.74 6.94 -21.81
N PHE A 219 -18.74 6.05 -21.76
CA PHE A 219 -17.37 6.48 -21.36
C PHE A 219 -16.91 7.73 -22.12
N PHE A 220 -17.18 7.78 -23.42
CA PHE A 220 -16.61 8.79 -24.33
C PHE A 220 -17.70 9.69 -24.90
N ASP A 221 -18.93 9.61 -24.37
CA ASP A 221 -20.11 10.30 -24.92
C ASP A 221 -20.58 11.35 -23.93
N PRO A 222 -20.39 12.65 -24.24
CA PRO A 222 -20.79 13.69 -23.29
C PRO A 222 -22.25 13.66 -22.87
N ALA A 223 -23.13 13.12 -23.72
CA ALA A 223 -24.57 13.01 -23.35
C ALA A 223 -24.75 12.19 -22.06
N GLY A 224 -23.88 11.20 -21.79
CA GLY A 224 -23.91 10.41 -20.57
C GLY A 224 -22.98 10.94 -19.49
N GLY A 225 -22.26 12.05 -19.72
CA GLY A 225 -21.21 12.49 -18.79
C GLY A 225 -19.82 11.98 -19.16
N GLY A 226 -19.66 11.34 -20.32
CA GLY A 226 -18.36 10.81 -20.76
C GLY A 226 -17.55 11.92 -21.42
N ASP A 227 -16.42 11.56 -21.98
CA ASP A 227 -15.43 12.56 -22.46
C ASP A 227 -14.60 11.92 -23.55
N PRO A 228 -14.66 12.41 -24.79
CA PRO A 228 -13.79 11.87 -25.86
C PRO A 228 -12.30 11.96 -25.49
N ILE A 229 -11.93 12.93 -24.68
CA ILE A 229 -10.51 13.14 -24.32
C ILE A 229 -10.02 11.95 -23.45
N LEU A 230 -10.89 11.35 -22.64
CA LEU A 230 -10.49 10.17 -21.83
C LEU A 230 -9.94 9.08 -22.78
N TYR A 231 -10.60 8.83 -23.90
CA TYR A 231 -10.15 7.81 -24.88
C TYR A 231 -8.72 8.15 -25.32
N GLN A 232 -8.47 9.41 -25.62
CA GLN A 232 -7.14 9.84 -26.11
C GLN A 232 -6.08 9.51 -25.06
N HIS A 233 -6.33 9.82 -23.78
CA HIS A 233 -5.36 9.54 -22.69
C HIS A 233 -5.08 8.03 -22.65
N LEU A 234 -6.11 7.19 -22.69
CA LEU A 234 -5.89 5.73 -22.59
C LEU A 234 -5.12 5.25 -23.81
N PHE A 235 -5.52 5.71 -24.98
CA PHE A 235 -4.87 5.31 -26.23
C PHE A 235 -3.38 5.70 -26.16
N TRP A 236 -3.10 6.98 -25.89
CA TRP A 236 -1.71 7.44 -25.95
C TRP A 236 -0.87 6.92 -24.76
N PHE A 237 -1.46 6.62 -23.63
CA PHE A 237 -0.75 5.98 -22.51
C PHE A 237 -0.11 4.69 -23.02
N PHE A 238 -0.83 3.96 -23.90
CA PHE A 238 -0.27 2.82 -24.67
C PHE A 238 0.63 3.32 -25.80
N GLY A 239 0.14 4.30 -26.57
CA GLY A 239 0.73 4.64 -27.89
C GLY A 239 2.15 5.19 -27.79
N HIS A 240 2.48 5.99 -26.76
CA HIS A 240 3.90 6.44 -26.69
C HIS A 240 4.80 5.22 -26.38
N PRO A 241 4.55 4.43 -25.33
CA PRO A 241 5.32 3.18 -25.14
C PRO A 241 5.42 2.36 -26.44
N GLU A 242 4.31 2.26 -27.18
CA GLU A 242 4.27 1.50 -28.44
C GLU A 242 5.36 2.03 -29.39
N VAL A 243 5.58 3.35 -29.50
CA VAL A 243 6.56 3.78 -30.52
C VAL A 243 7.97 3.37 -30.05
N TYR A 244 8.23 3.31 -28.76
CA TYR A 244 9.53 2.80 -28.24
C TYR A 244 9.63 1.26 -28.40
N ILE A 245 8.54 0.53 -28.20
CA ILE A 245 8.43 -0.92 -28.52
C ILE A 245 8.85 -1.17 -29.98
N LEU A 246 8.46 -0.30 -30.90
CA LEU A 246 8.73 -0.48 -32.34
C LEU A 246 10.21 -0.26 -32.63
N ILE A 247 10.91 0.55 -31.84
CA ILE A 247 12.32 0.83 -32.19
C ILE A 247 13.31 0.01 -31.33
N LEU A 248 12.96 -0.32 -30.08
CA LEU A 248 13.96 -0.89 -29.12
C LEU A 248 14.65 -2.14 -29.69
N PRO A 249 13.94 -3.15 -30.23
CA PRO A 249 14.62 -4.30 -30.82
C PRO A 249 15.51 -3.88 -31.99
N GLY A 250 15.13 -2.81 -32.70
CA GLY A 250 15.96 -2.26 -33.74
C GLY A 250 17.25 -1.72 -33.14
N PHE A 251 17.16 -0.97 -32.06
CA PHE A 251 18.40 -0.52 -31.36
C PHE A 251 19.28 -1.75 -31.04
N GLY A 252 18.67 -2.83 -30.52
CA GLY A 252 19.45 -4.02 -30.15
C GLY A 252 20.15 -4.58 -31.39
N MET A 253 19.44 -4.74 -32.50
CA MET A 253 20.02 -5.31 -33.75
C MET A 253 21.15 -4.39 -34.25
N ILE A 254 20.93 -3.07 -34.28
CA ILE A 254 21.94 -2.10 -34.74
C ILE A 254 23.20 -2.27 -33.88
N SER A 255 23.09 -2.38 -32.54
CA SER A 255 24.29 -2.57 -31.69
C SER A 255 25.07 -3.80 -32.17
N HIS A 256 24.39 -4.92 -32.46
CA HIS A 256 25.10 -6.16 -32.89
C HIS A 256 25.71 -5.97 -34.26
N ILE A 257 24.98 -5.35 -35.19
CA ILE A 257 25.45 -5.19 -36.58
C ILE A 257 26.67 -4.25 -36.61
N VAL A 258 26.60 -3.12 -35.90
CA VAL A 258 27.71 -2.14 -35.93
C VAL A 258 28.93 -2.79 -35.29
N THR A 259 28.72 -3.55 -34.23
CA THR A 259 29.85 -4.21 -33.52
C THR A 259 30.51 -5.19 -34.51
N TYR A 260 29.70 -6.06 -35.10
CA TYR A 260 30.16 -7.16 -35.98
C TYR A 260 30.95 -6.59 -37.16
N TYR A 261 30.38 -5.62 -37.91
CA TYR A 261 31.01 -5.16 -39.16
C TYR A 261 32.08 -4.10 -38.87
N SER A 262 32.27 -3.74 -37.59
CA SER A 262 33.44 -2.94 -37.18
C SER A 262 34.59 -3.88 -36.78
N GLY A 263 34.37 -5.20 -36.82
CA GLY A 263 35.42 -6.13 -36.40
C GLY A 263 35.68 -6.06 -34.91
N LYS A 264 34.70 -5.64 -34.13
CA LYS A 264 34.88 -5.52 -32.66
C LYS A 264 34.29 -6.74 -31.94
N LYS A 265 34.83 -7.00 -30.75
CA LYS A 265 34.39 -8.10 -29.89
C LYS A 265 33.17 -7.62 -29.08
N GLU A 266 32.95 -6.30 -29.01
CA GLU A 266 31.97 -5.73 -28.06
C GLU A 266 31.60 -4.32 -28.48
N PRO A 267 30.34 -3.92 -28.21
CA PRO A 267 29.94 -2.54 -28.44
C PRO A 267 30.66 -1.62 -27.44
N PHE A 268 30.80 -0.37 -27.83
CA PHE A 268 31.36 0.65 -26.92
C PHE A 268 30.35 0.91 -25.80
N GLY A 269 30.80 0.91 -24.55
CA GLY A 269 30.00 1.40 -23.41
C GLY A 269 28.76 0.54 -23.15
N TYR A 270 28.94 -0.78 -23.02
CA TYR A 270 27.86 -1.75 -22.76
C TYR A 270 26.88 -1.25 -21.69
N MET A 271 27.38 -0.92 -20.50
CA MET A 271 26.51 -0.56 -19.39
C MET A 271 25.75 0.75 -19.69
N GLY A 272 26.36 1.67 -20.43
CA GLY A 272 25.68 2.89 -20.88
C GLY A 272 24.55 2.56 -21.83
N MET A 273 24.72 1.54 -22.68
CA MET A 273 23.69 1.12 -23.66
C MET A 273 22.52 0.51 -22.89
N VAL A 274 22.83 -0.31 -21.88
CA VAL A 274 21.78 -0.89 -21.01
C VAL A 274 21.04 0.26 -20.31
N TRP A 275 21.77 1.14 -19.66
CA TRP A 275 21.19 2.28 -18.95
C TRP A 275 20.31 3.08 -19.94
N ALA A 276 20.79 3.31 -21.15
CA ALA A 276 20.05 4.17 -22.12
C ALA A 276 18.71 3.50 -22.48
N MET A 277 18.73 2.19 -22.77
CA MET A 277 17.48 1.50 -23.12
C MET A 277 16.52 1.48 -21.92
N MET A 278 16.98 1.27 -20.70
N MET A 278 17.02 1.24 -20.71
CA MET A 278 16.07 1.26 -19.52
CA MET A 278 16.20 1.25 -19.49
C MET A 278 15.55 2.68 -19.27
C MET A 278 15.57 2.65 -19.33
N SER A 279 16.37 3.71 -19.49
CA SER A 279 15.93 5.10 -19.28
C SER A 279 14.84 5.46 -20.30
N ILE A 280 15.03 5.07 -21.57
CA ILE A 280 14.09 5.32 -22.65
C ILE A 280 12.80 4.58 -22.33
N GLY A 281 12.88 3.35 -21.85
CA GLY A 281 11.67 2.61 -21.50
C GLY A 281 10.88 3.28 -20.38
N PHE A 282 11.57 3.76 -19.37
CA PHE A 282 10.94 4.40 -18.21
C PHE A 282 10.29 5.74 -18.65
N LEU A 283 11.08 6.59 -19.25
CA LEU A 283 10.61 7.93 -19.71
C LEU A 283 9.45 7.76 -20.70
N GLY A 284 9.47 6.71 -21.48
CA GLY A 284 8.41 6.38 -22.45
C GLY A 284 7.01 6.29 -21.84
N PHE A 285 6.86 6.17 -20.52
CA PHE A 285 5.55 6.08 -19.84
C PHE A 285 5.04 7.43 -19.34
N ILE A 286 5.88 8.48 -19.36
CA ILE A 286 5.52 9.73 -18.64
C ILE A 286 5.41 10.93 -19.61
N VAL A 287 5.20 10.67 -20.90
CA VAL A 287 5.29 11.72 -21.95
C VAL A 287 4.06 11.73 -22.88
N TRP A 288 3.09 10.85 -22.67
CA TRP A 288 2.08 10.53 -23.71
C TRP A 288 1.30 11.76 -24.16
N ALA A 289 1.10 12.74 -23.30
CA ALA A 289 0.18 13.83 -23.64
C ALA A 289 0.81 14.82 -24.60
N HIS A 290 2.03 14.59 -25.08
CA HIS A 290 2.58 15.36 -26.23
C HIS A 290 1.80 15.02 -27.52
N HIS A 291 0.96 13.98 -27.48
CA HIS A 291 0.02 13.68 -28.59
C HIS A 291 -1.28 14.49 -28.47
N MET A 292 -1.38 15.36 -27.47
CA MET A 292 -2.66 15.99 -27.08
C MET A 292 -2.46 17.50 -26.83
N PHE A 293 -1.41 18.11 -27.35
CA PHE A 293 -1.12 19.53 -27.06
C PHE A 293 -2.20 20.48 -27.59
N THR A 294 -3.06 20.07 -28.52
CA THR A 294 -4.11 20.94 -29.08
C THR A 294 -5.51 20.66 -28.51
N VAL A 295 -5.63 19.79 -27.50
CA VAL A 295 -6.99 19.35 -27.07
C VAL A 295 -7.56 20.34 -26.04
N GLY A 296 -6.77 21.32 -25.58
CA GLY A 296 -7.23 22.21 -24.51
C GLY A 296 -6.65 21.88 -23.15
N MET A 297 -5.47 21.27 -22.98
N MET A 297 -5.35 22.09 -23.17
CA MET A 297 -4.98 20.97 -21.58
CA MET A 297 -4.42 21.60 -22.14
C MET A 297 -4.40 22.27 -20.97
C MET A 297 -3.96 22.79 -21.33
N ASP A 298 -4.16 22.31 -19.65
N ASP A 298 -4.19 22.74 -20.01
CA ASP A 298 -3.65 23.48 -18.83
CA ASP A 298 -3.66 23.78 -19.11
C ASP A 298 -2.17 23.82 -19.24
C ASP A 298 -2.17 23.90 -19.42
N VAL A 299 -1.72 25.10 -19.19
CA VAL A 299 -0.35 25.52 -19.55
C VAL A 299 0.70 24.71 -18.75
N ASP A 300 0.49 24.48 -17.47
CA ASP A 300 1.53 23.83 -16.62
C ASP A 300 1.68 22.37 -17.07
N THR A 301 0.58 21.72 -17.45
CA THR A 301 0.61 20.38 -17.99
C THR A 301 1.42 20.39 -19.30
N ARG A 302 1.17 21.35 -20.18
CA ARG A 302 1.94 21.47 -21.44
C ARG A 302 3.45 21.65 -21.13
N ALA A 303 3.77 22.45 -20.13
CA ALA A 303 5.17 22.73 -19.75
C ALA A 303 5.84 21.42 -19.28
N TYR A 304 5.14 20.67 -18.44
CA TYR A 304 5.64 19.37 -17.93
C TYR A 304 5.90 18.44 -19.13
N PHE A 305 4.90 18.25 -20.01
CA PHE A 305 5.03 17.23 -21.09
C PHE A 305 6.12 17.64 -22.07
N THR A 306 6.27 18.94 -22.34
CA THR A 306 7.37 19.43 -23.19
C THR A 306 8.73 19.03 -22.57
N SER A 307 8.89 19.29 -21.29
CA SER A 307 10.18 19.10 -20.57
C SER A 307 10.50 17.61 -20.44
N ALA A 308 9.54 16.78 -20.05
CA ALA A 308 9.76 15.33 -19.84
C ALA A 308 10.10 14.72 -21.20
N THR A 309 9.42 15.14 -22.27
CA THR A 309 9.66 14.60 -23.61
C THR A 309 11.12 14.91 -23.99
N MET A 310 11.59 16.13 -23.76
CA MET A 310 12.92 16.49 -24.27
C MET A 310 14.01 15.63 -23.57
N ILE A 311 13.76 15.19 -22.32
N ILE A 311 13.86 15.27 -22.30
CA ILE A 311 14.72 14.39 -21.50
CA ILE A 311 15.03 14.65 -21.61
C ILE A 311 15.13 13.14 -22.29
C ILE A 311 15.30 13.26 -22.20
N ILE A 312 14.23 12.51 -23.05
N ILE A 312 14.39 12.66 -22.96
CA ILE A 312 14.52 11.27 -23.82
CA ILE A 312 14.65 11.33 -23.60
C ILE A 312 15.76 11.45 -24.73
C ILE A 312 15.76 11.47 -24.65
N ALA A 313 16.07 12.67 -25.13
CA ALA A 313 17.19 12.89 -26.07
C ALA A 313 18.51 12.51 -25.38
N ILE A 314 18.58 12.60 -24.06
CA ILE A 314 19.89 12.38 -23.38
C ILE A 314 20.28 10.90 -23.46
N PRO A 315 19.47 9.94 -22.97
CA PRO A 315 19.87 8.53 -23.15
C PRO A 315 19.95 8.14 -24.62
N THR A 316 19.08 8.70 -25.47
CA THR A 316 19.12 8.35 -26.91
C THR A 316 20.48 8.78 -27.47
N GLY A 317 20.93 10.00 -27.13
CA GLY A 317 22.21 10.46 -27.63
C GLY A 317 23.35 9.54 -27.20
N VAL A 318 23.32 9.08 -25.96
CA VAL A 318 24.33 8.13 -25.47
C VAL A 318 24.38 6.92 -26.42
N LYS A 319 23.24 6.42 -26.90
CA LYS A 319 23.26 5.27 -27.82
C LYS A 319 23.87 5.68 -29.16
N VAL A 320 23.46 6.83 -29.71
CA VAL A 320 23.97 7.24 -31.04
C VAL A 320 25.50 7.39 -30.96
N PHE A 321 25.98 8.11 -29.97
CA PHE A 321 27.42 8.38 -29.80
C PHE A 321 28.16 7.05 -29.52
N SER A 322 27.53 6.13 -28.79
CA SER A 322 28.17 4.81 -28.54
C SER A 322 28.26 3.98 -29.83
N TRP A 323 27.29 4.04 -30.73
CA TRP A 323 27.41 3.40 -32.06
C TRP A 323 28.60 4.01 -32.81
N LEU A 324 28.71 5.35 -32.79
CA LEU A 324 29.81 6.01 -33.54
C LEU A 324 31.13 5.55 -32.90
N ALA A 325 31.19 5.47 -31.56
CA ALA A 325 32.41 5.06 -30.84
C ALA A 325 32.71 3.56 -31.10
N THR A 326 31.71 2.77 -31.46
CA THR A 326 31.93 1.36 -31.81
C THR A 326 32.61 1.32 -33.20
N LEU A 327 32.20 2.18 -34.12
CA LEU A 327 32.80 2.26 -35.49
C LEU A 327 34.28 2.68 -35.36
N HIS A 328 34.54 3.59 -34.43
CA HIS A 328 35.86 4.25 -34.21
C HIS A 328 36.93 3.18 -34.06
N GLY A 329 37.88 3.17 -34.96
CA GLY A 329 38.99 2.21 -34.90
C GLY A 329 38.64 0.84 -35.45
N GLY A 330 37.46 0.69 -36.00
CA GLY A 330 37.03 -0.58 -36.61
C GLY A 330 37.81 -0.92 -37.85
N ASN A 331 37.95 -2.21 -38.07
CA ASN A 331 38.27 -2.78 -39.39
C ASN A 331 36.94 -2.88 -40.12
N ILE A 332 36.52 -1.82 -40.79
CA ILE A 332 35.12 -1.69 -41.28
C ILE A 332 34.94 -2.63 -42.44
N LYS A 333 33.93 -3.50 -42.34
CA LYS A 333 33.51 -4.32 -43.50
C LYS A 333 32.25 -3.66 -44.07
N TRP A 334 32.30 -3.22 -45.31
CA TRP A 334 31.20 -2.51 -46.00
C TRP A 334 30.19 -3.51 -46.58
N SER A 335 29.72 -4.36 -45.71
CA SER A 335 28.63 -5.33 -46.01
C SER A 335 27.33 -4.57 -46.23
N PRO A 336 26.39 -5.23 -46.93
CA PRO A 336 25.05 -4.64 -47.05
C PRO A 336 24.43 -4.38 -45.67
N ALA A 337 24.58 -5.28 -44.69
CA ALA A 337 24.00 -5.06 -43.36
C ALA A 337 24.61 -3.80 -42.74
N MET A 338 25.90 -3.57 -42.92
CA MET A 338 26.52 -2.38 -42.32
C MET A 338 25.89 -1.13 -42.96
N MET A 339 25.66 -1.16 -44.27
CA MET A 339 25.06 0.00 -44.97
C MET A 339 23.68 0.30 -44.37
N TRP A 340 22.86 -0.72 -44.16
CA TRP A 340 21.54 -0.56 -43.50
C TRP A 340 21.74 0.11 -42.13
N ALA A 341 22.72 -0.34 -41.35
CA ALA A 341 22.89 0.16 -39.98
C ALA A 341 23.36 1.61 -40.05
N LEU A 342 24.25 1.96 -40.98
CA LEU A 342 24.74 3.36 -41.07
C LEU A 342 23.57 4.27 -41.50
N GLY A 343 22.79 3.81 -42.45
CA GLY A 343 21.58 4.52 -42.87
C GLY A 343 20.65 4.72 -41.68
N PHE A 344 20.48 3.68 -40.87
CA PHE A 344 19.68 3.74 -39.64
C PHE A 344 20.17 4.88 -38.75
N ILE A 345 21.48 4.91 -38.46
CA ILE A 345 21.99 5.88 -37.47
C ILE A 345 21.64 7.29 -37.93
N PHE A 346 21.87 7.57 -39.20
CA PHE A 346 21.65 8.92 -39.75
C PHE A 346 20.16 9.28 -39.76
N LEU A 347 19.35 8.39 -40.33
CA LEU A 347 17.92 8.69 -40.56
C LEU A 347 17.18 8.74 -39.21
N PHE A 348 17.49 7.82 -38.31
CA PHE A 348 16.93 7.83 -36.95
C PHE A 348 17.27 9.17 -36.29
N THR A 349 18.52 9.65 -36.44
CA THR A 349 18.93 10.87 -35.77
C THR A 349 18.07 12.03 -36.34
N VAL A 350 17.88 12.09 -37.64
CA VAL A 350 17.06 13.16 -38.26
C VAL A 350 15.63 13.12 -37.66
N GLY A 351 15.01 11.96 -37.66
CA GLY A 351 13.65 11.82 -37.12
C GLY A 351 13.60 12.12 -35.63
N GLY A 352 14.60 11.69 -34.85
CA GLY A 352 14.60 12.02 -33.44
C GLY A 352 14.65 13.51 -33.23
N LEU A 353 15.44 14.20 -34.03
CA LEU A 353 15.56 15.66 -33.87
C LEU A 353 14.24 16.35 -34.24
N THR A 354 13.53 15.92 -35.27
CA THR A 354 12.23 16.56 -35.57
C THR A 354 11.25 16.21 -34.42
N GLY A 355 11.41 15.08 -33.74
CA GLY A 355 10.65 14.80 -32.51
C GLY A 355 10.90 15.88 -31.45
N ILE A 356 12.16 16.29 -31.29
CA ILE A 356 12.46 17.32 -30.26
C ILE A 356 11.80 18.66 -30.69
N VAL A 357 11.73 18.96 -31.97
CA VAL A 357 10.99 20.19 -32.43
C VAL A 357 9.53 20.07 -31.96
N LEU A 358 8.90 18.93 -32.24
CA LEU A 358 7.49 18.67 -31.88
C LEU A 358 7.24 18.69 -30.37
N ALA A 359 8.23 18.34 -29.56
CA ALA A 359 8.11 18.25 -28.10
C ALA A 359 7.75 19.64 -27.56
N ASN A 360 8.14 20.69 -28.28
CA ASN A 360 7.89 22.07 -27.86
C ASN A 360 6.42 22.39 -28.16
N SER A 361 5.56 22.41 -27.15
N SER A 361 5.63 22.37 -27.09
CA SER A 361 4.10 22.51 -27.38
CA SER A 361 4.16 22.52 -27.10
C SER A 361 3.78 23.79 -28.16
C SER A 361 3.77 23.77 -27.90
N SER A 362 4.46 24.90 -27.89
N SER A 362 4.59 24.81 -27.86
CA SER A 362 4.20 26.17 -28.61
CA SER A 362 4.18 26.08 -28.53
C SER A 362 4.33 25.93 -30.12
C SER A 362 4.34 25.91 -30.07
N LEU A 363 5.40 25.26 -30.56
CA LEU A 363 5.57 25.01 -32.02
C LEU A 363 4.59 23.88 -32.43
N ASP A 364 4.34 22.92 -31.54
CA ASP A 364 3.43 21.80 -31.87
C ASP A 364 2.02 22.30 -32.16
N ILE A 365 1.59 23.45 -31.60
CA ILE A 365 0.27 23.98 -31.98
C ILE A 365 0.21 24.09 -33.51
N VAL A 366 1.28 24.61 -34.14
CA VAL A 366 1.27 24.87 -35.59
C VAL A 366 1.60 23.58 -36.36
N LEU A 367 2.31 22.65 -35.76
CA LEU A 367 2.78 21.46 -36.53
C LEU A 367 1.88 20.23 -36.32
N HIS A 368 1.10 20.21 -35.25
CA HIS A 368 0.22 19.07 -34.93
C HIS A 368 -0.76 18.83 -36.07
N ASP A 369 -1.01 17.58 -36.40
CA ASP A 369 -1.99 17.23 -37.45
C ASP A 369 -1.56 17.83 -38.80
N THR A 370 -0.25 17.99 -39.02
CA THR A 370 0.31 18.37 -40.31
C THR A 370 1.28 17.29 -40.80
N TYR A 371 1.70 17.44 -42.04
CA TYR A 371 2.71 16.54 -42.61
C TYR A 371 4.05 16.64 -41.84
N TYR A 372 4.29 17.62 -41.00
CA TYR A 372 5.55 17.64 -40.26
C TYR A 372 5.62 16.40 -39.34
N VAL A 373 4.50 16.04 -38.77
CA VAL A 373 4.42 14.87 -37.86
C VAL A 373 4.65 13.62 -38.72
N VAL A 374 4.00 13.56 -39.89
CA VAL A 374 4.13 12.41 -40.81
C VAL A 374 5.62 12.26 -41.21
N ALA A 375 6.31 13.39 -41.46
CA ALA A 375 7.73 13.35 -41.83
C ALA A 375 8.55 12.82 -40.63
N HIS A 376 8.30 13.36 -39.45
CA HIS A 376 8.97 12.94 -38.22
C HIS A 376 8.87 11.42 -38.11
N PHE A 377 7.66 10.84 -38.13
CA PHE A 377 7.63 9.42 -37.72
C PHE A 377 8.01 8.54 -38.91
N HIS A 378 7.91 8.97 -40.15
CA HIS A 378 8.42 8.11 -41.24
C HIS A 378 9.96 8.09 -41.24
N TYR A 379 10.62 9.13 -40.71
CA TYR A 379 12.09 9.02 -40.47
C TYR A 379 12.33 8.06 -39.31
N VAL A 380 11.83 8.36 -38.09
CA VAL A 380 12.31 7.64 -36.89
C VAL A 380 11.69 6.24 -36.86
N LEU A 381 10.42 6.15 -37.22
CA LEU A 381 9.76 4.88 -37.13
C LEU A 381 9.85 4.12 -38.44
N SER A 382 9.29 4.63 -39.46
CA SER A 382 9.23 3.97 -40.78
C SER A 382 10.58 3.57 -41.28
N MET A 383 11.51 4.51 -41.44
CA MET A 383 12.88 4.25 -41.92
C MET A 383 13.71 3.58 -40.79
N GLY A 384 13.65 4.04 -39.56
CA GLY A 384 14.38 3.42 -38.44
C GLY A 384 14.03 1.95 -38.30
N ALA A 385 12.76 1.62 -38.17
CA ALA A 385 12.35 0.21 -38.01
C ALA A 385 12.74 -0.56 -39.27
N VAL A 386 12.42 -0.06 -40.45
CA VAL A 386 12.64 -0.81 -41.69
C VAL A 386 14.14 -1.01 -41.91
N PHE A 387 14.97 0.02 -41.66
CA PHE A 387 16.42 -0.09 -41.92
C PHE A 387 17.01 -1.13 -40.93
N ALA A 388 16.58 -1.10 -39.66
CA ALA A 388 17.06 -2.10 -38.69
C ALA A 388 16.60 -3.51 -39.11
N ILE A 389 15.33 -3.66 -39.55
CA ILE A 389 14.82 -4.96 -40.03
C ILE A 389 15.65 -5.42 -41.23
N MET A 390 15.91 -4.56 -42.19
CA MET A 390 16.63 -4.98 -43.39
C MET A 390 18.08 -5.33 -42.97
N GLY A 391 18.70 -4.53 -42.10
CA GLY A 391 20.07 -4.84 -41.66
C GLY A 391 20.10 -6.21 -40.98
N GLY A 392 19.15 -6.45 -40.07
CA GLY A 392 19.08 -7.72 -39.35
C GLY A 392 18.81 -8.86 -40.34
N PHE A 393 17.90 -8.65 -41.28
CA PHE A 393 17.52 -9.73 -42.20
C PHE A 393 18.73 -10.13 -43.05
N VAL A 394 19.45 -9.17 -43.61
N VAL A 394 19.41 -9.12 -43.60
CA VAL A 394 20.58 -9.56 -44.50
CA VAL A 394 20.60 -9.37 -44.46
C VAL A 394 21.73 -10.11 -43.62
C VAL A 394 21.67 -10.09 -43.61
N HIS A 395 21.90 -9.60 -42.40
CA HIS A 395 22.98 -10.09 -41.50
C HIS A 395 22.72 -11.55 -41.10
N TRP A 396 21.48 -11.86 -40.72
CA TRP A 396 21.15 -13.17 -40.14
C TRP A 396 20.51 -14.13 -41.15
N PHE A 397 20.22 -13.70 -42.37
CA PHE A 397 19.64 -14.63 -43.36
C PHE A 397 20.49 -15.89 -43.48
N PRO A 398 21.83 -15.83 -43.54
CA PRO A 398 22.59 -17.08 -43.70
C PRO A 398 22.53 -17.98 -42.46
N LEU A 399 22.36 -17.39 -41.28
CA LEU A 399 22.13 -18.18 -40.06
C LEU A 399 20.80 -18.93 -40.18
N PHE A 400 19.76 -18.24 -40.56
CA PHE A 400 18.41 -18.83 -40.55
C PHE A 400 18.30 -19.86 -41.66
N SER A 401 18.87 -19.59 -42.83
CA SER A 401 18.65 -20.39 -44.06
C SER A 401 19.78 -21.41 -44.30
N GLY A 402 21.02 -21.09 -43.93
CA GLY A 402 22.19 -21.86 -44.40
C GLY A 402 22.73 -21.40 -45.75
N TYR A 403 22.14 -20.37 -46.38
CA TYR A 403 22.51 -19.90 -47.72
C TYR A 403 22.94 -18.43 -47.68
N THR A 404 23.77 -18.04 -48.62
CA THR A 404 24.20 -16.62 -48.69
C THR A 404 23.36 -15.85 -49.73
N LEU A 405 23.16 -14.59 -49.44
CA LEU A 405 22.66 -13.62 -50.44
C LEU A 405 23.78 -13.20 -51.39
N ASN A 406 23.37 -12.62 -52.51
CA ASN A 406 24.29 -11.94 -53.42
C ASN A 406 24.54 -10.52 -52.84
N ASP A 407 25.74 -10.26 -52.35
CA ASP A 407 26.03 -8.99 -51.64
C ASP A 407 25.87 -7.82 -52.62
N THR A 408 26.21 -8.00 -53.89
CA THR A 408 26.15 -6.89 -54.87
C THR A 408 24.66 -6.51 -55.06
N TRP A 409 23.79 -7.50 -55.27
CA TRP A 409 22.35 -7.21 -55.33
C TRP A 409 21.89 -6.51 -54.06
N ALA A 410 22.32 -6.98 -52.89
CA ALA A 410 21.84 -6.45 -51.59
C ALA A 410 22.30 -4.98 -51.48
N LYS A 411 23.48 -4.64 -52.00
CA LYS A 411 23.93 -3.22 -51.96
C LYS A 411 23.09 -2.37 -52.93
N ILE A 412 22.70 -2.93 -54.07
CA ILE A 412 21.85 -2.24 -55.07
C ILE A 412 20.49 -1.93 -54.40
N HIS A 413 19.96 -2.93 -53.71
CA HIS A 413 18.68 -2.83 -52.97
C HIS A 413 18.77 -1.65 -51.98
N PHE A 414 19.81 -1.64 -51.15
CA PHE A 414 20.03 -0.56 -50.16
C PHE A 414 20.02 0.79 -50.89
N ALA A 415 20.79 0.91 -51.97
CA ALA A 415 20.97 2.22 -52.64
C ALA A 415 19.60 2.73 -53.13
N ILE A 416 18.81 1.86 -53.75
CA ILE A 416 17.49 2.28 -54.29
C ILE A 416 16.58 2.71 -53.11
N MET A 417 16.54 1.92 -52.04
N MET A 417 16.53 1.91 -52.05
CA MET A 417 15.66 2.19 -50.88
CA MET A 417 15.67 2.20 -50.89
C MET A 417 16.07 3.51 -50.22
C MET A 417 16.08 3.56 -50.30
N PHE A 418 17.37 3.80 -50.12
CA PHE A 418 17.84 5.04 -49.46
C PHE A 418 17.34 6.24 -50.28
N VAL A 419 17.46 6.17 -51.60
CA VAL A 419 17.00 7.26 -52.48
C VAL A 419 15.48 7.39 -52.29
N GLY A 420 14.75 6.30 -52.43
CA GLY A 420 13.28 6.31 -52.42
C GLY A 420 12.72 6.90 -51.14
N VAL A 421 13.21 6.46 -49.99
CA VAL A 421 12.56 6.91 -48.71
C VAL A 421 12.87 8.40 -48.48
N ASN A 422 14.05 8.88 -48.87
CA ASN A 422 14.41 10.30 -48.66
C ASN A 422 13.59 11.17 -49.63
N MET A 423 13.45 10.75 -50.89
N MET A 423 13.45 10.75 -50.89
CA MET A 423 12.64 11.52 -51.86
CA MET A 423 12.63 11.53 -51.85
C MET A 423 11.17 11.53 -51.39
C MET A 423 11.17 11.55 -51.36
N THR A 424 10.70 10.44 -50.78
CA THR A 424 9.30 10.34 -50.32
C THR A 424 9.09 11.31 -49.15
N PHE A 425 9.93 11.24 -48.13
CA PHE A 425 9.60 11.84 -46.82
C PHE A 425 10.27 13.20 -46.61
N PHE A 426 11.43 13.46 -47.19
CA PHE A 426 12.07 14.75 -46.83
C PHE A 426 11.16 15.92 -47.19
N PRO A 427 10.54 15.96 -48.38
CA PRO A 427 9.69 17.12 -48.73
C PRO A 427 8.43 17.31 -47.85
N GLN A 428 8.03 16.27 -47.14
CA GLN A 428 6.85 16.34 -46.24
C GLN A 428 7.16 17.31 -45.10
N HIS A 429 8.43 17.55 -44.75
CA HIS A 429 8.76 18.61 -43.74
C HIS A 429 8.23 19.96 -44.29
N PHE A 430 8.46 20.22 -45.58
CA PHE A 430 8.08 21.53 -46.16
C PHE A 430 6.55 21.63 -46.17
N LEU A 431 5.90 20.54 -46.58
CA LEU A 431 4.43 20.52 -46.57
C LEU A 431 3.93 20.82 -45.14
N GLY A 432 4.51 20.21 -44.11
CA GLY A 432 4.05 20.46 -42.74
C GLY A 432 4.30 21.89 -42.27
N LEU A 433 5.51 22.40 -42.46
CA LEU A 433 5.81 23.78 -42.02
C LEU A 433 4.84 24.74 -42.69
N SER A 434 4.49 24.50 -43.95
CA SER A 434 3.66 25.41 -44.76
C SER A 434 2.15 25.10 -44.51
N GLY A 435 1.84 24.16 -43.62
CA GLY A 435 0.48 23.98 -43.07
C GLY A 435 -0.38 22.92 -43.76
N MET A 436 0.17 22.04 -44.58
CA MET A 436 -0.69 20.97 -45.15
C MET A 436 -1.11 20.00 -44.05
N PRO A 437 -2.42 19.82 -43.82
CA PRO A 437 -2.88 18.85 -42.82
C PRO A 437 -2.58 17.41 -43.24
N ARG A 438 -2.38 16.56 -42.25
CA ARG A 438 -2.34 15.11 -42.51
C ARG A 438 -3.78 14.62 -42.63
N ARG A 439 -3.93 13.41 -43.13
CA ARG A 439 -5.21 12.65 -43.22
C ARG A 439 -6.15 13.34 -44.20
N TYR A 440 -5.54 14.00 -45.21
CA TYR A 440 -6.24 14.67 -46.31
C TYR A 440 -6.13 13.86 -47.61
N SER A 441 -7.25 13.68 -48.29
CA SER A 441 -7.32 13.03 -49.62
C SER A 441 -6.95 14.00 -50.73
N ASP A 442 -6.91 15.29 -50.45
CA ASP A 442 -6.62 16.31 -51.48
C ASP A 442 -6.19 17.60 -50.75
N TYR A 443 -5.53 18.48 -51.47
CA TYR A 443 -4.76 19.60 -50.90
C TYR A 443 -4.93 20.83 -51.78
N PRO A 444 -4.88 22.01 -51.14
CA PRO A 444 -4.79 23.26 -51.89
C PRO A 444 -3.61 23.17 -52.88
N ASP A 445 -3.79 23.83 -54.00
CA ASP A 445 -2.93 23.74 -55.19
C ASP A 445 -1.48 24.12 -54.84
N ALA A 446 -1.24 25.01 -53.89
CA ALA A 446 0.13 25.44 -53.53
C ALA A 446 1.01 24.22 -53.17
N TYR A 447 0.43 23.18 -52.61
CA TYR A 447 1.16 22.02 -52.04
C TYR A 447 1.50 20.98 -53.13
N THR A 448 1.25 21.25 -54.39
CA THR A 448 1.31 20.27 -55.50
C THR A 448 2.76 19.79 -55.70
N MET A 449 3.73 20.71 -55.76
CA MET A 449 5.11 20.32 -56.15
C MET A 449 5.63 19.27 -55.15
N TRP A 450 5.53 19.52 -53.85
CA TRP A 450 6.13 18.58 -52.86
C TRP A 450 5.36 17.26 -52.82
N ASN A 451 4.05 17.30 -52.99
CA ASN A 451 3.26 16.04 -53.03
C ASN A 451 3.65 15.24 -54.27
N THR A 452 3.91 15.92 -55.38
CA THR A 452 4.28 15.24 -56.63
C THR A 452 5.62 14.50 -56.42
N ILE A 453 6.60 15.20 -55.87
CA ILE A 453 7.96 14.62 -55.64
C ILE A 453 7.80 13.47 -54.64
N SER A 454 7.03 13.63 -53.58
CA SER A 454 6.87 12.61 -52.51
C SER A 454 6.34 11.31 -53.16
N SER A 455 5.32 11.45 -54.00
CA SER A 455 4.68 10.28 -54.64
C SER A 455 5.66 9.60 -55.62
N MET A 456 6.49 10.37 -56.33
CA MET A 456 7.49 9.80 -57.23
C MET A 456 8.50 8.97 -56.38
N GLY A 457 8.87 9.50 -55.21
CA GLY A 457 9.73 8.74 -54.27
C GLY A 457 9.12 7.42 -53.86
N SER A 458 7.80 7.38 -53.66
CA SER A 458 7.13 6.16 -53.17
C SER A 458 7.30 5.05 -54.20
N PHE A 459 7.34 5.37 -55.48
CA PHE A 459 7.52 4.39 -56.58
C PHE A 459 8.96 3.85 -56.57
N ILE A 460 9.95 4.66 -56.17
CA ILE A 460 11.35 4.18 -56.12
C ILE A 460 11.44 3.10 -55.05
N SER A 461 10.82 3.32 -53.90
CA SER A 461 10.83 2.33 -52.80
C SER A 461 10.06 1.07 -53.26
N LEU A 462 9.00 1.21 -54.04
CA LEU A 462 8.31 0.00 -54.58
C LEU A 462 9.30 -0.85 -55.39
N THR A 463 10.07 -0.20 -56.27
CA THR A 463 11.10 -0.89 -57.06
C THR A 463 12.06 -1.66 -56.12
N ALA A 464 12.49 -1.02 -55.01
CA ALA A 464 13.35 -1.67 -54.01
C ALA A 464 12.64 -2.91 -53.42
N VAL A 465 11.36 -2.81 -53.07
CA VAL A 465 10.62 -3.95 -52.46
C VAL A 465 10.58 -5.12 -53.47
N MET A 466 10.30 -4.85 -54.71
CA MET A 466 10.20 -5.92 -55.75
C MET A 466 11.59 -6.56 -55.89
N LEU A 467 12.66 -5.75 -55.88
CA LEU A 467 14.00 -6.30 -56.02
C LEU A 467 14.33 -7.18 -54.78
N MET A 468 13.94 -6.75 -53.57
CA MET A 468 14.18 -7.57 -52.35
C MET A 468 13.61 -8.99 -52.54
N VAL A 469 12.39 -9.12 -53.05
CA VAL A 469 11.76 -10.46 -53.27
C VAL A 469 12.64 -11.25 -54.24
N PHE A 470 13.08 -10.63 -55.32
CA PHE A 470 13.95 -11.29 -56.30
C PHE A 470 15.25 -11.76 -55.61
N ILE A 471 15.84 -10.90 -54.76
CA ILE A 471 17.12 -11.22 -54.09
C ILE A 471 16.96 -12.45 -53.18
N ILE A 472 15.85 -12.54 -52.46
CA ILE A 472 15.57 -13.72 -51.60
C ILE A 472 15.41 -14.95 -52.52
N TRP A 473 14.67 -14.83 -53.60
CA TRP A 473 14.51 -15.96 -54.54
C TRP A 473 15.89 -16.41 -55.03
N GLU A 474 16.75 -15.45 -55.43
CA GLU A 474 18.03 -15.80 -56.06
C GLU A 474 18.89 -16.59 -55.06
N ALA A 475 18.87 -16.22 -53.79
CA ALA A 475 19.62 -16.92 -52.72
C ALA A 475 19.14 -18.38 -52.60
N PHE A 476 17.84 -18.59 -52.52
CA PHE A 476 17.29 -19.96 -52.39
C PHE A 476 17.44 -20.71 -53.73
N ALA A 477 17.41 -20.00 -54.87
CA ALA A 477 17.56 -20.61 -56.20
C ALA A 477 19.01 -21.12 -56.38
N SER A 478 20.01 -20.39 -55.90
CA SER A 478 21.43 -20.68 -56.22
C SER A 478 22.04 -21.65 -55.21
N LYS A 479 21.61 -21.62 -53.95
CA LYS A 479 22.04 -22.57 -52.87
C LYS A 479 23.57 -22.52 -52.67
N ARG A 480 24.10 -21.32 -52.37
CA ARG A 480 25.46 -21.11 -51.82
C ARG A 480 25.46 -21.42 -50.33
N GLU A 481 26.03 -22.54 -49.93
CA GLU A 481 25.98 -22.97 -48.52
C GLU A 481 27.12 -22.32 -47.72
N VAL A 482 26.82 -21.91 -46.52
CA VAL A 482 27.78 -21.27 -45.59
C VAL A 482 28.89 -22.27 -45.26
N LEU A 483 30.13 -21.78 -45.19
CA LEU A 483 31.29 -22.58 -44.73
C LEU A 483 31.82 -22.05 -43.40
N THR A 484 32.16 -20.76 -43.33
CA THR A 484 32.75 -20.18 -42.12
C THR A 484 32.13 -18.81 -41.87
N VAL A 485 32.11 -18.46 -40.60
CA VAL A 485 31.58 -17.19 -40.09
C VAL A 485 32.58 -16.64 -39.08
N ASP A 486 33.02 -15.41 -39.28
CA ASP A 486 33.96 -14.71 -38.37
C ASP A 486 33.26 -14.31 -37.07
N LEU A 487 34.05 -14.13 -36.01
CA LEU A 487 33.65 -13.49 -34.73
C LEU A 487 32.63 -14.36 -34.00
N THR A 488 32.65 -15.70 -34.20
CA THR A 488 31.73 -16.55 -33.40
C THR A 488 32.07 -16.41 -31.91
N THR A 489 33.28 -16.04 -31.52
CA THR A 489 33.62 -15.97 -30.08
C THR A 489 32.78 -14.91 -29.38
N THR A 490 32.22 -13.92 -30.10
CA THR A 490 31.37 -12.88 -29.46
C THR A 490 30.04 -12.82 -30.18
N ASN A 491 29.62 -13.90 -30.83
CA ASN A 491 28.30 -13.97 -31.49
C ASN A 491 27.78 -15.42 -31.42
N LEU A 492 27.38 -15.82 -30.22
CA LEU A 492 27.01 -17.21 -29.88
C LEU A 492 25.94 -17.76 -30.81
N GLU A 493 25.05 -16.91 -31.34
CA GLU A 493 23.94 -17.44 -32.14
C GLU A 493 24.48 -18.19 -33.39
N TRP A 494 25.72 -17.92 -33.84
CA TRP A 494 26.30 -18.51 -35.07
C TRP A 494 27.01 -19.85 -34.74
N LEU A 495 27.25 -20.16 -33.44
CA LEU A 495 28.29 -21.18 -33.13
C LEU A 495 27.75 -22.60 -33.35
N ASN A 496 26.44 -22.75 -33.56
CA ASN A 496 25.85 -24.09 -33.82
C ASN A 496 25.66 -24.36 -35.32
N GLY A 497 26.24 -23.53 -36.17
CA GLY A 497 26.16 -23.69 -37.64
C GLY A 497 24.94 -23.03 -38.27
N CYS A 498 24.84 -23.19 -39.58
CA CYS A 498 23.93 -22.45 -40.46
C CYS A 498 23.23 -23.41 -41.41
N PRO A 499 21.92 -23.69 -41.22
CA PRO A 499 21.19 -23.28 -40.03
C PRO A 499 21.54 -24.19 -38.85
N PRO A 500 21.26 -23.74 -37.62
CA PRO A 500 21.48 -24.57 -36.44
C PRO A 500 20.51 -25.72 -36.46
N PRO A 501 20.86 -26.84 -35.79
CA PRO A 501 19.94 -27.96 -35.68
C PRO A 501 18.64 -27.59 -34.97
N TYR A 502 17.59 -28.37 -35.23
CA TYR A 502 16.25 -28.15 -34.66
C TYR A 502 16.37 -27.95 -33.15
N HIS A 503 17.04 -28.88 -32.47
CA HIS A 503 17.39 -28.74 -31.04
C HIS A 503 18.84 -28.25 -30.92
N THR A 504 19.03 -27.08 -30.31
CA THR A 504 20.35 -26.59 -29.89
C THR A 504 20.40 -26.53 -28.37
N PHE A 505 21.63 -26.56 -27.85
CA PHE A 505 21.89 -26.46 -26.41
C PHE A 505 21.15 -27.58 -25.67
N GLU A 506 21.02 -28.75 -26.29
CA GLU A 506 20.55 -29.96 -25.56
C GLU A 506 21.49 -30.25 -24.39
N GLU A 507 22.79 -30.13 -24.65
CA GLU A 507 23.81 -30.01 -23.59
C GLU A 507 24.08 -28.51 -23.48
N PRO A 508 23.85 -27.91 -22.31
CA PRO A 508 24.04 -26.47 -22.17
C PRO A 508 25.51 -26.09 -22.25
N THR A 509 25.74 -24.81 -22.45
CA THR A 509 27.09 -24.25 -22.40
C THR A 509 27.69 -24.42 -21.01
N TYR A 510 29.01 -24.49 -20.97
CA TYR A 510 29.78 -24.48 -19.71
C TYR A 510 30.30 -23.05 -19.51
N VAL A 511 29.90 -22.44 -18.41
CA VAL A 511 30.38 -21.11 -18.00
C VAL A 511 30.68 -21.15 -16.51
N ASN A 512 31.94 -20.92 -16.11
CA ASN A 512 32.26 -21.02 -14.67
C ASN A 512 32.27 -19.62 -14.06
N LEU A 513 32.36 -19.57 -12.74
CA LEU A 513 32.57 -18.33 -11.95
C LEU A 513 34.03 -18.24 -11.47
N FME B 1 -1.97 32.35 -46.62
CN FME B 1 -2.78 32.85 -45.70
O1 FME B 1 -3.72 32.25 -45.23
CA FME B 1 -2.02 30.99 -47.12
CB FME B 1 -2.99 30.92 -48.32
CG FME B 1 -2.48 32.02 -49.31
SD FME B 1 -3.35 32.06 -50.76
CE FME B 1 -3.05 30.37 -51.32
C FME B 1 -0.62 30.58 -47.59
O FME B 1 0.28 31.43 -47.74
N ALA B 2 -0.47 29.28 -47.85
CA ALA B 2 0.76 28.78 -48.45
C ALA B 2 0.84 29.16 -49.92
N TYR B 3 2.06 29.25 -50.44
CA TYR B 3 2.37 29.56 -51.84
C TYR B 3 3.17 28.38 -52.41
N PRO B 4 3.23 28.24 -53.75
CA PRO B 4 3.96 27.13 -54.35
C PRO B 4 5.45 27.09 -53.99
N MET B 5 5.94 25.87 -53.72
CA MET B 5 7.37 25.56 -53.43
C MET B 5 7.78 26.15 -52.07
N GLN B 6 6.82 26.43 -51.20
CA GLN B 6 7.13 26.98 -49.87
C GLN B 6 7.91 25.95 -49.04
N LEU B 7 8.95 26.43 -48.35
CA LEU B 7 9.83 25.57 -47.53
C LEU B 7 9.46 25.69 -46.05
N GLY B 8 9.15 26.90 -45.58
CA GLY B 8 8.98 27.15 -44.14
C GLY B 8 7.57 27.57 -43.79
N PHE B 9 7.44 28.20 -42.64
CA PHE B 9 6.14 28.67 -42.15
C PHE B 9 5.59 29.81 -43.03
N GLN B 10 4.27 29.87 -43.06
CA GLN B 10 3.54 31.05 -43.58
C GLN B 10 4.04 32.30 -42.81
N ASP B 11 4.11 33.44 -43.48
CA ASP B 11 4.50 34.70 -42.83
C ASP B 11 3.57 34.93 -41.62
N ALA B 12 4.13 35.44 -40.53
CA ALA B 12 3.40 35.66 -39.28
C ALA B 12 2.37 36.81 -39.50
N THR B 13 1.13 36.56 -39.08
CA THR B 13 0.04 37.55 -39.02
C THR B 13 -0.12 38.13 -37.61
N SER B 14 0.28 37.39 -36.59
CA SER B 14 0.11 37.73 -35.15
C SER B 14 1.50 37.82 -34.49
N PRO B 15 1.66 38.60 -33.41
CA PRO B 15 2.92 38.66 -32.67
C PRO B 15 3.35 37.28 -32.16
N ILE B 16 2.42 36.46 -31.69
N ILE B 16 2.37 36.47 -31.73
CA ILE B 16 2.81 35.10 -31.20
CA ILE B 16 2.62 35.09 -31.24
C ILE B 16 3.35 34.28 -32.39
C ILE B 16 3.30 34.29 -32.37
N MET B 17 2.78 34.41 -33.60
CA MET B 17 3.34 33.65 -34.73
C MET B 17 4.77 34.16 -35.01
N GLU B 18 5.00 35.46 -34.90
N GLU B 18 5.05 35.46 -34.89
CA GLU B 18 6.35 36.04 -35.08
CA GLU B 18 6.43 35.92 -35.18
C GLU B 18 7.33 35.34 -34.13
C GLU B 18 7.38 35.34 -34.11
N GLU B 19 6.95 35.29 -32.85
CA GLU B 19 7.75 34.62 -31.78
C GLU B 19 8.05 33.18 -32.18
N LEU B 20 7.05 32.45 -32.70
CA LEU B 20 7.22 31.03 -33.08
C LEU B 20 8.23 30.94 -34.22
N LEU B 21 8.23 31.89 -35.15
CA LEU B 21 9.20 31.86 -36.28
C LEU B 21 10.64 31.99 -35.71
N HIS B 22 10.91 32.94 -34.81
N HIS B 22 10.93 32.97 -34.82
CA HIS B 22 12.27 33.14 -34.27
CA HIS B 22 12.29 33.14 -34.23
C HIS B 22 12.71 31.90 -33.44
C HIS B 22 12.70 31.88 -33.46
N PHE B 23 11.76 31.32 -32.69
CA PHE B 23 12.04 30.12 -31.86
C PHE B 23 12.33 28.92 -32.81
N HIS B 24 11.55 28.80 -33.90
CA HIS B 24 11.82 27.73 -34.90
C HIS B 24 13.20 27.94 -35.52
N ASP B 25 13.55 29.16 -35.89
CA ASP B 25 14.90 29.46 -36.44
C ASP B 25 15.99 28.97 -35.46
N HIS B 26 15.85 29.29 -34.17
CA HIS B 26 16.83 28.92 -33.12
C HIS B 26 16.91 27.39 -33.04
N THR B 27 15.76 26.70 -33.02
CA THR B 27 15.71 25.25 -32.84
C THR B 27 16.29 24.55 -34.07
N LEU B 28 15.92 25.03 -35.24
CA LEU B 28 16.38 24.41 -36.50
C LEU B 28 17.88 24.56 -36.64
N MET B 29 18.48 25.66 -36.18
CA MET B 29 19.94 25.78 -36.28
C MET B 29 20.56 24.61 -35.51
N ILE B 30 20.00 24.32 -34.34
CA ILE B 30 20.49 23.26 -33.43
C ILE B 30 20.31 21.91 -34.13
N VAL B 31 19.13 21.67 -34.70
CA VAL B 31 18.84 20.40 -35.43
C VAL B 31 19.82 20.19 -36.58
N PHE B 32 20.04 21.25 -37.36
N PHE B 32 20.09 21.24 -37.35
CA PHE B 32 20.97 21.26 -38.51
CA PHE B 32 20.97 21.11 -38.54
C PHE B 32 22.35 20.83 -38.00
C PHE B 32 22.42 20.90 -38.08
N LEU B 33 22.84 21.53 -36.97
CA LEU B 33 24.22 21.37 -36.45
C LEU B 33 24.38 19.92 -35.95
N ILE B 34 23.42 19.41 -35.18
CA ILE B 34 23.54 18.04 -34.61
C ILE B 34 23.49 16.99 -35.73
N SER B 35 22.57 17.11 -36.67
CA SER B 35 22.39 16.22 -37.86
C SER B 35 23.70 16.18 -38.62
N SER B 36 24.22 17.36 -38.88
CA SER B 36 25.48 17.52 -39.66
C SER B 36 26.64 16.85 -38.93
N LEU B 37 26.74 17.15 -37.63
CA LEU B 37 27.86 16.61 -36.82
C LEU B 37 27.80 15.08 -36.80
N VAL B 38 26.61 14.50 -36.63
CA VAL B 38 26.49 13.01 -36.66
C VAL B 38 26.93 12.51 -38.05
N LEU B 39 26.46 13.12 -39.15
CA LEU B 39 26.82 12.64 -40.51
C LEU B 39 28.34 12.78 -40.67
N TYR B 40 28.91 13.89 -40.21
CA TYR B 40 30.34 14.15 -40.37
C TYR B 40 31.10 13.06 -39.59
N ILE B 41 30.75 12.87 -38.33
CA ILE B 41 31.44 11.88 -37.47
C ILE B 41 31.34 10.47 -38.08
N ILE B 42 30.18 10.07 -38.56
CA ILE B 42 30.03 8.82 -39.34
C ILE B 42 31.10 8.78 -40.41
N SER B 43 31.18 9.82 -41.23
CA SER B 43 32.12 9.83 -42.38
C SER B 43 33.56 9.76 -41.82
N LEU B 44 33.88 10.42 -40.71
CA LEU B 44 35.24 10.39 -40.11
C LEU B 44 35.56 8.96 -39.61
N MET B 45 34.61 8.32 -38.95
CA MET B 45 34.85 6.95 -38.39
C MET B 45 35.12 5.95 -39.53
N LEU B 46 34.59 6.22 -40.74
CA LEU B 46 34.54 5.23 -41.85
C LEU B 46 35.64 5.49 -42.88
N THR B 47 36.52 6.49 -42.70
CA THR B 47 37.46 6.90 -43.77
C THR B 47 38.91 6.71 -43.34
N THR B 48 39.24 5.75 -42.45
CA THR B 48 40.64 5.44 -42.14
C THR B 48 40.90 3.93 -42.10
N LYS B 49 42.07 3.54 -42.61
CA LYS B 49 42.60 2.15 -42.45
C LYS B 49 43.24 1.94 -41.06
N LEU B 50 43.46 2.99 -40.26
CA LEU B 50 43.96 2.84 -38.88
C LEU B 50 42.90 2.14 -38.01
N THR B 51 43.38 1.28 -37.12
CA THR B 51 42.48 0.46 -36.28
C THR B 51 42.91 0.55 -34.82
N HIS B 52 41.91 0.39 -33.98
CA HIS B 52 41.99 0.26 -32.50
C HIS B 52 40.80 -0.59 -32.08
N THR B 53 41.00 -1.89 -31.81
CA THR B 53 39.87 -2.84 -31.61
C THR B 53 39.86 -3.44 -30.21
N SER B 54 40.82 -3.04 -29.38
CA SER B 54 40.86 -3.44 -27.95
C SER B 54 39.78 -2.67 -27.17
N THR B 55 39.52 -3.11 -25.95
CA THR B 55 38.45 -2.55 -25.09
C THR B 55 38.73 -1.06 -24.86
N MET B 56 37.73 -0.24 -25.04
CA MET B 56 37.88 1.24 -24.85
C MET B 56 37.10 1.69 -23.62
N ASP B 57 37.72 2.51 -22.75
CA ASP B 57 37.10 3.08 -21.52
C ASP B 57 36.05 4.13 -21.93
N ALA B 58 34.83 3.99 -21.41
CA ALA B 58 33.68 4.83 -21.80
C ALA B 58 33.44 6.00 -20.81
N GLN B 59 33.84 5.93 -19.55
CA GLN B 59 33.16 6.84 -18.56
C GLN B 59 33.48 8.33 -18.86
N GLU B 60 34.74 8.70 -19.12
CA GLU B 60 35.10 10.14 -19.37
C GLU B 60 34.21 10.67 -20.50
N VAL B 61 34.10 9.93 -21.61
CA VAL B 61 33.47 10.51 -22.82
C VAL B 61 31.96 10.58 -22.56
N GLU B 62 31.41 9.70 -21.70
CA GLU B 62 29.94 9.71 -21.50
C GLU B 62 29.52 10.95 -20.71
N THR B 63 30.45 11.55 -19.98
CA THR B 63 30.16 12.82 -19.29
C THR B 63 29.85 13.87 -20.36
N ILE B 64 30.67 13.96 -21.39
CA ILE B 64 30.54 15.00 -22.45
C ILE B 64 29.20 14.73 -23.13
N TRP B 65 28.90 13.49 -23.38
CA TRP B 65 27.79 13.30 -24.32
C TRP B 65 26.46 13.14 -23.57
N THR B 66 26.46 13.39 -22.25
CA THR B 66 25.24 13.67 -21.43
C THR B 66 25.13 15.16 -21.09
N ILE B 67 26.24 15.76 -20.64
CA ILE B 67 26.23 17.18 -20.18
C ILE B 67 25.91 18.09 -21.38
N LEU B 68 26.57 17.89 -22.52
CA LEU B 68 26.40 18.85 -23.65
C LEU B 68 24.95 18.73 -24.15
N PRO B 69 24.38 17.53 -24.37
CA PRO B 69 22.96 17.48 -24.75
C PRO B 69 22.04 18.09 -23.69
N ALA B 70 22.27 17.88 -22.41
CA ALA B 70 21.43 18.49 -21.34
C ALA B 70 21.45 20.02 -21.52
N ILE B 71 22.62 20.61 -21.71
CA ILE B 71 22.73 22.08 -21.89
C ILE B 71 21.93 22.49 -23.13
N ILE B 72 22.11 21.78 -24.23
CA ILE B 72 21.38 22.11 -25.49
C ILE B 72 19.86 22.05 -25.23
N LEU B 73 19.39 21.02 -24.56
CA LEU B 73 17.93 20.92 -24.28
C LEU B 73 17.49 22.13 -23.43
N ILE B 74 18.29 22.54 -22.45
CA ILE B 74 17.90 23.72 -21.64
C ILE B 74 17.82 24.96 -22.55
N LEU B 75 18.77 25.10 -23.47
CA LEU B 75 18.82 26.30 -24.36
C LEU B 75 17.62 26.25 -25.34
N ILE B 76 16.99 25.11 -25.55
CA ILE B 76 15.73 25.03 -26.35
C ILE B 76 14.55 25.33 -25.39
N ALA B 77 14.54 24.71 -24.23
CA ALA B 77 13.38 24.74 -23.32
C ALA B 77 13.12 26.17 -22.83
N LEU B 78 14.19 26.91 -22.49
CA LEU B 78 14.04 28.26 -21.89
C LEU B 78 13.17 29.13 -22.81
N PRO B 79 13.54 29.41 -24.08
CA PRO B 79 12.68 30.25 -24.93
C PRO B 79 11.34 29.56 -25.27
N SER B 80 11.35 28.22 -25.39
CA SER B 80 10.10 27.46 -25.62
C SER B 80 9.05 27.81 -24.56
N LEU B 81 9.44 27.69 -23.30
CA LEU B 81 8.49 27.86 -22.19
C LEU B 81 8.14 29.34 -22.03
N ARG B 82 9.08 30.25 -22.31
CA ARG B 82 8.79 31.72 -22.32
C ARG B 82 7.60 31.96 -23.27
N ILE B 83 7.63 31.41 -24.48
CA ILE B 83 6.51 31.63 -25.46
C ILE B 83 5.25 30.97 -24.91
N LEU B 84 5.36 29.72 -24.43
CA LEU B 84 4.19 29.01 -23.88
C LEU B 84 3.47 29.91 -22.84
N TYR B 85 4.20 30.50 -21.90
CA TYR B 85 3.59 31.31 -20.80
C TYR B 85 3.21 32.71 -21.29
N MET B 86 3.92 33.28 -22.26
CA MET B 86 3.46 34.51 -22.96
C MET B 86 2.06 34.28 -23.56
N MET B 87 1.82 33.28 -24.41
N MET B 87 1.94 33.14 -24.30
CA MET B 87 0.46 33.09 -24.97
CA MET B 87 0.78 32.44 -24.97
C MET B 87 -0.53 32.98 -23.81
C MET B 87 -0.44 32.39 -24.02
N ASP B 88 -0.17 32.30 -22.70
CA ASP B 88 -1.17 31.95 -21.65
C ASP B 88 -1.58 33.20 -20.85
N GLU B 89 -0.75 34.25 -20.86
CA GLU B 89 -0.93 35.49 -20.03
C GLU B 89 -2.27 36.13 -20.36
N ILE B 90 -2.90 36.76 -19.34
CA ILE B 90 -4.25 37.42 -19.33
C ILE B 90 -4.21 38.61 -20.33
N ASN B 91 -5.12 38.66 -21.30
CA ASN B 91 -5.03 39.76 -22.31
C ASN B 91 -6.25 40.69 -22.38
N ASN B 92 -7.43 40.34 -21.83
CA ASN B 92 -8.62 41.24 -21.94
C ASN B 92 -9.09 41.35 -23.39
N PRO B 93 -9.87 40.38 -23.85
CA PRO B 93 -10.45 40.47 -25.19
C PRO B 93 -11.59 41.51 -25.23
N SER B 94 -11.77 42.07 -26.43
CA SER B 94 -12.80 43.06 -26.83
C SER B 94 -14.07 42.38 -27.33
N LEU B 95 -13.99 41.12 -27.71
CA LEU B 95 -14.99 40.39 -28.53
C LEU B 95 -14.78 38.92 -28.27
N THR B 96 -15.89 38.20 -28.10
CA THR B 96 -15.89 36.73 -28.10
C THR B 96 -16.65 36.21 -29.32
N VAL B 97 -16.01 35.28 -30.03
CA VAL B 97 -16.65 34.58 -31.16
C VAL B 97 -16.59 33.08 -30.89
N LYS B 98 -17.71 32.39 -31.11
CA LYS B 98 -17.70 30.92 -31.03
C LYS B 98 -17.65 30.31 -32.43
N THR B 99 -16.96 29.18 -32.56
CA THR B 99 -17.05 28.34 -33.75
C THR B 99 -17.46 26.93 -33.34
N MET B 100 -18.41 26.36 -34.07
CA MET B 100 -18.85 25.01 -33.85
C MET B 100 -18.50 24.20 -35.12
N GLY B 101 -17.75 23.12 -34.94
CA GLY B 101 -17.49 22.18 -36.04
C GLY B 101 -18.68 21.26 -36.27
N HIS B 102 -18.89 20.90 -37.51
CA HIS B 102 -19.90 19.95 -37.99
C HIS B 102 -19.29 19.15 -39.14
N GLN B 103 -19.85 17.97 -39.41
CA GLN B 103 -19.63 17.25 -40.68
C GLN B 103 -20.49 17.88 -41.78
N TRP B 104 -19.91 18.60 -42.74
CA TRP B 104 -18.54 19.07 -42.85
C TRP B 104 -18.54 20.57 -43.20
N TYR B 105 -18.60 21.39 -42.17
CA TYR B 105 -18.63 22.88 -42.26
C TYR B 105 -18.46 23.43 -40.85
N TRP B 106 -18.20 24.74 -40.77
CA TRP B 106 -18.05 25.47 -39.51
C TRP B 106 -19.25 26.40 -39.38
N SER B 107 -19.79 26.50 -38.19
CA SER B 107 -20.73 27.59 -37.87
C SER B 107 -20.03 28.59 -36.92
N TYR B 108 -20.47 29.84 -36.94
CA TYR B 108 -19.86 30.93 -36.15
C TYR B 108 -21.00 31.62 -35.42
N GLU B 109 -20.75 31.97 -34.17
CA GLU B 109 -21.75 32.66 -33.34
C GLU B 109 -21.06 33.88 -32.73
N TYR B 110 -21.63 35.05 -32.97
CA TYR B 110 -21.14 36.31 -32.37
C TYR B 110 -22.27 36.82 -31.48
N THR B 111 -22.27 36.46 -30.20
CA THR B 111 -23.50 36.63 -29.34
C THR B 111 -23.20 37.55 -28.16
N ASP B 112 -22.16 38.39 -28.27
CA ASP B 112 -21.90 39.42 -27.23
C ASP B 112 -23.11 40.37 -27.10
N TYR B 113 -23.78 40.72 -28.19
CA TYR B 113 -24.84 41.77 -28.24
C TYR B 113 -26.15 41.24 -28.84
N GLU B 114 -26.10 40.71 -30.05
CA GLU B 114 -27.22 40.21 -30.89
C GLU B 114 -27.04 38.70 -31.12
N ASP B 115 -28.04 37.96 -31.56
CA ASP B 115 -27.79 36.53 -31.86
C ASP B 115 -27.42 36.47 -33.34
N LEU B 116 -26.17 36.74 -33.64
CA LEU B 116 -25.62 36.60 -34.99
C LEU B 116 -25.00 35.19 -35.11
N SER B 117 -25.47 34.39 -36.05
CA SER B 117 -24.80 33.09 -36.35
C SER B 117 -25.01 32.74 -37.81
N PHE B 118 -24.06 32.02 -38.37
CA PHE B 118 -24.15 31.56 -39.76
C PHE B 118 -23.22 30.35 -39.96
N ASP B 119 -23.45 29.69 -41.07
CA ASP B 119 -22.69 28.50 -41.53
C ASP B 119 -21.67 28.94 -42.56
N SER B 120 -20.54 28.25 -42.59
CA SER B 120 -19.42 28.57 -43.49
C SER B 120 -18.98 27.28 -44.17
N TYR B 121 -19.26 27.15 -45.46
CA TYR B 121 -18.99 25.96 -46.28
C TYR B 121 -17.94 26.30 -47.31
N MET B 122 -17.15 25.28 -47.67
CA MET B 122 -16.23 25.36 -48.81
C MET B 122 -17.00 25.74 -50.09
N ILE B 123 -16.42 26.59 -50.90
CA ILE B 123 -16.89 26.82 -52.30
C ILE B 123 -16.49 25.62 -53.12
N PRO B 124 -17.45 24.90 -53.74
CA PRO B 124 -17.12 23.80 -54.64
C PRO B 124 -16.23 24.31 -55.79
N THR B 125 -15.32 23.46 -56.21
CA THR B 125 -14.34 23.78 -57.28
C THR B 125 -15.08 24.31 -58.52
N SER B 126 -16.20 23.69 -58.90
CA SER B 126 -16.96 24.03 -60.12
C SER B 126 -17.60 25.43 -59.97
N GLU B 127 -17.58 26.03 -58.78
CA GLU B 127 -18.26 27.32 -58.50
C GLU B 127 -17.28 28.43 -58.13
N LEU B 128 -15.99 28.14 -58.14
CA LEU B 128 -14.99 29.17 -57.82
C LEU B 128 -15.13 30.27 -58.85
N LYS B 129 -14.99 31.49 -58.36
CA LYS B 129 -14.84 32.68 -59.22
C LYS B 129 -13.39 32.79 -59.65
N PRO B 130 -13.14 33.29 -60.87
CA PRO B 130 -11.77 33.50 -61.35
C PRO B 130 -10.85 34.08 -60.27
N GLY B 131 -9.70 33.43 -60.06
CA GLY B 131 -8.69 33.94 -59.11
C GLY B 131 -8.86 33.32 -57.75
N GLU B 132 -9.96 32.61 -57.50
CA GLU B 132 -10.21 32.06 -56.14
C GLU B 132 -9.51 30.72 -55.99
N LEU B 133 -9.28 30.35 -54.75
CA LEU B 133 -8.40 29.23 -54.35
C LEU B 133 -9.20 27.93 -54.14
N ARG B 134 -8.83 26.92 -54.90
CA ARG B 134 -9.38 25.55 -54.76
C ARG B 134 -9.19 25.06 -53.32
N LEU B 135 -10.28 24.59 -52.74
CA LEU B 135 -10.44 23.90 -51.43
C LEU B 135 -10.30 24.89 -50.26
N LEU B 136 -10.09 26.18 -50.50
CA LEU B 136 -9.81 27.14 -49.40
C LEU B 136 -10.91 28.18 -49.22
N GLU B 137 -11.59 28.56 -50.30
CA GLU B 137 -12.60 29.64 -50.15
C GLU B 137 -13.83 29.08 -49.44
N VAL B 138 -14.53 29.96 -48.72
CA VAL B 138 -15.84 29.64 -48.13
C VAL B 138 -16.87 30.65 -48.64
N ASP B 139 -18.14 30.29 -48.53
CA ASP B 139 -19.26 31.22 -48.88
C ASP B 139 -19.30 32.41 -47.90
N ASN B 140 -19.21 32.15 -46.62
CA ASN B 140 -19.37 33.14 -45.53
C ASN B 140 -18.10 33.18 -44.69
N ARG B 141 -17.30 34.21 -44.87
CA ARG B 141 -16.05 34.38 -44.12
C ARG B 141 -16.30 34.82 -42.68
N VAL B 142 -15.28 34.60 -41.87
CA VAL B 142 -15.32 34.97 -40.43
C VAL B 142 -14.79 36.41 -40.37
N VAL B 143 -15.68 37.37 -40.40
CA VAL B 143 -15.26 38.78 -40.43
C VAL B 143 -14.91 39.17 -38.98
N LEU B 144 -13.75 39.82 -38.81
CA LEU B 144 -13.22 40.14 -37.48
C LEU B 144 -12.53 41.50 -37.57
N PRO B 145 -12.54 42.25 -36.46
CA PRO B 145 -11.79 43.50 -36.38
C PRO B 145 -10.27 43.25 -36.24
N MET B 146 -9.48 43.92 -37.08
CA MET B 146 -8.01 43.89 -37.00
C MET B 146 -7.51 44.64 -35.74
N GLU B 147 -6.30 44.28 -35.31
CA GLU B 147 -5.56 45.01 -34.23
C GLU B 147 -6.38 44.98 -32.93
N MET B 148 -7.17 43.95 -32.70
CA MET B 148 -7.97 43.78 -31.45
C MET B 148 -7.81 42.35 -30.93
N THR B 149 -7.74 42.22 -29.61
CA THR B 149 -7.68 40.90 -28.95
C THR B 149 -9.07 40.27 -28.99
N ILE B 150 -9.18 39.10 -29.60
CA ILE B 150 -10.47 38.38 -29.78
C ILE B 150 -10.37 37.04 -29.08
N ARG B 151 -11.37 36.72 -28.30
CA ARG B 151 -11.47 35.39 -27.66
C ARG B 151 -12.24 34.49 -28.62
N MET B 152 -11.62 33.43 -29.08
CA MET B 152 -12.30 32.39 -29.91
C MET B 152 -12.62 31.23 -28.96
N LEU B 153 -13.86 30.75 -29.02
CA LEU B 153 -14.28 29.56 -28.26
C LEU B 153 -14.69 28.49 -29.27
N VAL B 154 -14.19 27.29 -29.10
CA VAL B 154 -14.27 26.24 -30.13
C VAL B 154 -14.95 25.02 -29.52
N SER B 155 -15.92 24.50 -30.22
CA SER B 155 -16.59 23.22 -29.86
C SER B 155 -17.10 22.56 -31.15
N SER B 156 -17.83 21.45 -30.96
CA SER B 156 -18.35 20.64 -32.05
C SER B 156 -19.75 20.22 -31.68
N GLU B 157 -20.61 20.02 -32.69
CA GLU B 157 -21.94 19.41 -32.46
C GLU B 157 -21.95 17.98 -32.98
N ASP B 158 -20.83 17.37 -33.35
CA ASP B 158 -20.88 15.95 -33.75
C ASP B 158 -19.56 15.26 -33.37
N VAL B 159 -18.65 15.12 -34.31
CA VAL B 159 -17.38 14.41 -34.08
C VAL B 159 -16.26 15.42 -33.72
N LEU B 160 -15.05 14.92 -33.49
CA LEU B 160 -13.94 15.90 -33.32
C LEU B 160 -13.65 16.62 -34.64
N HIS B 161 -13.32 17.91 -34.55
CA HIS B 161 -12.71 18.69 -35.63
C HIS B 161 -11.57 19.45 -34.98
N SER B 162 -10.91 20.32 -35.74
CA SER B 162 -9.87 21.17 -35.15
C SER B 162 -9.78 22.43 -35.98
N TRP B 163 -9.90 23.55 -35.26
CA TRP B 163 -9.97 24.90 -35.89
C TRP B 163 -8.55 25.49 -35.93
N ALA B 164 -8.01 25.64 -37.14
CA ALA B 164 -6.61 26.06 -37.37
C ALA B 164 -6.55 27.25 -38.33
N VAL B 165 -5.62 28.15 -38.03
CA VAL B 165 -5.21 29.23 -38.93
C VAL B 165 -3.69 29.37 -38.77
N PRO B 166 -2.91 28.69 -39.63
CA PRO B 166 -1.44 28.66 -39.45
C PRO B 166 -0.77 30.03 -39.34
N SER B 167 -1.20 31.01 -40.13
CA SER B 167 -0.49 32.31 -40.13
C SER B 167 -0.71 33.07 -38.82
N LEU B 168 -1.72 32.71 -38.02
CA LEU B 168 -1.95 33.34 -36.69
C LEU B 168 -1.41 32.44 -35.58
N GLY B 169 -0.85 31.27 -35.92
CA GLY B 169 -0.31 30.34 -34.93
C GLY B 169 -1.41 29.61 -34.19
N LEU B 170 -2.57 29.38 -34.80
CA LEU B 170 -3.76 28.88 -34.05
C LEU B 170 -4.09 27.44 -34.46
N LYS B 171 -4.34 26.61 -33.47
CA LYS B 171 -4.94 25.26 -33.67
C LYS B 171 -5.56 24.81 -32.36
N THR B 172 -6.90 24.72 -32.35
CA THR B 172 -7.64 24.35 -31.15
C THR B 172 -8.63 23.26 -31.55
N ASP B 173 -8.57 22.15 -30.85
CA ASP B 173 -9.49 21.05 -31.19
C ASP B 173 -10.93 21.43 -30.82
N ALA B 174 -11.87 20.90 -31.60
CA ALA B 174 -13.31 21.15 -31.48
C ALA B 174 -13.94 19.84 -30.99
N ILE B 175 -14.27 19.77 -29.71
CA ILE B 175 -14.70 18.56 -29.00
C ILE B 175 -16.11 18.78 -28.49
N PRO B 176 -17.04 17.87 -28.84
CA PRO B 176 -18.41 18.03 -28.37
C PRO B 176 -18.41 17.96 -26.84
N GLY B 177 -19.21 18.81 -26.21
CA GLY B 177 -19.38 18.87 -24.75
C GLY B 177 -18.30 19.68 -24.07
N ARG B 178 -17.40 20.29 -24.86
CA ARG B 178 -16.22 21.04 -24.34
C ARG B 178 -16.16 22.39 -25.04
N LEU B 179 -15.77 23.44 -24.31
CA LEU B 179 -15.68 24.78 -24.92
C LEU B 179 -14.21 25.23 -24.80
N ASN B 180 -13.40 25.11 -25.83
CA ASN B 180 -11.95 25.39 -25.73
C ASN B 180 -11.72 26.84 -26.15
N GLN B 181 -10.90 27.52 -25.39
CA GLN B 181 -10.60 28.95 -25.63
C GLN B 181 -9.23 29.15 -26.25
N THR B 182 -9.13 30.10 -27.17
CA THR B 182 -7.84 30.58 -27.67
C THR B 182 -8.02 32.09 -27.93
N THR B 183 -6.91 32.78 -28.11
CA THR B 183 -6.94 34.23 -28.42
C THR B 183 -6.35 34.42 -29.80
N LEU B 184 -6.87 35.41 -30.50
CA LEU B 184 -6.56 35.73 -31.92
C LEU B 184 -6.32 37.24 -31.87
N MET B 185 -5.23 37.71 -32.47
CA MET B 185 -4.99 39.15 -32.67
C MET B 185 -4.27 39.28 -34.00
N SER B 186 -4.84 39.95 -35.01
CA SER B 186 -4.14 40.18 -36.29
C SER B 186 -3.51 41.58 -36.30
N SER B 187 -2.22 41.65 -36.65
CA SER B 187 -1.46 42.90 -36.88
C SER B 187 -1.92 43.58 -38.16
N ARG B 188 -2.64 42.89 -39.05
CA ARG B 188 -2.90 43.40 -40.40
C ARG B 188 -4.32 43.05 -40.85
N PRO B 189 -4.86 43.87 -41.75
CA PRO B 189 -6.07 43.48 -42.48
C PRO B 189 -5.72 42.32 -43.41
N GLY B 190 -6.75 41.68 -43.94
CA GLY B 190 -6.63 40.76 -45.06
C GLY B 190 -7.40 39.48 -44.86
N LEU B 191 -7.01 38.46 -45.62
CA LEU B 191 -7.69 37.15 -45.63
C LEU B 191 -6.67 36.13 -45.14
N TYR B 192 -7.08 35.39 -44.13
CA TYR B 192 -6.19 34.38 -43.47
C TYR B 192 -6.91 33.04 -43.47
N TYR B 193 -6.23 32.03 -44.00
CA TYR B 193 -6.85 30.74 -44.33
C TYR B 193 -6.34 29.62 -43.41
N GLY B 194 -7.23 28.69 -43.09
CA GLY B 194 -6.89 27.45 -42.39
C GLY B 194 -7.83 26.32 -42.81
N GLN B 195 -7.56 25.14 -42.27
CA GLN B 195 -8.26 23.89 -42.68
C GLN B 195 -8.51 23.02 -41.46
N CYS B 196 -9.62 22.28 -41.48
CA CYS B 196 -9.97 21.37 -40.39
C CYS B 196 -8.77 20.43 -40.10
N SER B 197 -8.41 20.31 -38.83
CA SER B 197 -7.14 19.66 -38.41
C SER B 197 -7.35 18.51 -37.39
N GLU B 198 -8.51 17.84 -37.46
CA GLU B 198 -8.74 16.54 -36.81
C GLU B 198 -9.71 15.75 -37.73
N ILE B 199 -9.20 14.51 -38.02
CA ILE B 199 -9.91 13.66 -39.00
C ILE B 199 -11.34 13.50 -38.49
N CYS B 200 -12.29 13.86 -39.35
CA CYS B 200 -13.72 14.00 -38.98
C CYS B 200 -14.59 13.27 -40.02
N GLY B 201 -13.98 12.40 -40.82
CA GLY B 201 -14.71 11.61 -41.81
C GLY B 201 -14.39 11.98 -43.24
N SER B 202 -15.30 11.63 -44.11
CA SER B 202 -15.05 11.61 -45.57
C SER B 202 -14.72 13.01 -46.11
N ASN B 203 -15.22 14.11 -45.50
CA ASN B 203 -14.97 15.46 -46.07
C ASN B 203 -14.09 16.32 -45.15
N HIS B 204 -13.24 15.68 -44.38
CA HIS B 204 -12.17 16.30 -43.54
C HIS B 204 -11.37 17.31 -44.37
N SER B 205 -11.05 16.98 -45.61
CA SER B 205 -10.22 17.79 -46.53
C SER B 205 -10.94 19.07 -46.96
N PHE B 206 -12.26 19.20 -46.69
CA PHE B 206 -13.13 20.13 -47.46
C PHE B 206 -14.02 20.96 -46.51
N MET B 207 -13.46 21.42 -45.39
CA MET B 207 -14.19 22.34 -44.47
C MET B 207 -13.21 23.38 -43.94
N PRO B 208 -12.80 24.30 -44.84
CA PRO B 208 -11.80 25.31 -44.50
C PRO B 208 -12.36 26.49 -43.68
N ILE B 209 -11.42 27.30 -43.25
CA ILE B 209 -11.61 28.47 -42.37
C ILE B 209 -11.04 29.69 -43.09
N VAL B 210 -11.85 30.74 -43.26
CA VAL B 210 -11.33 31.99 -43.85
C VAL B 210 -11.69 33.14 -42.93
N LEU B 211 -10.66 33.77 -42.41
CA LEU B 211 -10.80 34.99 -41.58
C LEU B 211 -10.67 36.20 -42.50
N GLU B 212 -11.52 37.19 -42.27
CA GLU B 212 -11.51 38.46 -43.02
C GLU B 212 -11.29 39.56 -41.98
N LEU B 213 -10.10 40.17 -42.00
CA LEU B 213 -9.68 41.13 -40.95
C LEU B 213 -9.81 42.53 -41.54
N VAL B 214 -10.64 43.34 -40.87
CA VAL B 214 -11.02 44.70 -41.35
C VAL B 214 -11.07 45.65 -40.16
N PRO B 215 -11.09 46.98 -40.42
CA PRO B 215 -11.20 47.96 -39.34
C PRO B 215 -12.52 47.75 -38.58
N LEU B 216 -12.48 48.04 -37.28
CA LEU B 216 -13.63 47.93 -36.37
C LEU B 216 -14.90 48.53 -37.02
N LYS B 217 -14.82 49.72 -37.64
CA LYS B 217 -16.06 50.38 -38.15
C LYS B 217 -16.71 49.51 -39.24
N TYR B 218 -15.91 48.87 -40.08
CA TYR B 218 -16.41 47.95 -41.12
C TYR B 218 -17.01 46.71 -40.45
N PHE B 219 -16.34 46.18 -39.45
CA PHE B 219 -16.82 45.00 -38.69
C PHE B 219 -18.19 45.30 -38.10
N GLU B 220 -18.33 46.47 -37.49
CA GLU B 220 -19.61 46.86 -36.83
C GLU B 220 -20.72 46.86 -37.88
N LYS B 221 -20.49 47.48 -39.04
CA LYS B 221 -21.54 47.55 -40.09
C LYS B 221 -21.85 46.15 -40.65
N TRP B 222 -20.82 45.35 -40.88
CA TRP B 222 -21.02 43.97 -41.35
C TRP B 222 -21.90 43.22 -40.33
N SER B 223 -21.58 43.35 -39.03
CA SER B 223 -22.29 42.67 -37.92
C SER B 223 -23.77 43.02 -38.02
N ALA B 224 -24.05 44.30 -38.10
CA ALA B 224 -25.44 44.80 -38.18
C ALA B 224 -26.17 44.19 -39.40
N SER B 225 -25.50 44.13 -40.54
CA SER B 225 -26.03 43.65 -41.84
C SER B 225 -26.29 42.13 -41.78
N MET B 226 -25.76 41.40 -40.78
CA MET B 226 -25.79 39.91 -40.80
C MET B 226 -26.87 39.38 -39.88
N LEU B 227 -27.69 40.26 -39.30
CA LEU B 227 -28.63 39.84 -38.21
C LEU B 227 -29.85 39.17 -38.85
N GLN C 4 19.17 -34.80 -23.28
CA GLN C 4 19.28 -33.46 -22.71
C GLN C 4 20.03 -33.51 -21.38
N THR C 5 20.86 -32.50 -21.11
CA THR C 5 21.51 -32.35 -19.79
C THR C 5 21.28 -30.93 -19.25
N HIS C 6 20.19 -30.30 -19.67
CA HIS C 6 19.61 -29.17 -18.92
C HIS C 6 18.29 -29.65 -18.26
N ALA C 7 17.73 -28.78 -17.43
CA ALA C 7 16.55 -29.07 -16.59
C ALA C 7 15.25 -28.57 -17.23
N TYR C 8 15.25 -28.05 -18.43
CA TYR C 8 14.06 -27.35 -19.00
C TYR C 8 13.19 -28.34 -19.78
N HIS C 9 11.96 -27.91 -20.05
CA HIS C 9 10.90 -28.78 -20.60
C HIS C 9 10.74 -28.51 -22.10
N MET C 10 11.14 -29.48 -22.91
CA MET C 10 10.86 -29.50 -24.36
C MET C 10 9.45 -30.10 -24.54
N VAL C 11 8.51 -29.27 -24.93
CA VAL C 11 7.06 -29.65 -24.97
C VAL C 11 6.77 -30.41 -26.28
N ASN C 12 5.97 -31.48 -26.18
CA ASN C 12 5.50 -32.24 -27.35
C ASN C 12 4.76 -31.28 -28.27
N PRO C 13 4.95 -31.40 -29.60
CA PRO C 13 4.14 -30.63 -30.54
C PRO C 13 2.64 -30.79 -30.20
N SER C 14 1.91 -29.65 -30.20
CA SER C 14 0.57 -29.54 -29.59
C SER C 14 -0.36 -28.81 -30.55
N PRO C 15 -1.61 -29.28 -30.66
CA PRO C 15 -2.63 -28.57 -31.40
C PRO C 15 -3.33 -27.43 -30.67
N TRP C 16 -3.16 -27.33 -29.34
CA TRP C 16 -4.01 -26.42 -28.55
C TRP C 16 -3.71 -24.97 -28.88
N PRO C 17 -2.46 -24.56 -29.21
CA PRO C 17 -2.27 -23.17 -29.60
C PRO C 17 -3.14 -22.78 -30.81
N LEU C 18 -3.20 -23.63 -31.81
CA LEU C 18 -4.00 -23.36 -33.01
C LEU C 18 -5.48 -23.37 -32.63
N THR C 19 -5.94 -24.35 -31.86
CA THR C 19 -7.38 -24.38 -31.50
C THR C 19 -7.72 -23.17 -30.63
N GLY C 20 -6.82 -22.73 -29.79
CA GLY C 20 -7.07 -21.51 -28.99
C GLY C 20 -7.14 -20.28 -29.89
N ALA C 21 -6.21 -20.14 -30.84
CA ALA C 21 -6.20 -18.99 -31.77
C ALA C 21 -7.50 -18.98 -32.58
N LEU C 22 -7.91 -20.13 -33.06
CA LEU C 22 -9.17 -20.16 -33.86
C LEU C 22 -10.37 -19.87 -32.95
N SER C 23 -10.36 -20.33 -31.70
N SER C 23 -10.36 -20.37 -31.71
CA SER C 23 -11.48 -20.06 -30.77
CA SER C 23 -11.42 -20.07 -30.72
C SER C 23 -11.57 -18.54 -30.54
C SER C 23 -11.56 -18.55 -30.59
N ALA C 24 -10.42 -17.83 -30.51
CA ALA C 24 -10.40 -16.36 -30.39
C ALA C 24 -11.05 -15.72 -31.65
N LEU C 25 -10.74 -16.24 -32.84
CA LEU C 25 -11.38 -15.79 -34.08
C LEU C 25 -12.89 -16.03 -33.97
N LEU C 26 -13.31 -17.22 -33.52
CA LEU C 26 -14.75 -17.52 -33.52
C LEU C 26 -15.48 -16.66 -32.48
N MET C 27 -14.87 -16.43 -31.30
CA MET C 27 -15.52 -15.61 -30.24
C MET C 27 -15.67 -14.16 -30.73
N THR C 28 -14.65 -13.62 -31.37
CA THR C 28 -14.66 -12.20 -31.80
C THR C 28 -15.57 -12.01 -33.03
N SER C 29 -15.44 -12.85 -34.07
CA SER C 29 -16.35 -12.78 -35.22
C SER C 29 -17.76 -13.13 -34.70
N GLY C 30 -17.89 -13.97 -33.67
CA GLY C 30 -19.18 -14.33 -33.06
C GLY C 30 -19.82 -13.11 -32.38
N LEU C 31 -19.04 -12.34 -31.60
CA LEU C 31 -19.57 -11.13 -30.94
C LEU C 31 -20.01 -10.14 -32.01
N THR C 32 -19.27 -10.08 -33.12
CA THR C 32 -19.59 -9.15 -34.24
C THR C 32 -20.94 -9.57 -34.79
N MET C 33 -21.10 -10.87 -35.03
N MET C 33 -21.12 -10.85 -35.08
CA MET C 33 -22.31 -11.48 -35.64
CA MET C 33 -22.42 -11.31 -35.65
C MET C 33 -23.52 -11.30 -34.69
C MET C 33 -23.55 -11.06 -34.65
N TRP C 34 -23.30 -11.31 -33.37
CA TRP C 34 -24.35 -11.09 -32.35
C TRP C 34 -24.73 -9.60 -32.28
N PHE C 35 -23.76 -8.70 -32.20
CA PHE C 35 -24.01 -7.26 -32.14
C PHE C 35 -24.66 -6.72 -33.43
N HIS C 36 -24.35 -7.26 -34.60
CA HIS C 36 -24.75 -6.67 -35.92
C HIS C 36 -25.64 -7.55 -36.80
N PHE C 37 -25.68 -8.86 -36.62
CA PHE C 37 -26.36 -9.74 -37.61
C PHE C 37 -27.29 -10.67 -36.88
N ASN C 38 -27.63 -10.30 -35.65
CA ASN C 38 -28.70 -10.88 -34.81
C ASN C 38 -28.52 -12.41 -34.67
N SER C 39 -27.31 -12.91 -34.45
CA SER C 39 -27.04 -14.37 -34.46
C SER C 39 -25.93 -14.73 -33.46
N MET C 40 -26.19 -15.77 -32.69
CA MET C 40 -25.31 -16.22 -31.60
C MET C 40 -24.52 -17.46 -32.04
N THR C 41 -24.69 -17.92 -33.27
CA THR C 41 -24.14 -19.24 -33.68
C THR C 41 -22.62 -19.28 -33.59
N LEU C 42 -21.92 -18.36 -34.27
CA LEU C 42 -20.45 -18.35 -34.25
C LEU C 42 -19.99 -18.20 -32.79
N LEU C 43 -20.62 -17.31 -32.03
CA LEU C 43 -20.17 -17.05 -30.65
C LEU C 43 -20.25 -18.35 -29.82
N MET C 44 -21.33 -19.11 -29.93
N MET C 44 -21.35 -19.10 -29.94
CA MET C 44 -21.47 -20.35 -29.11
CA MET C 44 -21.54 -20.37 -29.19
C MET C 44 -20.44 -21.40 -29.56
C MET C 44 -20.42 -21.36 -29.56
N ILE C 45 -20.08 -21.44 -30.84
CA ILE C 45 -19.02 -22.38 -31.32
C ILE C 45 -17.69 -21.91 -30.73
N GLY C 46 -17.42 -20.63 -30.78
CA GLY C 46 -16.18 -20.08 -30.19
C GLY C 46 -16.05 -20.35 -28.70
N LEU C 47 -17.11 -20.13 -27.92
CA LEU C 47 -17.05 -20.34 -26.47
C LEU C 47 -16.78 -21.84 -26.22
N THR C 48 -17.45 -22.69 -26.99
CA THR C 48 -17.28 -24.15 -26.84
C THR C 48 -15.83 -24.56 -27.14
N THR C 49 -15.27 -24.11 -28.25
CA THR C 49 -13.88 -24.46 -28.64
C THR C 49 -12.90 -23.84 -27.66
N ASN C 50 -13.21 -22.64 -27.15
CA ASN C 50 -12.33 -22.02 -26.14
C ASN C 50 -12.28 -22.92 -24.89
N MET C 51 -13.44 -23.40 -24.41
N MET C 51 -13.43 -23.40 -24.41
CA MET C 51 -13.50 -24.24 -23.19
CA MET C 51 -13.45 -24.25 -23.19
C MET C 51 -12.78 -25.58 -23.46
C MET C 51 -12.76 -25.59 -23.46
N LEU C 52 -12.97 -26.18 -24.64
CA LEU C 52 -12.29 -27.45 -25.01
C LEU C 52 -10.77 -27.25 -25.03
N THR C 53 -10.33 -26.11 -25.56
CA THR C 53 -8.88 -25.82 -25.68
C THR C 53 -8.29 -25.69 -24.27
N MET C 54 -8.90 -24.87 -23.42
N MET C 54 -8.91 -24.89 -23.42
CA MET C 54 -8.42 -24.66 -22.04
CA MET C 54 -8.42 -24.64 -22.04
C MET C 54 -8.37 -26.01 -21.33
C MET C 54 -8.39 -25.98 -21.29
N TYR C 55 -9.44 -26.78 -21.42
CA TYR C 55 -9.52 -28.09 -20.71
C TYR C 55 -8.31 -28.95 -21.13
N GLN C 56 -8.13 -29.13 -22.44
CA GLN C 56 -7.10 -30.09 -22.95
C GLN C 56 -5.70 -29.52 -22.67
N TRP C 57 -5.50 -28.21 -22.84
CA TRP C 57 -4.18 -27.60 -22.62
C TRP C 57 -3.76 -27.81 -21.15
N TRP C 58 -4.62 -27.43 -20.21
CA TRP C 58 -4.27 -27.53 -18.78
C TRP C 58 -4.24 -29.00 -18.31
N ARG C 59 -5.09 -29.85 -18.89
CA ARG C 59 -4.99 -31.30 -18.67
C ARG C 59 -3.56 -31.74 -19.01
N ASP C 60 -3.07 -31.31 -20.17
CA ASP C 60 -1.72 -31.73 -20.66
C ASP C 60 -0.63 -31.19 -19.73
N VAL C 61 -0.79 -29.99 -19.18
CA VAL C 61 0.22 -29.48 -18.21
C VAL C 61 0.24 -30.38 -16.97
N ILE C 62 -0.93 -30.83 -16.52
CA ILE C 62 -1.00 -31.77 -15.37
C ILE C 62 -0.30 -33.08 -15.76
N ARG C 63 -0.56 -33.59 -16.96
CA ARG C 63 0.07 -34.83 -17.42
C ARG C 63 1.58 -34.64 -17.40
N GLU C 64 2.07 -33.50 -17.89
CA GLU C 64 3.52 -33.25 -18.04
C GLU C 64 4.22 -33.14 -16.66
N SER C 65 3.48 -32.70 -15.63
CA SER C 65 4.04 -32.34 -14.30
C SER C 65 3.81 -33.48 -13.30
N THR C 66 2.56 -33.69 -12.89
CA THR C 66 2.17 -34.74 -11.94
C THR C 66 2.57 -36.11 -12.50
N PHE C 67 2.27 -36.38 -13.79
CA PHE C 67 2.35 -37.76 -14.31
C PHE C 67 3.73 -38.03 -14.94
N GLN C 68 4.38 -37.05 -15.54
CA GLN C 68 5.62 -37.29 -16.33
C GLN C 68 6.84 -36.72 -15.62
N GLY C 69 6.71 -35.81 -14.66
CA GLY C 69 7.89 -35.30 -13.89
C GLY C 69 8.70 -34.23 -14.60
N HIS C 70 8.15 -33.49 -15.57
CA HIS C 70 8.93 -32.46 -16.32
C HIS C 70 9.10 -31.17 -15.51
N HIS C 71 8.39 -30.98 -14.42
CA HIS C 71 8.48 -29.71 -13.64
C HIS C 71 9.61 -29.81 -12.61
N THR C 72 10.84 -29.68 -13.12
CA THR C 72 12.05 -29.46 -12.31
C THR C 72 11.94 -28.12 -11.60
N PRO C 73 12.81 -27.85 -10.60
CA PRO C 73 12.76 -26.53 -9.95
C PRO C 73 12.94 -25.37 -10.93
N ALA C 74 13.75 -25.55 -11.98
CA ALA C 74 13.97 -24.48 -12.97
C ALA C 74 12.66 -24.19 -13.72
N VAL C 75 11.90 -25.25 -14.06
CA VAL C 75 10.62 -25.10 -14.81
C VAL C 75 9.61 -24.42 -13.89
N GLN C 76 9.55 -24.86 -12.63
CA GLN C 76 8.61 -24.29 -11.63
C GLN C 76 8.94 -22.79 -11.45
N LYS C 77 10.23 -22.44 -11.40
CA LYS C 77 10.62 -21.01 -11.24
C LYS C 77 10.07 -20.18 -12.44
N GLY C 78 10.19 -20.71 -13.66
CA GLY C 78 9.66 -20.03 -14.85
C GLY C 78 8.16 -19.82 -14.70
N LEU C 79 7.43 -20.86 -14.27
CA LEU C 79 5.97 -20.72 -14.16
C LEU C 79 5.64 -19.65 -13.11
N ARG C 80 6.42 -19.58 -12.03
CA ARG C 80 6.23 -18.52 -11.00
C ARG C 80 6.32 -17.15 -11.68
N TYR C 81 7.38 -16.90 -12.41
CA TYR C 81 7.52 -15.60 -13.11
C TYR C 81 6.34 -15.41 -14.07
N GLY C 82 5.98 -16.43 -14.83
CA GLY C 82 4.89 -16.31 -15.82
C GLY C 82 3.60 -15.86 -15.14
N MET C 83 3.27 -16.45 -13.99
CA MET C 83 2.01 -16.13 -13.31
C MET C 83 2.07 -14.70 -12.72
N ILE C 84 3.20 -14.31 -12.15
CA ILE C 84 3.34 -12.93 -11.62
C ILE C 84 3.15 -11.94 -12.78
N LEU C 85 3.79 -12.19 -13.91
CA LEU C 85 3.73 -11.27 -15.06
C LEU C 85 2.28 -11.21 -15.57
N PHE C 86 1.62 -12.37 -15.62
CA PHE C 86 0.24 -12.38 -16.07
C PHE C 86 -0.60 -11.49 -15.11
N ILE C 87 -0.41 -11.64 -13.82
CA ILE C 87 -1.16 -10.84 -12.81
C ILE C 87 -0.89 -9.35 -13.01
N ILE C 88 0.37 -8.99 -13.25
CA ILE C 88 0.69 -7.58 -13.51
C ILE C 88 -0.13 -7.08 -14.71
N SER C 89 -0.17 -7.81 -15.82
CA SER C 89 -0.91 -7.39 -17.02
C SER C 89 -2.40 -7.19 -16.63
N GLU C 90 -2.94 -8.01 -15.75
CA GLU C 90 -4.36 -7.88 -15.36
C GLU C 90 -4.53 -6.64 -14.46
N VAL C 91 -3.55 -6.34 -13.64
CA VAL C 91 -3.59 -5.10 -12.82
C VAL C 91 -3.68 -3.88 -13.77
N LEU C 92 -2.86 -3.84 -14.83
CA LEU C 92 -2.84 -2.68 -15.71
C LEU C 92 -4.16 -2.62 -16.49
N PHE C 93 -4.78 -3.74 -16.80
CA PHE C 93 -6.12 -3.73 -17.46
C PHE C 93 -7.13 -3.01 -16.52
N PHE C 94 -7.19 -3.42 -15.25
CA PHE C 94 -8.10 -2.78 -14.28
C PHE C 94 -7.73 -1.30 -14.14
N THR C 95 -6.43 -0.97 -14.16
CA THR C 95 -5.99 0.43 -14.05
C THR C 95 -6.73 1.30 -15.08
N GLY C 96 -6.91 0.83 -16.30
CA GLY C 96 -7.62 1.63 -17.32
C GLY C 96 -9.06 1.96 -16.86
N PHE C 97 -9.74 1.01 -16.26
CA PHE C 97 -11.14 1.21 -15.79
C PHE C 97 -11.14 2.14 -14.59
N PHE C 98 -10.16 2.04 -13.69
CA PHE C 98 -10.08 2.98 -12.54
C PHE C 98 -9.82 4.38 -13.10
N TRP C 99 -8.95 4.49 -14.09
CA TRP C 99 -8.67 5.80 -14.69
C TRP C 99 -9.99 6.39 -15.25
N ALA C 100 -10.75 5.59 -15.98
CA ALA C 100 -12.03 6.03 -16.57
C ALA C 100 -12.94 6.52 -15.43
N PHE C 101 -13.01 5.75 -14.36
CA PHE C 101 -13.87 6.10 -13.21
C PHE C 101 -13.46 7.45 -12.60
N TYR C 102 -12.19 7.61 -12.27
CA TYR C 102 -11.73 8.85 -11.61
C TYR C 102 -11.93 10.05 -12.58
N HIS C 103 -11.63 9.85 -13.88
CA HIS C 103 -11.74 10.90 -14.89
C HIS C 103 -13.15 11.46 -14.85
N SER C 104 -14.15 10.57 -14.86
CA SER C 104 -15.58 10.96 -14.97
C SER C 104 -16.06 11.56 -13.63
N SER C 105 -15.65 10.98 -12.50
CA SER C 105 -16.22 11.32 -11.16
C SER C 105 -15.54 12.56 -10.55
N LEU C 106 -14.30 12.82 -10.90
CA LEU C 106 -13.59 13.97 -10.33
C LEU C 106 -13.96 15.24 -11.07
N ALA C 107 -14.52 15.16 -12.28
CA ALA C 107 -14.85 16.36 -13.07
C ALA C 107 -16.19 16.13 -13.73
N PRO C 108 -17.28 16.01 -12.92
CA PRO C 108 -18.58 15.66 -13.49
C PRO C 108 -19.07 16.78 -14.43
N THR C 109 -19.50 16.39 -15.62
CA THR C 109 -19.88 17.37 -16.67
C THR C 109 -21.27 17.92 -16.41
N PRO C 110 -21.64 19.02 -17.11
CA PRO C 110 -22.97 19.60 -16.94
C PRO C 110 -24.13 18.62 -17.18
N GLU C 111 -23.93 17.67 -18.13
CA GLU C 111 -24.98 16.69 -18.47
C GLU C 111 -25.39 15.89 -17.22
N LEU C 112 -24.47 15.67 -16.28
CA LEU C 112 -24.70 14.91 -15.03
C LEU C 112 -25.36 15.80 -13.98
N GLY C 113 -25.47 17.10 -14.21
CA GLY C 113 -25.79 18.11 -13.19
C GLY C 113 -24.54 18.71 -12.56
N GLY C 114 -23.36 18.34 -13.07
CA GLY C 114 -22.05 18.85 -12.57
C GLY C 114 -21.74 18.37 -11.17
N CYS C 115 -22.25 17.19 -10.79
CA CYS C 115 -22.11 16.57 -9.46
C CYS C 115 -21.87 15.05 -9.65
N TRP C 116 -21.36 14.43 -8.61
CA TRP C 116 -21.17 12.97 -8.50
C TRP C 116 -21.63 12.55 -7.12
N PRO C 117 -22.49 11.52 -7.02
CA PRO C 117 -23.09 10.87 -8.18
C PRO C 117 -23.96 11.81 -8.99
N PRO C 118 -24.19 11.49 -10.29
CA PRO C 118 -25.05 12.31 -11.14
C PRO C 118 -26.47 12.48 -10.56
N THR C 119 -27.09 13.57 -10.98
CA THR C 119 -28.54 13.76 -10.74
C THR C 119 -29.28 12.51 -11.23
N GLY C 120 -30.20 12.01 -10.42
CA GLY C 120 -31.05 10.87 -10.82
C GLY C 120 -30.41 9.51 -10.57
N ILE C 121 -29.17 9.48 -10.07
CA ILE C 121 -28.52 8.20 -9.66
C ILE C 121 -28.67 8.04 -8.15
N HIS C 122 -29.20 6.90 -7.74
CA HIS C 122 -29.36 6.52 -6.31
C HIS C 122 -28.42 5.35 -6.07
N PRO C 123 -27.19 5.61 -5.62
CA PRO C 123 -26.22 4.54 -5.42
C PRO C 123 -26.71 3.55 -4.36
N LEU C 124 -26.09 2.39 -4.45
CA LEU C 124 -26.28 1.31 -3.45
C LEU C 124 -25.71 1.81 -2.13
N ASN C 125 -26.31 1.42 -1.04
CA ASN C 125 -25.73 1.66 0.31
C ASN C 125 -24.45 0.81 0.46
N PRO C 126 -23.25 1.41 0.54
CA PRO C 126 -22.00 0.64 0.66
C PRO C 126 -21.87 -0.14 1.98
N LEU C 127 -22.72 0.16 2.94
CA LEU C 127 -22.69 -0.52 4.27
C LEU C 127 -23.58 -1.76 4.27
N GLU C 128 -24.25 -2.08 3.18
CA GLU C 128 -25.18 -3.24 3.14
C GLU C 128 -24.46 -4.37 2.41
N VAL C 129 -24.96 -4.79 1.26
CA VAL C 129 -24.38 -5.97 0.57
C VAL C 129 -22.92 -5.68 0.18
N PRO C 130 -22.52 -4.49 -0.31
CA PRO C 130 -21.11 -4.28 -0.65
C PRO C 130 -20.16 -4.52 0.51
N LEU C 131 -20.55 -4.12 1.72
CA LEU C 131 -19.75 -4.41 2.94
C LEU C 131 -19.69 -5.94 3.17
N LEU C 132 -20.83 -6.62 3.07
CA LEU C 132 -20.85 -8.09 3.23
C LEU C 132 -19.90 -8.72 2.20
N ASN C 133 -19.96 -8.28 0.95
CA ASN C 133 -19.04 -8.80 -0.10
C ASN C 133 -17.58 -8.60 0.30
N THR C 134 -17.26 -7.46 0.88
CA THR C 134 -15.89 -7.17 1.36
C THR C 134 -15.50 -8.19 2.43
N SER C 135 -16.38 -8.44 3.41
CA SER C 135 -16.12 -9.40 4.52
C SER C 135 -15.90 -10.79 3.89
N VAL C 136 -16.66 -11.13 2.87
CA VAL C 136 -16.62 -12.46 2.25
C VAL C 136 -15.28 -12.64 1.54
N LEU C 137 -14.85 -11.69 0.70
CA LEU C 137 -13.58 -11.91 -0.01
C LEU C 137 -12.41 -11.81 0.98
N LEU C 138 -12.43 -10.93 1.97
CA LEU C 138 -11.33 -10.89 2.95
C LEU C 138 -11.27 -12.25 3.68
N ALA C 139 -12.42 -12.77 4.11
CA ALA C 139 -12.47 -14.06 4.85
C ALA C 139 -11.89 -15.15 3.95
N SER C 140 -12.18 -15.08 2.65
CA SER C 140 -11.70 -16.11 1.70
C SER C 140 -10.15 -16.02 1.58
N GLY C 141 -9.56 -14.83 1.79
CA GLY C 141 -8.10 -14.67 1.75
C GLY C 141 -7.49 -15.35 2.98
N VAL C 142 -8.21 -15.35 4.10
CA VAL C 142 -7.77 -16.03 5.35
C VAL C 142 -7.89 -17.56 5.12
N SER C 143 -9.03 -18.04 4.65
CA SER C 143 -9.24 -19.49 4.49
C SER C 143 -8.26 -20.07 3.47
N ILE C 144 -7.94 -19.35 2.39
N ILE C 144 -7.95 -19.35 2.38
CA ILE C 144 -7.00 -19.89 1.38
CA ILE C 144 -7.00 -19.91 1.37
C ILE C 144 -5.59 -19.98 2.00
C ILE C 144 -5.60 -19.98 1.98
N THR C 145 -5.26 -19.09 2.91
CA THR C 145 -3.96 -19.12 3.59
C THR C 145 -3.92 -20.35 4.49
N TRP C 146 -5.01 -20.58 5.23
CA TRP C 146 -5.16 -21.82 6.03
C TRP C 146 -4.94 -23.01 5.08
N ALA C 147 -5.57 -23.03 3.91
CA ALA C 147 -5.45 -24.18 2.99
C ALA C 147 -3.98 -24.38 2.62
N HIS C 148 -3.29 -23.30 2.29
CA HIS C 148 -1.87 -23.39 1.84
C HIS C 148 -1.04 -24.01 2.96
N HIS C 149 -1.18 -23.51 4.19
CA HIS C 149 -0.37 -24.01 5.34
C HIS C 149 -0.71 -25.48 5.59
N SER C 150 -1.99 -25.86 5.51
CA SER C 150 -2.38 -27.27 5.71
C SER C 150 -1.63 -28.14 4.68
N LEU C 151 -1.62 -27.72 3.43
CA LEU C 151 -0.93 -28.50 2.36
C LEU C 151 0.56 -28.60 2.68
N MET C 152 1.21 -27.50 3.03
CA MET C 152 2.66 -27.53 3.34
C MET C 152 2.93 -28.46 4.55
N GLU C 153 1.98 -28.58 5.49
CA GLU C 153 2.12 -29.39 6.71
C GLU C 153 1.67 -30.83 6.45
N GLY C 154 1.24 -31.14 5.24
CA GLY C 154 0.89 -32.52 4.86
C GLY C 154 -0.49 -32.96 5.32
N ASP C 155 -1.39 -32.00 5.57
CA ASP C 155 -2.71 -32.26 6.21
C ASP C 155 -3.78 -32.26 5.10
N ARG C 156 -4.13 -33.43 4.59
CA ARG C 156 -5.05 -33.57 3.45
C ARG C 156 -6.46 -33.06 3.82
N LYS C 157 -7.00 -33.52 4.96
CA LYS C 157 -8.39 -33.20 5.34
C LYS C 157 -8.53 -31.68 5.57
N HIS C 158 -7.60 -31.05 6.26
CA HIS C 158 -7.74 -29.59 6.56
C HIS C 158 -7.50 -28.78 5.28
N MET C 159 -6.59 -29.20 4.38
CA MET C 159 -6.43 -28.53 3.09
C MET C 159 -7.80 -28.53 2.38
N LEU C 160 -8.43 -29.68 2.31
CA LEU C 160 -9.73 -29.80 1.57
C LEU C 160 -10.80 -28.93 2.24
N GLN C 161 -10.87 -28.93 3.56
N GLN C 161 -10.89 -28.97 3.58
CA GLN C 161 -11.91 -28.15 4.25
CA GLN C 161 -11.86 -28.17 4.37
C GLN C 161 -11.69 -26.64 4.01
C GLN C 161 -11.68 -26.67 4.03
N ALA C 162 -10.45 -26.18 4.17
CA ALA C 162 -10.11 -24.75 4.00
C ALA C 162 -10.37 -24.31 2.55
N LEU C 163 -10.02 -25.15 1.58
CA LEU C 163 -10.22 -24.81 0.16
C LEU C 163 -11.72 -24.84 -0.16
N PHE C 164 -12.47 -25.79 0.41
CA PHE C 164 -13.93 -25.83 0.22
C PHE C 164 -14.56 -24.54 0.77
N ILE C 165 -14.11 -24.10 1.93
CA ILE C 165 -14.61 -22.84 2.54
C ILE C 165 -14.27 -21.67 1.61
N THR C 166 -13.07 -21.65 1.04
CA THR C 166 -12.64 -20.54 0.17
C THR C 166 -13.57 -20.51 -1.05
N ILE C 167 -13.81 -21.66 -1.65
CA ILE C 167 -14.66 -21.74 -2.87
C ILE C 167 -16.10 -21.31 -2.48
N THR C 168 -16.60 -21.77 -1.35
CA THR C 168 -17.99 -21.43 -0.92
C THR C 168 -18.09 -19.91 -0.84
N LEU C 169 -17.09 -19.25 -0.26
CA LEU C 169 -17.13 -17.78 -0.11
C LEU C 169 -17.12 -17.14 -1.51
N GLY C 170 -16.26 -17.60 -2.44
CA GLY C 170 -16.24 -17.09 -3.81
C GLY C 170 -17.63 -17.19 -4.45
N VAL C 171 -18.27 -18.33 -4.28
CA VAL C 171 -19.63 -18.55 -4.82
C VAL C 171 -20.60 -17.58 -4.12
N TYR C 172 -20.52 -17.44 -2.79
CA TYR C 172 -21.37 -16.50 -2.03
C TYR C 172 -21.24 -15.07 -2.61
N PHE C 173 -20.02 -14.64 -2.85
CA PHE C 173 -19.74 -13.31 -3.43
C PHE C 173 -20.46 -13.17 -4.79
N THR C 174 -20.35 -14.20 -5.62
CA THR C 174 -20.90 -14.20 -6.99
C THR C 174 -22.43 -14.13 -6.89
N LEU C 175 -23.03 -14.91 -6.01
CA LEU C 175 -24.50 -14.89 -5.90
C LEU C 175 -24.96 -13.54 -5.33
N LEU C 176 -24.27 -13.00 -4.35
CA LEU C 176 -24.62 -11.66 -3.78
C LEU C 176 -24.50 -10.61 -4.89
N GLN C 177 -23.40 -10.63 -5.66
CA GLN C 177 -23.21 -9.63 -6.75
C GLN C 177 -24.35 -9.80 -7.78
N ALA C 178 -24.71 -11.02 -8.13
CA ALA C 178 -25.80 -11.27 -9.12
C ALA C 178 -27.10 -10.62 -8.59
N SER C 179 -27.41 -10.86 -7.31
CA SER C 179 -28.60 -10.28 -6.65
C SER C 179 -28.51 -8.75 -6.69
N GLU C 180 -27.35 -8.18 -6.38
N GLU C 180 -27.35 -8.20 -6.37
CA GLU C 180 -27.18 -6.69 -6.36
CA GLU C 180 -27.15 -6.73 -6.38
C GLU C 180 -27.36 -6.14 -7.78
C GLU C 180 -27.41 -6.18 -7.79
N TYR C 181 -26.89 -6.86 -8.81
CA TYR C 181 -27.08 -6.44 -10.22
C TYR C 181 -28.59 -6.33 -10.49
N TYR C 182 -29.31 -7.37 -10.11
CA TYR C 182 -30.75 -7.44 -10.40
C TYR C 182 -31.47 -6.32 -9.66
N GLU C 183 -31.14 -6.10 -8.40
CA GLU C 183 -31.82 -5.13 -7.52
C GLU C 183 -31.41 -3.69 -7.86
N ALA C 184 -30.25 -3.46 -8.48
CA ALA C 184 -29.76 -2.08 -8.72
C ALA C 184 -30.80 -1.26 -9.47
N PRO C 185 -31.17 -0.05 -9.00
CA PRO C 185 -32.15 0.80 -9.70
C PRO C 185 -31.54 1.53 -10.91
N PHE C 186 -30.22 1.43 -11.06
CA PHE C 186 -29.49 1.97 -12.21
C PHE C 186 -28.93 0.78 -13.04
N THR C 187 -28.64 1.06 -14.31
CA THR C 187 -28.26 0.08 -15.33
C THR C 187 -26.96 0.54 -16.00
N ILE C 188 -26.44 -0.29 -16.87
CA ILE C 188 -25.20 0.03 -17.63
C ILE C 188 -25.48 1.21 -18.56
N SER C 189 -26.73 1.43 -18.95
CA SER C 189 -27.15 2.53 -19.85
C SER C 189 -27.39 3.83 -19.08
N ASP C 190 -27.17 3.87 -17.77
CA ASP C 190 -27.40 5.09 -16.93
C ASP C 190 -26.12 5.94 -16.90
N GLY C 191 -25.74 6.40 -18.09
CA GLY C 191 -24.62 7.30 -18.29
C GLY C 191 -23.32 6.71 -17.78
N VAL C 192 -22.38 7.57 -17.48
CA VAL C 192 -21.01 7.14 -17.14
C VAL C 192 -21.01 6.54 -15.74
N TYR C 193 -22.01 6.85 -14.90
CA TYR C 193 -22.12 6.20 -13.57
C TYR C 193 -22.37 4.70 -13.80
N GLY C 194 -23.41 4.35 -14.57
CA GLY C 194 -23.71 2.94 -14.83
C GLY C 194 -22.56 2.28 -15.60
N SER C 195 -21.95 3.03 -16.51
CA SER C 195 -20.91 2.50 -17.43
C SER C 195 -19.73 2.05 -16.56
N THR C 196 -19.24 2.95 -15.72
CA THR C 196 -18.06 2.67 -14.88
C THR C 196 -18.40 1.58 -13.86
N PHE C 197 -19.58 1.66 -13.29
CA PHE C 197 -20.00 0.71 -12.22
C PHE C 197 -20.05 -0.72 -12.78
N PHE C 198 -20.78 -0.93 -13.86
CA PHE C 198 -21.06 -2.30 -14.32
C PHE C 198 -19.87 -2.83 -15.10
N VAL C 199 -19.15 -2.01 -15.88
CA VAL C 199 -17.99 -2.58 -16.60
C VAL C 199 -16.87 -2.95 -15.59
N ALA C 200 -16.55 -2.08 -14.62
CA ALA C 200 -15.44 -2.34 -13.67
C ALA C 200 -15.85 -3.50 -12.76
N THR C 201 -17.04 -3.43 -12.16
CA THR C 201 -17.47 -4.53 -11.26
C THR C 201 -17.74 -5.81 -12.06
N GLY C 202 -18.15 -5.69 -13.32
CA GLY C 202 -18.44 -6.83 -14.21
C GLY C 202 -17.18 -7.56 -14.58
N PHE C 203 -16.11 -6.83 -14.97
CA PHE C 203 -14.81 -7.52 -15.22
C PHE C 203 -14.33 -8.16 -13.91
N HIS C 204 -14.52 -7.49 -12.79
CA HIS C 204 -14.13 -8.06 -11.47
C HIS C 204 -14.90 -9.36 -11.22
N GLY C 205 -16.21 -9.38 -11.47
CA GLY C 205 -17.03 -10.57 -11.23
C GLY C 205 -16.55 -11.71 -12.12
N LEU C 206 -16.22 -11.40 -13.38
CA LEU C 206 -15.68 -12.44 -14.28
C LEU C 206 -14.41 -13.00 -13.65
N HIS C 207 -13.53 -12.15 -13.15
CA HIS C 207 -12.25 -12.63 -12.54
C HIS C 207 -12.56 -13.48 -11.30
N VAL C 208 -13.59 -13.15 -10.53
CA VAL C 208 -13.99 -13.98 -9.36
C VAL C 208 -14.46 -15.36 -9.86
N ILE C 209 -15.21 -15.39 -10.93
CA ILE C 209 -15.68 -16.68 -11.49
C ILE C 209 -14.47 -17.48 -12.01
N ILE C 210 -13.56 -16.82 -12.71
CA ILE C 210 -12.33 -17.49 -13.17
C ILE C 210 -11.56 -18.03 -11.96
N GLY C 211 -11.33 -17.17 -10.96
CA GLY C 211 -10.54 -17.59 -9.79
C GLY C 211 -11.21 -18.72 -9.03
N SER C 212 -12.55 -18.69 -8.95
CA SER C 212 -13.31 -19.76 -8.26
C SER C 212 -13.12 -21.07 -9.03
N THR C 213 -13.18 -21.02 -10.36
CA THR C 213 -13.02 -22.19 -11.25
C THR C 213 -11.62 -22.78 -11.05
N PHE C 214 -10.61 -21.92 -10.98
CA PHE C 214 -9.22 -22.36 -10.72
C PHE C 214 -9.12 -23.06 -9.36
N LEU C 215 -9.72 -22.49 -8.33
CA LEU C 215 -9.74 -23.12 -7.00
C LEU C 215 -10.45 -24.47 -7.07
N ILE C 216 -11.52 -24.58 -7.86
CA ILE C 216 -12.26 -25.87 -7.96
C ILE C 216 -11.37 -26.90 -8.66
N VAL C 217 -10.64 -26.47 -9.69
CA VAL C 217 -9.64 -27.36 -10.35
C VAL C 217 -8.64 -27.86 -9.28
N CYS C 218 -8.08 -26.95 -8.47
CA CYS C 218 -7.16 -27.31 -7.37
C CYS C 218 -7.84 -28.31 -6.40
N PHE C 219 -9.09 -28.07 -6.08
CA PHE C 219 -9.83 -28.95 -5.15
C PHE C 219 -9.88 -30.39 -5.71
N PHE C 220 -10.25 -30.57 -6.97
CA PHE C 220 -10.33 -31.94 -7.56
C PHE C 220 -8.92 -32.54 -7.69
N ARG C 221 -7.93 -31.73 -8.04
CA ARG C 221 -6.53 -32.25 -8.10
C ARG C 221 -6.10 -32.73 -6.70
N GLN C 222 -6.42 -31.97 -5.66
CA GLN C 222 -6.12 -32.36 -4.27
C GLN C 222 -6.86 -33.65 -3.97
N LEU C 223 -8.16 -33.75 -4.30
CA LEU C 223 -8.89 -35.02 -4.03
C LEU C 223 -8.13 -36.18 -4.67
N LYS C 224 -7.52 -35.98 -5.84
CA LYS C 224 -6.83 -37.06 -6.60
C LYS C 224 -5.34 -37.18 -6.19
N PHE C 225 -4.91 -36.48 -5.13
CA PHE C 225 -3.56 -36.61 -4.52
C PHE C 225 -2.46 -36.05 -5.44
N HIS C 226 -2.76 -35.12 -6.35
CA HIS C 226 -1.74 -34.61 -7.29
C HIS C 226 -0.67 -33.82 -6.53
N PHE C 227 -1.06 -33.07 -5.52
CA PHE C 227 -0.13 -32.13 -4.85
C PHE C 227 0.73 -32.85 -3.81
N THR C 228 2.02 -32.52 -3.78
CA THR C 228 2.86 -32.89 -2.64
C THR C 228 2.95 -31.72 -1.68
N SER C 229 3.44 -31.99 -0.49
CA SER C 229 3.58 -31.00 0.57
C SER C 229 4.60 -29.91 0.14
N ASN C 230 5.43 -30.18 -0.87
CA ASN C 230 6.45 -29.22 -1.36
C ASN C 230 6.22 -28.75 -2.80
N HIS C 231 5.41 -29.46 -3.58
CA HIS C 231 5.25 -29.20 -5.01
C HIS C 231 3.76 -29.08 -5.35
N HIS C 232 3.33 -27.85 -5.61
CA HIS C 232 1.91 -27.55 -5.74
C HIS C 232 1.75 -26.17 -6.36
N PHE C 233 2.40 -25.96 -7.50
CA PHE C 233 2.42 -24.62 -8.12
C PHE C 233 1.00 -24.23 -8.56
N GLY C 234 0.21 -25.16 -9.06
CA GLY C 234 -1.17 -24.83 -9.48
C GLY C 234 -1.93 -24.17 -8.34
N PHE C 235 -1.77 -24.71 -7.14
CA PHE C 235 -2.41 -24.18 -5.91
C PHE C 235 -1.84 -22.78 -5.64
N GLU C 236 -0.51 -22.64 -5.66
CA GLU C 236 0.11 -21.33 -5.39
C GLU C 236 -0.44 -20.28 -6.38
N ALA C 237 -0.44 -20.60 -7.67
CA ALA C 237 -0.89 -19.71 -8.73
C ALA C 237 -2.36 -19.32 -8.48
N ALA C 238 -3.19 -20.30 -8.11
CA ALA C 238 -4.62 -20.03 -7.83
C ALA C 238 -4.73 -19.08 -6.63
N ALA C 239 -3.90 -19.28 -5.61
CA ALA C 239 -3.91 -18.44 -4.39
C ALA C 239 -3.47 -17.01 -4.76
N TRP C 240 -2.41 -16.87 -5.56
CA TRP C 240 -1.94 -15.54 -6.00
C TRP C 240 -3.08 -14.84 -6.76
N TYR C 241 -3.70 -15.55 -7.68
CA TYR C 241 -4.80 -15.00 -8.48
C TYR C 241 -5.93 -14.58 -7.55
N TRP C 242 -6.25 -15.41 -6.57
CA TRP C 242 -7.34 -15.14 -5.63
C TRP C 242 -7.01 -13.88 -4.80
N HIS C 243 -5.78 -13.72 -4.33
CA HIS C 243 -5.39 -12.48 -3.61
C HIS C 243 -5.55 -11.27 -4.55
N PHE C 244 -5.16 -11.40 -5.82
CA PHE C 244 -5.34 -10.34 -6.82
C PHE C 244 -6.84 -9.96 -6.87
N VAL C 245 -7.72 -10.94 -7.03
CA VAL C 245 -9.18 -10.66 -7.06
C VAL C 245 -9.61 -9.93 -5.78
N ASP C 246 -9.08 -10.32 -4.61
CA ASP C 246 -9.44 -9.66 -3.33
CA ASP C 246 -9.41 -9.84 -3.35
C ASP C 246 -9.02 -8.19 -3.42
C ASP C 246 -8.95 -8.35 -3.25
N VAL C 247 -7.78 -7.98 -3.80
CA VAL C 247 -7.22 -6.60 -3.77
C VAL C 247 -7.97 -5.72 -4.78
N VAL C 248 -8.28 -6.24 -5.96
CA VAL C 248 -9.09 -5.44 -6.90
C VAL C 248 -10.42 -5.05 -6.24
N TRP C 249 -11.10 -5.99 -5.59
CA TRP C 249 -12.36 -5.70 -4.88
C TRP C 249 -12.15 -4.54 -3.89
N LEU C 250 -11.12 -4.59 -3.07
CA LEU C 250 -10.93 -3.55 -2.03
C LEU C 250 -10.80 -2.19 -2.73
N PHE C 251 -10.09 -2.12 -3.86
CA PHE C 251 -9.93 -0.85 -4.59
C PHE C 251 -11.30 -0.43 -5.17
N LEU C 252 -12.08 -1.36 -5.71
CA LEU C 252 -13.43 -1.02 -6.25
C LEU C 252 -14.32 -0.52 -5.12
N TYR C 253 -14.27 -1.19 -3.99
CA TYR C 253 -15.12 -0.86 -2.83
C TYR C 253 -14.81 0.57 -2.38
N VAL C 254 -13.53 0.86 -2.19
CA VAL C 254 -13.13 2.20 -1.67
C VAL C 254 -13.45 3.25 -2.75
N SER C 255 -13.20 2.95 -4.02
CA SER C 255 -13.28 3.93 -5.12
C SER C 255 -14.74 4.16 -5.54
N ILE C 256 -15.38 3.12 -6.00
CA ILE C 256 -16.68 3.23 -6.69
C ILE C 256 -17.82 3.25 -5.65
N TYR C 257 -17.79 2.36 -4.67
CA TYR C 257 -18.93 2.18 -3.74
C TYR C 257 -18.89 3.20 -2.60
N TRP C 258 -17.72 3.50 -2.06
CA TRP C 258 -17.59 4.35 -0.85
C TRP C 258 -17.33 5.78 -1.32
N TRP C 259 -16.14 6.04 -1.83
CA TRP C 259 -15.77 7.42 -2.22
C TRP C 259 -16.71 7.93 -3.34
N GLY C 260 -17.12 7.08 -4.26
CA GLY C 260 -18.04 7.44 -5.36
C GLY C 260 -19.50 7.54 -4.93
N SER C 261 -19.85 7.33 -3.66
CA SER C 261 -21.26 7.38 -3.25
C SER C 261 -21.61 8.83 -2.92
N SER D 4 43.04 -26.36 -50.84
CA SER D 4 42.42 -26.82 -49.54
C SER D 4 40.89 -26.75 -49.65
N VAL D 5 40.19 -27.82 -49.36
CA VAL D 5 38.71 -27.95 -49.51
C VAL D 5 38.15 -27.72 -48.10
N VAL D 6 37.37 -26.68 -47.93
CA VAL D 6 36.74 -26.38 -46.62
C VAL D 6 35.36 -27.05 -46.57
N LYS D 7 35.03 -27.69 -45.45
CA LYS D 7 33.84 -28.56 -45.37
C LYS D 7 32.90 -28.00 -44.29
N SER D 8 31.60 -28.04 -44.57
CA SER D 8 30.47 -27.81 -43.62
C SER D 8 30.70 -28.54 -42.30
N GLU D 9 31.09 -29.81 -42.35
CA GLU D 9 31.12 -30.58 -41.09
C GLU D 9 32.36 -30.14 -40.25
N ASP D 10 33.23 -29.22 -40.74
CA ASP D 10 34.32 -28.64 -39.91
C ASP D 10 33.90 -27.35 -39.14
N TYR D 11 32.63 -26.93 -39.14
CA TYR D 11 32.12 -25.62 -38.60
C TYR D 11 32.60 -25.42 -37.14
N ALA D 12 32.65 -26.49 -36.32
CA ALA D 12 32.93 -26.44 -34.86
C ALA D 12 34.43 -26.42 -34.56
N LEU D 13 35.28 -26.56 -35.59
CA LEU D 13 36.74 -26.58 -35.45
C LEU D 13 37.28 -25.21 -35.81
N PRO D 14 38.45 -24.84 -35.28
CA PRO D 14 39.12 -23.64 -35.76
C PRO D 14 39.31 -23.71 -37.28
N SER D 15 39.11 -22.58 -37.94
CA SER D 15 39.17 -22.46 -39.41
C SER D 15 40.21 -21.39 -39.81
N TYR D 16 40.55 -21.39 -41.10
CA TYR D 16 41.47 -20.44 -41.71
C TYR D 16 40.67 -19.19 -42.06
N VAL D 17 41.25 -18.01 -41.83
N VAL D 17 41.27 -18.02 -41.92
CA VAL D 17 40.69 -16.71 -42.30
CA VAL D 17 40.65 -16.78 -42.46
C VAL D 17 41.83 -15.84 -42.82
C VAL D 17 41.75 -15.76 -42.75
N ASP D 18 41.55 -15.01 -43.83
CA ASP D 18 42.40 -13.87 -44.23
C ASP D 18 41.71 -12.61 -43.75
N ARG D 19 42.23 -12.03 -42.68
CA ARG D 19 41.67 -10.79 -42.06
C ARG D 19 42.87 -9.96 -41.61
N ARG D 20 42.90 -8.70 -41.97
CA ARG D 20 44.11 -7.88 -41.71
C ARG D 20 44.28 -7.67 -40.20
N ASP D 21 43.18 -7.76 -39.42
CA ASP D 21 43.08 -7.55 -37.93
C ASP D 21 43.28 -8.90 -37.23
N TYR D 22 43.56 -9.99 -37.96
CA TYR D 22 43.80 -11.34 -37.37
C TYR D 22 44.88 -12.02 -38.22
N PRO D 23 46.10 -11.44 -38.20
CA PRO D 23 47.13 -11.81 -39.17
C PRO D 23 47.58 -13.27 -39.10
N LEU D 24 47.55 -13.88 -37.92
CA LEU D 24 48.01 -15.28 -37.70
C LEU D 24 46.81 -16.14 -37.33
N PRO D 25 46.13 -16.70 -38.33
CA PRO D 25 44.94 -17.51 -38.08
C PRO D 25 45.25 -18.80 -37.33
N ASP D 26 44.18 -19.44 -36.90
CA ASP D 26 44.22 -20.56 -35.91
C ASP D 26 44.83 -21.82 -36.56
N VAL D 27 44.78 -21.94 -37.89
CA VAL D 27 45.29 -23.14 -38.62
C VAL D 27 46.06 -22.66 -39.86
N ALA D 28 46.92 -23.54 -40.37
CA ALA D 28 47.56 -23.34 -41.68
C ALA D 28 46.52 -23.43 -42.77
N HIS D 29 46.72 -22.69 -43.84
CA HIS D 29 45.92 -22.77 -45.09
C HIS D 29 45.98 -24.21 -45.63
N VAL D 30 47.19 -24.79 -45.69
CA VAL D 30 47.38 -26.16 -46.24
C VAL D 30 47.90 -27.05 -45.09
N LYS D 31 47.12 -28.03 -44.63
CA LYS D 31 47.57 -28.92 -43.51
C LYS D 31 48.24 -30.17 -44.07
N ASN D 32 47.79 -30.66 -45.19
CA ASN D 32 48.33 -31.92 -45.75
C ASN D 32 49.53 -31.59 -46.66
N LEU D 33 50.65 -32.31 -46.51
CA LEU D 33 51.92 -32.05 -47.22
C LEU D 33 52.28 -33.25 -48.09
N SER D 34 52.70 -32.95 -49.30
CA SER D 34 53.29 -33.93 -50.24
C SER D 34 54.69 -34.30 -49.79
N ALA D 35 55.29 -35.30 -50.42
CA ALA D 35 56.70 -35.63 -50.14
C ALA D 35 57.57 -34.36 -50.27
N SER D 36 57.44 -33.59 -51.34
CA SER D 36 58.35 -32.41 -51.56
C SER D 36 58.04 -31.36 -50.50
N GLN D 37 56.78 -31.22 -50.12
CA GLN D 37 56.41 -30.18 -49.14
C GLN D 37 56.90 -30.59 -47.76
N LYS D 38 56.89 -31.90 -47.44
CA LYS D 38 57.49 -32.40 -46.17
C LYS D 38 58.98 -32.03 -46.17
N ALA D 39 59.68 -32.24 -47.28
CA ALA D 39 61.14 -31.99 -47.34
C ALA D 39 61.37 -30.47 -47.14
N LEU D 40 60.46 -29.66 -47.67
CA LEU D 40 60.59 -28.18 -47.56
C LEU D 40 60.41 -27.78 -46.08
N LYS D 41 59.45 -28.35 -45.37
CA LYS D 41 59.28 -28.04 -43.93
C LYS D 41 60.51 -28.53 -43.15
N GLU D 42 61.18 -29.62 -43.56
CA GLU D 42 62.44 -30.05 -42.88
C GLU D 42 63.50 -28.98 -43.12
N LYS D 43 63.60 -28.50 -44.34
CA LYS D 43 64.61 -27.50 -44.75
C LYS D 43 64.42 -26.19 -43.95
N GLU D 44 63.16 -25.85 -43.67
CA GLU D 44 62.81 -24.64 -42.87
C GLU D 44 63.41 -24.72 -41.46
N LYS D 45 63.77 -25.91 -40.96
CA LYS D 45 64.35 -26.05 -39.60
C LYS D 45 65.81 -25.62 -39.61
N ALA D 46 66.40 -25.49 -40.80
CA ALA D 46 67.78 -25.00 -40.97
C ALA D 46 67.74 -23.50 -41.32
N SER D 47 68.88 -22.94 -41.63
CA SER D 47 69.02 -21.49 -41.88
C SER D 47 68.07 -21.05 -43.01
N TRP D 48 67.26 -20.00 -42.75
CA TRP D 48 66.39 -19.47 -43.82
C TRP D 48 67.21 -18.84 -44.96
N SER D 49 68.47 -18.48 -44.69
CA SER D 49 69.40 -17.95 -45.71
C SER D 49 69.63 -18.99 -46.81
N SER D 50 69.43 -20.28 -46.51
CA SER D 50 69.67 -21.37 -47.48
C SER D 50 68.40 -21.68 -48.26
N LEU D 51 67.26 -21.06 -47.91
CA LEU D 51 66.04 -21.26 -48.72
C LEU D 51 66.11 -20.33 -49.94
N SER D 52 65.67 -20.81 -51.10
CA SER D 52 65.51 -19.98 -52.31
C SER D 52 64.27 -19.07 -52.12
N ILE D 53 64.17 -18.01 -52.92
CA ILE D 53 62.97 -17.15 -53.00
C ILE D 53 61.74 -18.06 -53.27
N ASP D 54 61.83 -18.95 -54.24
CA ASP D 54 60.70 -19.86 -54.59
C ASP D 54 60.30 -20.72 -53.37
N GLU D 55 61.27 -21.23 -52.62
CA GLU D 55 60.97 -22.05 -51.42
C GLU D 55 60.29 -21.18 -50.36
N LYS D 56 60.73 -19.93 -50.20
CA LYS D 56 60.15 -18.99 -49.22
C LYS D 56 58.69 -18.69 -49.60
N VAL D 57 58.43 -18.45 -50.88
CA VAL D 57 57.05 -18.22 -51.35
C VAL D 57 56.22 -19.48 -51.10
N GLU D 58 56.75 -20.66 -51.37
CA GLU D 58 55.98 -21.94 -51.20
C GLU D 58 55.65 -22.06 -49.70
N LEU D 59 56.59 -21.77 -48.81
CA LEU D 59 56.30 -21.82 -47.35
C LEU D 59 55.18 -20.84 -47.01
N TYR D 60 55.23 -19.62 -47.55
CA TYR D 60 54.20 -18.60 -47.27
C TYR D 60 52.85 -19.15 -47.70
N ARG D 61 52.79 -19.72 -48.89
CA ARG D 61 51.52 -20.17 -49.52
C ARG D 61 51.03 -21.47 -48.87
N LEU D 62 51.85 -22.22 -48.15
CA LEU D 62 51.33 -23.33 -47.33
C LEU D 62 50.63 -22.76 -46.08
N LYS D 63 51.21 -21.72 -45.48
CA LYS D 63 50.70 -21.20 -44.21
C LYS D 63 49.44 -20.35 -44.47
N PHE D 64 49.47 -19.56 -45.56
CA PHE D 64 48.46 -18.51 -45.84
C PHE D 64 47.88 -18.73 -47.25
N LYS D 65 46.63 -18.30 -47.41
CA LYS D 65 45.98 -18.31 -48.72
C LYS D 65 46.35 -17.05 -49.46
N GLU D 66 45.83 -15.90 -49.04
CA GLU D 66 46.15 -14.62 -49.72
C GLU D 66 47.13 -13.80 -48.87
N SER D 67 47.99 -13.05 -49.54
CA SER D 67 48.83 -12.00 -48.91
C SER D 67 47.94 -10.82 -48.45
N PHE D 68 48.48 -9.94 -47.63
CA PHE D 68 47.80 -8.67 -47.27
C PHE D 68 47.42 -7.90 -48.54
N ALA D 69 48.35 -7.73 -49.48
CA ALA D 69 48.09 -6.95 -50.70
C ALA D 69 46.89 -7.58 -51.45
N GLU D 70 46.84 -8.91 -51.53
CA GLU D 70 45.74 -9.58 -52.27
C GLU D 70 44.42 -9.40 -51.47
N MET D 71 44.42 -9.65 -50.16
CA MET D 71 43.13 -9.69 -49.41
C MET D 71 42.56 -8.26 -49.33
N ASN D 72 43.40 -7.25 -49.41
CA ASN D 72 43.00 -5.82 -49.22
C ASN D 72 42.71 -5.14 -50.57
N ARG D 73 42.74 -5.88 -51.68
CA ARG D 73 42.62 -5.23 -53.01
C ARG D 73 41.26 -4.56 -53.14
N SER D 74 41.24 -3.48 -53.88
CA SER D 74 40.05 -2.73 -54.35
C SER D 74 39.34 -3.50 -55.46
N THR D 75 38.07 -3.19 -55.70
CA THR D 75 37.31 -3.86 -56.75
C THR D 75 36.52 -2.83 -57.52
N ASN D 76 35.99 -3.24 -58.64
CA ASN D 76 35.14 -2.40 -59.52
C ASN D 76 33.66 -2.56 -59.12
N GLU D 77 33.35 -3.22 -58.01
CA GLU D 77 31.95 -3.53 -57.60
C GLU D 77 31.12 -2.22 -57.55
N TRP D 78 31.71 -1.11 -57.14
CA TRP D 78 30.97 0.14 -56.97
C TRP D 78 30.31 0.52 -58.31
N LYS D 79 30.98 0.27 -59.43
CA LYS D 79 30.41 0.64 -60.74
C LYS D 79 29.12 -0.15 -60.98
N THR D 80 29.16 -1.44 -60.70
CA THR D 80 27.97 -2.29 -60.88
C THR D 80 26.85 -1.80 -59.95
N VAL D 81 27.18 -1.52 -58.70
CA VAL D 81 26.14 -1.14 -57.71
C VAL D 81 25.52 0.20 -58.14
N VAL D 82 26.33 1.20 -58.40
CA VAL D 82 25.79 2.55 -58.73
C VAL D 82 25.04 2.47 -60.05
N GLY D 83 25.60 1.82 -61.07
CA GLY D 83 24.95 1.72 -62.39
C GLY D 83 23.64 0.98 -62.29
N ALA D 84 23.63 -0.15 -61.56
CA ALA D 84 22.39 -0.95 -61.45
C ALA D 84 21.33 -0.13 -60.71
N ALA D 85 21.70 0.54 -59.63
CA ALA D 85 20.75 1.37 -58.85
C ALA D 85 20.16 2.44 -59.80
N MET D 86 20.97 3.11 -60.61
CA MET D 86 20.48 4.13 -61.58
C MET D 86 19.55 3.44 -62.59
N PHE D 87 19.87 2.21 -63.04
CA PHE D 87 18.96 1.49 -63.94
C PHE D 87 17.57 1.34 -63.30
N PHE D 88 17.51 0.85 -62.07
CA PHE D 88 16.23 0.54 -61.41
C PHE D 88 15.47 1.83 -61.11
N ILE D 89 16.20 2.89 -60.76
CA ILE D 89 15.58 4.21 -60.55
C ILE D 89 15.01 4.69 -61.90
N GLY D 90 15.75 4.51 -62.99
CA GLY D 90 15.25 4.78 -64.35
C GLY D 90 13.99 4.00 -64.64
N PHE D 91 13.98 2.69 -64.33
CA PHE D 91 12.82 1.79 -64.54
C PHE D 91 11.60 2.38 -63.80
N THR D 92 11.85 2.95 -62.63
CA THR D 92 10.78 3.54 -61.78
C THR D 92 10.06 4.65 -62.58
N ALA D 93 10.80 5.45 -63.32
CA ALA D 93 10.21 6.56 -64.11
C ALA D 93 9.29 5.96 -65.19
N LEU D 94 9.60 4.76 -65.72
CA LEU D 94 8.67 4.12 -66.68
C LEU D 94 7.32 3.87 -65.98
N LEU D 95 7.33 3.37 -64.75
CA LEU D 95 6.09 3.13 -63.99
C LEU D 95 5.33 4.45 -63.84
N LEU D 96 6.04 5.54 -63.59
CA LEU D 96 5.38 6.84 -63.35
C LEU D 96 4.81 7.36 -64.67
N ILE D 97 5.48 7.12 -65.79
CA ILE D 97 4.95 7.49 -67.13
C ILE D 97 3.65 6.70 -67.36
N TRP D 98 3.66 5.38 -67.07
CA TRP D 98 2.46 4.53 -67.24
C TRP D 98 1.32 5.08 -66.36
N GLU D 99 1.60 5.40 -65.10
CA GLU D 99 0.55 5.91 -64.18
C GLU D 99 -0.04 7.21 -64.77
N LYS D 100 0.80 8.14 -65.21
CA LYS D 100 0.34 9.43 -65.74
C LYS D 100 -0.55 9.19 -66.96
N HIS D 101 -0.17 8.30 -67.85
CA HIS D 101 -0.89 8.02 -69.13
C HIS D 101 -2.22 7.30 -68.84
N TYR D 102 -2.21 6.28 -67.98
CA TYR D 102 -3.37 5.35 -67.89
C TYR D 102 -4.18 5.51 -66.60
N VAL D 103 -3.68 6.16 -65.56
CA VAL D 103 -4.41 6.18 -64.27
C VAL D 103 -4.90 7.60 -64.02
N TYR D 104 -4.04 8.59 -64.17
CA TYR D 104 -4.36 10.01 -63.86
C TYR D 104 -5.17 10.62 -65.00
N GLY D 105 -6.36 11.14 -64.65
CA GLY D 105 -7.15 11.99 -65.56
C GLY D 105 -6.74 13.45 -65.42
N PRO D 106 -7.48 14.37 -66.05
CA PRO D 106 -7.10 15.79 -66.02
C PRO D 106 -7.04 16.35 -64.60
N ILE D 107 -6.10 17.24 -64.42
CA ILE D 107 -6.04 17.98 -63.14
C ILE D 107 -7.07 19.08 -63.17
N PRO D 108 -7.38 19.62 -61.99
CA PRO D 108 -8.40 20.67 -61.90
C PRO D 108 -8.11 21.92 -62.74
N HIS D 109 -9.20 22.59 -63.10
CA HIS D 109 -9.14 23.77 -64.00
C HIS D 109 -8.36 24.93 -63.38
N THR D 110 -8.17 24.94 -62.05
CA THR D 110 -7.42 25.99 -61.33
C THR D 110 -5.92 25.99 -61.68
N PHE D 111 -5.42 25.00 -62.40
CA PHE D 111 -4.02 24.96 -62.86
C PHE D 111 -3.93 25.55 -64.27
N GLU D 112 -5.03 25.96 -64.91
CA GLU D 112 -4.97 26.55 -66.29
C GLU D 112 -4.14 27.84 -66.21
N GLU D 113 -3.35 28.15 -67.23
CA GLU D 113 -2.43 29.33 -67.18
C GLU D 113 -3.23 30.60 -66.82
N GLU D 114 -4.40 30.81 -67.44
CA GLU D 114 -5.19 32.05 -67.17
C GLU D 114 -5.67 32.07 -65.71
N TRP D 115 -6.13 30.93 -65.18
CA TRP D 115 -6.53 30.86 -63.76
C TRP D 115 -5.35 31.28 -62.87
N VAL D 116 -4.17 30.72 -63.11
CA VAL D 116 -2.99 30.97 -62.25
C VAL D 116 -2.61 32.45 -62.34
N ALA D 117 -2.71 33.10 -63.51
CA ALA D 117 -2.36 34.53 -63.69
C ALA D 117 -3.32 35.37 -62.82
N LYS D 118 -4.59 35.02 -62.82
CA LYS D 118 -5.62 35.73 -62.03
C LYS D 118 -5.44 35.49 -60.52
N GLN D 119 -5.21 34.24 -60.15
CA GLN D 119 -5.03 33.84 -58.75
C GLN D 119 -3.78 34.53 -58.19
N THR D 120 -2.75 34.66 -59.02
CA THR D 120 -1.48 35.31 -58.64
C THR D 120 -1.78 36.79 -58.32
N LYS D 121 -2.49 37.46 -59.21
CA LYS D 121 -2.86 38.86 -58.94
C LYS D 121 -3.70 38.94 -57.67
N ARG D 122 -4.69 38.07 -57.49
CA ARG D 122 -5.51 38.14 -56.27
C ARG D 122 -4.65 37.91 -55.03
N MET D 123 -3.70 36.99 -55.08
CA MET D 123 -2.77 36.76 -53.93
C MET D 123 -1.96 38.04 -53.65
N LEU D 124 -1.51 38.75 -54.69
CA LEU D 124 -0.76 40.02 -54.52
C LEU D 124 -1.69 41.13 -54.00
N ASP D 125 -2.98 41.12 -54.41
CA ASP D 125 -4.00 42.08 -53.91
C ASP D 125 -4.30 41.84 -52.43
N MET D 126 -4.30 40.60 -51.94
CA MET D 126 -4.53 40.36 -50.50
C MET D 126 -3.17 40.32 -49.78
N LYS D 127 -2.07 40.62 -50.48
CA LYS D 127 -0.73 40.73 -49.85
C LYS D 127 -0.39 39.42 -49.14
N VAL D 128 -0.58 38.29 -49.82
CA VAL D 128 -0.11 36.99 -49.29
C VAL D 128 1.39 37.08 -48.98
N ALA D 129 1.79 36.66 -47.78
CA ALA D 129 3.20 36.62 -47.34
C ALA D 129 3.94 37.88 -47.76
N PRO D 130 3.54 39.05 -47.21
CA PRO D 130 4.12 40.34 -47.61
C PRO D 130 5.46 40.70 -46.92
N ILE D 131 5.86 39.93 -45.91
CA ILE D 131 7.11 40.23 -45.16
C ILE D 131 8.30 39.55 -45.87
N GLN D 132 8.17 38.27 -46.23
CA GLN D 132 9.25 37.52 -46.91
C GLN D 132 8.75 36.61 -48.05
N GLY D 133 7.62 35.93 -47.90
CA GLY D 133 7.32 34.68 -48.64
C GLY D 133 6.87 34.88 -50.09
N PHE D 134 6.07 35.90 -50.41
CA PHE D 134 5.38 35.96 -51.72
C PHE D 134 5.20 37.40 -52.19
N SER D 135 4.24 38.12 -51.60
CA SER D 135 4.01 39.54 -52.00
C SER D 135 5.28 40.35 -51.73
N ALA D 136 6.12 39.97 -50.79
CA ALA D 136 7.42 40.63 -50.52
C ALA D 136 8.31 40.64 -51.76
N LYS D 137 8.07 39.73 -52.71
CA LYS D 137 8.91 39.53 -53.93
C LYS D 137 8.34 40.34 -55.11
N TRP D 138 7.22 41.01 -54.87
CA TRP D 138 6.55 41.86 -55.89
C TRP D 138 6.85 43.33 -55.61
N ASP D 139 7.21 44.04 -56.66
CA ASP D 139 7.44 45.52 -56.59
C ASP D 139 6.11 46.22 -56.92
N TYR D 140 5.41 46.70 -55.90
CA TYR D 140 4.06 47.31 -56.05
C TYR D 140 4.22 48.66 -56.74
N ASP D 141 5.42 49.26 -56.67
CA ASP D 141 5.66 50.59 -57.30
C ASP D 141 5.92 50.41 -58.79
N LYS D 142 6.63 49.37 -59.21
CA LYS D 142 6.99 49.20 -60.64
C LYS D 142 6.07 48.18 -61.31
N ASN D 143 5.19 47.52 -60.54
CA ASN D 143 4.20 46.56 -61.09
C ASN D 143 4.95 45.41 -61.78
N GLU D 144 5.98 44.84 -61.13
CA GLU D 144 6.76 43.73 -61.70
C GLU D 144 7.38 42.95 -60.53
N TRP D 145 7.78 41.70 -60.78
CA TRP D 145 8.61 40.94 -59.80
C TRP D 145 9.92 41.70 -59.54
N LYS D 146 10.39 41.78 -58.30
CA LYS D 146 11.70 42.42 -57.96
C LYS D 146 12.87 41.68 -58.62
N THR E 7 53.38 3.59 -18.99
CA THR E 7 54.31 4.33 -19.93
C THR E 7 54.70 3.50 -21.17
N ASP E 8 55.14 4.21 -22.21
CA ASP E 8 55.50 3.62 -23.53
C ASP E 8 56.65 2.62 -23.38
N GLU E 9 57.68 2.94 -22.60
CA GLU E 9 58.87 2.08 -22.40
C GLU E 9 58.45 0.78 -21.71
N GLU E 10 57.57 0.88 -20.70
CA GLU E 10 57.09 -0.29 -19.90
C GLU E 10 56.21 -1.20 -20.77
N PHE E 11 55.35 -0.60 -21.60
CA PHE E 11 54.53 -1.35 -22.58
C PHE E 11 55.48 -2.13 -23.51
N ASP E 12 56.45 -1.45 -24.09
CA ASP E 12 57.35 -2.06 -25.09
C ASP E 12 58.14 -3.19 -24.42
N ALA E 13 58.66 -2.95 -23.23
CA ALA E 13 59.47 -3.95 -22.48
C ALA E 13 58.63 -5.22 -22.20
N ARG E 14 57.36 -5.08 -21.82
CA ARG E 14 56.43 -6.22 -21.51
C ARG E 14 56.29 -7.07 -22.77
N TRP E 15 56.15 -6.43 -23.92
CA TRP E 15 55.95 -7.11 -25.21
C TRP E 15 57.26 -7.77 -25.70
N VAL E 16 58.40 -7.11 -25.56
CA VAL E 16 59.72 -7.74 -25.85
C VAL E 16 59.86 -9.02 -24.97
N THR E 17 59.56 -8.93 -23.68
CA THR E 17 59.69 -10.05 -22.72
C THR E 17 58.77 -11.19 -23.20
N TYR E 18 57.54 -10.85 -23.59
CA TYR E 18 56.54 -11.83 -24.06
C TYR E 18 57.14 -12.67 -25.19
N PHE E 19 57.64 -12.01 -26.24
CA PHE E 19 58.10 -12.73 -27.45
C PHE E 19 59.46 -13.39 -27.22
N ASN E 20 60.27 -12.87 -26.27
CA ASN E 20 61.62 -13.42 -25.96
C ASN E 20 61.56 -14.71 -25.14
N LYS E 21 60.41 -15.12 -24.62
CA LYS E 21 60.33 -16.37 -23.80
C LYS E 21 60.89 -17.53 -24.62
N PRO E 22 61.99 -18.19 -24.19
CA PRO E 22 62.64 -19.17 -25.09
C PRO E 22 61.67 -20.26 -25.62
N ASP E 23 60.84 -20.82 -24.74
CA ASP E 23 59.90 -21.93 -25.10
C ASP E 23 58.51 -21.39 -25.45
N ILE E 24 58.39 -20.15 -25.88
CA ILE E 24 57.10 -19.64 -26.42
C ILE E 24 56.56 -20.68 -27.42
N ASP E 25 55.27 -21.02 -27.33
CA ASP E 25 54.65 -21.97 -28.28
C ASP E 25 53.88 -21.21 -29.38
N ALA E 26 53.50 -21.93 -30.43
CA ALA E 26 52.84 -21.42 -31.63
C ALA E 26 51.60 -20.64 -31.19
N TRP E 27 50.81 -21.20 -30.26
CA TRP E 27 49.58 -20.53 -29.78
C TRP E 27 49.93 -19.15 -29.22
N GLU E 28 50.95 -19.07 -28.38
CA GLU E 28 51.39 -17.81 -27.73
C GLU E 28 51.88 -16.81 -28.78
N LEU E 29 52.61 -17.26 -29.79
CA LEU E 29 53.08 -16.34 -30.84
C LEU E 29 51.85 -15.68 -31.50
N ARG E 30 50.90 -16.51 -31.91
CA ARG E 30 49.68 -16.02 -32.60
C ARG E 30 48.91 -15.06 -31.67
N LYS E 31 48.68 -15.48 -30.43
CA LYS E 31 47.93 -14.73 -29.42
C LYS E 31 48.59 -13.37 -29.25
N GLY E 32 49.90 -13.35 -29.15
CA GLY E 32 50.63 -12.09 -28.99
C GLY E 32 50.40 -11.18 -30.18
N MET E 33 50.65 -11.67 -31.39
CA MET E 33 50.55 -10.79 -32.59
C MET E 33 49.09 -10.37 -32.80
N ASN E 34 48.13 -11.29 -32.62
CA ASN E 34 46.70 -10.98 -32.87
C ASN E 34 46.22 -9.96 -31.83
N THR E 35 46.75 -9.98 -30.62
CA THR E 35 46.39 -9.04 -29.54
C THR E 35 47.06 -7.69 -29.84
N LEU E 36 48.35 -7.73 -30.18
CA LEU E 36 49.12 -6.49 -30.34
C LEU E 36 48.51 -5.63 -31.46
N VAL E 37 48.03 -6.22 -32.55
CA VAL E 37 47.56 -5.39 -33.67
C VAL E 37 46.20 -4.76 -33.33
N GLY E 38 45.61 -5.06 -32.19
CA GLY E 38 44.36 -4.38 -31.75
C GLY E 38 44.61 -2.99 -31.18
N TYR E 39 45.85 -2.69 -30.83
CA TYR E 39 46.21 -1.41 -30.16
C TYR E 39 46.37 -0.29 -31.19
N ASP E 40 46.26 0.95 -30.70
CA ASP E 40 46.44 2.17 -31.54
C ASP E 40 47.91 2.50 -31.61
N LEU E 41 48.65 1.66 -32.30
CA LEU E 41 50.11 1.84 -32.48
C LEU E 41 50.63 0.87 -33.55
N VAL E 42 51.70 1.28 -34.21
CA VAL E 42 52.54 0.34 -34.97
C VAL E 42 53.62 -0.13 -34.02
N PRO E 43 53.81 -1.44 -33.77
CA PRO E 43 54.81 -1.86 -32.78
C PRO E 43 56.22 -1.35 -33.10
N GLU E 44 56.94 -1.00 -32.07
CA GLU E 44 58.37 -0.60 -32.12
C GLU E 44 59.18 -1.73 -32.74
N PRO E 45 60.21 -1.38 -33.54
CA PRO E 45 61.11 -2.40 -34.08
C PRO E 45 61.59 -3.43 -33.05
N LYS E 46 61.85 -3.02 -31.81
CA LYS E 46 62.41 -3.98 -30.79
C LYS E 46 61.32 -5.02 -30.47
N ILE E 47 60.04 -4.68 -30.56
CA ILE E 47 58.99 -5.73 -30.34
C ILE E 47 58.97 -6.67 -31.54
N ILE E 48 59.01 -6.10 -32.76
CA ILE E 48 58.93 -6.91 -34.00
C ILE E 48 60.16 -7.83 -34.02
N ASP E 49 61.32 -7.32 -33.65
CA ASP E 49 62.59 -8.12 -33.60
C ASP E 49 62.37 -9.35 -32.74
N ALA E 50 61.85 -9.18 -31.53
CA ALA E 50 61.58 -10.28 -30.59
C ALA E 50 60.56 -11.26 -31.20
N ALA E 51 59.51 -10.79 -31.85
CA ALA E 51 58.49 -11.65 -32.48
C ALA E 51 59.14 -12.46 -33.61
N LEU E 52 59.99 -11.84 -34.42
CA LEU E 52 60.64 -12.52 -35.56
C LEU E 52 61.56 -13.62 -35.01
N ARG E 53 62.27 -13.34 -33.93
CA ARG E 53 63.15 -14.37 -33.33
C ARG E 53 62.33 -15.49 -32.68
N ALA E 54 61.14 -15.19 -32.16
CA ALA E 54 60.23 -16.26 -31.73
C ALA E 54 59.85 -17.12 -32.96
N CYS E 55 59.56 -16.50 -34.12
CA CYS E 55 59.23 -17.26 -35.34
C CYS E 55 60.41 -18.21 -35.64
N ARG E 56 61.63 -17.74 -35.45
CA ARG E 56 62.82 -18.59 -35.75
C ARG E 56 62.87 -19.79 -34.79
N ARG E 57 62.63 -19.58 -33.50
CA ARG E 57 62.63 -20.69 -32.51
C ARG E 57 61.51 -21.67 -32.85
N LEU E 58 60.42 -21.19 -33.46
CA LEU E 58 59.26 -22.03 -33.81
C LEU E 58 59.39 -22.56 -35.25
N ASN E 59 60.51 -22.36 -35.93
CA ASN E 59 60.75 -22.88 -37.31
C ASN E 59 59.63 -22.44 -38.25
N ASP E 60 59.19 -21.19 -38.12
CA ASP E 60 58.00 -20.69 -38.87
C ASP E 60 58.41 -19.45 -39.67
N PHE E 61 58.94 -19.69 -40.87
CA PHE E 61 59.37 -18.62 -41.80
C PHE E 61 58.13 -17.80 -42.22
N ALA E 62 57.02 -18.47 -42.52
CA ALA E 62 55.88 -17.77 -43.14
C ALA E 62 55.33 -16.72 -42.17
N SER E 63 55.24 -17.07 -40.88
CA SER E 63 54.67 -16.14 -39.85
C SER E 63 55.58 -14.92 -39.76
N ALA E 64 56.89 -15.09 -39.94
CA ALA E 64 57.81 -13.93 -39.88
C ALA E 64 57.45 -12.94 -41.00
N VAL E 65 57.18 -13.45 -42.19
CA VAL E 65 56.81 -12.58 -43.34
C VAL E 65 55.46 -11.88 -43.04
N ARG E 66 54.49 -12.62 -42.49
CA ARG E 66 53.13 -12.09 -42.22
C ARG E 66 53.22 -10.97 -41.18
N ILE E 67 54.12 -11.12 -40.20
CA ILE E 67 54.38 -10.08 -39.17
C ILE E 67 54.83 -8.79 -39.88
N LEU E 68 55.73 -8.89 -40.84
CA LEU E 68 56.17 -7.66 -41.56
C LEU E 68 54.98 -7.06 -42.30
N GLU E 69 54.12 -7.90 -42.87
CA GLU E 69 52.95 -7.37 -43.62
C GLU E 69 52.05 -6.60 -42.65
N VAL E 70 51.87 -7.11 -41.45
CA VAL E 70 50.88 -6.49 -40.56
C VAL E 70 51.45 -5.19 -40.01
N VAL E 71 52.76 -5.05 -39.91
CA VAL E 71 53.40 -3.76 -39.57
C VAL E 71 52.99 -2.71 -40.61
N LYS E 72 53.15 -3.04 -41.88
CA LYS E 72 52.77 -2.13 -42.97
C LYS E 72 51.28 -1.81 -42.83
N ASP E 73 50.46 -2.80 -42.57
CA ASP E 73 49.00 -2.58 -42.54
C ASP E 73 48.61 -1.64 -41.39
N LYS E 74 49.17 -1.84 -40.21
CA LYS E 74 48.87 -1.02 -39.01
C LYS E 74 49.25 0.46 -39.20
N ALA E 75 50.15 0.80 -40.11
CA ALA E 75 50.56 2.20 -40.41
C ALA E 75 49.47 2.92 -41.22
N GLY E 76 48.53 2.19 -41.81
CA GLY E 76 47.49 2.83 -42.62
C GLY E 76 48.11 3.75 -43.67
N PRO E 77 47.69 5.02 -43.75
CA PRO E 77 48.16 5.90 -44.83
C PRO E 77 49.54 6.52 -44.55
N HIS E 78 50.11 6.24 -43.37
CA HIS E 78 51.43 6.79 -42.96
C HIS E 78 52.51 5.93 -43.63
N LYS E 79 52.79 6.22 -44.90
CA LYS E 79 53.69 5.43 -45.79
C LYS E 79 55.14 5.45 -45.31
N GLU E 80 55.53 6.34 -44.39
CA GLU E 80 56.92 6.49 -43.90
C GLU E 80 57.23 5.43 -42.84
N ILE E 81 56.25 4.83 -42.18
CA ILE E 81 56.51 3.98 -40.99
C ILE E 81 57.13 2.65 -41.42
N TYR E 82 56.51 1.95 -42.36
CA TYR E 82 57.00 0.60 -42.75
C TYR E 82 58.46 0.66 -43.20
N PRO E 83 58.84 1.54 -44.17
CA PRO E 83 60.24 1.57 -44.61
C PRO E 83 61.20 1.83 -43.43
N TYR E 84 60.78 2.68 -42.49
CA TYR E 84 61.60 2.95 -41.27
C TYR E 84 61.78 1.66 -40.48
N VAL E 85 60.70 0.94 -40.23
CA VAL E 85 60.78 -0.29 -39.40
C VAL E 85 61.70 -1.31 -40.12
N ILE E 86 61.54 -1.48 -41.42
CA ILE E 86 62.38 -2.45 -42.20
C ILE E 86 63.86 -2.02 -42.06
N GLN E 87 64.14 -0.73 -42.22
CA GLN E 87 65.50 -0.20 -42.05
C GLN E 87 66.04 -0.68 -40.71
N GLU E 88 65.28 -0.47 -39.63
CA GLU E 88 65.74 -0.78 -38.26
C GLU E 88 65.91 -2.30 -38.09
N LEU E 89 65.15 -3.08 -38.84
CA LEU E 89 65.17 -4.57 -38.72
C LEU E 89 66.24 -5.20 -39.61
N ARG E 90 66.85 -4.45 -40.54
CA ARG E 90 67.74 -5.04 -41.57
C ARG E 90 68.74 -5.99 -40.91
N PRO E 91 69.41 -5.61 -39.80
CA PRO E 91 70.41 -6.52 -39.23
C PRO E 91 69.79 -7.87 -38.81
N THR E 92 68.59 -7.86 -38.22
CA THR E 92 67.85 -9.09 -37.85
C THR E 92 67.43 -9.86 -39.12
N LEU E 93 66.89 -9.18 -40.12
CA LEU E 93 66.45 -9.86 -41.37
C LEU E 93 67.64 -10.59 -41.99
N ASN E 94 68.79 -9.94 -42.04
CA ASN E 94 70.04 -10.50 -42.64
C ASN E 94 70.51 -11.69 -41.79
N GLU E 95 70.53 -11.54 -40.47
CA GLU E 95 71.01 -12.62 -39.56
C GLU E 95 70.11 -13.86 -39.70
N LEU E 96 68.80 -13.67 -39.77
CA LEU E 96 67.83 -14.81 -39.78
C LEU E 96 67.42 -15.25 -41.18
N GLY E 97 67.85 -14.51 -42.22
CA GLY E 97 67.49 -14.83 -43.60
C GLY E 97 66.00 -14.63 -43.86
N ILE E 98 65.40 -13.63 -43.21
CA ILE E 98 63.98 -13.29 -43.45
C ILE E 98 63.92 -12.37 -44.67
N SER E 99 63.28 -12.82 -45.74
CA SER E 99 62.98 -11.96 -46.91
C SER E 99 61.74 -11.10 -46.59
N THR E 100 61.75 -9.84 -47.02
CA THR E 100 60.57 -8.96 -46.92
C THR E 100 59.46 -9.45 -47.84
N PRO E 101 58.20 -9.07 -47.55
CA PRO E 101 57.11 -9.33 -48.50
C PRO E 101 57.44 -8.77 -49.90
N GLU E 102 58.08 -7.60 -49.95
CA GLU E 102 58.47 -6.98 -51.23
C GLU E 102 59.49 -7.89 -51.97
N GLU E 103 60.48 -8.40 -51.26
CA GLU E 103 61.50 -9.30 -51.85
C GLU E 103 60.86 -10.60 -52.34
N LEU E 104 59.72 -11.00 -51.77
CA LEU E 104 59.03 -12.24 -52.19
C LEU E 104 57.94 -11.95 -53.23
N GLY E 105 57.71 -10.69 -53.57
CA GLY E 105 56.66 -10.34 -54.54
C GLY E 105 55.26 -10.41 -53.92
N LEU E 106 55.15 -10.51 -52.60
CA LEU E 106 53.85 -10.67 -51.90
C LEU E 106 53.18 -9.30 -51.65
N ASP E 107 53.78 -8.21 -52.13
CA ASP E 107 53.14 -6.88 -52.14
C ASP E 107 52.31 -6.64 -53.42
N LYS E 108 52.22 -7.59 -54.35
CA LYS E 108 51.52 -7.37 -55.65
C LYS E 108 50.00 -7.69 -55.47
N GLY F 3 -2.54 -35.69 11.54
CA GLY F 3 -3.37 -35.33 10.40
C GLY F 3 -2.49 -35.22 9.16
N GLY F 4 -2.50 -36.31 8.34
CA GLY F 4 -1.61 -36.69 7.21
C GLY F 4 -2.32 -36.83 5.85
N GLY F 5 -1.83 -37.68 4.93
CA GLY F 5 -2.56 -37.99 3.67
C GLY F 5 -2.08 -37.18 2.46
N VAL F 6 -1.09 -36.29 2.62
CA VAL F 6 -0.48 -35.56 1.49
C VAL F 6 0.82 -36.26 1.11
N PRO F 7 0.99 -36.67 -0.15
CA PRO F 7 2.23 -37.32 -0.55
C PRO F 7 3.42 -36.35 -0.44
N THR F 8 4.61 -36.91 -0.29
CA THR F 8 5.89 -36.16 -0.33
C THR F 8 6.53 -36.28 -1.73
N ASP F 9 7.43 -35.37 -2.04
CA ASP F 9 8.29 -35.50 -3.24
C ASP F 9 9.03 -36.86 -3.22
N GLU F 10 9.52 -37.28 -2.06
CA GLU F 10 10.23 -38.58 -1.92
C GLU F 10 9.31 -39.71 -2.40
N GLU F 11 8.03 -39.67 -2.03
CA GLU F 11 7.04 -40.72 -2.41
C GLU F 11 6.66 -40.60 -3.88
N GLN F 12 6.49 -39.39 -4.41
CA GLN F 12 5.65 -39.22 -5.63
C GLN F 12 6.36 -38.48 -6.78
N ALA F 13 7.45 -37.75 -6.54
CA ALA F 13 8.19 -37.09 -7.64
C ALA F 13 8.63 -38.19 -8.63
N THR F 14 8.63 -37.87 -9.91
CA THR F 14 8.91 -38.85 -10.98
C THR F 14 9.76 -38.18 -12.07
N GLY F 15 10.15 -38.96 -13.06
CA GLY F 15 10.79 -38.41 -14.27
C GLY F 15 12.00 -37.54 -13.93
N LEU F 16 12.17 -36.47 -14.69
CA LEU F 16 13.37 -35.62 -14.57
C LEU F 16 13.36 -34.92 -13.21
N GLU F 17 12.18 -34.51 -12.72
CA GLU F 17 12.09 -33.88 -11.38
C GLU F 17 12.76 -34.80 -10.34
N ARG F 18 12.37 -36.07 -10.36
CA ARG F 18 12.94 -37.05 -9.40
C ARG F 18 14.46 -37.20 -9.62
N GLU F 19 14.91 -37.28 -10.86
CA GLU F 19 16.36 -37.45 -11.15
C GLU F 19 17.14 -36.25 -10.55
N VAL F 20 16.61 -35.02 -10.70
CA VAL F 20 17.29 -33.81 -10.16
C VAL F 20 17.34 -33.90 -8.63
N MET F 21 16.22 -34.31 -8.02
N MET F 21 16.23 -34.29 -7.98
CA MET F 21 16.03 -34.41 -6.57
CA MET F 21 16.17 -34.34 -6.50
C MET F 21 17.07 -35.39 -6.00
C MET F 21 17.17 -35.39 -6.00
N LEU F 22 17.20 -36.56 -6.63
CA LEU F 22 18.07 -37.67 -6.13
C LEU F 22 19.55 -37.28 -6.35
N ALA F 23 19.90 -36.72 -7.50
CA ALA F 23 21.28 -36.25 -7.73
C ALA F 23 21.66 -35.15 -6.70
N ALA F 24 20.79 -34.19 -6.39
CA ALA F 24 21.10 -33.10 -5.43
C ALA F 24 21.40 -33.67 -4.04
N ARG F 25 20.66 -34.67 -3.58
CA ARG F 25 20.93 -35.36 -2.28
C ARG F 25 22.38 -35.87 -2.26
N LYS F 26 22.94 -36.21 -3.43
CA LYS F 26 24.30 -36.83 -3.54
C LYS F 26 25.36 -35.77 -3.86
N GLY F 27 24.99 -34.49 -3.86
CA GLY F 27 25.89 -33.39 -4.23
C GLY F 27 26.25 -33.42 -5.71
N GLN F 28 25.41 -33.98 -6.58
CA GLN F 28 25.78 -34.14 -8.02
C GLN F 28 24.88 -33.23 -8.86
N ASP F 29 25.35 -32.82 -10.03
CA ASP F 29 24.66 -31.82 -10.87
C ASP F 29 24.64 -32.26 -12.33
N PRO F 30 24.02 -33.42 -12.65
CA PRO F 30 23.98 -33.93 -14.03
C PRO F 30 23.18 -33.03 -14.98
N TYR F 31 22.31 -32.18 -14.44
CA TYR F 31 21.45 -31.33 -15.30
C TYR F 31 21.86 -29.86 -15.22
N ASN F 32 23.09 -29.58 -14.78
CA ASN F 32 23.73 -28.27 -15.05
C ASN F 32 22.91 -27.13 -14.42
N ILE F 33 22.47 -27.33 -13.19
CA ILE F 33 21.67 -26.33 -12.45
C ILE F 33 22.62 -25.32 -11.82
N LEU F 34 23.84 -25.72 -11.48
CA LEU F 34 24.79 -24.88 -10.74
C LEU F 34 25.87 -24.37 -11.69
N ALA F 35 26.40 -23.19 -11.36
CA ALA F 35 27.57 -22.63 -12.04
C ALA F 35 28.79 -23.38 -11.51
N PRO F 36 29.65 -23.93 -12.37
CA PRO F 36 30.91 -24.53 -11.90
C PRO F 36 31.88 -23.44 -11.42
N LYS F 37 32.69 -23.81 -10.43
CA LYS F 37 33.75 -22.96 -9.81
C LYS F 37 35.02 -23.16 -10.62
N ALA F 38 35.69 -22.10 -11.05
CA ALA F 38 36.94 -22.15 -11.86
C ALA F 38 38.07 -22.76 -11.02
N THR F 39 38.99 -23.44 -11.66
CA THR F 39 40.34 -23.74 -11.11
C THR F 39 41.26 -22.55 -11.42
N SER F 40 42.55 -22.70 -11.19
CA SER F 40 43.54 -21.63 -11.56
C SER F 40 43.66 -21.53 -13.10
N GLY F 41 43.21 -22.55 -13.82
CA GLY F 41 43.16 -22.57 -15.29
C GLY F 41 44.52 -22.62 -15.95
N THR F 42 45.56 -23.09 -15.26
CA THR F 42 46.90 -23.30 -15.88
C THR F 42 46.89 -24.58 -16.72
N LYS F 43 47.94 -24.84 -17.51
CA LYS F 43 48.04 -26.12 -18.26
C LYS F 43 48.09 -27.28 -17.24
N GLU F 44 48.64 -27.08 -16.05
CA GLU F 44 48.76 -28.16 -15.03
C GLU F 44 47.43 -28.29 -14.30
N ASP F 45 46.61 -27.25 -14.27
CA ASP F 45 45.36 -27.23 -13.47
C ASP F 45 44.21 -26.69 -14.31
N PRO F 46 43.88 -27.35 -15.46
CA PRO F 46 42.85 -26.83 -16.35
C PRO F 46 41.44 -26.96 -15.77
N ASN F 47 40.57 -26.01 -16.16
CA ASN F 47 39.11 -26.13 -15.92
C ASN F 47 38.62 -27.44 -16.55
N LEU F 48 37.99 -28.28 -15.74
CA LEU F 48 37.52 -29.59 -16.21
C LEU F 48 36.06 -29.43 -16.62
N VAL F 49 35.79 -29.67 -17.91
CA VAL F 49 34.45 -29.48 -18.52
C VAL F 49 33.81 -30.84 -18.83
N PRO F 50 32.80 -31.26 -18.03
CA PRO F 50 32.08 -32.49 -18.31
C PRO F 50 31.30 -32.37 -19.61
N SER F 51 31.21 -33.46 -20.33
CA SER F 51 30.35 -33.55 -21.52
C SER F 51 29.81 -34.97 -21.66
N ILE F 52 28.62 -35.12 -22.26
CA ILE F 52 28.07 -36.44 -22.68
C ILE F 52 28.47 -36.71 -24.12
N THR F 53 29.22 -35.82 -24.73
CA THR F 53 29.67 -36.00 -26.13
C THR F 53 31.14 -35.56 -26.22
N ASN F 54 31.67 -35.41 -27.43
CA ASN F 54 33.14 -35.16 -27.61
C ASN F 54 33.42 -33.67 -27.86
N LYS F 55 32.42 -32.80 -27.69
CA LYS F 55 32.69 -31.36 -27.71
C LYS F 55 31.54 -30.65 -26.96
N ARG F 56 31.86 -29.50 -26.37
CA ARG F 56 30.88 -28.70 -25.63
C ARG F 56 31.26 -27.24 -25.82
N ILE F 57 30.26 -26.37 -25.88
CA ILE F 57 30.55 -24.91 -25.92
C ILE F 57 30.93 -24.42 -24.51
N VAL F 58 32.04 -23.71 -24.44
CA VAL F 58 32.49 -22.98 -23.26
C VAL F 58 32.22 -21.51 -23.49
N GLY F 59 31.70 -20.85 -22.47
CA GLY F 59 31.81 -19.39 -22.41
C GLY F 59 32.74 -18.99 -21.30
N CYS F 60 33.69 -18.12 -21.62
CA CYS F 60 34.69 -17.62 -20.66
C CYS F 60 34.42 -16.15 -20.37
N ILE F 61 34.08 -15.90 -19.12
CA ILE F 61 34.05 -14.55 -18.50
C ILE F 61 35.46 -14.28 -17.98
N CYS F 62 36.29 -13.64 -18.79
CA CYS F 62 37.77 -13.70 -18.59
C CYS F 62 38.15 -13.02 -17.27
N GLU F 63 37.49 -11.91 -16.98
CA GLU F 63 37.67 -11.14 -15.72
C GLU F 63 36.29 -10.91 -15.12
N GLU F 64 36.28 -10.83 -13.79
CA GLU F 64 35.08 -10.59 -13.00
C GLU F 64 34.40 -9.35 -13.58
N ASP F 65 33.13 -9.43 -13.81
CA ASP F 65 32.39 -8.21 -14.24
C ASP F 65 32.60 -7.84 -15.72
N ASN F 66 33.42 -8.54 -16.49
CA ASN F 66 33.36 -8.40 -17.97
C ASN F 66 31.91 -8.60 -18.43
N SER F 67 31.40 -7.73 -19.31
CA SER F 67 30.08 -7.92 -19.93
C SER F 67 30.20 -8.86 -21.15
N THR F 68 31.37 -8.94 -21.75
CA THR F 68 31.63 -9.73 -22.97
C THR F 68 31.98 -11.17 -22.56
N VAL F 69 31.23 -12.13 -23.04
CA VAL F 69 31.54 -13.58 -22.83
C VAL F 69 32.19 -14.08 -24.13
N ILE F 70 33.27 -14.86 -23.99
CA ILE F 70 33.99 -15.42 -25.15
C ILE F 70 33.58 -16.88 -25.28
N TRP F 71 33.02 -17.23 -26.44
CA TRP F 71 32.40 -18.54 -26.69
C TRP F 71 33.24 -19.35 -27.67
N PHE F 72 33.42 -20.64 -27.38
CA PHE F 72 34.16 -21.52 -28.33
C PHE F 72 33.79 -22.97 -28.03
N TRP F 73 33.92 -23.82 -29.04
CA TRP F 73 33.79 -25.28 -28.87
C TRP F 73 35.06 -25.83 -28.25
N LEU F 74 34.90 -26.55 -27.14
CA LEU F 74 35.98 -27.33 -26.55
C LEU F 74 35.84 -28.78 -27.00
N HIS F 75 36.91 -29.31 -27.60
CA HIS F 75 36.97 -30.66 -28.20
C HIS F 75 37.68 -31.61 -27.24
N LYS F 76 37.27 -32.87 -27.22
CA LYS F 76 38.03 -33.97 -26.54
C LYS F 76 39.47 -33.93 -27.01
N GLY F 77 40.40 -34.10 -26.07
CA GLY F 77 41.85 -34.24 -26.32
C GLY F 77 42.61 -33.18 -25.53
N GLU F 78 43.70 -32.68 -26.12
CA GLU F 78 44.57 -31.72 -25.39
C GLU F 78 43.75 -30.49 -24.95
N ALA F 79 44.05 -29.95 -23.75
CA ALA F 79 43.47 -28.70 -23.22
C ALA F 79 43.54 -27.61 -24.29
N GLN F 80 42.49 -26.82 -24.38
CA GLN F 80 42.46 -25.64 -25.24
C GLN F 80 42.42 -24.41 -24.35
N ARG F 81 42.71 -23.27 -24.96
CA ARG F 81 42.86 -21.98 -24.24
C ARG F 81 41.77 -21.01 -24.73
N CYS F 82 41.22 -20.25 -23.82
CA CYS F 82 40.34 -19.12 -24.18
C CYS F 82 41.10 -18.20 -25.13
N PRO F 83 40.55 -17.87 -26.31
CA PRO F 83 41.27 -17.02 -27.25
C PRO F 83 41.43 -15.56 -26.80
N SER F 84 40.79 -15.17 -25.71
CA SER F 84 40.93 -13.80 -25.14
C SER F 84 41.92 -13.82 -23.99
N CYS F 85 41.77 -14.69 -22.98
CA CYS F 85 42.63 -14.59 -21.75
C CYS F 85 43.63 -15.76 -21.65
N GLY F 86 43.53 -16.79 -22.49
CA GLY F 86 44.41 -17.96 -22.46
C GLY F 86 44.14 -19.00 -21.36
N THR F 87 43.08 -18.84 -20.57
N THR F 87 43.14 -18.83 -20.50
CA THR F 87 42.62 -19.79 -19.52
CA THR F 87 42.89 -19.84 -19.46
C THR F 87 42.45 -21.18 -20.16
C THR F 87 42.56 -21.16 -20.15
N HIS F 88 42.97 -22.23 -19.50
CA HIS F 88 42.93 -23.60 -20.03
C HIS F 88 41.63 -24.30 -19.61
N TYR F 89 41.07 -25.03 -20.56
CA TYR F 89 39.88 -25.87 -20.40
C TYR F 89 40.21 -27.24 -20.99
N LYS F 90 39.74 -28.28 -20.33
CA LYS F 90 39.94 -29.68 -20.80
C LYS F 90 38.60 -30.42 -20.71
N LEU F 91 38.21 -31.07 -21.78
CA LEU F 91 36.94 -31.83 -21.82
C LEU F 91 37.12 -33.16 -21.06
N VAL F 92 36.15 -33.46 -20.21
CA VAL F 92 36.08 -34.75 -19.48
C VAL F 92 34.78 -35.43 -19.93
N PRO F 93 34.78 -36.17 -21.05
CA PRO F 93 33.52 -36.76 -21.55
C PRO F 93 32.92 -37.80 -20.56
N GLY G 12 1.63 -21.10 10.87
CA GLY G 12 1.18 -22.41 11.00
C GLY G 12 -0.27 -22.52 10.49
N ALA G 13 -0.64 -23.69 10.04
CA ALA G 13 -2.03 -24.03 9.70
C ALA G 13 -2.97 -23.81 10.90
N ARG G 14 -2.51 -24.16 12.09
CA ARG G 14 -3.36 -24.01 13.29
C ARG G 14 -3.76 -22.53 13.47
N THR G 15 -2.80 -21.63 13.31
CA THR G 15 -3.07 -20.18 13.49
C THR G 15 -4.04 -19.68 12.40
N TRP G 16 -3.85 -20.07 11.15
CA TRP G 16 -4.71 -19.59 10.05
C TRP G 16 -6.12 -20.20 10.17
N ARG G 17 -6.25 -21.40 10.71
CA ARG G 17 -7.60 -21.94 10.99
C ARG G 17 -8.24 -21.13 12.13
N PHE G 18 -7.48 -20.84 13.19
CA PHE G 18 -7.98 -20.03 14.31
C PHE G 18 -8.50 -18.69 13.74
N LEU G 19 -7.76 -18.07 12.83
CA LEU G 19 -8.19 -16.78 12.22
C LEU G 19 -9.43 -16.98 11.34
N THR G 20 -9.48 -18.09 10.61
CA THR G 20 -10.63 -18.39 9.74
C THR G 20 -11.90 -18.45 10.61
N PHE G 21 -11.90 -19.27 11.66
CA PHE G 21 -13.12 -19.54 12.45
C PHE G 21 -13.30 -18.49 13.55
N GLY G 22 -12.25 -17.84 14.04
CA GLY G 22 -12.35 -16.96 15.22
C GLY G 22 -12.55 -15.49 14.83
N LEU G 23 -12.20 -15.10 13.60
CA LEU G 23 -12.28 -13.69 13.13
C LEU G 23 -13.01 -13.60 11.80
N ALA G 24 -12.56 -14.31 10.78
CA ALA G 24 -13.03 -14.14 9.39
C ALA G 24 -14.50 -14.57 9.28
N LEU G 25 -14.83 -15.82 9.63
CA LEU G 25 -16.23 -16.24 9.49
C LEU G 25 -17.16 -15.50 10.46
N PRO G 26 -16.78 -15.20 11.72
CA PRO G 26 -17.62 -14.35 12.56
C PRO G 26 -17.91 -12.96 11.95
N SER G 27 -16.94 -12.38 11.23
CA SER G 27 -17.10 -11.11 10.48
C SER G 27 -18.20 -11.28 9.43
N VAL G 28 -18.13 -12.36 8.66
CA VAL G 28 -19.09 -12.59 7.57
C VAL G 28 -20.46 -12.76 8.21
N ALA G 29 -20.53 -13.47 9.33
CA ALA G 29 -21.82 -13.67 10.03
C ALA G 29 -22.39 -12.32 10.51
N LEU G 30 -21.56 -11.46 11.13
CA LEU G 30 -22.01 -10.11 11.56
C LEU G 30 -22.48 -9.28 10.33
N CYS G 31 -21.74 -9.30 9.22
CA CYS G 31 -22.13 -8.47 8.06
C CYS G 31 -23.38 -9.04 7.39
N THR G 32 -23.56 -10.37 7.46
CA THR G 32 -24.75 -11.08 6.91
C THR G 32 -25.97 -10.60 7.71
N LEU G 33 -25.85 -10.53 9.05
CA LEU G 33 -26.92 -10.00 9.95
C LEU G 33 -27.28 -8.57 9.55
N ASN G 34 -26.25 -7.71 9.52
CA ASN G 34 -26.37 -6.29 9.12
C ASN G 34 -27.14 -6.19 7.79
N SER G 35 -26.75 -6.95 6.77
CA SER G 35 -27.44 -6.91 5.44
C SER G 35 -28.87 -7.39 5.60
N TRP G 36 -29.02 -8.53 6.27
CA TRP G 36 -30.32 -9.18 6.56
C TRP G 36 -31.28 -8.12 7.11
N LEU G 37 -30.82 -7.37 8.10
CA LEU G 37 -31.68 -6.44 8.87
C LEU G 37 -32.09 -5.28 7.96
N HIS G 38 -31.25 -4.80 7.06
CA HIS G 38 -31.49 -3.58 6.24
C HIS G 38 -32.04 -3.94 4.86
N SER G 39 -32.42 -5.19 4.61
CA SER G 39 -32.99 -5.61 3.31
C SER G 39 -34.47 -5.20 3.31
N GLY G 40 -35.28 -5.73 2.40
CA GLY G 40 -36.65 -5.25 2.20
C GLY G 40 -36.63 -4.01 1.31
N HIS G 41 -37.46 -4.01 0.27
CA HIS G 41 -37.45 -3.04 -0.87
C HIS G 41 -37.75 -1.63 -0.35
N ARG G 42 -36.95 -0.64 -0.77
CA ARG G 42 -37.20 0.81 -0.55
C ARG G 42 -38.08 1.31 -1.71
N GLU G 43 -38.97 2.27 -1.50
CA GLU G 43 -39.91 2.80 -2.53
C GLU G 43 -39.09 3.34 -3.71
N ARG G 44 -39.51 3.10 -4.94
CA ARG G 44 -38.79 3.63 -6.12
C ARG G 44 -39.08 5.11 -6.29
N PRO G 45 -38.09 5.88 -6.80
CA PRO G 45 -38.26 7.32 -7.04
C PRO G 45 -39.16 7.60 -8.26
N ALA G 46 -39.90 8.73 -8.19
CA ALA G 46 -40.58 9.34 -9.33
C ALA G 46 -39.67 9.19 -10.57
N PHE G 47 -40.28 8.78 -11.66
CA PHE G 47 -39.58 8.70 -12.95
C PHE G 47 -39.42 10.12 -13.48
N ILE G 48 -38.24 10.46 -13.93
CA ILE G 48 -37.90 11.72 -14.62
C ILE G 48 -37.07 11.33 -15.83
N PRO G 49 -37.51 11.68 -17.06
CA PRO G 49 -36.79 11.25 -18.29
C PRO G 49 -35.50 12.05 -18.60
N TYR G 50 -34.60 12.07 -17.62
CA TYR G 50 -33.25 12.65 -17.75
C TYR G 50 -32.55 12.07 -18.98
N HIS G 51 -31.91 12.96 -19.74
CA HIS G 51 -31.29 12.68 -21.06
C HIS G 51 -29.92 12.02 -20.84
N HIS G 52 -29.35 12.08 -19.63
CA HIS G 52 -28.04 11.45 -19.35
C HIS G 52 -28.22 10.01 -18.82
N LEU G 53 -29.46 9.55 -18.72
CA LEU G 53 -29.82 8.21 -18.19
C LEU G 53 -30.66 7.46 -19.25
N ARG G 54 -30.80 6.15 -19.10
CA ARG G 54 -31.58 5.32 -20.05
C ARG G 54 -31.08 5.58 -21.47
N ILE G 55 -29.76 5.54 -21.61
CA ILE G 55 -29.09 5.83 -22.90
C ILE G 55 -29.46 4.74 -23.91
N ARG G 56 -29.83 5.16 -25.10
CA ARG G 56 -30.12 4.25 -26.26
C ARG G 56 -29.48 4.86 -27.51
N THR G 57 -28.25 4.49 -27.83
CA THR G 57 -27.58 4.89 -29.09
C THR G 57 -27.69 3.74 -30.09
N LYS G 58 -27.91 2.52 -29.61
CA LYS G 58 -28.07 1.34 -30.49
C LYS G 58 -28.94 0.38 -29.70
N PRO G 59 -29.88 -0.34 -30.35
CA PRO G 59 -30.66 -1.32 -29.62
C PRO G 59 -29.72 -2.39 -29.02
N PHE G 60 -30.04 -2.85 -27.81
CA PHE G 60 -29.40 -4.07 -27.25
C PHE G 60 -29.65 -5.26 -28.18
N SER G 61 -28.71 -6.20 -28.16
CA SER G 61 -28.67 -7.40 -29.04
C SER G 61 -29.47 -8.54 -28.43
N TRP G 62 -30.48 -8.26 -27.63
CA TRP G 62 -31.40 -9.29 -27.06
C TRP G 62 -32.77 -8.64 -26.86
N GLY G 63 -33.78 -9.47 -26.58
CA GLY G 63 -35.16 -9.06 -26.25
C GLY G 63 -35.68 -8.12 -27.31
N ASP G 64 -36.33 -7.04 -26.91
CA ASP G 64 -36.91 -6.07 -27.88
C ASP G 64 -35.89 -4.95 -28.18
N GLY G 65 -34.65 -5.07 -27.71
CA GLY G 65 -33.60 -4.05 -27.96
C GLY G 65 -33.64 -2.91 -26.94
N ASN G 66 -34.62 -2.89 -26.05
CA ASN G 66 -34.88 -1.70 -25.20
C ASN G 66 -34.79 -2.05 -23.70
N HIS G 67 -34.43 -3.29 -23.35
CA HIS G 67 -34.37 -3.79 -21.97
C HIS G 67 -32.92 -4.11 -21.67
N THR G 68 -32.41 -3.61 -20.55
CA THR G 68 -31.04 -3.94 -20.11
C THR G 68 -30.99 -5.43 -19.75
N PHE G 69 -29.79 -5.97 -19.68
CA PHE G 69 -29.53 -7.42 -19.53
C PHE G 69 -30.11 -7.99 -18.24
N PHE G 70 -30.08 -7.24 -17.15
N PHE G 70 -29.99 -7.26 -17.12
CA PHE G 70 -30.63 -7.71 -15.86
CA PHE G 70 -30.55 -7.61 -15.78
C PHE G 70 -31.70 -6.71 -15.46
C PHE G 70 -31.70 -6.65 -15.45
N HIS G 71 -32.51 -6.34 -16.45
CA HIS G 71 -33.70 -5.46 -16.27
C HIS G 71 -34.56 -5.97 -15.11
N ASN G 72 -34.87 -5.10 -14.16
CA ASN G 72 -35.79 -5.40 -13.04
C ASN G 72 -36.98 -4.47 -13.20
N PRO G 73 -38.17 -4.97 -13.59
CA PRO G 73 -39.33 -4.11 -13.84
C PRO G 73 -39.68 -3.20 -12.65
N ARG G 74 -39.40 -3.62 -11.43
CA ARG G 74 -39.80 -2.87 -10.20
C ARG G 74 -38.96 -1.59 -10.10
N VAL G 75 -37.69 -1.61 -10.50
CA VAL G 75 -36.80 -0.44 -10.20
C VAL G 75 -36.10 0.14 -11.43
N ASN G 76 -36.19 -0.49 -12.60
CA ASN G 76 -35.50 0.02 -13.82
C ASN G 76 -36.55 0.52 -14.79
N PRO G 77 -36.79 1.84 -14.87
CA PRO G 77 -37.69 2.36 -15.90
C PRO G 77 -37.03 2.24 -17.29
N LEU G 78 -37.86 2.12 -18.31
CA LEU G 78 -37.44 2.28 -19.72
C LEU G 78 -37.30 3.77 -20.01
N PRO G 79 -36.74 4.17 -21.18
CA PRO G 79 -36.72 5.59 -21.56
C PRO G 79 -38.07 6.30 -21.44
N THR G 80 -39.18 5.57 -21.60
CA THR G 80 -40.56 6.15 -21.55
C THR G 80 -41.18 6.01 -20.16
N GLY G 81 -40.47 5.44 -19.17
CA GLY G 81 -40.95 5.36 -17.78
C GLY G 81 -41.08 3.90 -17.31
N TYR G 82 -41.61 3.69 -16.11
CA TYR G 82 -41.77 2.34 -15.53
C TYR G 82 -42.75 1.55 -16.38
N GLU G 83 -42.49 0.27 -16.57
CA GLU G 83 -43.46 -0.65 -17.26
C GLU G 83 -44.80 -0.77 -16.53
N TYR H 11 -20.40 47.20 -21.45
CA TYR H 11 -20.19 45.72 -21.68
C TYR H 11 -19.78 45.52 -23.13
N GLN H 12 -18.57 44.98 -23.33
CA GLN H 12 -18.11 44.52 -24.66
C GLN H 12 -18.22 42.99 -24.69
N THR H 13 -17.50 42.29 -23.83
CA THR H 13 -17.63 40.81 -23.74
C THR H 13 -17.38 40.38 -22.29
N ALA H 14 -17.43 39.08 -22.06
CA ALA H 14 -17.22 38.49 -20.72
C ALA H 14 -15.78 38.73 -20.33
N PRO H 15 -15.48 39.32 -19.17
CA PRO H 15 -14.09 39.48 -18.76
C PRO H 15 -13.50 38.15 -18.29
N PHE H 16 -12.17 38.10 -18.31
CA PHE H 16 -11.38 37.08 -17.60
C PHE H 16 -12.01 36.85 -16.22
N ASP H 17 -12.14 35.58 -15.85
CA ASP H 17 -12.68 35.12 -14.54
C ASP H 17 -11.66 34.17 -13.93
N SER H 18 -11.07 34.53 -12.80
CA SER H 18 -9.97 33.77 -12.19
C SER H 18 -10.46 32.40 -11.73
N ARG H 19 -11.78 32.21 -11.64
CA ARG H 19 -12.33 30.87 -11.29
C ARG H 19 -12.12 29.94 -12.47
N PHE H 20 -12.02 30.48 -13.68
CA PHE H 20 -11.99 29.68 -14.92
C PHE H 20 -10.84 30.16 -15.79
N PRO H 21 -9.56 30.00 -15.35
CA PRO H 21 -8.44 30.60 -16.07
C PRO H 21 -7.85 29.80 -17.24
N ASN H 22 -8.34 28.59 -17.49
CA ASN H 22 -7.69 27.64 -18.43
C ASN H 22 -8.47 27.54 -19.75
N GLN H 23 -8.02 26.66 -20.60
CA GLN H 23 -8.47 26.53 -22.00
C GLN H 23 -9.94 26.05 -21.96
N ASN H 24 -10.31 25.16 -21.03
CA ASN H 24 -11.67 24.59 -21.01
C ASN H 24 -12.59 25.57 -20.30
N GLN H 25 -13.48 26.19 -21.06
CA GLN H 25 -14.40 27.24 -20.56
C GLN H 25 -15.79 26.66 -20.35
N THR H 26 -15.93 25.34 -20.36
CA THR H 26 -17.27 24.73 -20.27
C THR H 26 -17.93 25.19 -18.96
N ARG H 27 -17.21 25.11 -17.84
CA ARG H 27 -17.81 25.35 -16.50
C ARG H 27 -18.17 26.84 -16.36
N ASN H 28 -17.45 27.71 -17.06
CA ASN H 28 -17.71 29.18 -17.05
C ASN H 28 -19.10 29.44 -17.68
N CYS H 29 -19.33 28.91 -18.87
CA CYS H 29 -20.66 28.95 -19.53
C CYS H 29 -21.72 28.39 -18.56
N TRP H 30 -21.50 27.20 -18.04
CA TRP H 30 -22.48 26.49 -17.18
C TRP H 30 -22.78 27.33 -15.94
N GLN H 31 -21.74 27.82 -15.26
CA GLN H 31 -21.91 28.53 -13.98
C GLN H 31 -22.80 29.76 -14.23
N ASN H 32 -22.53 30.49 -15.30
CA ASN H 32 -23.22 31.77 -15.57
C ASN H 32 -24.67 31.50 -15.99
N TYR H 33 -24.92 30.40 -16.70
CA TYR H 33 -26.28 29.97 -17.06
C TYR H 33 -27.07 29.64 -15.78
N LEU H 34 -26.47 28.81 -14.90
CA LEU H 34 -27.09 28.50 -13.59
C LEU H 34 -27.36 29.80 -12.82
N ASP H 35 -26.34 30.64 -12.66
CA ASP H 35 -26.43 31.90 -11.87
C ASP H 35 -27.58 32.78 -12.42
N PHE H 36 -27.67 32.92 -13.74
CA PHE H 36 -28.76 33.74 -14.34
C PHE H 36 -30.11 33.15 -13.90
N HIS H 37 -30.32 31.85 -14.11
CA HIS H 37 -31.63 31.21 -13.87
C HIS H 37 -31.94 31.13 -12.38
N ARG H 38 -30.93 30.91 -11.52
CA ARG H 38 -31.17 30.96 -10.05
C ARG H 38 -31.62 32.37 -9.66
N CYS H 39 -30.99 33.40 -10.20
CA CYS H 39 -31.30 34.80 -9.84
C CYS H 39 -32.73 35.12 -10.31
N GLU H 40 -33.03 34.76 -11.57
CA GLU H 40 -34.32 35.06 -12.24
C GLU H 40 -35.43 34.40 -11.39
N LYS H 41 -35.19 33.18 -10.90
CA LYS H 41 -36.17 32.49 -10.03
C LYS H 41 -36.35 33.26 -8.72
N ALA H 42 -35.26 33.61 -8.04
CA ALA H 42 -35.30 34.33 -6.74
C ALA H 42 -36.00 35.69 -6.92
N MET H 43 -35.87 36.33 -8.09
CA MET H 43 -36.45 37.69 -8.35
C MET H 43 -37.93 37.60 -8.77
N THR H 44 -38.33 36.62 -9.60
CA THR H 44 -39.75 36.45 -10.06
C THR H 44 -40.62 36.03 -8.87
N ALA H 45 -40.04 35.25 -7.96
CA ALA H 45 -40.70 34.58 -6.82
C ALA H 45 -41.14 35.63 -5.80
N LYS H 46 -40.30 36.63 -5.44
CA LYS H 46 -40.76 37.78 -4.62
C LYS H 46 -41.46 38.82 -5.50
N GLY H 47 -41.45 38.67 -6.84
CA GLY H 47 -41.96 39.71 -7.76
C GLY H 47 -41.05 40.92 -7.78
N GLY H 48 -39.75 40.71 -7.51
CA GLY H 48 -38.65 41.69 -7.62
C GLY H 48 -38.20 41.84 -9.06
N ASP H 49 -37.02 42.38 -9.33
CA ASP H 49 -36.60 42.86 -10.69
C ASP H 49 -35.51 41.96 -11.27
N VAL H 50 -35.81 41.26 -12.38
CA VAL H 50 -34.87 40.37 -13.11
C VAL H 50 -33.70 41.20 -13.66
N SER H 51 -33.83 42.51 -13.78
CA SER H 51 -32.72 43.40 -14.20
C SER H 51 -31.48 43.17 -13.32
N VAL H 52 -31.61 42.77 -12.06
CA VAL H 52 -30.42 42.57 -11.16
C VAL H 52 -29.63 41.35 -11.65
N CYS H 53 -30.26 40.49 -12.43
CA CYS H 53 -29.66 39.24 -12.97
C CYS H 53 -28.84 39.50 -14.25
N GLU H 54 -28.83 40.74 -14.76
CA GLU H 54 -28.39 41.05 -16.15
C GLU H 54 -26.93 40.65 -16.39
N TRP H 55 -26.02 40.79 -15.43
CA TRP H 55 -24.60 40.49 -15.65
C TRP H 55 -24.47 39.02 -16.08
N TYR H 56 -25.12 38.12 -15.32
CA TYR H 56 -25.03 36.66 -15.58
C TYR H 56 -25.58 36.36 -16.97
N ARG H 57 -26.69 37.03 -17.33
CA ARG H 57 -27.32 36.86 -18.66
C ARG H 57 -26.32 37.24 -19.75
N ARG H 58 -25.66 38.40 -19.65
CA ARG H 58 -24.76 38.89 -20.72
C ARG H 58 -23.61 37.87 -20.82
N VAL H 59 -23.09 37.42 -19.68
CA VAL H 59 -21.87 36.55 -19.69
C VAL H 59 -22.24 35.19 -20.31
N TYR H 60 -23.34 34.57 -19.91
CA TYR H 60 -23.68 33.23 -20.46
C TYR H 60 -24.03 33.35 -21.95
N LYS H 61 -24.68 34.43 -22.36
CA LYS H 61 -25.01 34.66 -23.79
C LYS H 61 -23.73 34.82 -24.59
N SER H 62 -22.72 35.53 -24.07
CA SER H 62 -21.41 35.72 -24.74
C SER H 62 -20.70 34.37 -24.92
N LEU H 63 -20.65 33.55 -23.85
CA LEU H 63 -19.76 32.35 -23.83
C LEU H 63 -20.44 31.11 -24.37
N CYS H 64 -21.72 30.92 -24.13
CA CYS H 64 -22.38 29.60 -24.29
C CYS H 64 -22.78 29.42 -25.74
N PRO H 65 -22.43 28.27 -26.35
CA PRO H 65 -23.01 27.92 -27.64
C PRO H 65 -24.54 27.98 -27.63
N ILE H 66 -25.10 28.54 -28.70
CA ILE H 66 -26.58 28.66 -28.89
C ILE H 66 -27.26 27.31 -28.63
N SER H 67 -26.70 26.21 -29.14
CA SER H 67 -27.33 24.87 -29.07
C SER H 67 -27.32 24.38 -27.61
N TRP H 68 -26.32 24.76 -26.82
CA TRP H 68 -26.28 24.38 -25.38
C TRP H 68 -27.42 25.08 -24.64
N VAL H 69 -27.52 26.39 -24.83
CA VAL H 69 -28.54 27.22 -24.15
C VAL H 69 -29.92 26.69 -24.54
N SER H 70 -30.12 26.48 -25.83
CA SER H 70 -31.39 25.98 -26.39
C SER H 70 -31.75 24.62 -25.74
N THR H 71 -30.79 23.69 -25.69
CA THR H 71 -31.01 22.36 -25.07
C THR H 71 -31.35 22.50 -23.57
N TRP H 72 -30.57 23.30 -22.85
CA TRP H 72 -30.77 23.53 -21.40
C TRP H 72 -32.16 24.18 -21.18
N ASP H 73 -32.56 25.15 -22.01
CA ASP H 73 -33.90 25.78 -21.89
C ASP H 73 -34.99 24.73 -22.08
N ASP H 74 -34.86 23.90 -23.11
CA ASP H 74 -35.85 22.82 -23.42
C ASP H 74 -35.98 21.91 -22.19
N ARG H 75 -34.84 21.54 -21.59
CA ARG H 75 -34.81 20.59 -20.46
C ARG H 75 -35.41 21.25 -19.22
N ARG H 76 -35.17 22.53 -18.98
CA ARG H 76 -35.83 23.23 -17.83
C ARG H 76 -37.35 23.17 -18.05
N ALA H 77 -37.84 23.41 -19.27
CA ALA H 77 -39.30 23.37 -19.58
C ALA H 77 -39.83 21.95 -19.41
N GLU H 78 -39.07 20.92 -19.79
CA GLU H 78 -39.47 19.49 -19.71
C GLU H 78 -39.45 18.96 -18.26
N GLY H 79 -38.70 19.59 -17.35
CA GLY H 79 -38.43 19.10 -15.98
C GLY H 79 -37.29 18.08 -15.96
N THR H 80 -36.37 18.14 -16.92
CA THR H 80 -35.24 17.16 -17.05
C THR H 80 -33.89 17.88 -16.92
N PHE H 81 -33.87 19.14 -16.52
CA PHE H 81 -32.58 19.87 -16.36
C PHE H 81 -31.89 19.32 -15.12
N PRO H 82 -30.65 18.80 -15.22
CA PRO H 82 -30.04 18.10 -14.09
C PRO H 82 -29.31 18.99 -13.08
N GLY H 83 -29.16 20.28 -13.39
CA GLY H 83 -28.60 21.24 -12.42
C GLY H 83 -29.70 21.76 -11.49
N LYS H 84 -29.30 22.26 -10.34
CA LYS H 84 -30.19 22.81 -9.29
C LYS H 84 -30.40 24.30 -9.60
N ILE H 85 -31.66 24.68 -9.79
CA ILE H 85 -32.10 26.09 -9.98
C ILE H 85 -33.11 26.39 -8.86
N ALA I 3 69.50 7.25 -44.35
CA ALA I 3 68.62 6.66 -43.27
C ALA I 3 67.39 7.53 -43.10
N LEU I 4 66.28 6.86 -42.83
CA LEU I 4 64.98 7.49 -42.56
C LEU I 4 64.88 7.86 -41.09
N ALA I 5 64.34 9.04 -40.79
CA ALA I 5 64.03 9.47 -39.41
C ALA I 5 62.91 8.60 -38.83
N LYS I 6 62.96 8.40 -37.51
CA LYS I 6 61.85 7.73 -36.77
C LYS I 6 60.61 8.63 -36.82
N PRO I 7 59.53 8.11 -37.41
CA PRO I 7 58.25 8.83 -37.44
C PRO I 7 57.47 8.53 -36.15
N GLN I 8 56.41 9.30 -35.93
CA GLN I 8 55.42 8.98 -34.87
C GLN I 8 54.80 7.64 -35.24
N MET I 9 54.77 6.72 -34.27
CA MET I 9 54.25 5.35 -34.48
C MET I 9 53.10 5.02 -33.55
N ARG I 10 52.83 5.83 -32.52
CA ARG I 10 51.83 5.53 -31.47
C ARG I 10 50.70 6.55 -31.54
N GLY I 11 49.47 6.06 -31.33
CA GLY I 11 48.31 6.94 -31.13
C GLY I 11 47.91 7.67 -32.39
N LEU I 12 48.17 7.12 -33.57
CA LEU I 12 47.81 7.77 -34.86
C LEU I 12 46.28 7.90 -34.97
N LEU I 13 45.51 6.88 -34.56
CA LEU I 13 44.05 6.99 -34.69
C LEU I 13 43.53 8.10 -33.76
N ALA I 14 44.02 8.13 -32.51
CA ALA I 14 43.65 9.10 -31.46
C ALA I 14 44.01 10.50 -31.96
N ARG I 15 45.21 10.64 -32.54
CA ARG I 15 45.67 11.95 -33.05
C ARG I 15 44.70 12.43 -34.15
N ARG I 16 44.36 11.57 -35.10
CA ARG I 16 43.46 11.91 -36.19
C ARG I 16 42.09 12.35 -35.60
N LEU I 17 41.57 11.61 -34.61
CA LEU I 17 40.25 11.94 -34.02
C LEU I 17 40.32 13.36 -33.42
N ARG I 18 41.33 13.60 -32.59
CA ARG I 18 41.45 14.89 -31.88
C ARG I 18 41.45 16.01 -32.93
N PHE I 19 42.29 15.91 -33.95
CA PHE I 19 42.40 16.97 -34.98
C PHE I 19 41.02 17.23 -35.63
N HIS I 20 40.26 16.20 -36.01
CA HIS I 20 39.00 16.37 -36.77
C HIS I 20 37.84 16.76 -35.84
N ILE I 21 37.87 16.39 -34.57
CA ILE I 21 36.80 16.82 -33.64
C ILE I 21 36.98 18.33 -33.42
N VAL I 22 38.22 18.81 -33.33
CA VAL I 22 38.46 20.27 -33.15
C VAL I 22 38.00 20.99 -34.44
N GLY I 23 38.34 20.45 -35.62
CA GLY I 23 37.92 20.97 -36.94
C GLY I 23 36.41 21.04 -37.00
N ALA I 24 35.73 19.99 -36.56
CA ALA I 24 34.26 19.96 -36.58
C ALA I 24 33.69 21.08 -35.66
N PHE I 25 34.22 21.23 -34.46
CA PHE I 25 33.79 22.31 -33.54
C PHE I 25 33.97 23.68 -34.24
N MET I 26 35.16 23.92 -34.80
CA MET I 26 35.51 25.21 -35.46
C MET I 26 34.48 25.47 -36.58
N VAL I 27 34.18 24.46 -37.39
CA VAL I 27 33.20 24.59 -38.52
C VAL I 27 31.80 24.86 -37.94
N SER I 28 31.43 24.18 -36.86
CA SER I 28 30.10 24.33 -36.22
C SER I 28 29.92 25.81 -35.81
N LEU I 29 30.97 26.37 -35.20
CA LEU I 29 30.99 27.81 -34.84
C LEU I 29 30.83 28.73 -36.06
N GLY I 30 31.56 28.49 -37.16
CA GLY I 30 31.37 29.21 -38.45
C GLY I 30 29.95 29.04 -39.01
N PHE I 31 29.38 27.83 -38.95
CA PHE I 31 27.99 27.64 -39.46
C PHE I 31 26.98 28.47 -38.64
N ALA I 32 27.12 28.43 -37.30
CA ALA I 32 26.22 29.17 -36.38
C ALA I 32 26.31 30.66 -36.72
N THR I 33 27.52 31.19 -36.94
CA THR I 33 27.68 32.61 -37.33
C THR I 33 26.96 32.88 -38.66
N PHE I 34 27.22 32.06 -39.70
CA PHE I 34 26.57 32.23 -41.03
C PHE I 34 25.03 32.17 -40.86
N TYR I 35 24.56 31.26 -40.01
CA TYR I 35 23.10 31.00 -39.92
C TYR I 35 22.43 32.15 -39.17
N LYS I 36 23.11 32.66 -38.15
CA LYS I 36 22.71 33.91 -37.43
C LYS I 36 22.45 35.01 -38.46
N PHE I 37 23.41 35.24 -39.36
CA PHE I 37 23.39 36.32 -40.40
C PHE I 37 22.36 35.99 -41.49
N ALA I 38 22.38 34.79 -42.09
CA ALA I 38 21.64 34.45 -43.33
C ALA I 38 20.17 34.13 -43.03
N VAL I 39 19.83 33.70 -41.81
CA VAL I 39 18.45 33.23 -41.53
C VAL I 39 17.85 34.06 -40.38
N ALA I 40 18.41 33.94 -39.17
CA ALA I 40 17.75 34.37 -37.91
C ALA I 40 17.69 35.90 -37.89
N GLU I 41 18.82 36.56 -38.13
CA GLU I 41 18.89 38.05 -38.12
C GLU I 41 18.15 38.60 -39.31
N LYS I 42 18.32 37.96 -40.48
CA LYS I 42 17.61 38.40 -41.70
C LYS I 42 16.11 38.43 -41.36
N ARG I 43 15.62 37.40 -40.69
CA ARG I 43 14.17 37.36 -40.36
C ARG I 43 13.80 38.48 -39.39
N LYS I 44 14.57 38.67 -38.33
CA LYS I 44 14.29 39.74 -37.33
C LYS I 44 14.20 41.10 -38.07
N LYS I 45 15.11 41.33 -38.98
CA LYS I 45 15.24 42.61 -39.68
C LYS I 45 14.09 42.77 -40.70
N ALA I 46 13.73 41.71 -41.40
CA ALA I 46 12.62 41.73 -42.37
C ALA I 46 11.36 42.17 -41.63
N TYR I 47 11.06 41.59 -40.46
CA TYR I 47 9.82 41.91 -39.70
C TYR I 47 9.93 43.34 -39.14
N ALA I 48 11.09 43.70 -38.57
CA ALA I 48 11.29 45.03 -37.98
C ALA I 48 11.12 46.10 -39.09
N ASP I 49 11.73 45.88 -40.25
CA ASP I 49 11.69 46.82 -41.40
C ASP I 49 10.26 46.89 -41.95
N PHE I 50 9.57 45.75 -42.05
CA PHE I 50 8.20 45.77 -42.57
C PHE I 50 7.32 46.66 -41.67
N TYR I 51 7.42 46.52 -40.34
CA TYR I 51 6.46 47.14 -39.41
C TYR I 51 6.87 48.57 -39.02
N ARG I 52 8.11 49.00 -39.27
CA ARG I 52 8.63 50.29 -38.75
C ARG I 52 7.69 51.44 -39.16
N ASN I 53 7.34 51.53 -40.44
CA ASN I 53 6.46 52.60 -40.97
C ASN I 53 5.17 52.01 -41.55
N TYR I 54 4.79 50.82 -41.14
CA TYR I 54 3.59 50.11 -41.64
C TYR I 54 2.32 50.90 -41.25
N ASP I 55 1.49 51.14 -42.26
CA ASP I 55 0.20 51.84 -42.10
C ASP I 55 -0.90 50.81 -42.40
N SER I 56 -1.54 50.27 -41.35
CA SER I 56 -2.55 49.18 -41.48
C SER I 56 -3.77 49.70 -42.23
N MET I 57 -4.18 50.95 -41.98
CA MET I 57 -5.35 51.55 -42.68
C MET I 57 -5.03 51.70 -44.18
N LYS I 58 -3.84 52.18 -44.51
CA LYS I 58 -3.44 52.29 -45.93
C LYS I 58 -3.46 50.89 -46.57
N ASP I 59 -2.93 49.88 -45.89
CA ASP I 59 -2.93 48.48 -46.38
C ASP I 59 -4.40 48.05 -46.60
N PHE I 60 -5.25 48.29 -45.62
CA PHE I 60 -6.69 47.93 -45.76
C PHE I 60 -7.29 48.65 -46.98
N GLU I 61 -7.03 49.95 -47.15
CA GLU I 61 -7.67 50.73 -48.26
C GLU I 61 -7.27 50.13 -49.62
N GLU I 62 -5.99 49.78 -49.77
CA GLU I 62 -5.48 49.10 -50.99
C GLU I 62 -6.23 47.80 -51.19
N MET I 63 -6.38 46.99 -50.13
CA MET I 63 -7.11 45.70 -50.29
C MET I 63 -8.59 45.94 -50.66
N ARG I 64 -9.22 46.92 -49.98
CA ARG I 64 -10.64 47.24 -50.25
C ARG I 64 -10.78 47.66 -51.71
N LYS I 65 -9.92 48.55 -52.20
CA LYS I 65 -10.05 49.09 -53.58
C LYS I 65 -9.75 47.98 -54.61
N ALA I 66 -8.98 46.96 -54.24
CA ALA I 66 -8.71 45.81 -55.13
C ALA I 66 -9.92 44.85 -55.15
N GLY I 67 -10.90 45.01 -54.25
CA GLY I 67 -12.17 44.22 -54.25
C GLY I 67 -11.99 42.90 -53.50
N ILE I 68 -11.06 42.79 -52.56
CA ILE I 68 -10.86 41.47 -51.93
C ILE I 68 -11.92 41.09 -50.88
N PHE I 69 -12.63 42.03 -50.27
CA PHE I 69 -13.43 41.78 -49.03
C PHE I 69 -14.92 41.58 -49.32
N GLN I 70 -15.53 40.66 -48.57
CA GLN I 70 -17.00 40.48 -48.47
C GLN I 70 -17.62 41.67 -47.71
N SER I 71 -16.93 42.15 -46.67
CA SER I 71 -17.48 43.12 -45.69
C SER I 71 -17.22 44.58 -46.07
N ALA I 72 -16.39 44.92 -47.06
CA ALA I 72 -16.02 46.35 -47.35
C ALA I 72 -15.99 46.63 -48.87
N PHE J 1 -11.07 -41.46 -0.96
CA PHE J 1 -10.44 -41.83 -2.24
C PHE J 1 -9.03 -42.36 -1.93
N GLU J 2 -8.43 -43.00 -2.93
CA GLU J 2 -7.08 -43.59 -2.85
C GLU J 2 -6.16 -42.88 -3.85
N ASN J 3 -4.90 -42.88 -3.51
CA ASN J 3 -3.85 -42.23 -4.32
C ASN J 3 -3.50 -43.19 -5.47
N ARG J 4 -3.98 -42.89 -6.67
CA ARG J 4 -3.74 -43.65 -7.91
C ARG J 4 -2.76 -42.89 -8.84
N VAL J 5 -1.99 -41.95 -8.34
CA VAL J 5 -1.04 -41.19 -9.18
C VAL J 5 0.01 -42.12 -9.78
N ALA J 6 0.48 -43.15 -9.05
CA ALA J 6 1.53 -44.04 -9.60
C ALA J 6 1.02 -44.70 -10.89
N GLU J 7 -0.22 -45.16 -10.91
CA GLU J 7 -0.82 -45.83 -12.10
C GLU J 7 -0.87 -44.82 -13.25
N LYS J 8 -1.20 -43.54 -13.01
CA LYS J 8 -1.20 -42.53 -14.10
C LYS J 8 0.25 -42.20 -14.54
N GLN J 9 1.21 -42.20 -13.61
CA GLN J 9 2.64 -42.01 -13.97
C GLN J 9 3.06 -43.13 -14.94
N LYS J 10 2.70 -44.38 -14.64
CA LYS J 10 3.07 -45.50 -15.52
C LYS J 10 2.45 -45.27 -16.92
N LEU J 11 1.16 -44.92 -16.99
CA LEU J 11 0.42 -44.75 -18.27
C LEU J 11 1.10 -43.64 -19.07
N PHE J 12 1.37 -42.47 -18.44
CA PHE J 12 1.88 -41.31 -19.21
C PHE J 12 3.39 -41.41 -19.48
N GLN J 13 4.09 -42.39 -18.89
CA GLN J 13 5.53 -42.57 -19.23
C GLN J 13 5.72 -43.76 -20.18
N GLU J 14 4.65 -44.48 -20.56
CA GLU J 14 4.80 -45.65 -21.44
C GLU J 14 5.54 -45.21 -22.69
N ASP J 15 6.49 -46.04 -23.13
CA ASP J 15 7.39 -45.73 -24.28
C ASP J 15 6.68 -46.10 -25.60
N ASN J 16 5.62 -45.38 -25.96
CA ASN J 16 4.78 -45.70 -27.12
C ASN J 16 4.85 -44.59 -28.17
N GLY J 17 5.67 -43.55 -27.97
CA GLY J 17 5.86 -42.49 -28.99
C GLY J 17 4.68 -41.52 -29.09
N LEU J 18 3.63 -41.68 -28.28
CA LEU J 18 2.45 -40.78 -28.37
C LEU J 18 2.79 -39.42 -27.77
N PRO J 19 2.31 -38.34 -28.41
CA PRO J 19 2.41 -37.03 -27.80
C PRO J 19 1.45 -36.97 -26.60
N VAL J 20 1.75 -36.05 -25.68
CA VAL J 20 1.06 -36.02 -24.38
C VAL J 20 -0.44 -35.82 -24.61
N HIS J 21 -0.88 -35.09 -25.64
CA HIS J 21 -2.32 -34.78 -25.79
C HIS J 21 -3.11 -36.01 -26.25
N LEU J 22 -2.46 -37.11 -26.66
CA LEU J 22 -3.13 -38.36 -27.11
C LEU J 22 -2.76 -39.54 -26.21
N LYS J 23 -1.91 -39.33 -25.20
CA LYS J 23 -1.30 -40.49 -24.47
C LYS J 23 -2.30 -41.12 -23.48
N GLY J 24 -3.44 -40.51 -23.21
CA GLY J 24 -4.45 -41.08 -22.30
C GLY J 24 -5.25 -42.19 -22.98
N GLY J 25 -5.26 -42.22 -24.32
CA GLY J 25 -5.93 -43.28 -25.08
C GLY J 25 -7.03 -42.72 -25.98
N ALA J 26 -7.94 -43.60 -26.39
CA ALA J 26 -8.91 -43.41 -27.51
C ALA J 26 -9.76 -42.15 -27.24
N THR J 27 -10.09 -41.87 -25.98
CA THR J 27 -10.92 -40.70 -25.57
C THR J 27 -10.18 -39.42 -25.95
N ASP J 28 -8.86 -39.37 -25.78
CA ASP J 28 -8.12 -38.15 -26.20
C ASP J 28 -8.31 -37.90 -27.71
N ASN J 29 -8.22 -38.96 -28.51
CA ASN J 29 -8.37 -38.84 -29.99
C ASN J 29 -9.75 -38.28 -30.30
N ILE J 30 -10.79 -38.77 -29.62
CA ILE J 30 -12.19 -38.32 -29.90
C ILE J 30 -12.27 -36.83 -29.53
N LEU J 31 -11.78 -36.45 -28.35
CA LEU J 31 -11.93 -35.05 -27.90
C LEU J 31 -11.12 -34.11 -28.82
N TYR J 32 -9.93 -34.52 -29.27
CA TYR J 32 -9.13 -33.80 -30.26
C TYR J 32 -9.95 -33.62 -31.55
N ARG J 33 -10.54 -34.71 -32.08
CA ARG J 33 -11.22 -34.64 -33.39
C ARG J 33 -12.44 -33.71 -33.25
N VAL J 34 -13.16 -33.77 -32.14
CA VAL J 34 -14.31 -32.87 -31.87
C VAL J 34 -13.81 -31.41 -31.88
N THR J 35 -12.73 -31.14 -31.16
CA THR J 35 -12.22 -29.77 -31.01
C THR J 35 -11.80 -29.23 -32.39
N MET J 36 -11.00 -30.00 -33.10
CA MET J 36 -10.43 -29.53 -34.36
C MET J 36 -11.54 -29.40 -35.40
N THR J 37 -12.54 -30.28 -35.40
CA THR J 37 -13.67 -30.22 -36.35
C THR J 37 -14.49 -28.95 -36.08
N LEU J 38 -14.82 -28.67 -34.82
CA LEU J 38 -15.54 -27.41 -34.47
C LEU J 38 -14.70 -26.18 -34.84
N CYS J 39 -13.39 -26.20 -34.60
CA CYS J 39 -12.54 -25.03 -34.92
C CYS J 39 -12.52 -24.82 -36.44
N LEU J 40 -12.23 -25.85 -37.22
CA LEU J 40 -12.02 -25.69 -38.69
C LEU J 40 -13.38 -25.41 -39.34
N GLY J 41 -14.42 -26.14 -38.93
CA GLY J 41 -15.80 -25.92 -39.39
C GLY J 41 -16.26 -24.50 -39.03
N GLY J 42 -16.02 -24.06 -37.80
CA GLY J 42 -16.41 -22.72 -37.37
C GLY J 42 -15.67 -21.65 -38.15
N THR J 43 -14.41 -21.91 -38.46
CA THR J 43 -13.56 -20.95 -39.22
C THR J 43 -14.11 -20.85 -40.65
N LEU J 44 -14.47 -21.97 -41.28
CA LEU J 44 -15.05 -21.94 -42.64
C LEU J 44 -16.38 -21.14 -42.58
N TYR J 45 -17.18 -21.35 -41.53
CA TYR J 45 -18.48 -20.64 -41.35
C TYR J 45 -18.22 -19.14 -41.18
N SER J 46 -17.22 -18.80 -40.39
CA SER J 46 -16.78 -17.38 -40.24
C SER J 46 -16.43 -16.77 -41.61
N LEU J 47 -15.76 -17.50 -42.51
CA LEU J 47 -15.40 -16.94 -43.85
C LEU J 47 -16.65 -16.76 -44.71
N TYR J 48 -17.58 -17.70 -44.63
CA TYR J 48 -18.89 -17.61 -45.30
C TYR J 48 -19.63 -16.34 -44.81
N CYS J 49 -19.67 -16.14 -43.50
CA CYS J 49 -20.27 -14.97 -42.85
C CYS J 49 -19.61 -13.68 -43.36
N LEU J 50 -18.28 -13.65 -43.49
CA LEU J 50 -17.59 -12.47 -44.08
C LEU J 50 -18.04 -12.23 -45.52
N GLY J 51 -18.09 -13.26 -46.34
CA GLY J 51 -18.58 -13.21 -47.73
C GLY J 51 -19.95 -12.59 -47.78
N TRP J 52 -20.83 -13.01 -46.87
CA TRP J 52 -22.22 -12.51 -46.80
C TRP J 52 -22.19 -11.02 -46.42
N ALA J 53 -21.44 -10.69 -45.38
CA ALA J 53 -21.43 -9.33 -44.79
C ALA J 53 -20.66 -8.32 -45.63
N SER J 54 -19.89 -8.78 -46.63
CA SER J 54 -19.05 -7.93 -47.50
C SER J 54 -19.89 -7.20 -48.56
N PHE J 55 -21.16 -7.58 -48.74
CA PHE J 55 -22.08 -7.02 -49.75
C PHE J 55 -23.34 -6.51 -49.07
N PRO J 56 -24.04 -5.48 -49.63
CA PRO J 56 -25.30 -4.99 -49.05
C PRO J 56 -26.45 -6.00 -48.95
N ALA K 6 42.25 -13.39 -62.43
CA ALA K 6 41.06 -13.65 -63.33
C ALA K 6 39.96 -12.58 -63.14
N PRO K 7 39.54 -11.91 -64.24
CA PRO K 7 38.58 -10.80 -64.16
C PRO K 7 37.20 -11.28 -63.67
N ASP K 8 36.58 -10.53 -62.76
CA ASP K 8 35.23 -10.86 -62.26
C ASP K 8 34.19 -10.06 -63.07
N PHE K 9 32.93 -10.24 -62.70
CA PHE K 9 31.77 -9.59 -63.34
C PHE K 9 32.04 -8.07 -63.43
N HIS K 10 32.55 -7.49 -62.35
CA HIS K 10 32.70 -6.00 -62.24
C HIS K 10 33.81 -5.47 -63.16
N ASP K 11 34.90 -6.23 -63.28
CA ASP K 11 36.02 -5.92 -64.21
C ASP K 11 35.47 -5.99 -65.65
N LYS K 12 34.64 -6.98 -65.97
CA LYS K 12 34.16 -7.19 -67.36
C LYS K 12 33.06 -6.18 -67.68
N TYR K 13 32.12 -5.94 -66.77
CA TYR K 13 30.85 -5.25 -67.13
C TYR K 13 30.57 -3.94 -66.39
N GLY K 14 31.34 -3.63 -65.34
CA GLY K 14 31.09 -2.50 -64.44
C GLY K 14 31.03 -1.19 -65.20
N ASN K 15 31.98 -0.94 -66.10
CA ASN K 15 32.04 0.35 -66.85
C ASN K 15 30.74 0.51 -67.65
N ALA K 16 30.30 -0.55 -68.33
CA ALA K 16 29.10 -0.50 -69.20
C ALA K 16 27.85 -0.38 -68.32
N VAL K 17 27.81 -1.09 -67.19
CA VAL K 17 26.64 -1.00 -66.27
C VAL K 17 26.57 0.45 -65.75
N LEU K 18 27.69 1.05 -65.33
CA LEU K 18 27.65 2.43 -64.81
C LEU K 18 27.21 3.43 -65.91
N ALA K 19 27.80 3.38 -67.11
CA ALA K 19 27.54 4.35 -68.20
C ALA K 19 26.09 4.20 -68.68
N SER K 20 25.65 2.96 -68.90
CA SER K 20 24.28 2.67 -69.43
C SER K 20 23.23 3.02 -68.40
N GLY K 21 23.42 2.60 -67.15
CA GLY K 21 22.48 2.91 -66.06
C GLY K 21 22.31 4.42 -65.92
N ALA K 22 23.41 5.20 -65.88
CA ALA K 22 23.36 6.67 -65.70
C ALA K 22 22.62 7.30 -66.89
N THR K 23 22.98 6.92 -68.12
CA THR K 23 22.40 7.48 -69.38
C THR K 23 20.88 7.21 -69.37
N PHE K 24 20.51 5.99 -69.06
CA PHE K 24 19.09 5.58 -69.07
C PHE K 24 18.31 6.35 -67.99
N CYS K 25 18.86 6.42 -66.79
CA CYS K 25 18.20 7.07 -65.64
C CYS K 25 17.92 8.52 -65.99
N VAL K 26 18.92 9.24 -66.49
CA VAL K 26 18.76 10.69 -66.79
C VAL K 26 17.72 10.83 -67.90
N ALA K 27 17.83 10.02 -68.95
CA ALA K 27 16.95 10.14 -70.14
C ALA K 27 15.48 9.98 -69.72
N VAL K 28 15.18 8.94 -68.95
CA VAL K 28 13.76 8.58 -68.67
C VAL K 28 13.21 9.59 -67.66
N TRP K 29 13.99 10.03 -66.67
CA TRP K 29 13.49 11.01 -65.68
C TRP K 29 13.25 12.36 -66.37
N VAL K 30 14.16 12.78 -67.27
CA VAL K 30 14.00 14.07 -68.01
C VAL K 30 12.73 13.98 -68.85
N TYR K 31 12.54 12.86 -69.56
CA TYR K 31 11.35 12.67 -70.39
C TYR K 31 10.08 12.71 -69.50
N MET K 32 10.05 11.94 -68.40
CA MET K 32 8.91 11.91 -67.48
C MET K 32 8.64 13.35 -66.96
N ALA K 33 9.68 14.08 -66.57
CA ALA K 33 9.53 15.40 -65.93
C ALA K 33 8.97 16.45 -66.93
N THR K 34 9.25 16.32 -68.21
CA THR K 34 9.11 17.45 -69.17
C THR K 34 8.15 17.14 -70.31
N GLN K 35 7.81 15.89 -70.62
CA GLN K 35 7.20 15.58 -71.94
C GLN K 35 5.82 14.97 -71.79
N ILE K 36 5.31 14.71 -70.58
CA ILE K 36 4.03 13.92 -70.49
C ILE K 36 2.98 14.71 -69.73
N GLY K 37 3.16 16.03 -69.53
CA GLY K 37 2.09 16.90 -68.99
C GLY K 37 1.98 16.85 -67.46
N ILE K 38 3.01 16.43 -66.71
CA ILE K 38 2.99 16.53 -65.24
C ILE K 38 2.86 18.01 -64.88
N GLU K 39 1.98 18.33 -63.93
CA GLU K 39 1.83 19.71 -63.40
C GLU K 39 2.65 19.80 -62.11
N TRP K 40 3.77 20.48 -62.20
CA TRP K 40 4.68 20.63 -61.05
C TRP K 40 4.18 21.79 -60.20
N ASN K 41 3.50 22.76 -60.83
CA ASN K 41 2.99 23.97 -60.14
C ASN K 41 4.14 24.69 -59.44
N PRO K 42 5.15 25.14 -60.20
CA PRO K 42 6.24 25.91 -59.59
C PRO K 42 5.73 27.29 -59.15
N SER K 43 6.58 28.00 -58.43
CA SER K 43 6.34 29.38 -57.97
C SER K 43 6.04 30.28 -59.17
N PRO K 44 5.01 31.15 -59.07
CA PRO K 44 4.79 32.17 -60.08
C PRO K 44 5.83 33.31 -60.04
N VAL K 45 6.58 33.43 -58.96
CA VAL K 45 7.56 34.53 -58.78
C VAL K 45 8.53 34.51 -59.96
N GLY K 46 8.67 35.62 -60.66
CA GLY K 46 9.62 35.77 -61.79
C GLY K 46 9.12 35.02 -63.02
N ARG K 47 7.93 34.41 -62.99
CA ARG K 47 7.44 33.49 -64.06
C ARG K 47 6.08 34.00 -64.59
N VAL K 48 5.13 34.29 -63.73
CA VAL K 48 3.72 34.60 -64.11
C VAL K 48 3.50 36.11 -64.17
N THR K 49 2.83 36.57 -65.22
CA THR K 49 2.38 37.98 -65.34
C THR K 49 1.00 38.02 -64.70
N PRO K 50 0.83 38.68 -63.53
CA PRO K 50 -0.50 38.74 -62.89
C PRO K 50 -1.52 39.36 -63.86
N LYS K 51 -2.77 38.86 -63.78
CA LYS K 51 -3.86 39.35 -64.67
C LYS K 51 -5.09 39.73 -63.82
N GLU K 52 -5.83 40.72 -64.28
CA GLU K 52 -7.06 41.22 -63.62
C GLU K 52 -7.96 40.02 -63.41
N TRP K 53 -8.53 39.93 -62.22
CA TRP K 53 -9.39 38.81 -61.78
C TRP K 53 -10.79 39.32 -61.43
N ARG K 54 -10.95 40.55 -60.96
CA ARG K 54 -12.29 41.05 -60.54
C ARG K 54 -13.19 41.39 -61.78
N TYR L 3 12.61 -35.02 -37.89
CA TYR L 3 12.44 -33.95 -38.90
C TYR L 3 13.77 -33.70 -39.65
N GLU L 4 13.66 -33.25 -40.91
CA GLU L 4 14.80 -32.97 -41.79
C GLU L 4 15.45 -31.69 -41.27
N GLU L 5 16.76 -31.68 -41.30
CA GLU L 5 17.63 -30.63 -40.75
C GLU L 5 18.47 -30.15 -41.92
N GLY L 6 18.93 -28.92 -41.85
CA GLY L 6 19.90 -28.39 -42.80
C GLY L 6 19.26 -27.45 -43.79
N PRO L 7 20.13 -26.88 -44.63
CA PRO L 7 19.71 -25.86 -45.58
C PRO L 7 18.58 -26.39 -46.48
N GLY L 8 17.53 -25.57 -46.66
CA GLY L 8 16.38 -25.91 -47.52
C GLY L 8 15.40 -26.84 -46.84
N LYS L 9 15.65 -27.27 -45.61
CA LYS L 9 14.81 -28.29 -44.90
C LYS L 9 14.08 -27.70 -43.68
N ASN L 10 14.48 -26.51 -43.21
CA ASN L 10 13.98 -25.91 -41.96
C ASN L 10 12.96 -24.82 -42.29
N ILE L 11 12.20 -25.04 -43.33
CA ILE L 11 11.26 -24.05 -43.91
C ILE L 11 10.00 -24.80 -44.33
N PRO L 12 8.85 -24.10 -44.30
CA PRO L 12 7.58 -24.74 -44.63
C PRO L 12 7.27 -24.82 -46.13
N PHE L 13 8.19 -24.34 -46.94
CA PHE L 13 8.11 -24.36 -48.40
C PHE L 13 9.34 -25.08 -48.97
N SER L 14 9.15 -25.68 -50.14
CA SER L 14 10.21 -26.41 -50.85
C SER L 14 11.09 -25.44 -51.64
N VAL L 15 12.40 -25.66 -51.60
CA VAL L 15 13.37 -24.98 -52.51
C VAL L 15 14.07 -26.04 -53.40
N GLU L 16 13.43 -27.19 -53.60
CA GLU L 16 13.99 -28.29 -54.44
C GLU L 16 14.09 -27.85 -55.91
N ASN L 17 13.12 -27.06 -56.38
CA ASN L 17 13.05 -26.62 -57.79
C ASN L 17 12.91 -25.09 -57.78
N LYS L 18 13.88 -24.35 -58.34
CA LYS L 18 13.88 -22.88 -58.23
C LYS L 18 12.69 -22.30 -59.00
N TRP L 19 12.15 -22.99 -60.01
CA TRP L 19 11.04 -22.46 -60.83
C TRP L 19 9.72 -22.66 -60.09
N ARG L 20 9.54 -23.81 -59.45
CA ARG L 20 8.36 -24.00 -58.58
C ARG L 20 8.43 -22.98 -57.44
N LEU L 21 9.62 -22.74 -56.90
CA LEU L 21 9.80 -21.77 -55.80
C LEU L 21 9.42 -20.37 -56.31
N LEU L 22 9.86 -19.99 -57.50
CA LEU L 22 9.51 -18.67 -58.06
C LEU L 22 7.98 -18.54 -58.12
N ALA L 23 7.29 -19.56 -58.60
CA ALA L 23 5.82 -19.56 -58.67
C ALA L 23 5.28 -19.34 -57.26
N MET L 24 5.75 -20.14 -56.28
CA MET L 24 5.21 -20.08 -54.89
C MET L 24 5.47 -18.65 -54.33
N MET L 25 6.66 -18.09 -54.55
CA MET L 25 7.01 -16.78 -53.96
C MET L 25 6.14 -15.67 -54.58
N THR L 26 5.96 -15.74 -55.90
CA THR L 26 5.11 -14.88 -56.80
C THR L 26 3.69 -14.84 -56.22
N LEU L 27 3.13 -16.03 -55.96
CA LEU L 27 1.77 -16.15 -55.42
C LEU L 27 1.73 -15.58 -54.01
N PHE L 28 2.76 -15.86 -53.21
CA PHE L 28 2.78 -15.47 -51.78
C PHE L 28 2.86 -13.93 -51.70
N PHE L 29 3.96 -13.34 -52.18
CA PHE L 29 4.14 -11.88 -52.06
C PHE L 29 3.11 -11.16 -52.94
N GLY L 30 2.87 -11.69 -54.14
CA GLY L 30 1.93 -11.07 -55.09
C GLY L 30 0.53 -10.98 -54.46
N SER L 31 0.07 -12.00 -53.75
CA SER L 31 -1.29 -11.98 -53.18
C SER L 31 -1.36 -10.87 -52.11
N GLY L 32 -0.30 -10.71 -51.28
CA GLY L 32 -0.31 -9.66 -50.24
C GLY L 32 -0.33 -8.27 -50.90
N PHE L 33 0.46 -8.07 -51.93
CA PHE L 33 0.58 -6.76 -52.58
C PHE L 33 -0.73 -6.46 -53.33
N ALA L 34 -1.35 -7.47 -53.95
CA ALA L 34 -2.61 -7.26 -54.72
C ALA L 34 -3.77 -6.93 -53.78
N ALA L 35 -3.82 -7.50 -52.58
CA ALA L 35 -5.05 -7.49 -51.76
C ALA L 35 -5.61 -6.06 -51.63
N PRO L 36 -4.83 -5.06 -51.22
CA PRO L 36 -5.38 -3.71 -51.04
C PRO L 36 -6.01 -3.11 -52.30
N PHE L 37 -5.44 -3.40 -53.47
CA PHE L 37 -6.00 -2.90 -54.74
C PHE L 37 -7.38 -3.52 -54.92
N PHE L 38 -7.52 -4.81 -54.61
CA PHE L 38 -8.81 -5.50 -54.79
C PHE L 38 -9.81 -5.09 -53.71
N ILE L 39 -9.35 -4.71 -52.52
CA ILE L 39 -10.24 -4.15 -51.48
C ILE L 39 -10.79 -2.78 -51.94
N VAL L 40 -9.93 -1.94 -52.47
CA VAL L 40 -10.37 -0.63 -52.98
C VAL L 40 -11.38 -0.88 -54.10
N ARG L 41 -11.10 -1.78 -55.02
CA ARG L 41 -12.03 -2.09 -56.13
C ARG L 41 -13.38 -2.49 -55.53
N HIS L 42 -13.36 -3.36 -54.54
CA HIS L 42 -14.58 -3.89 -53.88
C HIS L 42 -15.37 -2.70 -53.31
N GLN L 43 -14.72 -1.82 -52.56
CA GLN L 43 -15.39 -0.69 -51.91
C GLN L 43 -15.97 0.23 -53.00
N LEU L 44 -15.23 0.49 -54.06
CA LEU L 44 -15.70 1.33 -55.18
C LEU L 44 -16.90 0.71 -55.88
N LEU L 45 -16.90 -0.60 -56.08
CA LEU L 45 -18.05 -1.25 -56.77
C LEU L 45 -19.32 -1.34 -55.91
N LYS L 46 -19.35 -1.09 -54.62
CA LYS L 46 -20.65 -1.15 -53.87
C LYS L 46 -21.59 -0.04 -54.35
N ILE M 1 32.11 -13.70 -44.14
CA ILE M 1 31.54 -15.10 -44.28
C ILE M 1 32.24 -15.73 -45.48
N THR M 2 32.45 -17.04 -45.44
CA THR M 2 32.78 -17.80 -46.66
C THR M 2 31.68 -18.81 -46.92
N ALA M 3 31.55 -19.22 -48.16
CA ALA M 3 30.46 -20.12 -48.63
C ALA M 3 30.97 -20.94 -49.79
N LYS M 4 30.28 -22.04 -50.02
CA LYS M 4 30.55 -22.87 -51.21
C LYS M 4 30.09 -22.09 -52.43
N PRO M 5 30.66 -22.39 -53.60
CA PRO M 5 29.99 -22.09 -54.86
C PRO M 5 28.57 -22.67 -54.86
N ALA M 6 27.70 -22.00 -55.62
CA ALA M 6 26.29 -22.37 -55.79
C ALA M 6 26.14 -23.86 -56.14
N LYS M 7 25.23 -24.54 -55.45
CA LYS M 7 24.92 -25.93 -55.85
C LYS M 7 24.07 -25.97 -57.11
N THR M 8 23.23 -24.95 -57.35
CA THR M 8 22.36 -24.83 -58.55
C THR M 8 22.50 -23.40 -59.08
N PRO M 9 23.64 -23.10 -59.71
CA PRO M 9 23.90 -21.72 -60.16
C PRO M 9 22.74 -21.12 -60.96
N THR M 10 22.51 -19.83 -60.76
CA THR M 10 21.43 -19.08 -61.43
C THR M 10 22.13 -18.13 -62.41
N SER M 11 22.15 -18.49 -63.67
CA SER M 11 22.81 -17.75 -64.79
C SER M 11 22.20 -16.35 -64.91
N PRO M 12 22.92 -15.43 -65.57
CA PRO M 12 22.31 -14.12 -65.88
C PRO M 12 20.92 -14.24 -66.54
N LYS M 13 20.75 -15.12 -67.52
CA LYS M 13 19.45 -15.32 -68.20
C LYS M 13 18.38 -15.74 -67.15
N GLU M 14 18.71 -16.68 -66.27
CA GLU M 14 17.77 -17.19 -65.24
C GLU M 14 17.43 -16.04 -64.30
N GLN M 15 18.39 -15.19 -63.97
CA GLN M 15 18.14 -14.05 -63.06
C GLN M 15 17.18 -13.07 -63.76
N ALA M 16 17.36 -12.84 -65.05
CA ALA M 16 16.50 -11.91 -65.83
C ALA M 16 15.06 -12.46 -65.80
N ILE M 17 14.90 -13.77 -65.92
CA ILE M 17 13.56 -14.42 -65.82
C ILE M 17 12.99 -14.23 -64.42
N GLY M 18 13.76 -14.54 -63.37
CA GLY M 18 13.23 -14.41 -62.01
C GLY M 18 12.85 -12.96 -61.68
N LEU M 19 13.72 -12.01 -62.06
CA LEU M 19 13.51 -10.57 -61.79
C LEU M 19 12.24 -10.15 -62.55
N SER M 20 12.09 -10.57 -63.81
CA SER M 20 10.94 -10.15 -64.66
C SER M 20 9.65 -10.71 -64.08
N VAL M 21 9.63 -11.98 -63.72
CA VAL M 21 8.42 -12.64 -63.17
C VAL M 21 8.09 -11.97 -61.83
N THR M 22 9.09 -11.70 -61.00
CA THR M 22 8.86 -11.06 -59.69
C THR M 22 8.18 -9.69 -59.91
N PHE M 23 8.73 -8.87 -60.81
CA PHE M 23 8.21 -7.51 -61.03
C PHE M 23 6.78 -7.60 -61.57
N LEU M 24 6.54 -8.48 -62.55
CA LEU M 24 5.20 -8.63 -63.15
C LEU M 24 4.20 -9.07 -62.07
N SER M 25 4.60 -9.91 -61.12
CA SER M 25 3.64 -10.40 -60.10
C SER M 25 3.13 -9.25 -59.24
N PHE M 26 3.93 -8.20 -59.05
CA PHE M 26 3.55 -7.00 -58.28
C PHE M 26 2.80 -6.02 -59.20
N LEU M 27 3.26 -5.88 -60.43
CA LEU M 27 2.81 -4.76 -61.28
C LEU M 27 1.49 -5.09 -62.01
N LEU M 28 1.31 -6.31 -62.51
CA LEU M 28 0.14 -6.56 -63.39
C LEU M 28 -1.18 -6.47 -62.64
N PRO M 29 -1.35 -7.07 -61.45
CA PRO M 29 -2.68 -7.05 -60.81
C PRO M 29 -3.01 -5.61 -60.39
N ALA M 30 -2.08 -4.92 -59.70
CA ALA M 30 -2.28 -3.50 -59.34
C ALA M 30 -2.56 -2.66 -60.62
N GLY M 31 -1.79 -2.88 -61.67
CA GLY M 31 -1.98 -2.15 -62.94
C GLY M 31 -3.40 -2.37 -63.47
N TRP M 32 -3.89 -3.60 -63.41
CA TRP M 32 -5.24 -3.93 -63.90
C TRP M 32 -6.26 -3.11 -63.09
N VAL M 33 -6.14 -3.15 -61.76
CA VAL M 33 -7.11 -2.40 -60.92
C VAL M 33 -7.05 -0.90 -61.27
N LEU M 34 -5.87 -0.31 -61.30
CA LEU M 34 -5.73 1.15 -61.46
C LEU M 34 -6.16 1.57 -62.86
N TYR M 35 -5.92 0.73 -63.87
CA TYR M 35 -6.36 1.01 -65.25
C TYR M 35 -7.88 1.04 -65.32
N HIS M 36 -8.56 0.23 -64.52
CA HIS M 36 -10.04 0.05 -64.58
C HIS M 36 -10.75 0.93 -63.52
N LEU M 37 -10.04 1.83 -62.82
CA LEU M 37 -10.67 2.68 -61.75
C LEU M 37 -11.91 3.39 -62.29
N ASP M 38 -11.80 4.04 -63.44
CA ASP M 38 -12.96 4.76 -64.06
C ASP M 38 -14.18 3.82 -64.10
N ASN M 39 -13.98 2.59 -64.61
CA ASN M 39 -15.02 1.54 -64.79
C ASN M 39 -15.71 1.29 -63.43
N TYR M 40 -14.92 1.10 -62.37
CA TYR M 40 -15.45 0.92 -60.99
C TYR M 40 -16.10 2.25 -60.61
N FME N 1 26.89 -2.49 46.84
CN FME N 1 26.88 -1.35 46.20
O1 FME N 1 26.22 -1.11 45.19
CA FME N 1 26.09 -3.64 46.45
CB FME N 1 26.45 -4.89 47.27
CG FME N 1 26.89 -6.11 46.40
SD FME N 1 28.06 -5.75 45.00
CE FME N 1 28.01 -7.31 44.11
C FME N 1 24.60 -3.29 46.48
O FME N 1 23.85 -3.71 45.60
N PHE N 2 24.16 -2.49 47.46
CA PHE N 2 22.76 -2.12 47.52
C PHE N 2 22.34 -1.30 46.29
N ILE N 3 23.15 -0.29 45.94
CA ILE N 3 22.85 0.58 44.77
C ILE N 3 22.89 -0.29 43.50
N ASN N 4 23.90 -1.16 43.38
CA ASN N 4 24.04 -2.00 42.16
C ASN N 4 22.77 -2.85 42.04
N ARG N 5 22.29 -3.40 43.14
CA ARG N 5 21.17 -4.37 43.07
C ARG N 5 19.86 -3.63 42.76
N TRP N 6 19.59 -2.51 43.44
CA TRP N 6 18.22 -1.93 43.50
C TRP N 6 18.10 -0.67 42.64
N LEU N 7 19.21 -0.04 42.24
CA LEU N 7 19.13 1.15 41.35
C LEU N 7 19.60 0.79 39.93
N PHE N 8 20.48 -0.24 39.83
CA PHE N 8 21.15 -0.63 38.57
C PHE N 8 20.67 -2.01 38.11
N SER N 9 19.52 -2.45 38.59
CA SER N 9 19.03 -3.82 38.32
C SER N 9 18.95 -4.13 36.82
N THR N 10 19.28 -5.38 36.50
CA THR N 10 18.97 -6.03 35.23
C THR N 10 18.28 -7.37 35.50
N ASN N 11 17.57 -7.48 36.60
CA ASN N 11 16.95 -8.75 37.05
C ASN N 11 15.42 -8.62 37.05
N HIS N 12 14.72 -9.51 36.36
CA HIS N 12 13.24 -9.43 36.23
C HIS N 12 12.57 -9.49 37.61
N LYS N 13 13.08 -10.27 38.55
CA LYS N 13 12.39 -10.46 39.85
C LYS N 13 12.53 -9.17 40.68
N ASP N 14 13.76 -8.65 40.80
CA ASP N 14 14.01 -7.44 41.58
C ASP N 14 13.23 -6.27 40.97
N ILE N 15 13.15 -6.19 39.65
CA ILE N 15 12.40 -5.08 39.00
C ILE N 15 10.90 -5.29 39.28
N GLY N 16 10.42 -6.54 39.22
CA GLY N 16 9.03 -6.84 39.65
C GLY N 16 8.78 -6.41 41.07
N THR N 17 9.72 -6.68 41.96
CA THR N 17 9.59 -6.26 43.38
C THR N 17 9.51 -4.74 43.44
N LEU N 18 10.39 -4.02 42.74
CA LEU N 18 10.32 -2.53 42.75
C LEU N 18 8.93 -2.05 42.29
N TYR N 19 8.42 -2.61 41.18
CA TYR N 19 7.06 -2.27 40.71
C TYR N 19 5.99 -2.55 41.78
N LEU N 20 6.03 -3.69 42.44
CA LEU N 20 5.01 -3.96 43.49
C LEU N 20 5.08 -2.93 44.63
N LEU N 21 6.29 -2.57 45.07
CA LEU N 21 6.47 -1.59 46.16
C LEU N 21 5.95 -0.24 45.68
N PHE N 22 6.30 0.15 44.47
CA PHE N 22 5.86 1.42 43.88
C PHE N 22 4.31 1.45 43.83
N GLY N 23 3.72 0.41 43.27
CA GLY N 23 2.25 0.33 43.13
C GLY N 23 1.55 0.34 44.46
N ALA N 24 2.09 -0.35 45.47
CA ALA N 24 1.47 -0.38 46.81
C ALA N 24 1.47 1.03 47.43
N TRP N 25 2.58 1.74 47.31
CA TRP N 25 2.68 3.13 47.80
C TRP N 25 1.64 3.97 47.02
N ALA N 26 1.63 3.87 45.70
CA ALA N 26 0.68 4.65 44.86
C ALA N 26 -0.75 4.37 45.33
N GLY N 27 -1.04 3.11 45.61
CA GLY N 27 -2.38 2.72 46.07
C GLY N 27 -2.76 3.46 47.34
N MET N 28 -1.81 3.68 48.25
CA MET N 28 -2.10 4.47 49.47
C MET N 28 -2.47 5.90 49.06
N VAL N 29 -1.69 6.52 48.15
CA VAL N 29 -1.97 7.89 47.65
C VAL N 29 -3.39 7.91 47.04
N GLY N 30 -3.68 6.97 46.15
CA GLY N 30 -4.97 6.92 45.43
C GLY N 30 -6.13 6.72 46.40
N THR N 31 -5.90 5.93 47.45
CA THR N 31 -6.93 5.63 48.46
C THR N 31 -7.17 6.90 49.30
N ALA N 32 -6.10 7.58 49.70
CA ALA N 32 -6.28 8.84 50.46
C ALA N 32 -7.11 9.83 49.62
N LEU N 33 -6.79 9.96 48.33
CA LEU N 33 -7.55 10.87 47.44
C LEU N 33 -9.04 10.47 47.38
N SER N 34 -9.31 9.19 47.27
CA SER N 34 -10.69 8.63 47.23
C SER N 34 -11.43 8.97 48.52
N LEU N 35 -10.75 8.95 49.66
CA LEU N 35 -11.42 9.21 50.95
C LEU N 35 -11.71 10.71 51.08
N LEU N 36 -10.86 11.57 50.50
CA LEU N 36 -11.10 13.03 50.48
C LEU N 36 -12.33 13.32 49.61
N ILE N 37 -12.42 12.67 48.43
CA ILE N 37 -13.63 12.76 47.58
C ILE N 37 -14.87 12.45 48.44
N ARG N 38 -14.87 11.29 49.08
CA ARG N 38 -16.04 10.80 49.83
C ARG N 38 -16.26 11.62 51.12
N ALA N 39 -15.22 12.22 51.73
CA ALA N 39 -15.43 13.11 52.88
C ALA N 39 -16.20 14.34 52.38
N GLU N 40 -15.85 14.89 51.24
CA GLU N 40 -16.61 16.06 50.68
C GLU N 40 -18.05 15.62 50.40
N LEU N 41 -18.24 14.48 49.73
CA LEU N 41 -19.61 14.08 49.33
C LEU N 41 -20.42 13.47 50.50
N GLY N 42 -19.80 13.17 51.66
CA GLY N 42 -20.42 12.55 52.85
C GLY N 42 -21.52 13.39 53.47
N GLN N 43 -21.51 14.72 53.25
CA GLN N 43 -22.56 15.62 53.78
C GLN N 43 -22.79 16.72 52.74
N PRO N 44 -24.05 17.15 52.54
CA PRO N 44 -24.36 18.28 51.67
C PRO N 44 -23.71 19.56 52.26
N GLY N 45 -23.48 20.55 51.39
CA GLY N 45 -22.69 21.75 51.71
C GLY N 45 -21.23 21.50 51.41
N THR N 46 -20.38 22.48 51.69
CA THR N 46 -18.95 22.35 51.35
C THR N 46 -18.13 21.99 52.59
N LEU N 47 -17.16 21.09 52.43
CA LEU N 47 -16.16 20.73 53.45
C LEU N 47 -14.85 21.44 53.13
N LEU N 48 -14.36 21.31 51.90
CA LEU N 48 -13.00 21.81 51.56
C LEU N 48 -13.08 23.34 51.40
N GLY N 49 -14.25 23.87 51.05
CA GLY N 49 -14.46 25.32 50.83
C GLY N 49 -13.77 25.76 49.54
N ASP N 50 -13.46 24.83 48.66
CA ASP N 50 -12.60 25.13 47.49
C ASP N 50 -12.88 24.05 46.44
N ASP N 51 -13.78 24.39 45.53
CA ASP N 51 -14.27 23.33 44.64
C ASP N 51 -13.19 23.07 43.57
N GLN N 52 -12.30 24.08 43.30
CA GLN N 52 -11.17 23.79 42.40
C GLN N 52 -10.35 22.67 43.07
N ILE N 53 -10.10 22.73 44.39
CA ILE N 53 -9.31 21.67 45.08
C ILE N 53 -10.04 20.32 44.94
N TYR N 54 -11.37 20.29 45.14
CA TYR N 54 -12.14 19.05 44.97
C TYR N 54 -11.79 18.47 43.59
N ASN N 55 -11.88 19.31 42.55
CA ASN N 55 -11.69 18.85 41.14
C ASN N 55 -10.26 18.31 40.95
N VAL N 56 -9.30 18.93 41.62
CA VAL N 56 -7.87 18.50 41.54
C VAL N 56 -7.76 17.13 42.21
N VAL N 57 -8.44 16.95 43.33
CA VAL N 57 -8.40 15.66 44.08
C VAL N 57 -9.00 14.55 43.20
N VAL N 58 -10.11 14.82 42.55
CA VAL N 58 -10.78 13.77 41.71
C VAL N 58 -9.83 13.41 40.55
N THR N 59 -9.25 14.42 39.89
CA THR N 59 -8.32 14.25 38.75
C THR N 59 -7.12 13.38 39.19
N ALA N 60 -6.47 13.74 40.29
CA ALA N 60 -5.27 13.04 40.81
C ALA N 60 -5.64 11.61 41.22
N HIS N 61 -6.79 11.44 41.83
CA HIS N 61 -7.29 10.10 42.24
C HIS N 61 -7.24 9.14 41.08
N ALA N 62 -7.82 9.54 39.95
CA ALA N 62 -7.89 8.70 38.73
C ALA N 62 -6.48 8.41 38.20
N PHE N 63 -5.65 9.46 38.02
CA PHE N 63 -4.32 9.26 37.42
C PHE N 63 -3.52 8.31 38.30
N VAL N 64 -3.59 8.50 39.60
CA VAL N 64 -2.77 7.66 40.54
C VAL N 64 -3.24 6.21 40.46
N MET N 65 -4.55 5.98 40.57
CA MET N 65 -5.05 4.58 40.60
C MET N 65 -4.75 3.87 39.27
N ILE N 66 -4.88 4.55 38.13
CA ILE N 66 -4.71 3.93 36.80
C ILE N 66 -3.21 3.77 36.50
N PHE N 67 -2.46 4.86 36.49
CA PHE N 67 -1.09 4.87 35.91
C PHE N 67 -0.06 4.44 36.97
N PHE N 68 -0.30 4.70 38.26
CA PHE N 68 0.71 4.43 39.31
C PHE N 68 0.35 3.23 40.18
N MET N 69 -0.91 2.79 40.24
CA MET N 69 -1.26 1.60 41.06
C MET N 69 -1.54 0.42 40.11
N VAL N 70 -2.57 0.47 39.29
CA VAL N 70 -2.98 -0.77 38.55
C VAL N 70 -1.89 -1.19 37.56
N MET N 71 -1.51 -0.32 36.66
CA MET N 71 -0.61 -0.74 35.57
C MET N 71 0.75 -1.19 36.13
N PRO N 72 1.40 -0.44 37.07
CA PRO N 72 2.66 -0.91 37.62
C PRO N 72 2.57 -2.27 38.34
N ILE N 73 1.48 -2.47 39.08
CA ILE N 73 1.29 -3.74 39.80
C ILE N 73 1.07 -4.88 38.80
N MET N 74 0.12 -4.73 37.88
CA MET N 74 -0.26 -5.87 37.05
C MET N 74 0.83 -6.19 36.04
N ILE N 75 1.35 -5.20 35.34
CA ILE N 75 2.26 -5.42 34.18
C ILE N 75 3.69 -5.37 34.72
N GLY N 76 4.06 -4.29 35.42
CA GLY N 76 5.45 -4.20 35.90
C GLY N 76 5.74 -5.24 36.99
N GLY N 77 4.81 -5.46 37.91
CA GLY N 77 5.05 -6.31 39.10
C GLY N 77 4.80 -7.77 38.78
N PHE N 78 3.53 -8.18 38.68
CA PHE N 78 3.19 -9.57 38.30
C PHE N 78 3.79 -9.95 36.94
N GLY N 79 3.75 -9.06 35.94
CA GLY N 79 4.31 -9.37 34.61
C GLY N 79 5.80 -9.70 34.72
N ASN N 80 6.60 -8.84 35.34
CA ASN N 80 8.05 -9.08 35.39
C ASN N 80 8.35 -10.29 36.25
N TRP N 81 7.68 -10.46 37.37
CA TRP N 81 7.93 -11.64 38.24
C TRP N 81 7.59 -12.92 37.50
N LEU N 82 6.38 -13.00 36.94
CA LEU N 82 5.79 -14.31 36.53
C LEU N 82 6.12 -14.65 35.06
N VAL N 83 6.13 -13.69 34.13
CA VAL N 83 6.21 -14.07 32.71
C VAL N 83 7.46 -14.89 32.45
N PRO N 84 8.66 -14.44 32.82
CA PRO N 84 9.85 -15.24 32.52
C PRO N 84 9.78 -16.61 33.19
N LEU N 85 9.29 -16.66 34.42
CA LEU N 85 9.20 -17.95 35.16
C LEU N 85 8.25 -18.89 34.43
N MET N 86 7.10 -18.39 33.95
CA MET N 86 6.08 -19.27 33.35
C MET N 86 6.52 -19.78 31.97
N ILE N 87 7.51 -19.16 31.34
CA ILE N 87 8.03 -19.68 30.04
C ILE N 87 9.47 -20.19 30.21
N GLY N 88 9.98 -20.36 31.44
CA GLY N 88 11.31 -20.97 31.62
C GLY N 88 12.43 -20.09 31.05
N ALA N 89 12.21 -18.77 30.93
CA ALA N 89 13.19 -17.83 30.34
C ALA N 89 14.09 -17.33 31.46
N PRO N 90 15.36 -17.01 31.15
CA PRO N 90 16.31 -16.58 32.17
C PRO N 90 16.15 -15.12 32.61
N ASP N 91 15.50 -14.32 31.78
CA ASP N 91 15.13 -12.93 32.15
C ASP N 91 14.19 -12.41 31.05
N MET N 92 13.92 -11.10 31.06
CA MET N 92 13.29 -10.39 29.92
C MET N 92 14.30 -10.24 28.77
N ALA N 93 13.81 -9.99 27.56
CA ALA N 93 14.59 -9.78 26.33
C ALA N 93 15.57 -8.63 26.57
N PHE N 94 15.10 -7.54 27.17
CA PHE N 94 15.87 -6.28 27.29
C PHE N 94 15.94 -5.93 28.77
N PRO N 95 16.81 -6.62 29.52
CA PRO N 95 16.77 -6.54 30.96
C PRO N 95 17.17 -5.19 31.51
N ARG N 96 17.96 -4.44 30.75
CA ARG N 96 18.40 -3.09 31.16
C ARG N 96 17.30 -2.08 30.77
N MET N 97 16.71 -2.18 29.58
CA MET N 97 15.58 -1.31 29.21
C MET N 97 14.42 -1.48 30.20
N ASN N 98 14.26 -2.69 30.69
CA ASN N 98 13.25 -3.04 31.71
C ASN N 98 13.40 -2.10 32.92
N ASN N 99 14.65 -1.87 33.33
CA ASN N 99 14.93 -1.08 34.55
C ASN N 99 14.53 0.38 34.30
N MET N 100 14.66 0.85 33.07
CA MET N 100 14.30 2.24 32.72
C MET N 100 12.77 2.37 32.69
N SER N 101 12.02 1.34 32.29
CA SER N 101 10.54 1.40 32.40
C SER N 101 10.20 1.62 33.88
N PHE N 102 10.85 0.92 34.79
CA PHE N 102 10.62 1.17 36.22
C PHE N 102 10.99 2.61 36.58
N TRP N 103 12.24 3.03 36.33
CA TRP N 103 12.71 4.27 36.94
C TRP N 103 12.04 5.51 36.32
N LEU N 104 11.33 5.36 35.22
CA LEU N 104 10.54 6.50 34.69
C LEU N 104 9.34 6.78 35.59
N LEU N 105 8.87 5.82 36.37
CA LEU N 105 7.62 6.02 37.12
C LEU N 105 7.81 6.98 38.29
N PRO N 106 8.86 6.89 39.14
CA PRO N 106 8.97 7.88 40.21
C PRO N 106 9.00 9.32 39.68
N PRO N 107 9.79 9.66 38.63
CA PRO N 107 9.72 11.00 38.04
C PRO N 107 8.33 11.36 37.49
N SER N 108 7.68 10.43 36.80
CA SER N 108 6.26 10.62 36.36
C SER N 108 5.37 11.01 37.56
N PHE N 109 5.51 10.30 38.66
CA PHE N 109 4.68 10.55 39.87
C PHE N 109 5.04 11.92 40.47
N LEU N 110 6.33 12.24 40.53
CA LEU N 110 6.81 13.55 41.00
C LEU N 110 6.17 14.65 40.16
N LEU N 111 6.09 14.50 38.82
CA LEU N 111 5.46 15.52 37.97
C LEU N 111 3.96 15.70 38.35
N LEU N 112 3.23 14.61 38.56
CA LEU N 112 1.81 14.65 38.99
C LEU N 112 1.72 15.39 40.33
N LEU N 113 2.53 15.04 41.33
N LEU N 113 2.54 15.03 41.34
CA LEU N 113 2.42 15.69 42.65
CA LEU N 113 2.64 15.77 42.65
C LEU N 113 2.92 17.17 42.54
C LEU N 113 2.74 17.25 42.31
N ALA N 114 3.78 17.56 41.55
CA ALA N 114 4.17 18.96 41.26
C ALA N 114 2.95 19.70 40.67
N SER N 115 2.19 19.04 39.79
N SER N 115 2.19 19.02 39.81
CA SER N 115 0.98 19.66 39.17
CA SER N 115 0.98 19.61 39.16
C SER N 115 0.05 20.14 40.29
C SER N 115 -0.04 20.07 40.21
N SER N 116 -0.13 19.35 41.33
CA SER N 116 -1.13 19.60 42.39
C SER N 116 -0.63 20.66 43.39
N MET N 117 0.70 20.89 43.42
N MET N 117 0.70 20.85 43.47
CA MET N 117 1.39 21.76 44.42
CA MET N 117 1.31 21.81 44.43
C MET N 117 1.61 23.17 43.85
C MET N 117 1.34 23.21 43.83
N VAL N 118 1.64 23.32 42.54
CA VAL N 118 1.84 24.65 41.88
C VAL N 118 0.46 25.20 41.51
N GLU N 119 0.36 26.51 41.45
CA GLU N 119 -0.87 27.27 41.10
C GLU N 119 -2.05 26.66 41.86
N ALA N 120 -3.15 26.36 41.18
CA ALA N 120 -4.36 25.79 41.81
C ALA N 120 -4.58 24.35 41.36
N GLY N 121 -3.54 23.70 40.81
CA GLY N 121 -3.61 22.31 40.37
C GLY N 121 -4.34 22.16 39.05
N ALA N 122 -4.39 20.93 38.55
CA ALA N 122 -5.13 20.57 37.31
C ALA N 122 -6.48 19.99 37.71
N GLY N 123 -7.55 20.83 37.76
CA GLY N 123 -8.90 20.40 38.11
C GLY N 123 -9.68 20.12 36.85
N THR N 124 -9.23 19.15 36.07
CA THR N 124 -9.66 18.97 34.68
C THR N 124 -10.49 17.71 34.50
N GLY N 125 -10.50 16.82 35.47
CA GLY N 125 -10.84 15.41 35.18
C GLY N 125 -9.66 14.70 34.52
N TRP N 126 -9.59 13.38 34.62
CA TRP N 126 -8.44 12.62 34.07
C TRP N 126 -8.45 12.59 32.53
N THR N 127 -9.53 13.06 31.91
CA THR N 127 -9.71 13.22 30.44
C THR N 127 -8.93 14.47 29.93
N VAL N 128 -8.75 15.48 30.79
CA VAL N 128 -7.98 16.70 30.49
C VAL N 128 -8.53 17.36 29.21
N TYR N 129 -9.86 17.48 29.07
CA TYR N 129 -10.47 18.07 27.86
C TYR N 129 -10.16 19.57 27.80
N PRO N 130 -9.72 20.06 26.63
CA PRO N 130 -9.80 21.49 26.31
C PRO N 130 -11.24 21.87 25.96
N PRO N 131 -11.62 23.16 26.08
CA PRO N 131 -10.74 24.24 26.57
C PRO N 131 -10.54 24.39 28.07
N LEU N 132 -11.22 23.61 28.92
CA LEU N 132 -10.99 23.75 30.39
C LEU N 132 -9.49 23.52 30.70
N ALA N 133 -8.85 22.58 30.00
CA ALA N 133 -7.42 22.24 30.21
C ALA N 133 -6.49 23.17 29.45
N GLY N 134 -7.03 24.16 28.71
CA GLY N 134 -6.21 25.08 27.92
C GLY N 134 -5.64 26.23 28.78
N ASN N 135 -4.90 27.12 28.12
CA ASN N 135 -4.07 28.14 28.81
C ASN N 135 -4.87 29.36 29.27
N LEU N 136 -6.17 29.45 28.97
N LEU N 136 -6.18 29.44 29.06
CA LEU N 136 -7.07 30.50 29.51
CA LEU N 136 -6.97 30.57 29.62
C LEU N 136 -7.70 29.97 30.81
C LEU N 136 -7.86 30.07 30.78
N ALA N 137 -8.40 28.84 30.71
CA ALA N 137 -9.21 28.25 31.82
C ALA N 137 -8.32 27.51 32.84
N HIS N 138 -7.09 27.13 32.44
CA HIS N 138 -6.06 26.52 33.36
C HIS N 138 -4.67 27.12 33.05
N ALA N 139 -4.56 28.43 33.23
CA ALA N 139 -3.31 29.18 33.02
C ALA N 139 -2.28 28.65 34.03
N GLY N 140 -1.03 28.59 33.65
CA GLY N 140 0.04 28.22 34.57
C GLY N 140 0.49 26.79 34.35
N ALA N 141 1.41 26.30 35.17
CA ALA N 141 2.18 25.07 34.87
C ALA N 141 1.40 23.78 35.18
N SER N 142 0.31 23.80 35.98
CA SER N 142 -0.28 22.54 36.50
C SER N 142 -0.62 21.57 35.34
N VAL N 143 -1.37 21.99 34.34
CA VAL N 143 -1.75 21.04 33.25
C VAL N 143 -0.49 20.61 32.48
N ASP N 144 0.50 21.50 32.29
CA ASP N 144 1.72 21.11 31.55
C ASP N 144 2.44 19.99 32.33
N LEU N 145 2.50 20.10 33.66
CA LEU N 145 3.17 19.08 34.48
C LEU N 145 2.37 17.76 34.41
N THR N 146 1.05 17.83 34.30
CA THR N 146 0.19 16.63 34.14
C THR N 146 0.49 16.00 32.78
N ILE N 147 0.58 16.80 31.72
CA ILE N 147 0.91 16.28 30.36
C ILE N 147 2.28 15.61 30.44
N PHE N 148 3.26 16.24 31.07
CA PHE N 148 4.61 15.63 31.10
C PHE N 148 4.61 14.32 31.92
N SER N 149 3.87 14.27 33.03
CA SER N 149 3.69 13.04 33.83
C SER N 149 3.20 11.92 32.91
N LEU N 150 2.23 12.21 32.08
CA LEU N 150 1.65 11.18 31.16
C LEU N 150 2.66 10.82 30.07
N HIS N 151 3.43 11.77 29.53
CA HIS N 151 4.51 11.43 28.57
C HIS N 151 5.47 10.42 29.22
N LEU N 152 5.89 10.62 30.47
CA LEU N 152 6.92 9.71 31.06
C LEU N 152 6.24 8.36 31.33
N ALA N 153 5.01 8.36 31.86
CA ALA N 153 4.29 7.10 32.07
C ALA N 153 4.12 6.37 30.72
N GLY N 154 3.83 7.11 29.66
CA GLY N 154 3.61 6.56 28.31
C GLY N 154 4.88 5.90 27.81
N VAL N 155 6.01 6.59 27.92
CA VAL N 155 7.26 5.98 27.43
C VAL N 155 7.56 4.70 28.24
N SER N 156 7.38 4.75 29.55
CA SER N 156 7.64 3.60 30.44
C SER N 156 6.86 2.39 29.89
N SER N 157 5.55 2.57 29.64
CA SER N 157 4.66 1.45 29.23
C SER N 157 4.94 1.03 27.78
N ILE N 158 5.26 1.97 26.88
CA ILE N 158 5.58 1.61 25.46
C ILE N 158 6.85 0.74 25.46
N LEU N 159 7.89 1.16 26.16
CA LEU N 159 9.12 0.34 26.18
C LEU N 159 8.79 -0.98 26.89
N GLY N 160 7.98 -0.97 27.94
CA GLY N 160 7.65 -2.22 28.64
C GLY N 160 6.88 -3.13 27.70
N ALA N 161 5.98 -2.58 26.88
CA ALA N 161 5.22 -3.39 25.89
C ALA N 161 6.16 -4.06 24.89
N ILE N 162 7.13 -3.32 24.39
CA ILE N 162 8.12 -3.87 23.45
C ILE N 162 8.87 -5.02 24.13
N ASN N 163 9.25 -4.82 25.38
CA ASN N 163 9.98 -5.86 26.16
C ASN N 163 9.09 -7.11 26.30
N PHE N 164 7.87 -6.95 26.79
CA PHE N 164 7.00 -8.15 27.00
C PHE N 164 6.71 -8.87 25.68
N ILE N 165 6.36 -8.14 24.63
CA ILE N 165 6.03 -8.80 23.35
C ILE N 165 7.26 -9.59 22.87
N THR N 166 8.44 -8.97 22.91
CA THR N 166 9.65 -9.62 22.40
C THR N 166 9.95 -10.86 23.26
N THR N 167 9.86 -10.73 24.57
CA THR N 167 10.17 -11.82 25.53
C THR N 167 9.26 -13.02 25.24
N ILE N 168 7.99 -12.72 25.12
CA ILE N 168 6.95 -13.77 25.02
C ILE N 168 7.07 -14.48 23.65
N ILE N 169 7.33 -13.75 22.58
CA ILE N 169 7.49 -14.32 21.21
C ILE N 169 8.81 -15.08 21.12
N ASN N 170 9.89 -14.54 21.67
CA ASN N 170 11.25 -15.00 21.28
C ASN N 170 11.84 -15.93 22.33
N MET N 171 11.38 -15.96 23.58
CA MET N 171 12.18 -16.58 24.68
C MET N 171 11.49 -17.78 25.33
N LYS N 172 10.56 -18.39 24.62
CA LYS N 172 9.97 -19.67 25.07
C LYS N 172 10.91 -20.82 24.78
N PRO N 173 10.72 -21.99 25.43
CA PRO N 173 11.46 -23.17 25.01
C PRO N 173 11.16 -23.44 23.54
N PRO N 174 12.12 -23.93 22.75
CA PRO N 174 11.93 -24.09 21.30
C PRO N 174 10.75 -25.00 20.97
N ALA N 175 10.41 -25.95 21.83
CA ALA N 175 9.27 -26.87 21.60
C ALA N 175 7.92 -26.21 21.92
N MET N 176 7.90 -25.14 22.71
CA MET N 176 6.66 -24.54 23.24
C MET N 176 6.10 -23.60 22.19
N SER N 177 4.94 -23.91 21.63
CA SER N 177 4.25 -22.98 20.72
C SER N 177 3.50 -21.91 21.56
N GLN N 178 2.95 -20.94 20.89
CA GLN N 178 2.13 -19.92 21.56
C GLN N 178 0.94 -20.61 22.22
N TYR N 179 0.50 -21.75 21.68
CA TYR N 179 -0.67 -22.46 22.21
C TYR N 179 -0.27 -23.44 23.35
N GLN N 180 0.93 -23.31 23.86
CA GLN N 180 1.35 -24.03 25.08
C GLN N 180 1.87 -23.03 26.12
N THR N 181 1.52 -21.75 25.99
CA THR N 181 1.89 -20.76 27.01
C THR N 181 0.68 -20.56 27.91
N PRO N 182 0.94 -20.32 29.20
CA PRO N 182 -0.13 -20.10 30.17
C PRO N 182 -0.94 -18.85 29.83
N LEU N 183 -2.20 -18.85 30.25
CA LEU N 183 -3.13 -17.76 29.94
C LEU N 183 -2.59 -16.44 30.51
N PHE N 184 -1.93 -16.42 31.68
CA PHE N 184 -1.41 -15.13 32.21
C PHE N 184 -0.44 -14.53 31.20
N VAL N 185 0.40 -15.36 30.60
CA VAL N 185 1.38 -14.91 29.58
C VAL N 185 0.62 -14.37 28.36
N TRP N 186 -0.44 -15.06 27.91
CA TRP N 186 -1.27 -14.51 26.80
C TRP N 186 -1.82 -13.13 27.21
N SER N 187 -2.30 -13.03 28.44
CA SER N 187 -3.00 -11.80 28.87
C SER N 187 -2.03 -10.62 28.84
N VAL N 188 -0.77 -10.85 29.23
CA VAL N 188 0.28 -9.82 29.20
C VAL N 188 0.63 -9.48 27.73
N MET N 189 0.80 -10.46 26.86
CA MET N 189 1.13 -10.22 25.45
C MET N 189 0.06 -9.32 24.85
N ILE N 190 -1.20 -9.65 25.08
CA ILE N 190 -2.30 -8.91 24.44
C ILE N 190 -2.35 -7.49 25.03
N THR N 191 -2.20 -7.38 26.34
CA THR N 191 -2.15 -6.06 27.00
C THR N 191 -1.02 -5.24 26.37
N ALA N 192 0.15 -5.85 26.16
CA ALA N 192 1.31 -5.13 25.59
C ALA N 192 0.99 -4.64 24.17
N VAL N 193 0.35 -5.46 23.33
CA VAL N 193 -0.03 -5.01 21.98
C VAL N 193 -0.99 -3.78 22.11
N LEU N 194 -1.97 -3.85 23.03
CA LEU N 194 -2.89 -2.69 23.20
C LEU N 194 -2.08 -1.43 23.59
N LEU N 195 -1.14 -1.56 24.50
CA LEU N 195 -0.29 -0.42 24.96
C LEU N 195 0.50 0.15 23.79
N LEU N 196 1.12 -0.73 23.01
CA LEU N 196 2.01 -0.33 21.91
C LEU N 196 1.23 0.54 20.91
N LEU N 197 -0.04 0.18 20.66
CA LEU N 197 -0.83 0.85 19.62
C LEU N 197 -1.57 2.08 20.16
N SER N 198 -1.98 2.08 21.41
CA SER N 198 -2.88 3.12 21.97
C SER N 198 -2.08 4.29 22.54
N LEU N 199 -1.04 4.03 23.30
CA LEU N 199 -0.31 5.08 24.01
C LEU N 199 0.29 6.11 23.03
N PRO N 200 0.80 5.75 21.83
CA PRO N 200 1.30 6.77 20.91
C PRO N 200 0.22 7.76 20.46
N VAL N 201 -1.02 7.31 20.38
CA VAL N 201 -2.12 8.22 19.96
C VAL N 201 -2.40 9.18 21.11
N LEU N 202 -2.41 8.69 22.35
CA LEU N 202 -2.54 9.59 23.51
C LEU N 202 -1.38 10.60 23.47
N ALA N 203 -0.17 10.10 23.23
CA ALA N 203 1.03 10.97 23.22
C ALA N 203 0.85 12.07 22.16
N ALA N 204 0.31 11.72 20.98
CA ALA N 204 0.07 12.72 19.92
C ALA N 204 -0.93 13.76 20.46
N GLY N 205 -2.02 13.30 21.04
CA GLY N 205 -3.11 14.18 21.53
C GLY N 205 -2.66 15.14 22.63
N ILE N 206 -1.91 14.67 23.60
CA ILE N 206 -1.52 15.51 24.75
C ILE N 206 -0.37 16.42 24.30
N THR N 207 0.38 16.01 23.29
CA THR N 207 1.42 16.88 22.70
C THR N 207 0.73 18.06 22.00
N MET N 208 -0.32 17.78 21.23
N MET N 208 -0.35 17.79 21.27
CA MET N 208 -1.14 18.86 20.62
CA MET N 208 -1.11 18.87 20.61
C MET N 208 -1.65 19.81 21.73
C MET N 208 -1.77 19.78 21.66
N LEU N 209 -2.14 19.24 22.84
CA LEU N 209 -2.66 20.10 23.94
C LEU N 209 -1.52 20.98 24.49
N LEU N 210 -0.34 20.38 24.66
CA LEU N 210 0.87 21.13 25.09
C LEU N 210 1.17 22.28 24.13
N THR N 211 1.14 22.03 22.83
CA THR N 211 1.47 23.08 21.84
C THR N 211 0.34 24.12 21.83
N ASP N 212 -0.92 23.72 21.97
CA ASP N 212 -2.00 24.74 22.04
C ASP N 212 -1.78 25.65 23.27
N ARG N 213 -1.23 25.08 24.35
CA ARG N 213 -1.08 25.82 25.60
C ARG N 213 0.16 26.72 25.54
N ASN N 214 1.17 26.39 24.74
CA ASN N 214 2.52 27.03 24.87
C ASN N 214 3.13 27.49 23.55
N LEU N 215 2.66 27.04 22.39
CA LEU N 215 3.31 27.41 21.10
C LEU N 215 2.29 28.05 20.15
N ASN N 216 1.10 28.38 20.65
CA ASN N 216 0.10 29.13 19.86
C ASN N 216 -0.43 28.28 18.68
N THR N 217 -0.41 26.95 18.82
CA THR N 217 -1.18 26.07 17.90
C THR N 217 -2.65 26.17 18.29
N THR N 218 -3.52 25.71 17.40
CA THR N 218 -4.99 25.79 17.60
C THR N 218 -5.64 24.49 17.16
N PHE N 219 -5.00 23.35 17.41
CA PHE N 219 -5.63 22.04 17.14
C PHE N 219 -7.05 21.93 17.72
N PHE N 220 -7.26 22.45 18.92
CA PHE N 220 -8.50 22.29 19.71
C PHE N 220 -9.19 23.63 19.91
N ASP N 221 -8.74 24.68 19.21
CA ASP N 221 -9.23 26.06 19.42
C ASP N 221 -10.00 26.49 18.19
N PRO N 222 -11.35 26.63 18.28
CA PRO N 222 -12.16 27.03 17.12
C PRO N 222 -11.71 28.38 16.53
N ALA N 223 -11.07 29.26 17.31
CA ALA N 223 -10.63 30.56 16.77
C ALA N 223 -9.62 30.33 15.63
N GLY N 224 -8.82 29.27 15.69
CA GLY N 224 -7.86 28.94 14.64
C GLY N 224 -8.37 27.88 13.67
N GLY N 225 -9.64 27.48 13.79
CA GLY N 225 -10.21 26.41 12.94
C GLY N 225 -10.04 25.03 13.58
N GLY N 226 -9.64 24.98 14.84
CA GLY N 226 -9.53 23.71 15.60
C GLY N 226 -10.87 23.26 16.15
N ASP N 227 -10.85 22.20 16.93
CA ASP N 227 -12.06 21.50 17.38
C ASP N 227 -11.77 20.79 18.69
N PRO N 228 -12.43 21.19 19.80
CA PRO N 228 -12.30 20.47 21.08
C PRO N 228 -12.61 18.97 20.93
N ILE N 229 -13.51 18.63 20.03
CA ILE N 229 -13.97 17.23 19.86
C ILE N 229 -12.83 16.37 19.27
N LEU N 230 -11.92 16.95 18.49
CA LEU N 230 -10.75 16.19 17.98
C LEU N 230 -9.97 15.64 19.18
N TYR N 231 -9.77 16.44 20.21
CA TYR N 231 -9.03 15.98 21.40
C TYR N 231 -9.73 14.73 21.98
N GLN N 232 -11.04 14.78 22.09
CA GLN N 232 -11.84 13.69 22.68
C GLN N 232 -11.62 12.40 21.87
N HIS N 233 -11.68 12.47 20.54
CA HIS N 233 -11.42 11.30 19.66
C HIS N 233 -10.03 10.75 19.98
N LEU N 234 -9.01 11.60 20.01
CA LEU N 234 -7.63 11.08 20.20
C LEU N 234 -7.51 10.47 21.58
N PHE N 235 -8.07 11.14 22.59
CA PHE N 235 -8.00 10.69 24.01
C PHE N 235 -8.67 9.31 24.09
N TRP N 236 -9.90 9.22 23.60
CA TRP N 236 -10.69 7.97 23.80
C TRP N 236 -10.23 6.85 22.86
N PHE N 237 -9.60 7.17 21.74
CA PHE N 237 -8.97 6.14 20.87
C PHE N 237 -7.93 5.38 21.71
N PHE N 238 -7.25 6.07 22.59
CA PHE N 238 -6.39 5.46 23.63
C PHE N 238 -7.22 4.92 24.80
N GLY N 239 -8.15 5.72 25.28
CA GLY N 239 -8.83 5.45 26.57
C GLY N 239 -9.65 4.18 26.61
N HIS N 240 -10.33 3.82 25.53
CA HIS N 240 -11.06 2.53 25.54
C HIS N 240 -10.05 1.36 25.61
N PRO N 241 -9.07 1.25 24.68
CA PRO N 241 -8.02 0.24 24.86
C PRO N 241 -7.46 0.27 26.28
N GLU N 242 -7.25 1.46 26.87
CA GLU N 242 -6.72 1.57 28.24
C GLU N 242 -7.58 0.77 29.24
N VAL N 243 -8.91 0.83 29.14
CA VAL N 243 -9.71 0.15 30.18
C VAL N 243 -9.55 -1.38 30.03
N TYR N 244 -9.33 -1.88 28.80
CA TYR N 244 -9.08 -3.33 28.58
C TYR N 244 -7.64 -3.67 29.03
N ILE N 245 -6.69 -2.76 28.86
CA ILE N 245 -5.32 -2.91 29.41
C ILE N 245 -5.40 -3.11 30.92
N LEU N 246 -6.29 -2.37 31.59
CA LEU N 246 -6.36 -2.38 33.05
C LEU N 246 -6.91 -3.75 33.54
N ILE N 247 -7.74 -4.41 32.76
CA ILE N 247 -8.42 -5.66 33.21
C ILE N 247 -7.74 -6.92 32.64
N LEU N 248 -7.11 -6.87 31.48
CA LEU N 248 -6.65 -8.12 30.81
C LEU N 248 -5.67 -8.92 31.68
N PRO N 249 -4.66 -8.33 32.31
CA PRO N 249 -3.74 -9.13 33.14
C PRO N 249 -4.51 -9.69 34.35
N GLY N 250 -5.59 -8.97 34.75
CA GLY N 250 -6.47 -9.44 35.82
C GLY N 250 -7.17 -10.70 35.37
N PHE N 251 -7.70 -10.69 34.15
CA PHE N 251 -8.29 -11.91 33.56
C PHE N 251 -7.28 -13.05 33.57
N GLY N 252 -6.05 -12.77 33.18
CA GLY N 252 -5.01 -13.82 33.22
C GLY N 252 -4.81 -14.37 34.63
N MET N 253 -4.63 -13.50 35.63
CA MET N 253 -4.40 -13.94 37.02
C MET N 253 -5.63 -14.75 37.49
N ILE N 254 -6.84 -14.29 37.19
CA ILE N 254 -8.07 -15.00 37.62
C ILE N 254 -8.05 -16.41 37.03
N SER N 255 -7.71 -16.56 35.77
CA SER N 255 -7.69 -17.90 35.14
C SER N 255 -6.74 -18.80 35.94
N HIS N 256 -5.54 -18.31 36.30
CA HIS N 256 -4.58 -19.15 37.08
C HIS N 256 -5.13 -19.47 38.48
N ILE N 257 -5.70 -18.47 39.16
CA ILE N 257 -6.18 -18.65 40.56
C ILE N 257 -7.36 -19.64 40.59
N VAL N 258 -8.35 -19.44 39.70
CA VAL N 258 -9.52 -20.34 39.65
C VAL N 258 -9.05 -21.77 39.33
N THR N 259 -8.13 -21.92 38.39
CA THR N 259 -7.63 -23.25 38.03
C THR N 259 -6.95 -23.87 39.25
N TYR N 260 -6.05 -23.11 39.89
CA TYR N 260 -5.22 -23.61 41.04
C TYR N 260 -6.11 -24.09 42.19
N TYR N 261 -7.06 -23.28 42.64
CA TYR N 261 -7.85 -23.56 43.86
C TYR N 261 -9.07 -24.44 43.54
N SER N 262 -9.31 -24.74 42.27
CA SER N 262 -10.28 -25.78 41.86
C SER N 262 -9.57 -27.13 41.83
N GLY N 263 -8.24 -27.17 42.05
CA GLY N 263 -7.46 -28.42 41.99
C GLY N 263 -7.36 -28.97 40.57
N LYS N 264 -7.49 -28.13 39.56
CA LYS N 264 -7.45 -28.54 38.14
C LYS N 264 -6.01 -28.39 37.61
N LYS N 265 -5.71 -29.18 36.61
CA LYS N 265 -4.40 -29.06 35.92
C LYS N 265 -4.46 -27.95 34.88
N GLU N 266 -5.65 -27.49 34.53
CA GLU N 266 -5.83 -26.60 33.37
C GLU N 266 -7.17 -25.88 33.44
N PRO N 267 -7.23 -24.65 32.88
CA PRO N 267 -8.49 -23.93 32.79
C PRO N 267 -9.38 -24.62 31.78
N PHE N 268 -10.68 -24.49 31.98
CA PHE N 268 -11.64 -24.94 30.96
C PHE N 268 -11.47 -24.15 29.66
N GLY N 269 -11.41 -24.85 28.53
CA GLY N 269 -11.51 -24.20 27.21
C GLY N 269 -10.39 -23.21 26.94
N TYR N 270 -9.14 -23.66 27.07
CA TYR N 270 -7.93 -22.83 26.88
C TYR N 270 -8.04 -22.01 25.58
N MET N 271 -8.29 -22.66 24.44
CA MET N 271 -8.22 -21.92 23.16
C MET N 271 -9.38 -20.92 23.11
N GLY N 272 -10.53 -21.24 23.71
CA GLY N 272 -11.58 -20.22 23.81
C GLY N 272 -11.15 -19.02 24.67
N MET N 273 -10.37 -19.24 25.72
CA MET N 273 -9.86 -18.13 26.58
C MET N 273 -8.90 -17.25 25.76
N VAL N 274 -8.03 -17.86 24.97
CA VAL N 274 -7.09 -17.09 24.09
C VAL N 274 -7.93 -16.29 23.07
N TRP N 275 -8.86 -16.98 22.40
CA TRP N 275 -9.75 -16.37 21.41
C TRP N 275 -10.44 -15.17 22.08
N ALA N 276 -10.96 -15.35 23.28
CA ALA N 276 -11.78 -14.31 23.94
C ALA N 276 -10.91 -13.07 24.21
N MET N 277 -9.70 -13.26 24.73
CA MET N 277 -8.83 -12.13 25.03
C MET N 277 -8.43 -11.42 23.72
N MET N 278 -8.13 -12.17 22.66
N MET N 278 -8.13 -12.20 22.68
CA MET N 278 -7.71 -11.52 21.40
CA MET N 278 -7.73 -11.62 21.37
C MET N 278 -8.91 -10.76 20.83
C MET N 278 -8.89 -10.78 20.86
N SER N 279 -10.11 -11.33 20.96
CA SER N 279 -11.35 -10.70 20.44
C SER N 279 -11.59 -9.38 21.18
N ILE N 280 -11.45 -9.42 22.51
CA ILE N 280 -11.67 -8.23 23.37
C ILE N 280 -10.63 -7.17 22.98
N GLY N 281 -9.40 -7.59 22.78
CA GLY N 281 -8.33 -6.64 22.39
C GLY N 281 -8.65 -5.95 21.09
N PHE N 282 -9.07 -6.72 20.10
CA PHE N 282 -9.40 -6.20 18.76
C PHE N 282 -10.63 -5.28 18.84
N LEU N 283 -11.72 -5.77 19.38
CA LEU N 283 -12.97 -4.96 19.48
C LEU N 283 -12.72 -3.69 20.31
N GLY N 284 -11.77 -3.73 21.24
CA GLY N 284 -11.41 -2.62 22.10
C GLY N 284 -10.95 -1.39 21.32
N PHE N 285 -10.58 -1.53 20.05
CA PHE N 285 -10.06 -0.41 19.21
C PHE N 285 -11.17 0.21 18.39
N ILE N 286 -12.40 -0.37 18.35
CA ILE N 286 -13.38 0.11 17.36
C ILE N 286 -14.67 0.61 18.07
N VAL N 287 -14.56 0.98 19.34
CA VAL N 287 -15.75 1.32 20.16
C VAL N 287 -15.63 2.69 20.86
N TRP N 288 -14.50 3.40 20.73
CA TRP N 288 -14.15 4.53 21.63
C TRP N 288 -15.24 5.60 21.71
N ALA N 289 -16.02 5.81 20.66
CA ALA N 289 -16.92 7.00 20.63
C ALA N 289 -18.16 6.78 21.50
N HIS N 290 -18.29 5.62 22.18
CA HIS N 290 -19.33 5.46 23.24
C HIS N 290 -19.01 6.36 24.44
N HIS N 291 -17.83 6.99 24.48
CA HIS N 291 -17.50 8.02 25.49
C HIS N 291 -17.95 9.41 25.01
N MET N 292 -18.63 9.49 23.87
CA MET N 292 -18.92 10.76 23.19
C MET N 292 -20.37 10.82 22.68
N PHE N 293 -21.28 10.03 23.25
CA PHE N 293 -22.66 9.96 22.72
C PHE N 293 -23.41 11.30 22.87
N THR N 294 -22.99 12.21 23.74
CA THR N 294 -23.68 13.50 23.95
C THR N 294 -22.98 14.68 23.24
N VAL N 295 -21.97 14.47 22.41
CA VAL N 295 -21.18 15.61 21.85
C VAL N 295 -21.83 16.14 20.55
N GLY N 296 -22.88 15.47 20.05
CA GLY N 296 -23.52 15.84 18.79
C GLY N 296 -23.08 15.03 17.60
N MET N 297 -22.61 13.78 17.71
N MET N 297 -23.42 13.77 17.78
CA MET N 297 -22.26 12.98 16.47
CA MET N 297 -23.03 12.61 16.99
C MET N 297 -23.55 12.57 15.73
C MET N 297 -24.16 12.27 16.02
N ASP N 298 -23.43 12.03 14.49
N ASP N 298 -23.86 12.23 14.71
CA ASP N 298 -24.55 11.62 13.57
CA ASP N 298 -24.84 11.74 13.72
C ASP N 298 -25.29 10.37 14.14
C ASP N 298 -25.38 10.41 14.25
N VAL N 299 -26.63 10.19 13.94
CA VAL N 299 -27.40 9.01 14.43
C VAL N 299 -26.76 7.68 13.95
N ASP N 300 -26.33 7.57 12.70
CA ASP N 300 -25.80 6.29 12.18
C ASP N 300 -24.50 5.95 12.92
N THR N 301 -23.70 6.96 13.25
CA THR N 301 -22.44 6.80 14.01
C THR N 301 -22.82 6.25 15.40
N ARG N 302 -23.85 6.82 16.02
CA ARG N 302 -24.26 6.38 17.37
C ARG N 302 -24.75 4.93 17.26
N ALA N 303 -25.45 4.59 16.17
CA ALA N 303 -25.99 3.22 15.97
C ALA N 303 -24.83 2.23 15.89
N TYR N 304 -23.81 2.57 15.10
CA TYR N 304 -22.60 1.73 14.90
C TYR N 304 -21.92 1.57 16.26
N PHE N 305 -21.66 2.65 16.99
CA PHE N 305 -20.88 2.51 18.25
C PHE N 305 -21.69 1.71 19.28
N THR N 306 -23.02 1.82 19.29
CA THR N 306 -23.85 1.03 20.21
C THR N 306 -23.64 -0.46 19.91
N SER N 307 -23.77 -0.82 18.65
CA SER N 307 -23.76 -2.24 18.19
C SER N 307 -22.36 -2.87 18.42
N ALA N 308 -21.29 -2.18 18.03
CA ALA N 308 -19.91 -2.67 18.13
C ALA N 308 -19.60 -2.86 19.61
N THR N 309 -20.05 -1.95 20.45
CA THR N 309 -19.77 -2.02 21.89
C THR N 309 -20.42 -3.29 22.46
N MET N 310 -21.66 -3.57 22.06
CA MET N 310 -22.39 -4.67 22.70
C MET N 310 -21.71 -6.02 22.35
N ILE N 311 -21.07 -6.09 21.17
N ILE N 311 -21.13 -6.17 21.16
CA ILE N 311 -20.39 -7.34 20.69
CA ILE N 311 -20.68 -7.53 20.75
C ILE N 311 -19.37 -7.81 21.73
C ILE N 311 -19.49 -7.98 21.62
N ILE N 312 -18.68 -6.92 22.44
N ILE N 312 -18.81 -7.07 22.31
CA ILE N 312 -17.62 -7.31 23.41
CA ILE N 312 -17.68 -7.45 23.20
C ILE N 312 -18.20 -8.24 24.48
C ILE N 312 -18.21 -8.28 24.39
N ALA N 313 -19.51 -8.21 24.73
CA ALA N 313 -20.12 -9.08 25.75
C ALA N 313 -19.95 -10.57 25.36
N ILE N 314 -19.89 -10.89 24.07
CA ILE N 314 -19.85 -12.30 23.64
C ILE N 314 -18.52 -12.95 24.08
N PRO N 315 -17.33 -12.47 23.62
CA PRO N 315 -16.09 -13.10 24.11
C PRO N 315 -15.96 -12.98 25.62
N THR N 316 -16.44 -11.86 26.22
CA THR N 316 -16.35 -11.69 27.68
C THR N 316 -17.15 -12.82 28.38
N GLY N 317 -18.37 -13.08 27.91
CA GLY N 317 -19.21 -14.14 28.48
C GLY N 317 -18.52 -15.51 28.36
N VAL N 318 -17.83 -15.76 27.27
CA VAL N 318 -17.06 -17.03 27.15
C VAL N 318 -16.08 -17.13 28.33
N LYS N 319 -15.38 -16.04 28.68
CA LYS N 319 -14.41 -16.14 29.78
C LYS N 319 -15.15 -16.38 31.09
N VAL N 320 -16.26 -15.66 31.35
CA VAL N 320 -16.97 -15.81 32.62
C VAL N 320 -17.44 -17.28 32.76
N PHE N 321 -18.06 -17.81 31.72
CA PHE N 321 -18.62 -19.17 31.74
C PHE N 321 -17.47 -20.18 31.82
N SER N 322 -16.34 -19.87 31.20
CA SER N 322 -15.14 -20.78 31.28
C SER N 322 -14.59 -20.81 32.71
N TRP N 323 -14.55 -19.67 33.42
CA TRP N 323 -14.14 -19.68 34.84
C TRP N 323 -15.10 -20.56 35.65
N LEU N 324 -16.40 -20.39 35.41
CA LEU N 324 -17.39 -21.21 36.11
C LEU N 324 -17.17 -22.69 35.78
N ALA N 325 -16.89 -23.01 34.52
CA ALA N 325 -16.68 -24.42 34.10
C ALA N 325 -15.34 -24.94 34.62
N THR N 326 -14.40 -24.08 35.01
CA THR N 326 -13.14 -24.54 35.65
C THR N 326 -13.46 -24.92 37.10
N LEU N 327 -14.32 -24.15 37.79
CA LEU N 327 -14.78 -24.52 39.16
C LEU N 327 -15.47 -25.89 39.12
N HIS N 328 -16.28 -26.10 38.10
CA HIS N 328 -17.18 -27.28 37.95
C HIS N 328 -16.35 -28.57 38.14
N GLY N 329 -16.72 -29.34 39.14
CA GLY N 329 -16.06 -30.64 39.37
C GLY N 329 -14.77 -30.52 40.11
N GLY N 330 -14.44 -29.32 40.59
CA GLY N 330 -13.19 -29.13 41.31
C GLY N 330 -13.27 -29.66 42.73
N ASN N 331 -12.10 -30.02 43.26
CA ASN N 331 -11.90 -30.18 44.72
C ASN N 331 -11.56 -28.77 45.22
N ILE N 332 -12.56 -27.98 45.61
CA ILE N 332 -12.34 -26.51 45.82
C ILE N 332 -11.56 -26.30 47.13
N LYS N 333 -10.48 -25.53 47.06
CA LYS N 333 -9.79 -25.04 48.27
C LYS N 333 -10.27 -23.60 48.50
N TRP N 334 -10.96 -23.38 49.63
CA TRP N 334 -11.50 -22.04 49.99
C TRP N 334 -10.39 -21.18 50.58
N SER N 335 -9.34 -20.98 49.81
CA SER N 335 -8.19 -20.10 50.16
C SER N 335 -8.66 -18.64 50.07
N PRO N 336 -7.98 -17.72 50.75
CA PRO N 336 -8.29 -16.29 50.55
C PRO N 336 -8.19 -15.89 49.07
N ALA N 337 -7.21 -16.40 48.33
CA ALA N 337 -7.05 -16.03 46.90
C ALA N 337 -8.28 -16.44 46.11
N MET N 338 -8.82 -17.61 46.41
CA MET N 338 -10.04 -18.11 45.74
C MET N 338 -11.20 -17.17 46.04
N MET N 339 -11.32 -16.71 47.29
CA MET N 339 -12.37 -15.75 47.68
C MET N 339 -12.27 -14.49 46.81
N TRP N 340 -11.07 -13.90 46.69
CA TRP N 340 -10.86 -12.72 45.83
C TRP N 340 -11.34 -13.04 44.39
N ALA N 341 -10.98 -14.20 43.86
CA ALA N 341 -11.30 -14.56 42.46
C ALA N 341 -12.82 -14.73 42.32
N LEU N 342 -13.50 -15.32 43.28
CA LEU N 342 -14.97 -15.51 43.17
C LEU N 342 -15.63 -14.14 43.25
N GLY N 343 -15.13 -13.29 44.16
CA GLY N 343 -15.61 -11.89 44.27
C GLY N 343 -15.42 -11.19 42.93
N PHE N 344 -14.27 -11.37 42.32
CA PHE N 344 -13.97 -10.81 40.99
C PHE N 344 -15.04 -11.25 40.00
N ILE N 345 -15.29 -12.55 39.89
CA ILE N 345 -16.19 -13.03 38.78
C ILE N 345 -17.55 -12.34 38.94
N PHE N 346 -18.08 -12.28 40.15
CA PHE N 346 -19.42 -11.68 40.39
C PHE N 346 -19.40 -10.16 40.12
N LEU N 347 -18.44 -9.45 40.73
CA LEU N 347 -18.45 -7.96 40.72
C LEU N 347 -18.12 -7.47 39.31
N PHE N 348 -17.16 -8.14 38.66
CA PHE N 348 -16.84 -7.87 37.24
C PHE N 348 -18.09 -8.07 36.37
N THR N 349 -18.86 -9.13 36.60
CA THR N 349 -20.08 -9.41 35.82
C THR N 349 -21.08 -8.26 36.01
N VAL N 350 -21.28 -7.79 37.22
CA VAL N 350 -22.23 -6.69 37.51
C VAL N 350 -21.76 -5.46 36.74
N GLY N 351 -20.49 -5.12 36.86
CA GLY N 351 -20.02 -3.91 36.16
C GLY N 351 -20.05 -4.05 34.65
N GLY N 352 -19.75 -5.24 34.13
CA GLY N 352 -19.80 -5.44 32.68
C GLY N 352 -21.23 -5.23 32.19
N LEU N 353 -22.22 -5.66 32.97
CA LEU N 353 -23.63 -5.57 32.55
C LEU N 353 -24.08 -4.12 32.57
N THR N 354 -23.65 -3.31 33.53
CA THR N 354 -23.99 -1.86 33.51
C THR N 354 -23.26 -1.19 32.35
N GLY N 355 -22.12 -1.72 31.90
CA GLY N 355 -21.50 -1.27 30.66
C GLY N 355 -22.43 -1.48 29.46
N ILE N 356 -23.12 -2.64 29.40
CA ILE N 356 -24.02 -2.95 28.27
C ILE N 356 -25.23 -1.99 28.32
N VAL N 357 -25.66 -1.61 29.50
CA VAL N 357 -26.73 -0.59 29.66
C VAL N 357 -26.24 0.72 29.01
N LEU N 358 -25.02 1.17 29.37
CA LEU N 358 -24.43 2.43 28.88
C LEU N 358 -24.15 2.37 27.38
N ALA N 359 -23.94 1.19 26.81
CA ALA N 359 -23.61 1.06 25.37
C ALA N 359 -24.76 1.58 24.50
N ASN N 360 -25.97 1.56 25.05
CA ASN N 360 -27.17 1.99 24.32
C ASN N 360 -27.18 3.51 24.32
N SER N 361 -26.79 4.15 23.23
N SER N 361 -26.89 4.08 23.16
CA SER N 361 -26.59 5.61 23.21
CA SER N 361 -26.71 5.53 22.92
C SER N 361 -27.86 6.30 23.73
C SER N 361 -27.97 6.29 23.37
N SER N 362 -29.04 5.86 23.28
N SER N 362 -29.14 5.66 23.31
CA SER N 362 -30.33 6.48 23.70
CA SER N 362 -30.43 6.34 23.64
C SER N 362 -30.36 6.62 25.21
C SER N 362 -30.55 6.53 25.16
N LEU N 363 -30.18 5.51 25.94
CA LEU N 363 -30.18 5.58 27.42
C LEU N 363 -28.95 6.38 27.89
N ASP N 364 -27.82 6.26 27.20
CA ASP N 364 -26.60 6.96 27.64
C ASP N 364 -26.82 8.47 27.65
N ILE N 365 -27.74 9.01 26.84
CA ILE N 365 -28.03 10.46 26.89
C ILE N 365 -28.31 10.80 28.35
N VAL N 366 -29.17 10.01 29.01
CA VAL N 366 -29.63 10.32 30.39
C VAL N 366 -28.59 9.86 31.41
N LEU N 367 -27.75 8.87 31.10
CA LEU N 367 -26.82 8.30 32.12
C LEU N 367 -25.41 8.92 31.99
N HIS N 368 -25.10 9.51 30.84
CA HIS N 368 -23.75 10.09 30.60
C HIS N 368 -23.48 11.21 31.62
N ASP N 369 -22.26 11.24 32.14
CA ASP N 369 -21.84 12.31 33.07
C ASP N 369 -22.70 12.26 34.35
N THR N 370 -23.17 11.07 34.77
CA THR N 370 -23.86 10.86 36.03
C THR N 370 -23.10 9.79 36.83
N TYR N 371 -23.53 9.61 38.06
CA TYR N 371 -22.96 8.61 38.96
C TYR N 371 -23.24 7.19 38.42
N TYR N 372 -24.10 6.99 37.41
CA TYR N 372 -24.32 5.64 36.88
C TYR N 372 -23.00 5.17 36.23
N VAL N 373 -22.32 6.10 35.58
CA VAL N 373 -21.04 5.77 34.91
C VAL N 373 -20.01 5.44 36.00
N VAL N 374 -19.96 6.26 37.04
CA VAL N 374 -19.01 6.09 38.17
C VAL N 374 -19.26 4.74 38.83
N ALA N 375 -20.53 4.34 38.96
CA ALA N 375 -20.87 3.02 39.54
C ALA N 375 -20.36 1.91 38.61
N HIS N 376 -20.65 2.03 37.32
CA HIS N 376 -20.22 1.06 36.31
C HIS N 376 -18.72 0.81 36.49
N PHE N 377 -17.90 1.85 36.39
CA PHE N 377 -16.44 1.58 36.28
C PHE N 377 -15.86 1.24 37.64
N HIS N 378 -16.46 1.66 38.77
CA HIS N 378 -15.90 1.19 40.05
C HIS N 378 -16.22 -0.30 40.29
N TYR N 379 -17.27 -0.84 39.69
CA TYR N 379 -17.50 -2.31 39.71
C TYR N 379 -16.44 -2.93 38.79
N VAL N 380 -16.43 -2.58 37.49
CA VAL N 380 -15.70 -3.43 36.51
C VAL N 380 -14.21 -3.13 36.65
N LEU N 381 -13.89 -1.86 36.87
CA LEU N 381 -12.47 -1.50 36.91
C LEU N 381 -11.99 -1.51 38.36
N SER N 382 -12.56 -0.71 39.20
CA SER N 382 -12.01 -0.52 40.57
C SER N 382 -12.03 -1.82 41.30
N MET N 383 -13.20 -2.47 41.46
CA MET N 383 -13.32 -3.80 42.11
C MET N 383 -12.66 -4.90 41.24
N GLY N 384 -12.89 -4.96 39.94
CA GLY N 384 -12.29 -5.98 39.07
C GLY N 384 -10.78 -5.99 39.19
N ALA N 385 -10.18 -4.82 38.94
CA ALA N 385 -8.70 -4.74 38.97
C ALA N 385 -8.23 -5.02 40.39
N VAL N 386 -8.84 -4.37 41.37
CA VAL N 386 -8.38 -4.50 42.76
C VAL N 386 -8.53 -5.96 43.26
N PHE N 387 -9.66 -6.60 42.97
CA PHE N 387 -9.88 -7.98 43.46
C PHE N 387 -8.90 -8.92 42.75
N ALA N 388 -8.63 -8.76 41.46
CA ALA N 388 -7.64 -9.58 40.75
C ALA N 388 -6.26 -9.33 41.36
N ILE N 389 -5.91 -8.06 41.64
CA ILE N 389 -4.59 -7.75 42.26
C ILE N 389 -4.50 -8.42 43.63
N MET N 390 -5.54 -8.31 44.46
CA MET N 390 -5.48 -8.86 45.82
C MET N 390 -5.42 -10.39 45.73
N GLY N 391 -6.15 -11.00 44.79
CA GLY N 391 -6.09 -12.47 44.62
C GLY N 391 -4.71 -12.91 44.22
N GLY N 392 -4.13 -12.21 43.25
CA GLY N 392 -2.76 -12.51 42.79
C GLY N 392 -1.75 -12.29 43.90
N PHE N 393 -1.91 -11.21 44.66
CA PHE N 393 -0.96 -10.84 45.72
C PHE N 393 -0.96 -11.96 46.77
N VAL N 394 -2.13 -12.37 47.26
N VAL N 394 -2.17 -12.32 47.23
CA VAL N 394 -2.14 -13.37 48.37
CA VAL N 394 -2.34 -13.37 48.28
C VAL N 394 -1.76 -14.75 47.78
C VAL N 394 -1.72 -14.67 47.73
N HIS N 395 -2.11 -15.05 46.52
CA HIS N 395 -1.66 -16.33 45.90
C HIS N 395 -0.13 -16.38 45.77
N TRP N 396 0.49 -15.33 45.22
CA TRP N 396 1.93 -15.39 44.83
C TRP N 396 2.84 -14.75 45.90
N PHE N 397 2.28 -14.16 46.94
CA PHE N 397 3.13 -13.60 48.03
C PHE N 397 4.16 -14.61 48.52
N PRO N 398 3.81 -15.89 48.76
CA PRO N 398 4.81 -16.85 49.25
C PRO N 398 5.89 -17.16 48.21
N LEU N 399 5.54 -17.11 46.94
CA LEU N 399 6.57 -17.29 45.89
C LEU N 399 7.55 -16.14 45.95
N PHE N 400 7.04 -14.90 45.99
CA PHE N 400 7.92 -13.73 45.89
C PHE N 400 8.77 -13.60 47.16
N SER N 401 8.20 -13.86 48.34
CA SER N 401 8.82 -13.55 49.66
C SER N 401 9.54 -14.75 50.27
N GLY N 402 9.04 -15.97 50.00
CA GLY N 402 9.42 -17.20 50.75
C GLY N 402 8.62 -17.41 52.03
N TYR N 403 7.65 -16.55 52.35
CA TYR N 403 6.91 -16.60 53.64
C TYR N 403 5.42 -16.78 53.39
N THR N 404 4.73 -17.42 54.33
CA THR N 404 3.26 -17.58 54.27
C THR N 404 2.55 -16.44 54.99
N LEU N 405 1.37 -16.08 54.46
CA LEU N 405 0.40 -15.20 55.12
C LEU N 405 -0.38 -16.00 56.17
N ASN N 406 -1.03 -15.28 57.08
CA ASN N 406 -2.02 -15.88 57.99
C ASN N 406 -3.33 -15.98 57.21
N ASP N 407 -3.79 -17.18 56.86
CA ASP N 407 -4.98 -17.32 55.97
C ASP N 407 -6.24 -16.79 56.64
N THR N 408 -6.36 -16.87 57.97
CA THR N 408 -7.56 -16.37 58.66
C THR N 408 -7.60 -14.83 58.54
N TRP N 409 -6.47 -14.17 58.81
CA TRP N 409 -6.40 -12.70 58.65
C TRP N 409 -6.79 -12.33 57.21
N ALA N 410 -6.24 -13.05 56.24
CA ALA N 410 -6.47 -12.73 54.81
C ALA N 410 -7.96 -12.88 54.52
N LYS N 411 -8.65 -13.85 55.15
CA LYS N 411 -10.11 -14.02 54.90
C LYS N 411 -10.88 -12.84 55.52
N ILE N 412 -10.45 -12.41 56.69
CA ILE N 412 -11.07 -11.24 57.38
C ILE N 412 -10.95 -10.02 56.45
N HIS N 413 -9.77 -9.84 55.90
CA HIS N 413 -9.47 -8.70 55.00
C HIS N 413 -10.44 -8.73 53.80
N PHE N 414 -10.55 -9.88 53.14
CA PHE N 414 -11.50 -10.07 52.03
C PHE N 414 -12.93 -9.67 52.47
N ALA N 415 -13.42 -10.18 53.59
CA ALA N 415 -14.80 -9.94 54.05
C ALA N 415 -15.02 -8.43 54.21
N ILE N 416 -14.08 -7.73 54.86
CA ILE N 416 -14.26 -6.28 55.14
C ILE N 416 -14.33 -5.54 53.78
N MET N 417 -13.41 -5.88 52.88
N MET N 417 -13.39 -5.83 52.89
CA MET N 417 -13.26 -5.19 51.59
CA MET N 417 -13.32 -5.15 51.56
C MET N 417 -14.53 -5.43 50.73
C MET N 417 -14.65 -5.38 50.82
N PHE N 418 -15.10 -6.64 50.78
CA PHE N 418 -16.30 -6.99 50.01
C PHE N 418 -17.47 -6.12 50.50
N VAL N 419 -17.63 -5.96 51.81
CA VAL N 419 -18.73 -5.15 52.39
C VAL N 419 -18.48 -3.68 51.97
N GLY N 420 -17.26 -3.18 52.16
CA GLY N 420 -16.93 -1.77 51.93
C GLY N 420 -17.20 -1.35 50.50
N VAL N 421 -16.67 -2.07 49.52
CA VAL N 421 -16.80 -1.62 48.11
C VAL N 421 -18.28 -1.67 47.70
N ASN N 422 -19.04 -2.66 48.13
CA ASN N 422 -20.48 -2.75 47.75
C ASN N 422 -21.27 -1.61 48.40
N MET N 423 -21.04 -1.33 49.69
N MET N 423 -21.04 -1.32 49.68
CA MET N 423 -21.69 -0.22 50.40
CA MET N 423 -21.73 -0.20 50.35
C MET N 423 -21.32 1.13 49.73
C MET N 423 -21.34 1.12 49.67
N THR N 424 -20.07 1.26 49.26
CA THR N 424 -19.61 2.50 48.59
C THR N 424 -20.35 2.68 47.26
N PHE N 425 -20.32 1.67 46.39
CA PHE N 425 -20.60 1.89 44.95
C PHE N 425 -22.03 1.46 44.58
N PHE N 426 -22.64 0.50 45.26
CA PHE N 426 -23.97 0.05 44.80
C PHE N 426 -24.95 1.22 44.80
N PRO N 427 -25.01 2.07 45.84
CA PRO N 427 -25.98 3.17 45.87
C PRO N 427 -25.73 4.21 44.76
N GLN N 428 -24.52 4.26 44.20
CA GLN N 428 -24.22 5.26 43.14
C GLN N 428 -25.07 4.93 41.91
N HIS N 429 -25.55 3.70 41.73
CA HIS N 429 -26.50 3.40 40.61
C HIS N 429 -27.76 4.26 40.77
N PHE N 430 -28.27 4.33 41.98
CA PHE N 430 -29.52 5.08 42.26
C PHE N 430 -29.27 6.57 42.02
N LEU N 431 -28.15 7.07 42.54
CA LEU N 431 -27.75 8.49 42.33
C LEU N 431 -27.72 8.79 40.81
N GLY N 432 -27.10 7.92 40.00
CA GLY N 432 -27.03 8.10 38.54
C GLY N 432 -28.41 8.08 37.87
N LEU N 433 -29.23 7.06 38.14
CA LEU N 433 -30.57 6.95 37.51
C LEU N 433 -31.40 8.19 37.87
N SER N 434 -31.26 8.71 39.09
CA SER N 434 -32.06 9.86 39.57
C SER N 434 -31.40 11.19 39.13
N GLY N 435 -30.26 11.16 38.43
CA GLY N 435 -29.70 12.31 37.69
C GLY N 435 -28.61 13.11 38.42
N MET N 436 -28.01 12.57 39.48
CA MET N 436 -26.85 13.25 40.11
C MET N 436 -25.65 13.25 39.14
N PRO N 437 -25.18 14.43 38.71
CA PRO N 437 -23.99 14.49 37.86
C PRO N 437 -22.73 13.99 38.58
N ARG N 438 -21.79 13.43 37.81
CA ARG N 438 -20.44 13.16 38.34
C ARG N 438 -19.65 14.48 38.36
N ARG N 439 -18.51 14.45 39.00
CA ARG N 439 -17.53 15.57 39.00
C ARG N 439 -18.15 16.77 39.72
N TYR N 440 -19.05 16.51 40.65
CA TYR N 440 -19.70 17.54 41.50
C TYR N 440 -19.15 17.55 42.92
N SER N 441 -18.79 18.74 43.40
CA SER N 441 -18.31 18.98 44.79
C SER N 441 -19.47 19.00 45.78
N ASP N 442 -20.68 19.25 45.29
CA ASP N 442 -21.90 19.33 46.12
C ASP N 442 -23.13 18.99 45.24
N TYR N 443 -24.23 18.65 45.91
CA TYR N 443 -25.41 18.03 45.26
C TYR N 443 -26.69 18.53 45.89
N PRO N 444 -27.75 18.64 45.06
CA PRO N 444 -29.07 18.95 45.59
C PRO N 444 -29.38 18.01 46.75
N ASP N 445 -30.22 18.51 47.64
CA ASP N 445 -30.48 17.90 48.97
C ASP N 445 -31.04 16.49 48.80
N ALA N 446 -31.86 16.26 47.76
CA ALA N 446 -32.52 14.95 47.50
C ALA N 446 -31.51 13.81 47.48
N TYR N 447 -30.29 14.07 47.04
CA TYR N 447 -29.28 13.01 46.84
C TYR N 447 -28.53 12.67 48.14
N THR N 448 -28.89 13.29 49.28
CA THR N 448 -28.10 13.18 50.53
C THR N 448 -27.99 11.73 51.03
N MET N 449 -29.09 10.98 51.10
CA MET N 449 -29.07 9.66 51.80
C MET N 449 -28.08 8.73 51.11
N TRP N 450 -28.10 8.62 49.78
CA TRP N 450 -27.24 7.63 49.10
C TRP N 450 -25.79 8.10 49.14
N ASN N 451 -25.55 9.42 49.09
CA ASN N 451 -24.16 9.95 49.22
C ASN N 451 -23.63 9.66 50.63
N THR N 452 -24.49 9.76 51.65
CA THR N 452 -24.10 9.50 53.05
C THR N 452 -23.68 8.02 53.17
N ILE N 453 -24.50 7.13 52.66
CA ILE N 453 -24.23 5.67 52.74
C ILE N 453 -22.93 5.37 51.98
N SER N 454 -22.77 5.93 50.79
CA SER N 454 -21.58 5.68 49.94
C SER N 454 -20.30 6.09 50.72
N SER N 455 -20.34 7.25 51.36
CA SER N 455 -19.17 7.77 52.12
C SER N 455 -18.88 6.84 53.32
N MET N 456 -19.90 6.31 53.97
CA MET N 456 -19.72 5.38 55.10
C MET N 456 -19.02 4.10 54.59
N GLY N 457 -19.43 3.59 53.43
CA GLY N 457 -18.76 2.44 52.80
C GLY N 457 -17.28 2.72 52.56
N SER N 458 -16.91 3.95 52.19
CA SER N 458 -15.51 4.27 51.82
C SER N 458 -14.61 4.06 53.05
N PHE N 459 -15.11 4.37 54.24
CA PHE N 459 -14.36 4.19 55.50
C PHE N 459 -14.17 2.69 55.76
N ILE N 460 -15.13 1.85 55.36
CA ILE N 460 -15.02 0.38 55.61
C ILE N 460 -13.82 -0.14 54.81
N SER N 461 -13.71 0.32 53.57
CA SER N 461 -12.61 -0.09 52.67
C SER N 461 -11.28 0.42 53.21
N LEU N 462 -11.26 1.63 53.80
CA LEU N 462 -10.05 2.15 54.48
C LEU N 462 -9.62 1.14 55.55
N THR N 463 -10.55 0.69 56.38
CA THR N 463 -10.22 -0.27 57.45
C THR N 463 -9.56 -1.51 56.82
N ALA N 464 -10.08 -2.00 55.71
CA ALA N 464 -9.49 -3.17 54.98
C ALA N 464 -8.04 -2.85 54.53
N VAL N 465 -7.79 -1.67 53.97
CA VAL N 465 -6.42 -1.30 53.49
C VAL N 465 -5.46 -1.33 54.69
N MET N 466 -5.87 -0.75 55.81
CA MET N 466 -5.00 -0.65 56.98
C MET N 466 -4.73 -2.09 57.45
N LEU N 467 -5.78 -2.94 57.46
CA LEU N 467 -5.58 -4.33 57.89
C LEU N 467 -4.61 -5.05 56.92
N MET N 468 -4.74 -4.84 55.62
CA MET N 468 -3.82 -5.45 54.64
C MET N 468 -2.35 -5.14 55.01
N VAL N 469 -2.03 -3.90 55.39
CA VAL N 469 -0.64 -3.53 55.73
C VAL N 469 -0.20 -4.37 56.94
N PHE N 470 -1.06 -4.48 57.93
CA PHE N 470 -0.78 -5.29 59.15
C PHE N 470 -0.51 -6.75 58.76
N ILE N 471 -1.30 -7.30 57.85
CA ILE N 471 -1.19 -8.73 57.46
C ILE N 471 0.16 -8.99 56.78
N ILE N 472 0.61 -8.05 55.94
CA ILE N 472 1.92 -8.15 55.26
C ILE N 472 3.02 -8.06 56.34
N TRP N 473 2.87 -7.15 57.28
CA TRP N 473 3.84 -7.02 58.39
C TRP N 473 3.91 -8.35 59.14
N GLU N 474 2.77 -8.94 59.47
CA GLU N 474 2.73 -10.15 60.31
C GLU N 474 3.46 -11.31 59.59
N ALA N 475 3.36 -11.43 58.29
CA ALA N 475 4.00 -12.51 57.53
C ALA N 475 5.53 -12.33 57.61
N PHE N 476 6.02 -11.11 57.36
CA PHE N 476 7.48 -10.83 57.44
C PHE N 476 7.98 -10.88 58.90
N ALA N 477 7.12 -10.51 59.86
CA ALA N 477 7.40 -10.55 61.31
C ALA N 477 7.60 -12.00 61.79
N SER N 478 6.77 -12.93 61.31
CA SER N 478 6.69 -14.32 61.87
C SER N 478 7.70 -15.25 61.20
N LYS N 479 7.94 -15.07 59.91
CA LYS N 479 8.95 -15.80 59.11
C LYS N 479 8.62 -17.29 59.10
N ARG N 480 7.42 -17.62 58.62
CA ARG N 480 7.02 -19.00 58.25
C ARG N 480 7.53 -19.28 56.83
N GLU N 481 8.63 -20.05 56.70
CA GLU N 481 9.27 -20.31 55.38
C GLU N 481 8.53 -21.45 54.68
N VAL N 482 8.23 -21.26 53.42
CA VAL N 482 7.48 -22.24 52.60
C VAL N 482 8.28 -23.54 52.54
N LEU N 483 7.61 -24.66 52.64
CA LEU N 483 8.20 -26.03 52.52
C LEU N 483 7.79 -26.65 51.17
N THR N 484 6.49 -26.91 51.00
CA THR N 484 5.88 -27.56 49.80
C THR N 484 4.74 -26.66 49.25
N VAL N 485 4.48 -26.75 47.95
CA VAL N 485 3.26 -26.20 47.33
C VAL N 485 2.75 -27.27 46.35
N ASP N 486 1.44 -27.48 46.34
CA ASP N 486 0.80 -28.43 45.41
C ASP N 486 0.71 -27.87 43.97
N LEU N 487 0.48 -28.81 43.05
CA LEU N 487 0.19 -28.55 41.62
C LEU N 487 1.39 -27.89 40.92
N THR N 488 2.63 -28.16 41.35
CA THR N 488 3.78 -27.56 40.62
C THR N 488 3.82 -28.12 39.20
N THR N 489 3.26 -29.32 38.94
CA THR N 489 3.32 -29.89 37.57
C THR N 489 2.59 -28.97 36.57
N THR N 490 1.68 -28.08 37.00
CA THR N 490 0.98 -27.18 36.05
C THR N 490 1.13 -25.73 36.48
N ASN N 491 2.17 -25.41 37.25
CA ASN N 491 2.44 -24.03 37.72
C ASN N 491 3.96 -23.85 37.84
N LEU N 492 4.62 -23.77 36.70
CA LEU N 492 6.10 -23.79 36.56
C LEU N 492 6.73 -22.69 37.42
N GLU N 493 6.06 -21.56 37.65
CA GLU N 493 6.64 -20.42 38.39
C GLU N 493 7.05 -20.83 39.81
N TRP N 494 6.47 -21.90 40.36
CA TRP N 494 6.74 -22.35 41.75
C TRP N 494 7.93 -23.33 41.78
N LEU N 495 8.39 -23.86 40.64
CA LEU N 495 9.20 -25.10 40.68
C LEU N 495 10.66 -24.81 41.07
N ASN N 496 11.06 -23.55 41.14
CA ASN N 496 12.43 -23.13 41.58
C ASN N 496 12.46 -22.71 43.05
N GLY N 497 11.40 -22.99 43.81
CA GLY N 497 11.34 -22.70 45.25
C GLY N 497 10.87 -21.28 45.53
N CYS N 498 10.84 -20.93 46.81
CA CYS N 498 10.23 -19.71 47.37
C CYS N 498 11.20 -19.05 48.34
N PRO N 499 11.78 -17.90 47.97
CA PRO N 499 11.68 -17.31 46.63
C PRO N 499 12.65 -18.03 45.71
N PRO N 500 12.46 -17.95 44.38
CA PRO N 500 13.39 -18.55 43.45
C PRO N 500 14.73 -17.82 43.51
N PRO N 501 15.84 -18.50 43.19
CA PRO N 501 17.15 -17.84 43.17
C PRO N 501 17.15 -16.64 42.22
N TYR N 502 18.07 -15.71 42.47
CA TYR N 502 18.27 -14.50 41.62
C TYR N 502 18.30 -14.88 40.13
N HIS N 503 19.14 -15.85 39.75
CA HIS N 503 19.17 -16.42 38.39
C HIS N 503 18.40 -17.74 38.40
N THR N 504 17.33 -17.80 37.62
CA THR N 504 16.61 -19.06 37.32
C THR N 504 16.75 -19.42 35.85
N PHE N 505 16.57 -20.72 35.56
CA PHE N 505 16.65 -21.30 34.21
C PHE N 505 17.99 -20.91 33.56
N GLU N 506 19.07 -20.89 34.34
CA GLU N 506 20.45 -20.81 33.77
C GLU N 506 20.67 -22.02 32.85
N GLU N 507 20.26 -23.18 33.33
CA GLU N 507 20.04 -24.37 32.49
C GLU N 507 18.55 -24.35 32.13
N PRO N 508 18.22 -24.18 30.85
CA PRO N 508 16.82 -24.10 30.45
C PRO N 508 16.10 -25.43 30.68
N THR N 509 14.78 -25.37 30.68
CA THR N 509 13.96 -26.58 30.72
C THR N 509 14.24 -27.43 29.49
N TYR N 510 13.96 -28.73 29.63
CA TYR N 510 13.97 -29.69 28.53
C TYR N 510 12.51 -29.95 28.15
N VAL N 511 12.16 -29.67 26.89
CA VAL N 511 10.83 -29.92 26.32
C VAL N 511 11.04 -30.52 24.94
N ASN N 512 10.59 -31.75 24.73
CA ASN N 512 10.84 -32.35 23.41
C ASN N 512 9.59 -32.20 22.52
N LEU N 513 9.76 -32.51 21.25
CA LEU N 513 8.62 -32.59 20.27
C LEU N 513 8.23 -34.05 20.02
N FME O 1 -37.69 16.89 39.12
CN FME O 1 -37.91 17.67 38.06
O1 FME O 1 -37.13 18.47 37.57
CA FME O 1 -36.48 16.88 39.95
CB FME O 1 -36.47 18.03 40.97
CG FME O 1 -37.70 17.95 41.86
SD FME O 1 -37.71 19.18 43.06
CE FME O 1 -36.25 18.73 44.02
C FME O 1 -36.42 15.55 40.70
O FME O 1 -37.44 14.88 40.80
N ALA O 2 -35.25 15.18 41.20
CA ALA O 2 -35.12 14.01 42.05
C ALA O 2 -35.72 14.29 43.45
N TYR O 3 -36.12 13.23 44.14
CA TYR O 3 -36.69 13.29 45.50
C TYR O 3 -35.86 12.35 46.39
N PRO O 4 -35.95 12.53 47.71
CA PRO O 4 -35.15 11.74 48.64
C PRO O 4 -35.42 10.23 48.50
N MET O 5 -34.34 9.44 48.60
CA MET O 5 -34.34 7.96 48.57
C MET O 5 -34.78 7.43 47.21
N GLN O 6 -34.66 8.23 46.17
CA GLN O 6 -35.06 7.81 44.80
C GLN O 6 -34.17 6.66 44.31
N LEU O 7 -34.77 5.62 43.71
CA LEU O 7 -34.00 4.45 43.20
C LEU O 7 -33.80 4.53 41.68
N GLY O 8 -34.79 5.07 40.95
CA GLY O 8 -34.82 5.03 39.49
C GLY O 8 -34.83 6.41 38.87
N PHE O 9 -35.25 6.44 37.63
CA PHE O 9 -35.31 7.69 36.86
C PHE O 9 -36.40 8.58 37.42
N GLN O 10 -36.18 9.87 37.26
CA GLN O 10 -37.23 10.91 37.43
C GLN O 10 -38.39 10.56 36.50
N ASP O 11 -39.61 10.80 36.97
CA ASP O 11 -40.81 10.55 36.15
C ASP O 11 -40.64 11.23 34.79
N ALA O 12 -41.05 10.53 33.73
CA ALA O 12 -41.00 11.00 32.35
C ALA O 12 -41.94 12.20 32.15
N THR O 13 -41.39 13.22 31.52
CA THR O 13 -42.13 14.45 31.15
C THR O 13 -42.32 14.53 29.64
N SER O 14 -41.57 13.75 28.86
CA SER O 14 -41.64 13.73 27.37
C SER O 14 -41.90 12.30 26.93
N PRO O 15 -42.55 12.10 25.75
CA PRO O 15 -42.73 10.77 25.18
C PRO O 15 -41.39 10.01 25.06
N ILE O 16 -40.29 10.66 24.65
N ILE O 16 -40.33 10.72 24.63
CA ILE O 16 -39.02 9.91 24.50
CA ILE O 16 -38.95 10.18 24.50
C ILE O 16 -38.51 9.49 25.89
C ILE O 16 -38.57 9.54 25.85
N MET O 17 -38.74 10.27 26.95
CA MET O 17 -38.30 9.81 28.29
C MET O 17 -39.15 8.60 28.71
N GLU O 18 -40.45 8.62 28.38
N GLU O 18 -40.45 8.55 28.36
CA GLU O 18 -41.34 7.45 28.62
CA GLU O 18 -41.27 7.37 28.72
C GLU O 18 -40.71 6.21 27.97
C GLU O 18 -40.77 6.15 27.94
N GLU O 19 -40.41 6.31 26.66
CA GLU O 19 -39.78 5.21 25.88
C GLU O 19 -38.52 4.70 26.58
N LEU O 20 -37.67 5.63 27.04
CA LEU O 20 -36.43 5.25 27.74
C LEU O 20 -36.78 4.49 29.02
N LEU O 21 -37.83 4.88 29.77
CA LEU O 21 -38.20 4.14 31.00
C LEU O 21 -38.52 2.67 30.68
N HIS O 22 -39.33 2.44 29.66
N HIS O 22 -39.37 2.34 29.70
CA HIS O 22 -39.79 1.10 29.26
CA HIS O 22 -39.71 0.91 29.44
C HIS O 22 -38.55 0.30 28.82
C HIS O 22 -38.51 0.22 28.80
N PHE O 23 -37.68 0.93 28.03
CA PHE O 23 -36.44 0.34 27.51
C PHE O 23 -35.51 -0.03 28.68
N HIS O 24 -35.32 0.86 29.62
CA HIS O 24 -34.52 0.55 30.83
C HIS O 24 -35.15 -0.65 31.58
N ASP O 25 -36.45 -0.66 31.81
CA ASP O 25 -37.11 -1.79 32.54
C ASP O 25 -36.77 -3.13 31.84
N HIS O 26 -36.90 -3.18 30.52
CA HIS O 26 -36.53 -4.35 29.68
C HIS O 26 -35.05 -4.71 29.90
N THR O 27 -34.15 -3.74 29.82
CA THR O 27 -32.73 -4.06 29.89
C THR O 27 -32.38 -4.47 31.31
N LEU O 28 -32.97 -3.84 32.31
CA LEU O 28 -32.64 -4.16 33.73
C LEU O 28 -33.12 -5.57 34.07
N MET O 29 -34.25 -6.01 33.53
CA MET O 29 -34.67 -7.40 33.78
C MET O 29 -33.55 -8.34 33.32
N ILE O 30 -32.99 -8.08 32.15
CA ILE O 30 -31.91 -8.93 31.59
C ILE O 30 -30.67 -8.87 32.49
N VAL O 31 -30.24 -7.68 32.88
CA VAL O 31 -29.07 -7.46 33.79
C VAL O 31 -29.29 -8.26 35.08
N PHE O 32 -30.47 -8.15 35.69
N PHE O 32 -30.47 -8.21 35.70
CA PHE O 32 -30.84 -8.84 36.94
CA PHE O 32 -30.72 -8.88 37.00
C PHE O 32 -30.65 -10.35 36.71
C PHE O 32 -30.73 -10.39 36.78
N LEU O 33 -31.30 -10.88 35.68
CA LEU O 33 -31.34 -12.34 35.39
C LEU O 33 -29.90 -12.84 35.22
N ILE O 34 -29.07 -12.11 34.46
CA ILE O 34 -27.70 -12.60 34.11
C ILE O 34 -26.84 -12.55 35.37
N SER O 35 -26.87 -11.45 36.12
CA SER O 35 -26.19 -11.25 37.43
C SER O 35 -26.55 -12.43 38.36
N SER O 36 -27.85 -12.69 38.48
CA SER O 36 -28.43 -13.73 39.39
C SER O 36 -27.97 -15.10 38.93
N LEU O 37 -28.03 -15.35 37.62
CA LEU O 37 -27.61 -16.67 37.07
C LEU O 37 -26.12 -16.89 37.41
N VAL O 38 -25.27 -15.90 37.20
CA VAL O 38 -23.83 -16.07 37.49
C VAL O 38 -23.62 -16.34 38.99
N LEU O 39 -24.27 -15.58 39.87
CA LEU O 39 -24.15 -15.80 41.33
C LEU O 39 -24.64 -17.21 41.66
N TYR O 40 -25.79 -17.59 41.12
CA TYR O 40 -26.37 -18.93 41.40
C TYR O 40 -25.39 -20.02 40.96
N ILE O 41 -24.88 -19.90 39.75
CA ILE O 41 -23.97 -20.95 39.19
C ILE O 41 -22.68 -21.03 40.02
N ILE O 42 -22.14 -19.89 40.43
CA ILE O 42 -20.97 -19.90 41.37
C ILE O 42 -21.41 -20.79 42.56
N SER O 43 -22.56 -20.53 43.14
CA SER O 43 -22.97 -21.25 44.37
C SER O 43 -23.13 -22.76 44.04
N LEU O 44 -23.64 -23.09 42.87
CA LEU O 44 -23.85 -24.51 42.44
C LEU O 44 -22.49 -25.18 42.25
N MET O 45 -21.53 -24.48 41.63
CA MET O 45 -20.20 -25.10 41.41
C MET O 45 -19.52 -25.37 42.75
N LEU O 46 -19.87 -24.62 43.80
CA LEU O 46 -19.08 -24.62 45.06
C LEU O 46 -19.71 -25.53 46.09
N THR O 47 -20.86 -26.15 45.82
CA THR O 47 -21.67 -26.80 46.89
C THR O 47 -21.77 -28.32 46.66
N THR O 48 -20.78 -28.96 46.05
CA THR O 48 -20.80 -30.44 45.89
C THR O 48 -19.44 -31.03 46.21
N LYS O 49 -19.46 -32.19 46.85
CA LYS O 49 -18.26 -33.03 47.09
C LYS O 49 -17.95 -33.84 45.83
N LEU O 50 -18.86 -33.89 44.85
CA LEU O 50 -18.60 -34.66 43.60
C LEU O 50 -17.53 -33.97 42.81
N THR O 51 -16.66 -34.74 42.18
CA THR O 51 -15.53 -34.21 41.39
C THR O 51 -15.48 -34.79 39.97
N HIS O 52 -14.88 -33.99 39.10
CA HIS O 52 -14.52 -34.32 37.71
C HIS O 52 -13.36 -33.39 37.35
N THR O 53 -12.14 -33.92 37.39
CA THR O 53 -10.91 -33.08 37.31
C THR O 53 -10.12 -33.40 36.04
N SER O 54 -10.57 -34.40 35.28
CA SER O 54 -9.98 -34.75 33.98
C SER O 54 -10.36 -33.70 32.94
N THR O 55 -9.70 -33.72 31.80
CA THR O 55 -9.89 -32.73 30.72
C THR O 55 -11.34 -32.75 30.27
N MET O 56 -11.97 -31.58 30.17
CA MET O 56 -13.38 -31.49 29.70
C MET O 56 -13.39 -30.94 28.28
N ASP O 57 -14.26 -31.48 27.42
CA ASP O 57 -14.48 -31.00 26.02
C ASP O 57 -15.34 -29.72 26.09
N ALA O 58 -14.85 -28.64 25.48
CA ALA O 58 -15.51 -27.31 25.58
C ALA O 58 -16.36 -26.99 24.35
N GLN O 59 -16.26 -27.74 23.25
CA GLN O 59 -16.80 -27.29 21.94
C GLN O 59 -18.32 -27.13 22.00
N GLU O 60 -19.02 -28.12 22.53
CA GLU O 60 -20.51 -28.12 22.52
C GLU O 60 -21.00 -26.95 23.37
N VAL O 61 -20.47 -26.79 24.58
CA VAL O 61 -21.06 -25.76 25.48
C VAL O 61 -20.74 -24.38 24.93
N GLU O 62 -19.63 -24.23 24.19
CA GLU O 62 -19.27 -22.85 23.74
C GLU O 62 -20.25 -22.36 22.67
N THR O 63 -20.94 -23.25 21.99
CA THR O 63 -22.03 -22.83 21.08
C THR O 63 -23.14 -22.14 21.90
N ILE O 64 -23.54 -22.73 23.02
CA ILE O 64 -24.62 -22.17 23.85
C ILE O 64 -24.14 -20.80 24.36
N TRP O 65 -22.91 -20.75 24.85
CA TRP O 65 -22.30 -19.54 25.48
C TRP O 65 -22.10 -18.40 24.51
N THR O 66 -22.17 -18.64 23.19
CA THR O 66 -22.01 -17.54 22.23
C THR O 66 -23.39 -17.23 21.61
N ILE O 67 -24.16 -18.26 21.24
CA ILE O 67 -25.47 -18.02 20.55
C ILE O 67 -26.46 -17.32 21.49
N LEU O 68 -26.59 -17.80 22.74
CA LEU O 68 -27.62 -17.27 23.67
C LEU O 68 -27.27 -15.81 23.97
N PRO O 69 -26.02 -15.45 24.32
CA PRO O 69 -25.71 -14.02 24.50
C PRO O 69 -25.93 -13.18 23.23
N ALA O 70 -25.62 -13.71 22.05
CA ALA O 70 -25.83 -13.00 20.77
C ALA O 70 -27.32 -12.67 20.67
N ILE O 71 -28.18 -13.63 20.93
CA ILE O 71 -29.65 -13.40 20.82
C ILE O 71 -30.05 -12.29 21.81
N ILE O 72 -29.56 -12.40 23.03
CA ILE O 72 -29.91 -11.42 24.10
C ILE O 72 -29.48 -10.02 23.64
N LEU O 73 -28.29 -9.88 23.10
CA LEU O 73 -27.80 -8.57 22.64
C LEU O 73 -28.70 -8.03 21.55
N ILE O 74 -29.15 -8.89 20.63
CA ILE O 74 -30.07 -8.47 19.54
C ILE O 74 -31.38 -8.00 20.18
N LEU O 75 -31.85 -8.69 21.22
CA LEU O 75 -33.13 -8.34 21.89
C LEU O 75 -33.02 -7.02 22.65
N ILE O 76 -31.81 -6.58 22.99
CA ILE O 76 -31.56 -5.23 23.59
C ILE O 76 -31.43 -4.21 22.46
N ALA O 77 -30.62 -4.50 21.46
CA ALA O 77 -30.26 -3.56 20.38
C ALA O 77 -31.49 -3.16 19.56
N LEU O 78 -32.41 -4.09 19.28
CA LEU O 78 -33.61 -3.77 18.43
C LEU O 78 -34.38 -2.58 19.02
N PRO O 79 -34.91 -2.68 20.26
CA PRO O 79 -35.66 -1.55 20.83
C PRO O 79 -34.77 -0.32 21.06
N SER O 80 -33.50 -0.55 21.46
CA SER O 80 -32.49 0.53 21.63
C SER O 80 -32.41 1.43 20.38
N LEU O 81 -32.24 0.80 19.23
CA LEU O 81 -32.03 1.50 17.95
C LEU O 81 -33.36 2.07 17.47
N ARG O 82 -34.49 1.41 17.75
CA ARG O 82 -35.82 2.00 17.42
C ARG O 82 -35.91 3.37 18.12
N ILE O 83 -35.56 3.46 19.38
CA ILE O 83 -35.68 4.74 20.15
C ILE O 83 -34.68 5.75 19.56
N LEU O 84 -33.44 5.34 19.37
CA LEU O 84 -32.42 6.21 18.73
C LEU O 84 -32.97 6.84 17.45
N TYR O 85 -33.58 6.06 16.55
CA TYR O 85 -34.04 6.59 15.25
C TYR O 85 -35.34 7.43 15.45
N MET O 86 -36.15 7.16 16.49
CA MET O 86 -37.29 8.06 16.84
C MET O 86 -36.80 9.45 17.27
N MET O 87 -35.78 9.52 18.14
N MET O 87 -35.85 9.50 18.23
CA MET O 87 -35.17 10.79 18.64
CA MET O 87 -35.13 10.73 18.65
C MET O 87 -34.30 11.40 17.54
C MET O 87 -34.83 11.53 17.36
N ASP O 88 -34.32 10.85 16.33
CA ASP O 88 -33.71 11.52 15.14
C ASP O 88 -34.77 11.97 14.10
N GLU O 89 -35.98 11.38 14.08
CA GLU O 89 -37.02 11.57 13.02
C GLU O 89 -37.35 13.05 12.84
N ILE O 90 -37.66 13.47 11.61
CA ILE O 90 -37.84 14.87 11.18
C ILE O 90 -39.07 15.36 11.96
N ASN O 91 -38.95 16.49 12.63
CA ASN O 91 -40.20 17.04 13.19
C ASN O 91 -40.23 18.49 12.73
N ASN O 92 -41.40 19.10 12.75
CA ASN O 92 -41.56 20.54 12.49
C ASN O 92 -41.55 21.22 13.85
N PRO O 93 -40.41 21.75 14.37
CA PRO O 93 -40.49 22.59 15.56
C PRO O 93 -41.28 23.86 15.19
N SER O 94 -41.94 24.44 16.18
CA SER O 94 -42.66 25.72 16.02
C SER O 94 -41.89 26.85 16.67
N LEU O 95 -40.80 26.54 17.38
CA LEU O 95 -39.97 27.50 18.16
C LEU O 95 -38.53 26.99 18.18
N THR O 96 -37.56 27.90 18.04
CA THR O 96 -36.14 27.66 18.25
C THR O 96 -35.66 28.54 19.40
N VAL O 97 -35.01 27.92 20.37
CA VAL O 97 -34.35 28.61 21.49
C VAL O 97 -32.87 28.20 21.51
N LYS O 98 -31.99 29.17 21.66
CA LYS O 98 -30.54 28.89 21.86
C LYS O 98 -30.23 29.00 23.35
N THR O 99 -29.30 28.15 23.81
CA THR O 99 -28.65 28.31 25.12
C THR O 99 -27.14 28.32 24.93
N MET O 100 -26.47 29.28 25.57
CA MET O 100 -24.99 29.40 25.56
C MET O 100 -24.52 29.16 26.99
N GLY O 101 -23.62 28.20 27.15
CA GLY O 101 -22.93 27.98 28.42
C GLY O 101 -21.86 29.02 28.66
N HIS O 102 -21.69 29.37 29.92
CA HIS O 102 -20.60 30.24 30.43
C HIS O 102 -20.12 29.67 31.76
N GLN O 103 -18.88 30.01 32.12
CA GLN O 103 -18.38 29.90 33.53
C GLN O 103 -18.95 31.05 34.38
N TRP O 104 -19.97 30.83 35.23
CA TRP O 104 -20.75 29.61 35.43
C TRP O 104 -22.27 29.95 35.51
N TYR O 105 -22.91 29.98 34.37
CA TYR O 105 -24.34 30.32 34.22
C TYR O 105 -24.72 30.00 32.77
N TRP O 106 -26.01 29.98 32.48
CA TRP O 106 -26.53 29.80 31.10
C TRP O 106 -27.16 31.12 30.64
N SER O 107 -27.01 31.40 29.37
CA SER O 107 -27.81 32.44 28.68
C SER O 107 -28.74 31.76 27.67
N TYR O 108 -29.86 32.43 27.39
CA TYR O 108 -30.92 31.96 26.48
C TYR O 108 -31.22 33.08 25.49
N GLU O 109 -31.47 32.66 24.25
CA GLU O 109 -31.78 33.58 23.15
C GLU O 109 -33.03 33.07 22.45
N TYR O 110 -34.04 33.91 22.33
CA TYR O 110 -35.29 33.58 21.59
C TYR O 110 -35.34 34.58 20.45
N THR O 111 -34.76 34.23 19.31
CA THR O 111 -34.55 35.21 18.20
C THR O 111 -35.35 34.83 16.96
N ASP O 112 -36.43 34.05 17.10
CA ASP O 112 -37.31 33.76 15.93
C ASP O 112 -37.94 35.05 15.39
N TYR O 113 -38.35 35.97 16.27
CA TYR O 113 -39.12 37.20 15.92
C TYR O 113 -38.43 38.47 16.45
N GLU O 114 -38.10 38.53 17.73
CA GLU O 114 -37.47 39.70 18.40
C GLU O 114 -36.11 39.27 18.94
N ASP O 115 -35.17 40.16 19.24
CA ASP O 115 -33.90 39.73 19.85
C ASP O 115 -34.13 39.72 21.37
N LEU O 116 -34.73 38.65 21.86
CA LEU O 116 -34.94 38.45 23.32
C LEU O 116 -33.76 37.63 23.85
N SER O 117 -33.06 38.11 24.87
CA SER O 117 -32.04 37.26 25.49
C SER O 117 -31.89 37.60 26.95
N PHE O 118 -31.40 36.65 27.75
CA PHE O 118 -31.20 36.87 29.21
C PHE O 118 -30.26 35.80 29.76
N ASP O 119 -29.75 36.11 30.95
CA ASP O 119 -28.83 35.26 31.73
C ASP O 119 -29.66 34.53 32.80
N SER O 120 -29.21 33.34 33.16
CA SER O 120 -29.87 32.44 34.13
C SER O 120 -28.80 31.96 35.10
N TYR O 121 -28.82 32.51 36.31
CA TYR O 121 -27.84 32.25 37.39
C TYR O 121 -28.51 31.49 38.52
N MET O 122 -27.74 30.60 39.12
CA MET O 122 -28.14 29.87 40.32
C MET O 122 -28.52 30.83 41.43
N ILE O 123 -29.62 30.56 42.14
CA ILE O 123 -29.93 31.33 43.38
C ILE O 123 -29.02 30.80 44.48
N PRO O 124 -28.16 31.68 45.06
CA PRO O 124 -27.31 31.29 46.20
C PRO O 124 -28.19 30.83 47.37
N THR O 125 -27.67 29.90 48.17
CA THR O 125 -28.36 29.29 49.31
C THR O 125 -28.85 30.38 50.26
N SER O 126 -28.04 31.41 50.46
CA SER O 126 -28.31 32.53 51.40
C SER O 126 -29.51 33.36 50.91
N GLU O 127 -29.95 33.17 49.64
CA GLU O 127 -30.98 34.06 48.99
C GLU O 127 -32.24 33.26 48.67
N LEU O 128 -32.24 31.95 48.91
CA LEU O 128 -33.41 31.11 48.59
C LEU O 128 -34.61 31.62 49.37
N LYS O 129 -35.75 31.67 48.69
CA LYS O 129 -37.06 31.99 49.33
C LYS O 129 -37.52 30.71 50.02
N PRO O 130 -38.24 30.79 51.15
CA PRO O 130 -38.68 29.57 51.86
C PRO O 130 -39.31 28.55 50.92
N GLY O 131 -38.87 27.30 51.04
CA GLY O 131 -39.39 26.15 50.27
C GLY O 131 -38.70 25.98 48.92
N GLU O 132 -37.79 26.90 48.53
CA GLU O 132 -37.00 26.82 47.28
C GLU O 132 -35.85 25.82 47.46
N LEU O 133 -35.35 25.30 46.35
CA LEU O 133 -34.44 24.13 46.36
C LEU O 133 -32.98 24.57 46.25
N ARG O 134 -32.17 24.10 47.20
CA ARG O 134 -30.70 24.35 47.23
C ARG O 134 -30.05 23.82 45.93
N LEU O 135 -29.28 24.69 45.30
CA LEU O 135 -28.43 24.48 44.12
C LEU O 135 -29.24 24.33 42.82
N LEU O 136 -30.57 24.45 42.85
CA LEU O 136 -31.38 24.12 41.64
C LEU O 136 -32.12 25.34 41.11
N GLU O 137 -32.45 26.32 41.94
CA GLU O 137 -33.23 27.48 41.44
C GLU O 137 -32.31 28.42 40.65
N VAL O 138 -32.92 29.16 39.73
CA VAL O 138 -32.28 30.26 38.98
C VAL O 138 -33.18 31.49 39.05
N ASP O 139 -32.58 32.62 38.76
CA ASP O 139 -33.26 33.95 38.76
C ASP O 139 -34.21 34.01 37.56
N ASN O 140 -33.76 33.57 36.38
CA ASN O 140 -34.56 33.63 35.12
C ASN O 140 -34.70 32.21 34.54
N ARG O 141 -35.90 31.66 34.61
CA ARG O 141 -36.24 30.32 34.09
C ARG O 141 -36.41 30.37 32.58
N VAL O 142 -36.30 29.20 31.97
CA VAL O 142 -36.48 29.09 30.50
C VAL O 142 -37.98 28.85 30.28
N VAL O 143 -38.71 29.92 29.99
CA VAL O 143 -40.17 29.86 29.74
C VAL O 143 -40.38 29.25 28.35
N LEU O 144 -41.18 28.19 28.27
CA LEU O 144 -41.42 27.45 27.01
C LEU O 144 -42.88 27.05 26.96
N PRO O 145 -43.45 26.92 25.74
CA PRO O 145 -44.80 26.39 25.61
C PRO O 145 -44.79 24.85 25.77
N MET O 146 -45.76 24.35 26.54
CA MET O 146 -46.03 22.91 26.69
C MET O 146 -46.67 22.34 25.43
N GLU O 147 -46.58 21.00 25.26
CA GLU O 147 -47.27 20.22 24.20
C GLU O 147 -46.89 20.76 22.83
N MET O 148 -45.68 21.27 22.66
CA MET O 148 -45.21 21.77 21.36
C MET O 148 -43.76 21.32 21.13
N THR O 149 -43.41 21.04 19.89
CA THR O 149 -42.06 20.61 19.51
C THR O 149 -41.17 21.85 19.46
N ILE O 150 -40.13 21.89 20.30
CA ILE O 150 -39.17 23.01 20.41
C ILE O 150 -37.78 22.55 19.97
N ARG O 151 -37.13 23.33 19.12
CA ARG O 151 -35.71 23.12 18.76
C ARG O 151 -34.84 23.88 19.76
N MET O 152 -34.03 23.15 20.52
CA MET O 152 -32.98 23.78 21.37
C MET O 152 -31.66 23.67 20.61
N LEU O 153 -30.95 24.80 20.52
CA LEU O 153 -29.56 24.87 19.98
C LEU O 153 -28.65 25.21 21.15
N VAL O 154 -27.55 24.48 21.27
CA VAL O 154 -26.68 24.54 22.46
C VAL O 154 -25.26 24.83 21.99
N SER O 155 -24.64 25.83 22.61
CA SER O 155 -23.22 26.16 22.39
C SER O 155 -22.66 26.73 23.67
N SER O 156 -21.40 27.16 23.61
CA SER O 156 -20.67 27.74 24.74
C SER O 156 -19.89 28.97 24.26
N GLU O 157 -19.73 29.94 25.15
CA GLU O 157 -18.83 31.08 24.89
C GLU O 157 -17.50 30.89 25.61
N ASP O 158 -17.23 29.75 26.25
CA ASP O 158 -15.90 29.56 26.87
C ASP O 158 -15.49 28.09 26.80
N VAL O 159 -15.63 27.37 27.88
CA VAL O 159 -15.18 25.96 27.96
C VAL O 159 -16.35 25.02 27.59
N LEU O 160 -16.15 23.70 27.68
CA LEU O 160 -17.30 22.78 27.46
C LEU O 160 -18.24 22.90 28.67
N HIS O 161 -19.53 22.86 28.40
CA HIS O 161 -20.60 22.60 29.40
C HIS O 161 -21.50 21.52 28.79
N SER O 162 -22.56 21.15 29.47
CA SER O 162 -23.54 20.24 28.89
C SER O 162 -24.90 20.58 29.49
N TRP O 163 -25.86 20.78 28.61
CA TRP O 163 -27.22 21.23 28.95
C TRP O 163 -28.09 19.98 29.11
N ALA O 164 -28.56 19.72 30.32
CA ALA O 164 -29.27 18.48 30.69
C ALA O 164 -30.57 18.81 31.40
N VAL O 165 -31.60 18.03 31.11
CA VAL O 165 -32.90 18.01 31.85
C VAL O 165 -33.35 16.55 31.88
N PRO O 166 -32.99 15.81 32.95
CA PRO O 166 -33.26 14.38 33.03
C PRO O 166 -34.73 14.01 32.77
N SER O 167 -35.67 14.78 33.32
CA SER O 167 -37.07 14.33 33.20
C SER O 167 -37.55 14.44 31.75
N LEU O 168 -36.87 15.22 30.89
CA LEU O 168 -37.21 15.27 29.45
C LEU O 168 -36.31 14.36 28.61
N GLY O 169 -35.34 13.65 29.21
CA GLY O 169 -34.47 12.76 28.42
C GLY O 169 -33.40 13.55 27.70
N LEU O 170 -32.99 14.72 28.19
CA LEU O 170 -32.14 15.63 27.39
C LEU O 170 -30.75 15.75 28.02
N LYS O 171 -29.73 15.66 27.16
CA LYS O 171 -28.34 16.02 27.53
C LYS O 171 -27.59 16.28 26.21
N THR O 172 -27.19 17.54 26.03
CA THR O 172 -26.50 17.97 24.81
C THR O 172 -25.28 18.82 25.21
N ASP O 173 -24.10 18.39 24.81
CA ASP O 173 -22.87 19.13 25.17
C ASP O 173 -22.91 20.50 24.50
N ALA O 174 -22.31 21.46 25.23
CA ALA O 174 -22.21 22.87 24.85
C ALA O 174 -20.72 23.10 24.53
N ILE O 175 -20.42 23.15 23.24
CA ILE O 175 -19.02 23.18 22.71
C ILE O 175 -18.83 24.51 21.99
N PRO O 176 -17.79 25.29 22.36
CA PRO O 176 -17.57 26.57 21.66
C PRO O 176 -17.27 26.31 20.17
N GLY O 177 -17.86 27.13 19.29
CA GLY O 177 -17.68 27.03 17.83
C GLY O 177 -18.59 25.99 17.19
N ARG O 178 -19.45 25.36 17.98
CA ARG O 178 -20.37 24.31 17.48
C ARG O 178 -21.79 24.63 17.97
N LEU O 179 -22.77 24.37 17.12
CA LEU O 179 -24.19 24.59 17.45
C LEU O 179 -24.87 23.24 17.44
N ASN O 180 -25.06 22.61 18.61
CA ASN O 180 -25.70 21.29 18.70
C ASN O 180 -27.21 21.45 18.86
N GLN O 181 -27.94 20.62 18.16
CA GLN O 181 -29.41 20.63 18.16
C GLN O 181 -29.96 19.47 18.96
N THR O 182 -31.03 19.73 19.72
CA THR O 182 -31.88 18.67 20.32
C THR O 182 -33.34 19.16 20.25
N THR O 183 -34.27 18.25 20.40
CA THR O 183 -35.73 18.53 20.37
C THR O 183 -36.24 18.33 21.79
N LEU O 184 -37.14 19.19 22.19
CA LEU O 184 -37.75 19.24 23.54
C LEU O 184 -39.26 19.22 23.29
N MET O 185 -40.00 18.39 24.01
CA MET O 185 -41.49 18.39 23.94
C MET O 185 -41.94 17.97 25.35
N SER O 186 -42.61 18.84 26.09
CA SER O 186 -43.17 18.52 27.42
C SER O 186 -44.65 18.18 27.26
N SER O 187 -45.03 17.05 27.84
CA SER O 187 -46.44 16.59 27.91
C SER O 187 -47.22 17.38 28.95
N ARG O 188 -46.51 18.11 29.82
CA ARG O 188 -47.11 18.69 31.05
C ARG O 188 -46.57 20.09 31.29
N PRO O 189 -47.39 20.98 31.89
CA PRO O 189 -46.87 22.20 32.47
C PRO O 189 -45.97 21.87 33.67
N GLY O 190 -45.24 22.86 34.13
CA GLY O 190 -44.57 22.80 35.44
C GLY O 190 -43.13 23.28 35.35
N LEU O 191 -42.35 22.97 36.39
CA LEU O 191 -40.92 23.33 36.47
C LEU O 191 -40.09 22.06 36.31
N TYR O 192 -39.10 22.08 35.43
CA TYR O 192 -38.28 20.89 35.12
C TYR O 192 -36.82 21.32 35.23
N TYR O 193 -36.07 20.59 36.06
CA TYR O 193 -34.72 20.98 36.52
C TYR O 193 -33.67 20.07 35.89
N GLY O 194 -32.52 20.67 35.64
CA GLY O 194 -31.30 19.95 35.26
C GLY O 194 -30.07 20.70 35.69
N GLN O 195 -28.92 20.10 35.40
CA GLN O 195 -27.63 20.60 35.93
C GLN O 195 -26.53 20.42 34.88
N CYS O 196 -25.56 21.34 34.90
CA CYS O 196 -24.46 21.32 33.95
C CYS O 196 -23.77 19.95 34.00
N SER O 197 -23.55 19.34 32.86
CA SER O 197 -23.15 17.92 32.81
C SER O 197 -21.86 17.70 32.01
N GLU O 198 -21.00 18.71 31.92
CA GLU O 198 -19.57 18.58 31.52
C GLU O 198 -18.75 19.52 32.43
N ILE O 199 -17.73 18.85 33.03
CA ILE O 199 -16.87 19.51 34.03
C ILE O 199 -16.28 20.76 33.36
N CYS O 200 -16.52 21.92 33.99
CA CYS O 200 -16.29 23.26 33.39
C CYS O 200 -15.54 24.15 34.39
N GLY O 201 -14.98 23.53 35.43
CA GLY O 201 -14.13 24.21 36.42
C GLY O 201 -14.82 24.29 37.78
N SER O 202 -14.42 25.28 38.55
CA SER O 202 -14.67 25.27 40.00
C SER O 202 -16.19 25.27 40.28
N ASN O 203 -17.02 25.94 39.45
CA ASN O 203 -18.47 26.09 39.77
C ASN O 203 -19.37 25.21 38.88
N HIS O 204 -18.83 24.09 38.40
CA HIS O 204 -19.55 23.07 37.61
C HIS O 204 -20.84 22.65 38.36
N SER O 205 -20.79 22.54 39.69
CA SER O 205 -21.90 22.03 40.54
C SER O 205 -23.02 23.09 40.63
N PHE O 206 -22.79 24.30 40.11
CA PHE O 206 -23.56 25.50 40.51
C PHE O 206 -24.04 26.31 39.29
N MET O 207 -24.44 25.65 38.21
CA MET O 207 -25.08 26.35 37.07
C MET O 207 -26.22 25.51 36.51
N PRO O 208 -27.36 25.50 37.24
CA PRO O 208 -28.49 24.67 36.87
C PRO O 208 -29.35 25.30 35.75
N ILE O 209 -30.24 24.46 35.27
CA ILE O 209 -31.23 24.68 34.19
C ILE O 209 -32.60 24.54 34.83
N VAL O 210 -33.47 25.54 34.65
CA VAL O 210 -34.89 25.40 35.08
C VAL O 210 -35.78 25.79 33.90
N LEU O 211 -36.56 24.83 33.43
CA LEU O 211 -37.59 25.07 32.40
C LEU O 211 -38.90 25.37 33.11
N GLU O 212 -39.62 26.36 32.58
CA GLU O 212 -40.98 26.71 33.03
C GLU O 212 -41.90 26.49 31.84
N LEU O 213 -42.71 25.44 31.94
CA LEU O 213 -43.59 24.95 30.84
C LEU O 213 -45.00 25.46 31.13
N VAL O 214 -45.56 26.22 30.21
CA VAL O 214 -46.86 26.90 30.37
C VAL O 214 -47.62 26.74 29.07
N PRO O 215 -48.95 26.95 29.06
CA PRO O 215 -49.71 26.92 27.82
C PRO O 215 -49.23 28.00 26.84
N LEU O 216 -49.40 27.73 25.55
CA LEU O 216 -48.99 28.63 24.45
C LEU O 216 -49.46 30.06 24.70
N LYS O 217 -50.74 30.27 25.08
CA LYS O 217 -51.30 31.63 25.28
C LYS O 217 -50.43 32.37 26.30
N TYR O 218 -50.02 31.69 27.37
CA TYR O 218 -49.19 32.29 28.45
C TYR O 218 -47.76 32.50 27.96
N PHE O 219 -47.23 31.58 27.17
CA PHE O 219 -45.91 31.77 26.51
C PHE O 219 -45.91 33.03 25.64
N GLU O 220 -46.94 33.20 24.81
CA GLU O 220 -47.12 34.39 23.93
C GLU O 220 -47.20 35.67 24.77
N LYS O 221 -47.98 35.66 25.86
CA LYS O 221 -48.12 36.86 26.74
C LYS O 221 -46.73 37.18 27.31
N TRP O 222 -46.02 36.17 27.78
CA TRP O 222 -44.65 36.37 28.35
C TRP O 222 -43.71 36.94 27.28
N SER O 223 -43.71 36.39 26.06
CA SER O 223 -42.86 36.86 24.93
C SER O 223 -43.17 38.34 24.68
N ALA O 224 -44.46 38.66 24.58
CA ALA O 224 -44.97 40.02 24.28
C ALA O 224 -44.52 40.99 25.39
N SER O 225 -44.52 40.58 26.67
CA SER O 225 -44.16 41.42 27.84
C SER O 225 -42.67 41.77 27.80
N MET O 226 -41.90 41.02 27.04
CA MET O 226 -40.42 41.07 27.09
C MET O 226 -39.93 42.29 26.31
N LEU O 227 -40.80 42.82 25.43
CA LEU O 227 -40.59 43.87 24.40
C LEU O 227 -40.12 45.19 25.01
N GLN P 4 25.61 -20.55 32.25
CA GLN P 4 24.36 -20.66 31.48
C GLN P 4 24.49 -21.71 30.37
N THR P 5 23.40 -22.41 30.06
CA THR P 5 23.37 -23.25 28.83
C THR P 5 22.17 -22.82 27.97
N HIS P 6 21.78 -21.54 28.05
CA HIS P 6 20.89 -20.88 27.07
C HIS P 6 21.73 -19.85 26.30
N ALA P 7 21.17 -19.28 25.23
CA ALA P 7 21.87 -18.36 24.31
C ALA P 7 21.53 -16.91 24.60
N TYR P 8 20.87 -16.61 25.71
CA TYR P 8 20.39 -15.21 25.99
C TYR P 8 21.41 -14.44 26.79
N HIS P 9 21.20 -13.12 26.80
CA HIS P 9 22.18 -12.16 27.34
C HIS P 9 21.77 -11.66 28.72
N MET P 10 22.52 -12.06 29.75
CA MET P 10 22.38 -11.52 31.12
C MET P 10 23.25 -10.28 31.20
N VAL P 11 22.61 -9.14 31.25
CA VAL P 11 23.28 -7.83 31.11
C VAL P 11 23.88 -7.42 32.46
N ASN P 12 25.07 -6.84 32.42
CA ASN P 12 25.72 -6.34 33.64
C ASN P 12 24.83 -5.26 34.24
N PRO P 13 24.70 -5.20 35.59
CA PRO P 13 24.01 -4.08 36.23
C PRO P 13 24.53 -2.74 35.69
N SER P 14 23.60 -1.83 35.37
CA SER P 14 23.88 -0.60 34.60
C SER P 14 23.23 0.62 35.23
N PRO P 15 23.95 1.76 35.26
CA PRO P 15 23.37 3.03 35.70
C PRO P 15 22.52 3.79 34.67
N TRP P 16 22.55 3.37 33.41
CA TRP P 16 22.01 4.20 32.32
C TRP P 16 20.48 4.25 32.38
N PRO P 17 19.75 3.16 32.79
CA PRO P 17 18.30 3.31 32.97
C PRO P 17 17.95 4.45 33.94
N LEU P 18 18.66 4.52 35.07
CA LEU P 18 18.39 5.58 36.07
C LEU P 18 18.81 6.94 35.50
N THR P 19 19.97 7.06 34.85
CA THR P 19 20.37 8.37 34.28
C THR P 19 19.38 8.77 33.16
N GLY P 20 18.88 7.82 32.39
CA GLY P 20 17.90 8.11 31.32
C GLY P 20 16.59 8.61 31.93
N ALA P 21 16.09 7.94 32.97
CA ALA P 21 14.83 8.30 33.67
C ALA P 21 14.99 9.71 34.26
N LEU P 22 16.13 9.97 34.89
CA LEU P 22 16.36 11.31 35.47
C LEU P 22 16.49 12.36 34.35
N SER P 23 17.10 12.02 33.21
N SER P 23 17.14 12.03 33.25
CA SER P 23 17.21 12.93 32.05
CA SER P 23 17.21 12.93 32.06
C SER P 23 15.80 13.32 31.56
C SER P 23 15.77 13.34 31.68
N ALA P 24 14.86 12.37 31.62
CA ALA P 24 13.45 12.62 31.22
C ALA P 24 12.81 13.60 32.21
N LEU P 25 13.06 13.43 33.52
CA LEU P 25 12.57 14.35 34.56
C LEU P 25 13.13 15.75 34.29
N LEU P 26 14.43 15.83 33.99
CA LEU P 26 15.08 17.17 33.82
C LEU P 26 14.57 17.82 32.53
N MET P 27 14.34 17.06 31.47
CA MET P 27 13.89 17.65 30.18
C MET P 27 12.44 18.16 30.35
N THR P 28 11.59 17.41 31.02
CA THR P 28 10.17 17.79 31.19
C THR P 28 10.01 18.94 32.19
N SER P 29 10.59 18.82 33.38
CA SER P 29 10.62 19.92 34.37
C SER P 29 11.33 21.13 33.69
N GLY P 30 12.37 20.87 32.88
CA GLY P 30 13.08 21.92 32.11
C GLY P 30 12.16 22.64 31.13
N LEU P 31 11.33 21.89 30.37
CA LEU P 31 10.39 22.52 29.42
C LEU P 31 9.39 23.36 30.22
N THR P 32 8.99 22.87 31.38
CA THR P 32 8.01 23.57 32.24
C THR P 32 8.63 24.91 32.67
N MET P 33 9.90 24.87 33.09
N MET P 33 9.87 24.88 33.15
CA MET P 33 10.65 26.03 33.64
CA MET P 33 10.54 26.12 33.58
C MET P 33 10.97 27.03 32.51
C MET P 33 10.64 27.08 32.40
N TRP P 34 11.06 26.57 31.25
CA TRP P 34 11.21 27.42 30.05
C TRP P 34 9.86 28.05 29.67
N PHE P 35 8.79 27.26 29.65
CA PHE P 35 7.47 27.79 29.22
C PHE P 35 6.90 28.76 30.27
N HIS P 36 7.22 28.59 31.55
CA HIS P 36 6.48 29.31 32.66
C HIS P 36 7.33 30.24 33.52
N PHE P 37 8.60 29.92 33.72
CA PHE P 37 9.44 30.53 34.78
C PHE P 37 10.69 31.15 34.12
N ASN P 38 10.56 31.41 32.81
CA ASN P 38 11.47 32.09 31.87
C ASN P 38 12.94 31.66 32.05
N SER P 39 13.23 30.36 32.03
CA SER P 39 14.59 29.83 32.33
C SER P 39 14.88 28.51 31.60
N MET P 40 16.05 28.42 31.01
CA MET P 40 16.46 27.30 30.15
C MET P 40 17.43 26.35 30.89
N THR P 41 17.77 26.62 32.13
CA THR P 41 18.85 25.89 32.85
C THR P 41 18.54 24.38 33.00
N LEU P 42 17.44 24.04 33.66
CA LEU P 42 17.08 22.61 33.85
C LEU P 42 17.03 21.93 32.47
N LEU P 43 16.41 22.60 31.48
CA LEU P 43 16.26 21.98 30.14
C LEU P 43 17.63 21.66 29.53
N MET P 44 18.61 22.55 29.65
N MET P 44 18.58 22.59 29.61
CA MET P 44 19.95 22.27 29.06
CA MET P 44 19.97 22.36 29.13
C MET P 44 20.66 21.14 29.84
C MET P 44 20.54 21.11 29.83
N ILE P 45 20.43 21.02 31.16
CA ILE P 45 21.04 19.92 31.96
C ILE P 45 20.38 18.62 31.48
N GLY P 46 19.07 18.64 31.31
CA GLY P 46 18.36 17.43 30.88
C GLY P 46 18.78 16.97 29.48
N LEU P 47 18.90 17.90 28.54
CA LEU P 47 19.34 17.54 27.17
C LEU P 47 20.76 16.96 27.26
N THR P 48 21.64 17.56 28.05
CA THR P 48 23.04 17.08 28.20
C THR P 48 23.01 15.66 28.76
N THR P 49 22.27 15.44 29.84
CA THR P 49 22.30 14.11 30.50
C THR P 49 21.62 13.08 29.59
N ASN P 50 20.64 13.49 28.79
CA ASN P 50 19.98 12.55 27.86
C ASN P 50 21.02 12.10 26.81
N MET P 51 21.78 13.04 26.27
N MET P 51 21.78 13.04 26.27
CA MET P 51 22.78 12.72 25.21
CA MET P 51 22.79 12.73 25.21
C MET P 51 23.89 11.85 25.82
C MET P 51 23.89 11.85 25.82
N LEU P 52 24.30 12.12 27.06
CA LEU P 52 25.34 11.32 27.75
C LEU P 52 24.81 9.90 27.98
N THR P 53 23.54 9.80 28.36
CA THR P 53 22.91 8.49 28.65
C THR P 53 22.86 7.67 27.35
N MET P 54 22.37 8.25 26.27
N MET P 54 22.34 8.26 26.27
CA MET P 54 22.24 7.52 24.97
CA MET P 54 22.24 7.59 24.95
C MET P 54 23.63 7.13 24.47
C MET P 54 23.63 7.13 24.52
N TYR P 55 24.62 8.04 24.56
CA TYR P 55 25.99 7.74 24.13
C TYR P 55 26.49 6.47 24.89
N GLN P 56 26.43 6.49 26.21
CA GLN P 56 27.05 5.42 27.03
C GLN P 56 26.26 4.12 26.91
N TRP P 57 24.94 4.20 26.83
CA TRP P 57 24.09 2.99 26.72
C TRP P 57 24.41 2.28 25.40
N TRP P 58 24.39 2.99 24.29
CA TRP P 58 24.61 2.37 22.96
C TRP P 58 26.08 2.00 22.77
N ARG P 59 27.00 2.76 23.38
CA ARG P 59 28.42 2.33 23.45
C ARG P 59 28.48 0.93 24.10
N ASP P 60 27.81 0.76 25.22
CA ASP P 60 27.82 -0.51 25.99
C ASP P 60 27.21 -1.63 25.14
N VAL P 61 26.20 -1.35 24.34
CA VAL P 61 25.61 -2.40 23.47
C VAL P 61 26.65 -2.84 22.42
N ILE P 62 27.40 -1.89 21.88
CA ILE P 62 28.51 -2.21 20.93
C ILE P 62 29.56 -3.04 21.69
N ARG P 63 29.95 -2.62 22.88
CA ARG P 63 30.92 -3.41 23.68
C ARG P 63 30.40 -4.86 23.85
N GLU P 64 29.14 -5.00 24.19
CA GLU P 64 28.55 -6.33 24.49
C GLU P 64 28.50 -7.23 23.25
N SER P 65 28.38 -6.65 22.05
CA SER P 65 28.12 -7.39 20.81
C SER P 65 29.42 -7.55 20.00
N THR P 66 29.94 -6.47 19.45
CA THR P 66 31.16 -6.50 18.64
C THR P 66 32.33 -7.00 19.50
N PHE P 67 32.47 -6.52 20.74
CA PHE P 67 33.71 -6.76 21.53
C PHE P 67 33.57 -8.00 22.42
N GLN P 68 32.37 -8.31 22.93
CA GLN P 68 32.21 -9.40 23.94
C GLN P 68 31.46 -10.63 23.35
N GLY P 69 30.79 -10.52 22.22
CA GLY P 69 30.20 -11.72 21.56
C GLY P 69 28.85 -12.14 22.14
N HIS P 70 28.11 -11.26 22.83
CA HIS P 70 26.84 -11.64 23.50
C HIS P 70 25.68 -11.75 22.50
N HIS P 71 25.81 -11.27 21.27
CA HIS P 71 24.66 -11.27 20.35
C HIS P 71 24.68 -12.58 19.54
N THR P 72 24.27 -13.66 20.18
CA THR P 72 23.88 -14.92 19.52
C THR P 72 22.71 -14.67 18.59
N PRO P 73 22.40 -15.64 17.70
CA PRO P 73 21.22 -15.53 16.81
C PRO P 73 19.92 -15.26 17.60
N ALA P 74 19.75 -15.88 18.75
CA ALA P 74 18.52 -15.70 19.55
C ALA P 74 18.45 -14.23 20.00
N VAL P 75 19.59 -13.67 20.45
CA VAL P 75 19.60 -12.25 20.93
C VAL P 75 19.28 -11.34 19.75
N GLN P 76 19.92 -11.61 18.60
CA GLN P 76 19.71 -10.77 17.40
C GLN P 76 18.22 -10.82 17.01
N LYS P 77 17.60 -12.02 17.07
CA LYS P 77 16.18 -12.17 16.70
C LYS P 77 15.33 -11.27 17.64
N GLY P 78 15.63 -11.26 18.94
CA GLY P 78 14.98 -10.36 19.89
C GLY P 78 15.07 -8.89 19.47
N LEU P 79 16.29 -8.45 19.18
CA LEU P 79 16.49 -7.04 18.79
C LEU P 79 15.70 -6.72 17.52
N ARG P 80 15.59 -7.65 16.58
CA ARG P 80 14.80 -7.44 15.35
C ARG P 80 13.35 -7.17 15.77
N TYR P 81 12.76 -8.04 16.59
CA TYR P 81 11.37 -7.78 17.04
C TYR P 81 11.30 -6.42 17.74
N GLY P 82 12.28 -6.11 18.58
CA GLY P 82 12.24 -4.88 19.38
C GLY P 82 12.17 -3.68 18.45
N MET P 83 12.98 -3.67 17.40
CA MET P 83 13.06 -2.50 16.50
C MET P 83 11.77 -2.41 15.68
N ILE P 84 11.25 -3.54 15.22
CA ILE P 84 9.98 -3.50 14.46
C ILE P 84 8.88 -2.92 15.37
N LEU P 85 8.78 -3.41 16.60
CA LEU P 85 7.73 -2.92 17.52
C LEU P 85 7.92 -1.42 17.80
N PHE P 86 9.17 -0.99 17.99
CA PHE P 86 9.43 0.44 18.19
C PHE P 86 8.91 1.26 16.99
N ILE P 87 9.23 0.82 15.78
CA ILE P 87 8.78 1.52 14.55
C ILE P 87 7.25 1.54 14.53
N ILE P 88 6.60 0.43 14.86
CA ILE P 88 5.12 0.42 14.91
C ILE P 88 4.63 1.51 15.87
N SER P 89 5.24 1.66 17.03
CA SER P 89 4.77 2.68 18.01
C SER P 89 4.94 4.06 17.34
N GLU P 90 6.00 4.27 16.59
CA GLU P 90 6.25 5.57 15.95
C GLU P 90 5.22 5.82 14.83
N VAL P 91 4.84 4.80 14.11
CA VAL P 91 3.77 4.92 13.08
C VAL P 91 2.47 5.41 13.77
N LEU P 92 2.10 4.81 14.89
CA LEU P 92 0.82 5.19 15.57
C LEU P 92 0.95 6.62 16.11
N PHE P 93 2.12 7.06 16.56
CA PHE P 93 2.32 8.47 16.99
C PHE P 93 2.00 9.37 15.79
N PHE P 94 2.60 9.12 14.62
CA PHE P 94 2.31 9.91 13.41
C PHE P 94 0.83 9.83 13.08
N THR P 95 0.22 8.65 13.21
CA THR P 95 -1.22 8.50 12.87
C THR P 95 -2.04 9.59 13.58
N GLY P 96 -1.74 9.86 14.85
CA GLY P 96 -2.49 10.89 15.58
C GLY P 96 -2.38 12.25 14.89
N PHE P 97 -1.20 12.62 14.37
CA PHE P 97 -1.04 13.91 13.67
C PHE P 97 -1.78 13.90 12.34
N PHE P 98 -1.76 12.79 11.60
CA PHE P 98 -2.55 12.69 10.35
C PHE P 98 -4.03 12.79 10.67
N TRP P 99 -4.48 12.16 11.73
CA TRP P 99 -5.89 12.24 12.13
C TRP P 99 -6.24 13.73 12.37
N ALA P 100 -5.39 14.46 13.11
CA ALA P 100 -5.64 15.90 13.39
C ALA P 100 -5.73 16.64 12.05
N PHE P 101 -4.80 16.36 11.14
CA PHE P 101 -4.77 17.04 9.83
C PHE P 101 -6.08 16.77 9.06
N TYR P 102 -6.45 15.51 8.89
CA TYR P 102 -7.66 15.20 8.10
C TYR P 102 -8.93 15.74 8.80
N HIS P 103 -8.99 15.71 10.12
CA HIS P 103 -10.16 16.24 10.85
C HIS P 103 -10.38 17.71 10.48
N SER P 104 -9.34 18.51 10.56
CA SER P 104 -9.36 19.98 10.34
C SER P 104 -9.63 20.28 8.86
N SER P 105 -9.02 19.54 7.93
CA SER P 105 -9.00 19.91 6.50
C SER P 105 -10.27 19.42 5.80
N LEU P 106 -10.82 18.30 6.26
CA LEU P 106 -12.01 17.72 5.62
C LEU P 106 -13.26 18.47 6.04
N ALA P 107 -13.25 19.18 7.16
CA ALA P 107 -14.46 19.88 7.67
C ALA P 107 -14.03 21.27 8.11
N PRO P 108 -13.51 22.12 7.21
CA PRO P 108 -12.98 23.42 7.61
C PRO P 108 -14.08 24.28 8.23
N THR P 109 -13.81 24.88 9.37
CA THR P 109 -14.83 25.61 10.16
C THR P 109 -15.05 27.00 9.58
N PRO P 110 -16.12 27.69 10.00
CA PRO P 110 -16.37 29.08 9.54
C PRO P 110 -15.21 30.06 9.77
N GLU P 111 -14.48 29.85 10.86
CA GLU P 111 -13.34 30.73 11.25
C GLU P 111 -12.29 30.74 10.14
N LEU P 112 -12.17 29.65 9.39
CA LEU P 112 -11.17 29.47 8.29
C LEU P 112 -11.69 30.06 7.00
N GLY P 113 -12.98 30.44 6.97
CA GLY P 113 -13.72 30.75 5.74
C GLY P 113 -14.46 29.54 5.19
N GLY P 114 -14.51 28.43 5.94
CA GLY P 114 -15.22 27.22 5.51
C GLY P 114 -14.54 26.60 4.33
N CYS P 115 -13.24 26.79 4.18
CA CYS P 115 -12.47 26.28 3.01
C CYS P 115 -11.08 25.80 3.48
N TRP P 116 -10.47 24.95 2.68
CA TRP P 116 -9.07 24.49 2.88
C TRP P 116 -8.33 24.61 1.56
N PRO P 117 -7.13 25.24 1.51
CA PRO P 117 -6.56 25.92 2.67
C PRO P 117 -7.44 27.06 3.14
N PRO P 118 -7.30 27.45 4.41
CA PRO P 118 -8.05 28.59 4.95
C PRO P 118 -7.78 29.90 4.20
N THR P 119 -8.75 30.80 4.23
CA THR P 119 -8.58 32.16 3.75
C THR P 119 -7.28 32.72 4.34
N GLY P 120 -6.45 33.39 3.53
CA GLY P 120 -5.23 34.03 4.02
C GLY P 120 -4.03 33.11 4.11
N ILE P 121 -4.18 31.83 3.81
CA ILE P 121 -3.04 30.87 3.77
C ILE P 121 -2.63 30.70 2.30
N HIS P 122 -1.35 30.87 2.04
CA HIS P 122 -0.73 30.75 0.70
C HIS P 122 0.24 29.58 0.80
N PRO P 123 -0.24 28.34 0.51
CA PRO P 123 0.61 27.16 0.65
C PRO P 123 1.85 27.26 -0.23
N LEU P 124 2.83 26.47 0.19
CA LEU P 124 4.05 26.19 -0.62
C LEU P 124 3.61 25.49 -1.90
N ASN P 125 4.27 25.81 -3.00
CA ASN P 125 4.10 25.03 -4.27
C ASN P 125 4.69 23.64 -4.07
N PRO P 126 3.86 22.57 -4.07
CA PRO P 126 4.36 21.23 -3.82
C PRO P 126 5.31 20.72 -4.92
N LEU P 127 5.31 21.37 -6.09
CA LEU P 127 6.17 20.97 -7.24
C LEU P 127 7.56 21.60 -7.15
N GLU P 128 7.86 22.39 -6.12
CA GLU P 128 9.17 23.08 -6.02
C GLU P 128 10.00 22.32 -4.97
N VAL P 129 10.31 22.90 -3.85
CA VAL P 129 11.22 22.23 -2.87
C VAL P 129 10.59 20.96 -2.33
N PRO P 130 9.28 20.91 -2.01
CA PRO P 130 8.71 19.65 -1.49
C PRO P 130 8.90 18.47 -2.46
N LEU P 131 8.82 18.71 -3.76
CA LEU P 131 9.08 17.62 -4.74
C LEU P 131 10.56 17.26 -4.70
N LEU P 132 11.44 18.25 -4.66
CA LEU P 132 12.90 17.95 -4.52
C LEU P 132 13.13 17.10 -3.27
N ASN P 133 12.57 17.50 -2.13
CA ASN P 133 12.69 16.72 -0.87
C ASN P 133 12.24 15.27 -1.08
N THR P 134 11.18 15.07 -1.83
CA THR P 134 10.67 13.72 -2.14
C THR P 134 11.71 12.94 -2.94
N SER P 135 12.25 13.53 -4.00
CA SER P 135 13.30 12.87 -4.82
C SER P 135 14.51 12.53 -3.93
N VAL P 136 14.83 13.40 -2.98
CA VAL P 136 16.02 13.23 -2.12
C VAL P 136 15.81 12.01 -1.20
N LEU P 137 14.67 11.92 -0.53
CA LEU P 137 14.50 10.81 0.42
C LEU P 137 14.29 9.53 -0.38
N LEU P 138 13.58 9.55 -1.51
CA LEU P 138 13.44 8.30 -2.34
C LEU P 138 14.85 7.86 -2.79
N ALA P 139 15.68 8.80 -3.23
CA ALA P 139 17.03 8.45 -3.71
C ALA P 139 17.80 7.81 -2.55
N SER P 140 17.64 8.34 -1.34
CA SER P 140 18.38 7.85 -0.15
C SER P 140 17.93 6.41 0.18
N GLY P 141 16.67 6.06 -0.15
CA GLY P 141 16.19 4.69 0.06
C GLY P 141 16.92 3.75 -0.91
N VAL P 142 17.23 4.23 -2.12
CA VAL P 142 17.95 3.43 -3.14
C VAL P 142 19.41 3.30 -2.66
N SER P 143 20.06 4.40 -2.25
CA SER P 143 21.48 4.32 -1.86
C SER P 143 21.67 3.46 -0.63
N ILE P 144 20.72 3.46 0.32
N ILE P 144 20.74 3.47 0.33
CA ILE P 144 20.92 2.67 1.56
CA ILE P 144 20.93 2.67 1.57
C ILE P 144 20.76 1.18 1.21
C ILE P 144 20.79 1.19 1.20
N THR P 145 20.01 0.87 0.17
CA THR P 145 19.83 -0.53 -0.28
C THR P 145 21.13 -1.00 -0.96
N TRP P 146 21.74 -0.14 -1.75
CA TRP P 146 23.09 -0.37 -2.31
C TRP P 146 24.08 -0.62 -1.15
N ALA P 147 24.06 0.18 -0.09
CA ALA P 147 24.96 0.01 1.08
C ALA P 147 24.77 -1.38 1.67
N HIS P 148 23.52 -1.74 1.91
CA HIS P 148 23.17 -3.06 2.51
C HIS P 148 23.77 -4.19 1.67
N HIS P 149 23.53 -4.18 0.37
CA HIS P 149 24.01 -5.26 -0.53
C HIS P 149 25.54 -5.25 -0.56
N SER P 150 26.18 -4.07 -0.54
CA SER P 150 27.65 -3.99 -0.55
C SER P 150 28.16 -4.68 0.71
N LEU P 151 27.57 -4.40 1.86
CA LEU P 151 28.01 -5.01 3.13
C LEU P 151 27.84 -6.53 3.04
N MET P 152 26.68 -7.02 2.64
CA MET P 152 26.42 -8.48 2.53
C MET P 152 27.46 -9.12 1.62
N GLU P 153 27.87 -8.43 0.55
CA GLU P 153 28.83 -8.96 -0.46
C GLU P 153 30.27 -8.75 0.00
N GLY P 154 30.49 -8.15 1.17
CA GLY P 154 31.86 -8.06 1.71
C GLY P 154 32.65 -6.88 1.15
N ASP P 155 31.98 -5.88 0.60
CA ASP P 155 32.63 -4.74 -0.13
C ASP P 155 32.67 -3.52 0.79
N ARG P 156 33.78 -3.29 1.44
CA ARG P 156 33.95 -2.19 2.42
C ARG P 156 33.81 -0.84 1.70
N LYS P 157 34.53 -0.67 0.60
CA LYS P 157 34.63 0.64 -0.06
C LYS P 157 33.25 1.08 -0.54
N HIS P 158 32.55 0.18 -1.19
CA HIS P 158 31.23 0.55 -1.78
C HIS P 158 30.16 0.69 -0.67
N MET P 159 30.24 -0.08 0.43
CA MET P 159 29.31 0.14 1.57
C MET P 159 29.52 1.58 2.08
N LEU P 160 30.77 2.00 2.29
CA LEU P 160 31.06 3.35 2.84
C LEU P 160 30.60 4.43 1.85
N GLN P 161 30.81 4.25 0.55
N GLN P 161 30.84 4.24 0.55
CA GLN P 161 30.41 5.26 -0.45
CA GLN P 161 30.44 5.18 -0.53
C GLN P 161 28.88 5.37 -0.45
C GLN P 161 28.91 5.35 -0.48
N ALA P 162 28.18 4.25 -0.46
CA ALA P 162 26.71 4.24 -0.52
C ALA P 162 26.13 4.86 0.75
N LEU P 163 26.71 4.52 1.90
CA LEU P 163 26.21 5.04 3.19
C LEU P 163 26.49 6.55 3.27
N PHE P 164 27.66 7.00 2.77
CA PHE P 164 28.01 8.43 2.75
C PHE P 164 26.98 9.18 1.91
N ILE P 165 26.64 8.63 0.75
CA ILE P 165 25.64 9.24 -0.16
C ILE P 165 24.27 9.30 0.55
N THR P 166 23.87 8.25 1.27
CA THR P 166 22.61 8.24 2.02
C THR P 166 22.59 9.38 3.04
N ILE P 167 23.67 9.53 3.83
CA ILE P 167 23.76 10.54 4.90
C ILE P 167 23.69 11.92 4.25
N THR P 168 24.41 12.09 3.14
CA THR P 168 24.48 13.38 2.41
C THR P 168 23.06 13.76 2.01
N LEU P 169 22.29 12.79 1.48
CA LEU P 169 20.90 13.09 1.07
C LEU P 169 20.06 13.46 2.31
N GLY P 170 20.23 12.76 3.42
CA GLY P 170 19.53 13.11 4.66
C GLY P 170 19.82 14.52 5.10
N VAL P 171 21.09 14.89 5.09
CA VAL P 171 21.51 16.28 5.44
C VAL P 171 20.88 17.26 4.45
N TYR P 172 20.90 16.96 3.16
CA TYR P 172 20.33 17.84 2.11
C TYR P 172 18.84 18.06 2.44
N PHE P 173 18.11 17.00 2.76
CA PHE P 173 16.67 17.11 3.09
C PHE P 173 16.53 18.09 4.27
N THR P 174 17.37 17.93 5.30
CA THR P 174 17.28 18.73 6.52
C THR P 174 17.56 20.19 6.17
N LEU P 175 18.56 20.47 5.36
CA LEU P 175 18.90 21.89 5.03
C LEU P 175 17.80 22.48 4.13
N LEU P 176 17.24 21.69 3.24
CA LEU P 176 16.12 22.16 2.38
C LEU P 176 14.92 22.50 3.28
N GLN P 177 14.59 21.62 4.22
CA GLN P 177 13.41 21.82 5.10
C GLN P 177 13.65 23.06 5.97
N ALA P 178 14.87 23.24 6.49
CA ALA P 178 15.21 24.43 7.34
C ALA P 178 14.96 25.69 6.48
N SER P 179 15.42 25.69 5.23
CA SER P 179 15.23 26.82 4.30
C SER P 179 13.73 27.05 4.06
N GLU P 180 12.98 25.98 3.76
N GLU P 180 12.94 26.01 3.82
CA GLU P 180 11.49 26.05 3.57
CA GLU P 180 11.51 26.23 3.50
C GLU P 180 10.89 26.75 4.80
C GLU P 180 10.75 26.63 4.79
N TYR P 181 11.23 26.25 5.98
CA TYR P 181 10.68 26.78 7.26
C TYR P 181 10.85 28.31 7.29
N TYR P 182 12.07 28.75 7.03
CA TYR P 182 12.39 30.20 7.09
C TYR P 182 11.60 30.95 6.00
N GLU P 183 11.50 30.40 4.79
CA GLU P 183 10.85 31.09 3.65
C GLU P 183 9.34 31.05 3.75
N ALA P 184 8.76 30.13 4.53
CA ALA P 184 7.29 29.92 4.55
C ALA P 184 6.61 31.21 5.02
N PRO P 185 5.61 31.70 4.27
CA PRO P 185 4.90 32.93 4.65
C PRO P 185 3.86 32.71 5.75
N PHE P 186 3.66 31.47 6.15
CA PHE P 186 2.76 31.10 7.25
C PHE P 186 3.65 30.53 8.36
N THR P 187 3.13 30.53 9.59
CA THR P 187 3.84 30.12 10.81
C THR P 187 3.02 29.08 11.57
N ILE P 188 3.61 28.56 12.65
CA ILE P 188 2.89 27.63 13.56
C ILE P 188 1.65 28.29 14.17
N SER P 189 1.65 29.62 14.30
CA SER P 189 0.55 30.40 14.91
C SER P 189 -0.53 30.73 13.86
N ASP P 190 -0.40 30.27 12.60
CA ASP P 190 -1.40 30.55 11.55
C ASP P 190 -2.50 29.50 11.59
N GLY P 191 -3.19 29.45 12.72
CA GLY P 191 -4.35 28.58 12.92
C GLY P 191 -3.99 27.14 12.73
N VAL P 192 -5.02 26.36 12.43
CA VAL P 192 -4.86 24.90 12.39
C VAL P 192 -4.04 24.52 11.13
N TYR P 193 -4.02 25.34 10.08
CA TYR P 193 -3.17 25.06 8.90
C TYR P 193 -1.71 25.05 9.37
N GLY P 194 -1.26 26.12 10.02
CA GLY P 194 0.13 26.20 10.50
C GLY P 194 0.41 25.13 11.55
N SER P 195 -0.57 24.87 12.40
CA SER P 195 -0.43 23.92 13.52
C SER P 195 -0.11 22.53 12.93
N THR P 196 -0.95 22.06 12.03
CA THR P 196 -0.84 20.70 11.46
C THR P 196 0.45 20.66 10.62
N PHE P 197 0.73 21.72 9.87
CA PHE P 197 1.89 21.74 8.96
C PHE P 197 3.18 21.59 9.78
N PHE P 198 3.37 22.49 10.73
CA PHE P 198 4.67 22.56 11.43
C PHE P 198 4.81 21.42 12.43
N VAL P 199 3.76 21.04 13.14
CA VAL P 199 3.94 19.96 14.14
C VAL P 199 4.17 18.63 13.41
N ALA P 200 3.42 18.30 12.35
CA ALA P 200 3.59 17.02 11.64
C ALA P 200 4.95 17.02 10.90
N THR P 201 5.26 18.04 10.10
CA THR P 201 6.55 18.05 9.36
C THR P 201 7.71 18.22 10.34
N GLY P 202 7.50 18.87 11.48
CA GLY P 202 8.54 19.14 12.49
C GLY P 202 8.93 17.86 13.17
N PHE P 203 7.93 17.06 13.60
CA PHE P 203 8.23 15.73 14.18
C PHE P 203 8.92 14.87 13.09
N HIS P 204 8.51 14.97 11.84
CA HIS P 204 9.18 14.21 10.76
C HIS P 204 10.64 14.66 10.63
N GLY P 205 10.90 15.98 10.65
CA GLY P 205 12.26 16.52 10.51
C GLY P 205 13.11 16.02 11.68
N LEU P 206 12.53 15.98 12.88
CA LEU P 206 13.24 15.44 14.07
C LEU P 206 13.65 13.99 13.76
N HIS P 207 12.74 13.18 13.22
CA HIS P 207 13.01 11.75 12.92
C HIS P 207 14.07 11.67 11.81
N VAL P 208 14.09 12.61 10.86
CA VAL P 208 15.14 12.60 9.81
C VAL P 208 16.49 12.87 10.51
N ILE P 209 16.54 13.81 11.43
CA ILE P 209 17.82 14.10 12.15
C ILE P 209 18.25 12.87 12.96
N ILE P 210 17.31 12.23 13.65
CA ILE P 210 17.59 11.01 14.44
C ILE P 210 18.12 9.94 13.47
N GLY P 211 17.38 9.69 12.38
CA GLY P 211 17.77 8.65 11.41
C GLY P 211 19.15 8.93 10.84
N SER P 212 19.41 10.19 10.51
CA SER P 212 20.72 10.58 9.94
C SER P 212 21.81 10.29 10.98
N THR P 213 21.56 10.65 12.23
CA THR P 213 22.54 10.45 13.33
C THR P 213 22.82 8.93 13.44
N PHE P 214 21.76 8.10 13.39
CA PHE P 214 21.92 6.62 13.43
C PHE P 214 22.79 6.15 12.25
N LEU P 215 22.55 6.67 11.05
CA LEU P 215 23.36 6.26 9.87
C LEU P 215 24.82 6.68 10.10
N ILE P 216 25.04 7.85 10.71
CA ILE P 216 26.42 8.36 10.94
C ILE P 216 27.11 7.42 11.94
N VAL P 217 26.37 6.99 12.97
CA VAL P 217 26.93 6.00 13.93
C VAL P 217 27.32 4.75 13.12
N CYS P 218 26.44 4.26 12.26
CA CYS P 218 26.77 3.07 11.43
C CYS P 218 28.00 3.35 10.56
N PHE P 219 28.15 4.57 10.02
CA PHE P 219 29.28 4.92 9.12
C PHE P 219 30.60 4.72 9.89
N PHE P 220 30.65 5.28 11.10
CA PHE P 220 31.86 5.23 11.94
C PHE P 220 32.12 3.80 12.42
N ARG P 221 31.07 3.04 12.75
CA ARG P 221 31.27 1.61 13.12
C ARG P 221 31.85 0.87 11.91
N GLN P 222 31.33 1.14 10.72
CA GLN P 222 31.84 0.49 9.49
C GLN P 222 33.30 0.89 9.26
N LEU P 223 33.63 2.18 9.44
CA LEU P 223 35.03 2.64 9.31
C LEU P 223 35.94 1.81 10.26
N LYS P 224 35.43 1.45 11.45
CA LYS P 224 36.17 0.70 12.51
C LYS P 224 36.01 -0.82 12.36
N PHE P 225 35.44 -1.29 11.25
CA PHE P 225 35.33 -2.72 10.85
C PHE P 225 34.43 -3.48 11.85
N HIS P 226 33.46 -2.82 12.48
CA HIS P 226 32.60 -3.53 13.47
C HIS P 226 31.71 -4.57 12.76
N PHE P 227 31.25 -4.27 11.56
CA PHE P 227 30.21 -5.09 10.92
C PHE P 227 30.87 -6.25 10.17
N THR P 228 30.29 -7.45 10.31
CA THR P 228 30.65 -8.57 9.41
C THR P 228 29.66 -8.59 8.26
N SER P 229 29.97 -9.36 7.23
CA SER P 229 29.11 -9.49 6.04
C SER P 229 27.78 -10.14 6.45
N ASN P 230 27.75 -10.84 7.60
CA ASN P 230 26.56 -11.58 8.08
C ASN P 230 25.92 -10.97 9.32
N HIS P 231 26.63 -10.16 10.08
CA HIS P 231 26.19 -9.69 11.41
C HIS P 231 26.36 -8.18 11.45
N HIS P 232 25.24 -7.45 11.39
CA HIS P 232 25.25 -5.98 11.27
C HIS P 232 23.84 -5.47 11.59
N PHE P 233 23.31 -5.85 12.74
CA PHE P 233 21.91 -5.51 13.09
C PHE P 233 21.78 -4.00 13.27
N GLY P 234 22.81 -3.30 13.76
CA GLY P 234 22.68 -1.85 13.91
C GLY P 234 22.44 -1.20 12.57
N PHE P 235 23.11 -1.72 11.53
CA PHE P 235 22.91 -1.24 10.13
C PHE P 235 21.49 -1.56 9.65
N GLU P 236 21.04 -2.79 9.87
CA GLU P 236 19.67 -3.17 9.46
C GLU P 236 18.65 -2.27 10.17
N ALA P 237 18.77 -2.10 11.47
CA ALA P 237 17.82 -1.26 12.27
C ALA P 237 17.84 0.17 11.72
N ALA P 238 19.02 0.72 11.39
CA ALA P 238 19.10 2.10 10.90
C ALA P 238 18.43 2.17 9.52
N ALA P 239 18.58 1.13 8.71
CA ALA P 239 17.95 1.07 7.38
C ALA P 239 16.43 1.01 7.54
N TRP P 240 15.92 0.14 8.41
CA TRP P 240 14.45 0.03 8.65
C TRP P 240 13.93 1.40 9.11
N TYR P 241 14.65 2.03 10.04
CA TYR P 241 14.23 3.34 10.56
C TYR P 241 14.20 4.36 9.42
N TRP P 242 15.23 4.33 8.59
CA TRP P 242 15.35 5.25 7.45
C TRP P 242 14.18 5.02 6.47
N HIS P 243 13.85 3.77 6.16
CA HIS P 243 12.70 3.50 5.28
C HIS P 243 11.42 4.04 5.94
N PHE P 244 11.27 3.90 7.24
CA PHE P 244 10.12 4.45 7.98
C PHE P 244 10.05 5.97 7.74
N VAL P 245 11.17 6.65 7.88
CA VAL P 245 11.24 8.14 7.70
C VAL P 245 10.82 8.51 6.28
N ASP P 246 11.22 7.73 5.28
N ASP P 246 11.23 7.69 5.32
CA ASP P 246 10.85 7.96 3.86
CA ASP P 246 11.03 7.91 3.87
C ASP P 246 9.34 7.82 3.75
C ASP P 246 9.50 7.69 3.61
N VAL P 247 8.84 6.71 4.27
CA VAL P 247 7.39 6.42 4.05
C VAL P 247 6.56 7.52 4.74
N VAL P 248 6.93 7.91 5.96
CA VAL P 248 6.19 9.02 6.62
C VAL P 248 6.23 10.27 5.72
N TRP P 249 7.39 10.57 5.12
CA TRP P 249 7.48 11.72 4.21
C TRP P 249 6.49 11.57 3.04
N LEU P 250 6.43 10.41 2.42
CA LEU P 250 5.54 10.22 1.24
C LEU P 250 4.10 10.51 1.68
N PHE P 251 3.68 10.06 2.86
CA PHE P 251 2.32 10.31 3.38
C PHE P 251 2.13 11.80 3.66
N LEU P 252 3.14 12.47 4.21
CA LEU P 252 3.05 13.94 4.46
C LEU P 252 2.90 14.67 3.13
N TYR P 253 3.71 14.27 2.17
CA TYR P 253 3.76 14.92 0.85
C TYR P 253 2.39 14.79 0.19
N VAL P 254 1.87 13.58 0.15
CA VAL P 254 0.56 13.38 -0.53
C VAL P 254 -0.54 14.14 0.26
N SER P 255 -0.50 14.07 1.57
CA SER P 255 -1.63 14.53 2.42
C SER P 255 -1.58 16.06 2.58
N ILE P 256 -0.49 16.57 3.14
CA ILE P 256 -0.43 17.98 3.60
C ILE P 256 -0.02 18.87 2.42
N TYR P 257 0.98 18.47 1.66
CA TYR P 257 1.57 19.37 0.64
C TYR P 257 0.73 19.35 -0.63
N TRP P 258 0.28 18.16 -1.02
CA TRP P 258 -0.38 18.00 -2.33
C TRP P 258 -1.90 18.08 -2.14
N TRP P 259 -2.52 17.08 -1.54
CA TRP P 259 -4.01 17.04 -1.38
C TRP P 259 -4.42 18.28 -0.57
N GLY P 260 -3.60 18.70 0.40
CA GLY P 260 -3.95 19.82 1.31
C GLY P 260 -3.69 21.19 0.69
N SER P 261 -3.24 21.28 -0.55
CA SER P 261 -2.92 22.61 -1.17
C SER P 261 -4.16 23.16 -1.88
N ASP Q 10 14.56 -28.42 48.90
CA ASP Q 10 13.52 -29.41 49.28
C ASP Q 10 12.47 -29.53 48.15
N TYR Q 11 11.95 -28.36 47.61
CA TYR Q 11 11.07 -28.07 46.47
C TYR Q 11 11.29 -29.10 45.37
N ALA Q 12 12.49 -29.71 45.19
CA ALA Q 12 12.80 -30.37 43.90
C ALA Q 12 12.47 -31.87 43.90
N LEU Q 13 12.06 -32.42 45.03
CA LEU Q 13 11.72 -33.85 45.13
C LEU Q 13 10.22 -34.02 45.33
N PRO Q 14 9.67 -35.16 44.91
CA PRO Q 14 8.28 -35.51 45.21
C PRO Q 14 8.04 -35.39 46.72
N SER Q 15 6.84 -34.97 47.08
CA SER Q 15 6.45 -34.81 48.49
C SER Q 15 5.06 -35.43 48.72
N TYR Q 16 4.72 -35.48 50.01
CA TYR Q 16 3.46 -36.04 50.53
C TYR Q 16 2.37 -34.98 50.48
N VAL Q 17 1.17 -35.40 50.12
N VAL Q 17 1.18 -35.38 50.07
CA VAL Q 17 -0.04 -34.52 50.15
CA VAL Q 17 -0.01 -34.50 50.22
C VAL Q 17 -1.28 -35.36 50.46
C VAL Q 17 -1.18 -35.41 50.61
N ASP Q 18 -2.12 -34.82 51.35
CA ASP Q 18 -3.45 -35.39 51.70
C ASP Q 18 -4.46 -34.59 50.87
N ARG Q 19 -4.92 -35.17 49.79
CA ARG Q 19 -5.89 -34.55 48.86
C ARG Q 19 -6.85 -35.64 48.41
N ARG Q 20 -8.14 -35.39 48.56
CA ARG Q 20 -9.24 -36.32 48.23
C ARG Q 20 -9.06 -36.74 46.75
N ASP Q 21 -8.61 -35.84 45.86
CA ASP Q 21 -8.50 -36.05 44.40
C ASP Q 21 -7.11 -36.59 44.03
N TYR Q 22 -6.24 -36.87 45.00
CA TYR Q 22 -4.89 -37.47 44.73
C TYR Q 22 -4.65 -38.49 45.83
N PRO Q 23 -5.49 -39.54 45.89
CA PRO Q 23 -5.52 -40.42 47.07
C PRO Q 23 -4.23 -41.19 47.36
N LEU Q 24 -3.41 -41.48 46.34
CA LEU Q 24 -2.14 -42.25 46.52
C LEU Q 24 -0.96 -41.33 46.25
N PRO Q 25 -0.45 -40.61 47.27
CA PRO Q 25 0.62 -39.65 47.07
C PRO Q 25 1.93 -40.29 46.60
N ASP Q 26 2.86 -39.45 46.16
CA ASP Q 26 4.12 -39.85 45.47
C ASP Q 26 5.05 -40.58 46.44
N VAL Q 27 4.92 -40.37 47.74
CA VAL Q 27 5.83 -40.95 48.78
C VAL Q 27 4.99 -41.35 49.99
N ALA Q 28 5.53 -42.24 50.80
CA ALA Q 28 5.01 -42.63 52.13
C ALA Q 28 5.11 -41.44 53.06
N HIS Q 29 4.13 -41.30 53.95
CA HIS Q 29 4.18 -40.32 55.09
C HIS Q 29 5.46 -40.52 55.92
N VAL Q 30 5.79 -41.78 56.27
CA VAL Q 30 6.94 -42.14 57.14
C VAL Q 30 7.97 -42.80 56.22
N LYS Q 31 9.08 -42.11 56.00
CA LYS Q 31 10.21 -42.51 55.10
C LYS Q 31 11.15 -43.45 55.86
N ASN Q 32 11.43 -43.15 57.12
CA ASN Q 32 12.47 -43.83 57.92
C ASN Q 32 11.82 -44.68 59.03
N LEU Q 33 11.97 -46.00 58.92
CA LEU Q 33 11.26 -47.02 59.74
C LEU Q 33 12.16 -47.53 60.88
N SER Q 34 11.61 -47.64 62.10
CA SER Q 34 12.23 -48.36 63.26
C SER Q 34 12.33 -49.84 62.89
N ALA Q 35 12.96 -50.66 63.74
CA ALA Q 35 13.11 -52.12 63.55
C ALA Q 35 11.73 -52.78 63.61
N SER Q 36 10.85 -52.36 64.54
CA SER Q 36 9.46 -52.87 64.67
C SER Q 36 8.66 -52.56 63.40
N GLN Q 37 8.76 -51.33 62.89
CA GLN Q 37 8.05 -50.90 61.66
C GLN Q 37 8.49 -51.76 60.47
N LYS Q 38 9.79 -52.03 60.33
CA LYS Q 38 10.33 -52.85 59.20
C LYS Q 38 9.84 -54.30 59.32
N ALA Q 39 9.70 -54.81 60.56
CA ALA Q 39 9.24 -56.19 60.85
C ALA Q 39 7.74 -56.27 60.48
N LEU Q 40 6.98 -55.23 60.82
CA LEU Q 40 5.56 -55.12 60.45
C LEU Q 40 5.43 -55.09 58.92
N LYS Q 41 6.35 -54.44 58.18
CA LYS Q 41 6.30 -54.41 56.68
C LYS Q 41 6.67 -55.80 56.13
N GLU Q 42 7.53 -56.54 56.83
CA GLU Q 42 7.81 -57.97 56.51
C GLU Q 42 6.53 -58.77 56.76
N LYS Q 43 5.85 -58.53 57.89
CA LYS Q 43 4.61 -59.27 58.24
C LYS Q 43 3.56 -59.01 57.15
N GLU Q 44 3.55 -57.79 56.60
CA GLU Q 44 2.63 -57.33 55.52
C GLU Q 44 2.76 -58.21 54.28
N LYS Q 45 3.88 -58.91 54.07
CA LYS Q 45 4.11 -59.72 52.85
C LYS Q 45 3.39 -61.06 52.98
N ALA Q 46 2.93 -61.39 54.19
CA ALA Q 46 2.14 -62.60 54.51
C ALA Q 46 0.65 -62.24 54.47
N SER Q 47 -0.22 -63.21 54.74
CA SER Q 47 -1.69 -63.03 54.69
C SER Q 47 -2.11 -61.82 55.55
N TRP Q 48 -2.98 -60.95 55.03
CA TRP Q 48 -3.44 -59.78 55.81
C TRP Q 48 -4.45 -60.20 56.90
N SER Q 49 -5.04 -61.41 56.78
CA SER Q 49 -5.92 -62.04 57.80
C SER Q 49 -5.16 -62.27 59.11
N SER Q 50 -3.83 -62.45 59.03
CA SER Q 50 -2.91 -62.69 60.17
C SER Q 50 -2.53 -61.38 60.86
N LEU Q 51 -2.75 -60.24 60.19
CA LEU Q 51 -2.54 -58.88 60.74
C LEU Q 51 -3.65 -58.60 61.78
N SER Q 52 -3.30 -58.08 62.96
CA SER Q 52 -4.28 -57.55 63.95
C SER Q 52 -4.85 -56.23 63.42
N ILE Q 53 -5.97 -55.77 63.99
CA ILE Q 53 -6.54 -54.42 63.71
C ILE Q 53 -5.47 -53.33 63.96
N ASP Q 54 -4.80 -53.36 65.12
CA ASP Q 54 -3.82 -52.33 65.53
C ASP Q 54 -2.68 -52.29 64.50
N GLU Q 55 -2.31 -53.46 63.96
CA GLU Q 55 -1.20 -53.55 62.98
C GLU Q 55 -1.68 -53.01 61.62
N LYS Q 56 -2.94 -53.26 61.26
CA LYS Q 56 -3.54 -52.73 60.00
C LYS Q 56 -3.53 -51.21 60.08
N VAL Q 57 -3.93 -50.67 61.24
CA VAL Q 57 -3.96 -49.19 61.49
C VAL Q 57 -2.50 -48.70 61.43
N GLU Q 58 -1.55 -49.43 62.03
CA GLU Q 58 -0.14 -48.93 62.04
C GLU Q 58 0.37 -48.87 60.59
N LEU Q 59 0.11 -49.89 59.77
CA LEU Q 59 0.54 -49.88 58.33
C LEU Q 59 -0.09 -48.68 57.63
N TYR Q 60 -1.34 -48.33 57.95
CA TYR Q 60 -2.05 -47.19 57.32
C TYR Q 60 -1.31 -45.89 57.66
N ARG Q 61 -0.92 -45.72 58.93
CA ARG Q 61 -0.29 -44.49 59.48
C ARG Q 61 1.17 -44.42 59.03
N LEU Q 62 1.79 -45.51 58.58
CA LEU Q 62 3.14 -45.42 57.97
C LEU Q 62 3.01 -44.77 56.58
N LYS Q 63 1.95 -45.12 55.86
CA LYS Q 63 1.77 -44.76 54.43
C LYS Q 63 1.13 -43.36 54.33
N PHE Q 64 0.16 -43.03 55.19
CA PHE Q 64 -0.69 -41.82 55.08
C PHE Q 64 -0.66 -41.05 56.41
N LYS Q 65 -0.72 -39.73 56.36
CA LYS Q 65 -0.77 -38.88 57.58
C LYS Q 65 -2.22 -38.83 58.07
N GLU Q 66 -3.15 -38.29 57.27
CA GLU Q 66 -4.58 -38.18 57.64
C GLU Q 66 -5.43 -39.14 56.79
N SER Q 67 -6.44 -39.75 57.41
CA SER Q 67 -7.53 -40.47 56.72
C SER Q 67 -8.39 -39.46 55.93
N PHE Q 68 -9.25 -39.98 55.06
CA PHE Q 68 -10.25 -39.17 54.33
C PHE Q 68 -11.14 -38.43 55.34
N ALA Q 69 -11.64 -39.12 56.37
CA ALA Q 69 -12.54 -38.48 57.36
C ALA Q 69 -11.79 -37.29 58.01
N GLU Q 70 -10.51 -37.46 58.34
CA GLU Q 70 -9.69 -36.41 59.03
C GLU Q 70 -9.46 -35.24 58.08
N MET Q 71 -9.04 -35.50 56.86
CA MET Q 71 -8.63 -34.38 55.98
C MET Q 71 -9.89 -33.61 55.56
N ASN Q 72 -11.06 -34.22 55.65
CA ASN Q 72 -12.34 -33.60 55.19
C ASN Q 72 -13.10 -32.93 56.34
N ARG Q 73 -12.53 -32.81 57.53
CA ARG Q 73 -13.30 -32.26 58.68
C ARG Q 73 -13.57 -30.77 58.44
N SER Q 74 -14.73 -30.27 58.89
CA SER Q 74 -15.03 -28.81 58.91
C SER Q 74 -14.37 -28.21 60.16
N THR Q 75 -14.28 -26.88 60.22
CA THR Q 75 -13.60 -26.17 61.33
C THR Q 75 -14.51 -25.04 61.82
N ASN Q 76 -14.14 -24.40 62.92
CA ASN Q 76 -14.86 -23.23 63.50
C ASN Q 76 -14.27 -21.91 62.95
N GLU Q 77 -13.40 -21.96 61.95
CA GLU Q 77 -12.68 -20.78 61.42
C GLU Q 77 -13.69 -19.71 60.98
N TRP Q 78 -14.84 -20.12 60.42
CA TRP Q 78 -15.85 -19.15 59.94
C TRP Q 78 -16.27 -18.21 61.08
N LYS Q 79 -16.33 -18.71 62.32
CA LYS Q 79 -16.77 -17.88 63.46
C LYS Q 79 -15.76 -16.75 63.68
N THR Q 80 -14.48 -17.09 63.64
CA THR Q 80 -13.42 -16.11 63.86
C THR Q 80 -13.43 -15.09 62.71
N VAL Q 81 -13.61 -15.55 61.47
CA VAL Q 81 -13.53 -14.65 60.29
C VAL Q 81 -14.71 -13.69 60.37
N VAL Q 82 -15.91 -14.24 60.54
CA VAL Q 82 -17.16 -13.42 60.53
C VAL Q 82 -17.15 -12.48 61.74
N GLY Q 83 -16.77 -12.97 62.92
CA GLY Q 83 -16.71 -12.14 64.14
C GLY Q 83 -15.69 -11.02 64.00
N ALA Q 84 -14.49 -11.33 63.52
CA ALA Q 84 -13.42 -10.32 63.37
C ALA Q 84 -13.82 -9.27 62.33
N ALA Q 85 -14.42 -9.68 61.20
CA ALA Q 85 -14.87 -8.72 60.17
C ALA Q 85 -15.89 -7.75 60.80
N MET Q 86 -16.82 -8.28 61.59
CA MET Q 86 -17.83 -7.43 62.25
C MET Q 86 -17.13 -6.51 63.27
N PHE Q 87 -16.10 -6.96 63.98
CA PHE Q 87 -15.32 -6.08 64.89
C PHE Q 87 -14.75 -4.90 64.10
N PHE Q 88 -14.10 -5.18 62.97
CA PHE Q 88 -13.42 -4.14 62.16
C PHE Q 88 -14.46 -3.21 61.53
N ILE Q 89 -15.59 -3.73 61.08
CA ILE Q 89 -16.67 -2.87 60.53
C ILE Q 89 -17.20 -2.01 61.69
N GLY Q 90 -17.29 -2.54 62.90
CA GLY Q 90 -17.69 -1.76 64.08
C GLY Q 90 -16.71 -0.63 64.35
N PHE Q 91 -15.42 -0.93 64.29
CA PHE Q 91 -14.33 0.04 64.49
C PHE Q 91 -14.48 1.19 63.50
N THR Q 92 -14.91 0.87 62.28
CA THR Q 92 -15.07 1.87 61.20
C THR Q 92 -16.07 2.95 61.67
N ALA Q 93 -17.16 2.52 62.30
CA ALA Q 93 -18.22 3.41 62.80
C ALA Q 93 -17.62 4.37 63.83
N LEU Q 94 -16.62 3.95 64.62
CA LEU Q 94 -15.90 4.86 65.56
C LEU Q 94 -15.24 5.98 64.74
N LEU Q 95 -14.61 5.65 63.61
CA LEU Q 95 -13.97 6.68 62.74
C LEU Q 95 -15.05 7.62 62.22
N LEU Q 96 -16.22 7.10 61.88
CA LEU Q 96 -17.30 7.93 61.31
C LEU Q 96 -17.89 8.84 62.40
N ILE Q 97 -17.94 8.36 63.63
CA ILE Q 97 -18.37 9.17 64.79
C ILE Q 97 -17.36 10.31 64.99
N TRP Q 98 -16.07 9.98 65.02
CA TRP Q 98 -14.98 10.98 65.11
C TRP Q 98 -15.15 12.02 63.99
N GLU Q 99 -15.39 11.58 62.76
CA GLU Q 99 -15.47 12.51 61.62
C GLU Q 99 -16.68 13.45 61.84
N LYS Q 100 -17.83 12.90 62.23
CA LYS Q 100 -19.05 13.71 62.40
C LYS Q 100 -18.77 14.77 63.46
N HIS Q 101 -18.03 14.42 64.52
CA HIS Q 101 -17.84 15.29 65.71
C HIS Q 101 -16.82 16.38 65.40
N TYR Q 102 -15.69 16.01 64.78
CA TYR Q 102 -14.51 16.89 64.71
C TYR Q 102 -14.32 17.51 63.32
N VAL Q 103 -14.94 17.00 62.26
CA VAL Q 103 -14.60 17.46 60.88
C VAL Q 103 -15.80 18.20 60.29
N TYR Q 104 -16.96 17.61 60.39
CA TYR Q 104 -18.23 18.07 59.78
C TYR Q 104 -18.83 19.19 60.64
N GLY Q 105 -19.06 20.35 60.01
CA GLY Q 105 -19.80 21.47 60.64
C GLY Q 105 -21.29 21.37 60.32
N PRO Q 106 -22.08 22.40 60.71
CA PRO Q 106 -23.50 22.46 60.39
C PRO Q 106 -23.81 22.18 58.91
N ILE Q 107 -24.89 21.45 58.67
CA ILE Q 107 -25.35 21.27 57.28
C ILE Q 107 -26.21 22.47 56.92
N PRO Q 108 -26.58 22.60 55.64
CA PRO Q 108 -27.30 23.78 55.18
C PRO Q 108 -28.68 23.92 55.82
N HIS Q 109 -29.17 25.17 55.86
CA HIS Q 109 -30.44 25.49 56.57
C HIS Q 109 -31.64 24.86 55.87
N THR Q 110 -31.48 24.43 54.63
CA THR Q 110 -32.56 23.81 53.82
C THR Q 110 -32.97 22.43 54.37
N PHE Q 111 -32.20 21.88 55.31
CA PHE Q 111 -32.53 20.60 56.00
C PHE Q 111 -33.32 20.84 57.27
N GLU Q 112 -33.55 22.08 57.68
CA GLU Q 112 -34.38 22.40 58.89
C GLU Q 112 -35.82 21.94 58.63
N GLU Q 113 -36.49 21.45 59.68
CA GLU Q 113 -37.83 20.81 59.61
C GLU Q 113 -38.82 21.76 58.91
N GLU Q 114 -38.81 23.04 59.27
CA GLU Q 114 -39.75 24.05 58.71
C GLU Q 114 -39.44 24.24 57.21
N TRP Q 115 -38.15 24.38 56.84
CA TRP Q 115 -37.77 24.52 55.41
C TRP Q 115 -38.28 23.31 54.62
N VAL Q 116 -38.09 22.14 55.19
CA VAL Q 116 -38.45 20.87 54.50
C VAL Q 116 -39.97 20.79 54.33
N ALA Q 117 -40.77 21.26 55.29
CA ALA Q 117 -42.25 21.17 55.20
C ALA Q 117 -42.75 22.07 54.06
N LYS Q 118 -42.15 23.26 53.94
CA LYS Q 118 -42.46 24.26 52.91
C LYS Q 118 -42.02 23.70 51.55
N GLN Q 119 -40.81 23.13 51.49
CA GLN Q 119 -40.21 22.60 50.25
C GLN Q 119 -41.07 21.44 49.73
N THR Q 120 -41.51 20.56 50.64
CA THR Q 120 -42.42 19.43 50.32
C THR Q 120 -43.73 19.98 49.73
N LYS Q 121 -44.34 20.99 50.35
CA LYS Q 121 -45.60 21.54 49.77
C LYS Q 121 -45.34 22.12 48.37
N ARG Q 122 -44.26 22.89 48.19
CA ARG Q 122 -43.95 23.47 46.85
C ARG Q 122 -43.70 22.35 45.82
N MET Q 123 -43.04 21.27 46.22
CA MET Q 123 -42.87 20.10 45.30
C MET Q 123 -44.26 19.53 44.96
N LEU Q 124 -45.19 19.45 45.91
CA LEU Q 124 -46.53 18.90 45.60
C LEU Q 124 -47.30 19.90 44.73
N ASP Q 125 -47.08 21.19 44.93
CA ASP Q 125 -47.76 22.27 44.16
C ASP Q 125 -47.28 22.26 42.71
N MET Q 126 -46.01 21.93 42.49
CA MET Q 126 -45.51 21.82 41.10
C MET Q 126 -45.59 20.35 40.62
N LYS Q 127 -46.21 19.45 41.42
CA LYS Q 127 -46.56 18.06 41.02
C LYS Q 127 -45.26 17.34 40.58
N VAL Q 128 -44.23 17.41 41.42
CA VAL Q 128 -42.98 16.65 41.20
C VAL Q 128 -43.35 15.17 41.12
N ALA Q 129 -42.91 14.48 40.08
CA ALA Q 129 -43.07 13.00 39.92
C ALA Q 129 -44.53 12.61 40.21
N PRO Q 130 -45.47 13.06 39.35
CA PRO Q 130 -46.90 12.87 39.61
C PRO Q 130 -47.46 11.54 39.11
N ILE Q 131 -46.65 10.77 38.37
CA ILE Q 131 -47.11 9.49 37.79
C ILE Q 131 -46.78 8.38 38.78
N GLN Q 132 -45.60 8.38 39.39
CA GLN Q 132 -45.20 7.29 40.34
C GLN Q 132 -44.40 7.79 41.55
N GLY Q 133 -43.48 8.73 41.36
CA GLY Q 133 -42.34 8.92 42.28
C GLY Q 133 -42.67 9.66 43.58
N PHE Q 134 -43.48 10.73 43.55
CA PHE Q 134 -43.58 11.65 44.71
C PHE Q 134 -45.02 12.16 44.82
N SER Q 135 -45.47 13.02 43.91
CA SER Q 135 -46.82 13.64 43.99
C SER Q 135 -47.89 12.56 43.81
N ALA Q 136 -47.55 11.49 43.09
CA ALA Q 136 -48.41 10.29 42.92
C ALA Q 136 -48.80 9.72 44.29
N LYS Q 137 -48.00 9.96 45.34
CA LYS Q 137 -48.21 9.34 46.68
C LYS Q 137 -48.96 10.31 47.60
N TRP Q 138 -49.32 11.46 47.05
CA TRP Q 138 -50.09 12.51 47.77
C TRP Q 138 -51.53 12.44 47.28
N ASP Q 139 -52.47 12.47 48.22
CA ASP Q 139 -53.90 12.53 47.91
C ASP Q 139 -54.32 14.00 47.87
N TYR Q 140 -54.51 14.56 46.66
CA TYR Q 140 -54.84 16.01 46.45
C TYR Q 140 -56.27 16.32 46.92
N ASP Q 141 -57.17 15.34 46.86
CA ASP Q 141 -58.60 15.44 47.29
C ASP Q 141 -58.69 15.51 48.83
N LYS Q 142 -58.05 14.60 49.57
CA LYS Q 142 -58.22 14.45 51.05
C LYS Q 142 -57.05 15.17 51.84
N ASN Q 143 -56.13 15.86 50.95
CA ASN Q 143 -55.05 16.72 51.49
C ASN Q 143 -54.22 15.94 52.52
N GLU Q 144 -53.80 14.70 52.20
CA GLU Q 144 -52.93 13.83 53.05
C GLU Q 144 -52.12 12.86 52.19
N TRP Q 145 -51.10 12.21 52.75
CA TRP Q 145 -50.38 11.12 52.02
C TRP Q 145 -51.34 9.94 51.86
N LYS Q 146 -51.34 9.29 50.69
CA LYS Q 146 -52.16 8.06 50.45
C LYS Q 146 -51.82 6.99 51.49
N THR R 7 -18.02 -47.09 25.15
CA THR R 7 -19.09 -47.73 25.99
C THR R 7 -18.58 -47.98 27.42
N ASP R 8 -19.52 -48.04 28.37
CA ASP R 8 -19.23 -48.32 29.80
C ASP R 8 -18.45 -49.64 29.91
N GLU R 9 -18.88 -50.69 29.20
CA GLU R 9 -18.27 -52.04 29.24
C GLU R 9 -16.80 -51.96 28.80
N GLU R 10 -16.49 -51.15 27.78
CA GLU R 10 -15.13 -51.09 27.18
C GLU R 10 -14.23 -50.35 28.16
N PHE R 11 -14.73 -49.26 28.74
CA PHE R 11 -14.05 -48.46 29.77
C PHE R 11 -13.71 -49.38 30.93
N ASP R 12 -14.68 -50.11 31.45
CA ASP R 12 -14.47 -50.95 32.66
C ASP R 12 -13.44 -52.03 32.33
N ALA R 13 -13.52 -52.64 31.16
CA ALA R 13 -12.65 -53.77 30.77
C ALA R 13 -11.19 -53.27 30.67
N ARG R 14 -10.94 -52.09 30.08
CA ARG R 14 -9.58 -51.46 29.98
C ARG R 14 -9.00 -51.28 31.38
N TRP R 15 -9.80 -50.80 32.34
CA TRP R 15 -9.33 -50.54 33.72
C TRP R 15 -9.10 -51.84 34.49
N VAL R 16 -9.97 -52.84 34.33
CA VAL R 16 -9.72 -54.20 34.92
C VAL R 16 -8.39 -54.74 34.37
N THR R 17 -8.18 -54.66 33.06
CA THR R 17 -6.94 -55.17 32.42
C THR R 17 -5.74 -54.42 33.02
N TYR R 18 -5.84 -53.11 33.20
CA TYR R 18 -4.76 -52.25 33.74
C TYR R 18 -4.33 -52.79 35.11
N PHE R 19 -5.28 -53.00 36.02
CA PHE R 19 -4.92 -53.35 37.42
C PHE R 19 -4.55 -54.83 37.51
N ASN R 20 -5.01 -55.64 36.54
CA ASN R 20 -4.78 -57.12 36.54
C ASN R 20 -3.38 -57.45 36.05
N LYS R 21 -2.61 -56.50 35.52
CA LYS R 21 -1.26 -56.85 34.98
C LYS R 21 -0.44 -57.47 36.12
N PRO R 22 0.07 -58.72 35.98
CA PRO R 22 0.72 -59.39 37.11
C PRO R 22 1.84 -58.55 37.76
N ASP R 23 2.71 -57.98 36.93
CA ASP R 23 3.89 -57.25 37.44
C ASP R 23 3.60 -55.73 37.43
N ILE R 24 2.34 -55.31 37.55
CA ILE R 24 2.08 -53.87 37.79
C ILE R 24 3.01 -53.36 38.91
N ASP R 25 3.60 -52.17 38.77
CA ASP R 25 4.52 -51.66 39.82
C ASP R 25 3.79 -50.59 40.64
N ALA R 26 4.42 -50.13 41.72
CA ALA R 26 3.84 -49.17 42.69
C ALA R 26 3.45 -47.87 41.96
N TRP R 27 4.32 -47.35 41.11
CA TRP R 27 4.05 -46.14 40.30
C TRP R 27 2.74 -46.33 39.48
N GLU R 28 2.59 -47.46 38.81
CA GLU R 28 1.43 -47.75 37.93
C GLU R 28 0.16 -47.88 38.76
N LEU R 29 0.25 -48.44 39.97
CA LEU R 29 -0.94 -48.55 40.86
C LEU R 29 -1.40 -47.13 41.19
N ARG R 30 -0.48 -46.26 41.61
CA ARG R 30 -0.82 -44.89 42.06
C ARG R 30 -1.33 -44.11 40.85
N LYS R 31 -0.65 -44.23 39.71
CA LYS R 31 -1.04 -43.52 38.46
C LYS R 31 -2.48 -43.93 38.10
N GLY R 32 -2.77 -45.23 38.16
CA GLY R 32 -4.12 -45.70 37.78
C GLY R 32 -5.18 -45.14 38.71
N MET R 33 -4.99 -45.26 40.03
CA MET R 33 -6.04 -44.81 40.96
C MET R 33 -6.16 -43.28 40.86
N ASN R 34 -5.05 -42.56 40.76
CA ASN R 34 -5.11 -41.08 40.78
C ASN R 34 -5.79 -40.58 39.48
N THR R 35 -5.58 -41.25 38.38
CA THR R 35 -6.23 -40.94 37.09
C THR R 35 -7.72 -41.28 37.20
N LEU R 36 -8.05 -42.49 37.65
CA LEU R 36 -9.43 -42.98 37.65
C LEU R 36 -10.35 -42.04 38.46
N VAL R 37 -9.90 -41.51 39.59
CA VAL R 37 -10.76 -40.69 40.48
C VAL R 37 -10.94 -39.28 39.90
N GLY R 38 -10.25 -38.96 38.79
CA GLY R 38 -10.51 -37.73 38.02
C GLY R 38 -11.83 -37.76 37.27
N TYR R 39 -12.36 -38.94 36.98
CA TYR R 39 -13.55 -39.10 36.10
C TYR R 39 -14.83 -38.85 36.89
N ASP R 40 -15.89 -38.52 36.17
CA ASP R 40 -17.25 -38.33 36.74
C ASP R 40 -17.92 -39.70 36.87
N LEU R 41 -17.42 -40.51 37.79
CA LEU R 41 -17.98 -41.83 38.10
C LEU R 41 -17.32 -42.35 39.37
N VAL R 42 -18.04 -43.22 40.04
CA VAL R 42 -17.51 -44.10 41.11
C VAL R 42 -17.16 -45.41 40.39
N PRO R 43 -15.91 -45.88 40.49
CA PRO R 43 -15.52 -47.06 39.74
C PRO R 43 -16.38 -48.28 40.08
N GLU R 44 -16.66 -49.08 39.07
CA GLU R 44 -17.38 -50.38 39.25
C GLU R 44 -16.61 -51.29 40.21
N PRO R 45 -17.32 -52.08 41.04
CA PRO R 45 -16.68 -53.11 41.86
C PRO R 45 -15.62 -53.94 41.10
N LYS R 46 -15.86 -54.28 39.85
CA LYS R 46 -14.91 -55.17 39.09
C LYS R 46 -13.57 -54.43 38.97
N ILE R 47 -13.61 -53.12 38.76
CA ILE R 47 -12.37 -52.31 38.68
C ILE R 47 -11.69 -52.28 40.05
N ILE R 48 -12.45 -52.00 41.11
CA ILE R 48 -11.89 -51.89 42.47
C ILE R 48 -11.30 -53.26 42.87
N ASP R 49 -11.98 -54.36 42.56
CA ASP R 49 -11.49 -55.72 42.87
C ASP R 49 -10.09 -55.89 42.28
N ALA R 50 -9.92 -55.54 41.01
CA ALA R 50 -8.63 -55.69 40.31
C ALA R 50 -7.58 -54.78 40.97
N ALA R 51 -7.93 -53.56 41.36
CA ALA R 51 -6.98 -52.64 42.05
C ALA R 51 -6.56 -53.22 43.42
N LEU R 52 -7.51 -53.78 44.18
CA LEU R 52 -7.23 -54.34 45.53
C LEU R 52 -6.26 -55.53 45.37
N ARG R 53 -6.45 -56.35 44.33
CA ARG R 53 -5.59 -57.53 44.08
C ARG R 53 -4.20 -57.05 43.63
N ALA R 54 -4.11 -55.93 42.93
CA ALA R 54 -2.81 -55.30 42.61
C ALA R 54 -2.12 -54.90 43.93
N CYS R 55 -2.85 -54.30 44.88
CA CYS R 55 -2.31 -53.91 46.22
C CYS R 55 -1.71 -55.16 46.87
N ARG R 56 -2.39 -56.29 46.78
CA ARG R 56 -1.91 -57.55 47.41
C ARG R 56 -0.60 -57.96 46.75
N ARG R 57 -0.54 -57.95 45.41
CA ARG R 57 0.69 -58.39 44.69
C ARG R 57 1.83 -57.43 45.02
N LEU R 58 1.53 -56.16 45.33
CA LEU R 58 2.52 -55.14 45.73
C LEU R 58 2.69 -55.08 47.26
N ASN R 59 2.11 -56.03 48.02
CA ASN R 59 2.28 -56.12 49.50
C ASN R 59 1.99 -54.75 50.12
N ASP R 60 0.88 -54.12 49.68
CA ASP R 60 0.53 -52.75 50.11
C ASP R 60 -0.87 -52.74 50.72
N PHE R 61 -0.97 -53.05 52.01
CA PHE R 61 -2.28 -53.10 52.72
C PHE R 61 -2.88 -51.69 52.80
N ALA R 62 -2.05 -50.69 53.10
CA ALA R 62 -2.51 -49.31 53.32
C ALA R 62 -3.23 -48.80 52.08
N SER R 63 -2.64 -49.02 50.91
CA SER R 63 -3.22 -48.47 49.66
C SER R 63 -4.59 -49.12 49.45
N ALA R 64 -4.78 -50.38 49.85
CA ALA R 64 -6.08 -51.08 49.69
C ALA R 64 -7.15 -50.33 50.49
N VAL R 65 -6.80 -49.93 51.70
CA VAL R 65 -7.76 -49.20 52.59
C VAL R 65 -8.08 -47.85 51.95
N ARG R 66 -7.03 -47.17 51.46
CA ARG R 66 -7.14 -45.82 50.87
C ARG R 66 -8.07 -45.89 49.65
N ILE R 67 -7.99 -46.96 48.85
CA ILE R 67 -8.84 -47.15 47.64
C ILE R 67 -10.31 -47.27 48.09
N LEU R 68 -10.58 -47.96 49.18
CA LEU R 68 -11.97 -48.05 49.69
C LEU R 68 -12.41 -46.65 50.13
N GLU R 69 -11.54 -45.89 50.78
CA GLU R 69 -11.91 -44.52 51.22
C GLU R 69 -12.27 -43.66 50.00
N VAL R 70 -11.49 -43.74 48.94
CA VAL R 70 -11.71 -42.80 47.80
C VAL R 70 -12.96 -43.22 47.03
N VAL R 71 -13.33 -44.50 47.04
CA VAL R 71 -14.62 -44.95 46.43
C VAL R 71 -15.77 -44.30 47.19
N LYS R 72 -15.73 -44.32 48.52
CA LYS R 72 -16.77 -43.67 49.34
C LYS R 72 -16.79 -42.19 48.97
N ASP R 73 -15.62 -41.55 48.99
CA ASP R 73 -15.52 -40.10 48.74
C ASP R 73 -16.11 -39.73 47.37
N LYS R 74 -15.84 -40.47 46.32
CA LYS R 74 -16.28 -40.14 44.95
C LYS R 74 -17.82 -40.16 44.86
N ALA R 75 -18.51 -40.86 45.75
CA ALA R 75 -19.98 -40.92 45.76
C ALA R 75 -20.58 -39.62 46.28
N GLY R 76 -19.81 -38.77 46.96
CA GLY R 76 -20.36 -37.53 47.51
C GLY R 76 -21.58 -37.81 48.37
N PRO R 77 -22.73 -37.17 48.13
CA PRO R 77 -23.88 -37.37 49.02
C PRO R 77 -24.68 -38.65 48.68
N HIS R 78 -24.28 -39.40 47.66
CA HIS R 78 -25.03 -40.61 47.19
C HIS R 78 -24.65 -41.80 48.10
N LYS R 79 -25.24 -41.80 49.29
CA LYS R 79 -24.96 -42.69 50.47
C LYS R 79 -25.09 -44.17 50.11
N GLU R 80 -25.96 -44.51 49.15
CA GLU R 80 -26.31 -45.92 48.81
C GLU R 80 -25.12 -46.55 48.04
N ILE R 81 -24.19 -45.78 47.49
CA ILE R 81 -23.20 -46.38 46.54
C ILE R 81 -22.18 -47.22 47.30
N TYR R 82 -21.58 -46.68 48.36
CA TYR R 82 -20.50 -47.35 49.12
C TYR R 82 -20.99 -48.67 49.71
N PRO R 83 -22.12 -48.74 50.47
CA PRO R 83 -22.59 -50.02 50.98
C PRO R 83 -22.80 -51.06 49.86
N TYR R 84 -23.24 -50.64 48.66
CA TYR R 84 -23.43 -51.56 47.50
C TYR R 84 -22.06 -52.06 47.04
N VAL R 85 -21.08 -51.16 46.92
CA VAL R 85 -19.73 -51.57 46.49
C VAL R 85 -19.16 -52.57 47.50
N ILE R 86 -19.29 -52.31 48.79
CA ILE R 86 -18.71 -53.19 49.84
C ILE R 86 -19.42 -54.54 49.77
N GLN R 87 -20.75 -54.53 49.61
CA GLN R 87 -21.51 -55.77 49.42
C GLN R 87 -20.88 -56.58 48.28
N GLU R 88 -20.57 -55.93 47.15
CA GLU R 88 -20.07 -56.60 45.93
C GLU R 88 -18.61 -57.04 46.15
N LEU R 89 -17.87 -56.36 47.01
CA LEU R 89 -16.44 -56.70 47.22
C LEU R 89 -16.26 -57.69 48.37
N ARG R 90 -17.31 -57.99 49.13
CA ARG R 90 -17.17 -58.71 50.42
C ARG R 90 -16.39 -60.01 50.19
N PRO R 91 -16.62 -60.84 49.14
CA PRO R 91 -15.81 -62.06 48.92
C PRO R 91 -14.30 -61.83 48.75
N THR R 92 -13.93 -60.79 48.00
CA THR R 92 -12.52 -60.36 47.85
C THR R 92 -11.94 -59.83 49.18
N LEU R 93 -12.69 -59.01 49.91
CA LEU R 93 -12.21 -58.46 51.20
C LEU R 93 -11.94 -59.63 52.14
N ASN R 94 -12.83 -60.64 52.19
CA ASN R 94 -12.68 -61.83 53.07
C ASN R 94 -11.44 -62.61 52.61
N GLU R 95 -11.37 -62.92 51.31
CA GLU R 95 -10.26 -63.71 50.71
C GLU R 95 -8.90 -63.03 51.01
N LEU R 96 -8.76 -61.68 50.93
CA LEU R 96 -7.44 -61.00 51.04
C LEU R 96 -7.21 -60.47 52.45
N GLY R 97 -8.19 -60.55 53.35
CA GLY R 97 -8.06 -60.03 54.72
C GLY R 97 -7.96 -58.50 54.72
N ILE R 98 -8.67 -57.85 53.79
CA ILE R 98 -8.72 -56.36 53.75
C ILE R 98 -9.80 -55.89 54.72
N SER R 99 -9.43 -55.13 55.75
CA SER R 99 -10.39 -54.47 56.68
C SER R 99 -10.83 -53.15 56.04
N THR R 100 -12.11 -52.79 56.18
CA THR R 100 -12.65 -51.53 55.66
C THR R 100 -12.18 -50.40 56.55
N PRO R 101 -12.16 -49.16 56.02
CA PRO R 101 -11.86 -48.01 56.88
C PRO R 101 -12.76 -47.98 58.12
N GLU R 102 -14.03 -48.39 58.00
CA GLU R 102 -15.01 -48.41 59.11
C GLU R 102 -14.55 -49.44 60.15
N GLU R 103 -14.11 -50.62 59.70
CA GLU R 103 -13.62 -51.72 60.59
C GLU R 103 -12.36 -51.23 61.32
N LEU R 104 -11.58 -50.33 60.73
CA LEU R 104 -10.31 -49.83 61.31
C LEU R 104 -10.55 -48.54 62.11
N GLY R 105 -11.78 -48.01 62.17
CA GLY R 105 -12.05 -46.72 62.83
C GLY R 105 -11.48 -45.51 62.08
N LEU R 106 -11.11 -45.65 60.81
CA LEU R 106 -10.48 -44.55 60.03
C LEU R 106 -11.57 -43.65 59.41
N ASP R 107 -12.85 -43.97 59.63
CA ASP R 107 -13.98 -43.07 59.27
C ASP R 107 -14.24 -42.08 60.42
N LYS R 108 -13.46 -42.16 61.50
CA LYS R 108 -13.56 -41.27 62.70
C LYS R 108 -15.04 -41.08 63.07
N GLY S 3 36.65 -6.18 -4.61
CA GLY S 3 36.08 -5.31 -3.61
C GLY S 3 35.69 -6.12 -2.37
N GLY S 4 36.67 -6.25 -1.43
CA GLY S 4 36.68 -6.91 -0.10
C GLY S 4 36.81 -5.94 1.10
N GLY S 5 37.42 -6.37 2.23
CA GLY S 5 37.70 -5.51 3.41
C GLY S 5 36.62 -5.59 4.50
N VAL S 6 35.61 -6.43 4.36
CA VAL S 6 34.61 -6.64 5.42
C VAL S 6 34.92 -7.96 6.10
N PRO S 7 35.05 -7.99 7.44
CA PRO S 7 35.34 -9.23 8.14
C PRO S 7 34.15 -10.18 8.02
N THR S 8 34.46 -11.45 8.15
CA THR S 8 33.46 -12.54 8.22
C THR S 8 33.23 -12.91 9.69
N ASP S 9 32.10 -13.56 9.96
CA ASP S 9 31.84 -14.15 11.32
C ASP S 9 33.00 -15.10 11.68
N GLU S 10 33.44 -15.91 10.74
CA GLU S 10 34.54 -16.89 10.97
C GLU S 10 35.77 -16.13 11.50
N GLU S 11 36.05 -14.95 10.96
CA GLU S 11 37.26 -14.18 11.33
C GLU S 11 37.02 -13.46 12.64
N GLN S 12 35.81 -12.96 12.89
CA GLN S 12 35.67 -11.88 13.91
C GLN S 12 34.64 -12.19 14.99
N ALA S 13 33.73 -13.14 14.81
CA ALA S 13 32.78 -13.50 15.89
C ALA S 13 33.58 -13.95 17.12
N THR S 14 33.10 -13.62 18.31
CA THR S 14 33.79 -13.89 19.57
C THR S 14 32.80 -14.37 20.63
N GLY S 15 33.30 -14.70 21.81
CA GLY S 15 32.45 -14.98 22.98
C GLY S 15 31.40 -16.06 22.68
N LEU S 16 30.20 -15.89 23.19
CA LEU S 16 29.16 -16.92 23.09
C LEU S 16 28.70 -17.05 21.62
N GLU S 17 28.59 -15.93 20.89
CA GLU S 17 28.25 -15.98 19.46
C GLU S 17 29.15 -16.97 18.73
N ARG S 18 30.46 -16.88 18.96
CA ARG S 18 31.40 -17.79 18.28
C ARG S 18 31.14 -19.26 18.77
N GLU S 19 30.96 -19.46 20.08
CA GLU S 19 30.77 -20.84 20.61
C GLU S 19 29.54 -21.44 19.90
N VAL S 20 28.45 -20.66 19.79
CA VAL S 20 27.21 -21.15 19.13
C VAL S 20 27.51 -21.53 17.66
N MET S 21 28.31 -20.70 16.99
N MET S 21 28.25 -20.70 16.92
CA MET S 21 28.69 -20.79 15.56
CA MET S 21 28.54 -20.96 15.49
C MET S 21 29.51 -22.07 15.33
C MET S 21 29.39 -22.25 15.42
N LEU S 22 30.47 -22.34 16.21
CA LEU S 22 31.38 -23.52 16.13
C LEU S 22 30.60 -24.81 16.47
N ALA S 23 29.77 -24.80 17.52
CA ALA S 23 28.95 -25.97 17.88
C ALA S 23 27.96 -26.33 16.74
N ALA S 24 27.33 -25.33 16.10
CA ALA S 24 26.37 -25.59 14.97
C ALA S 24 27.12 -26.26 13.81
N ARG S 25 28.38 -25.85 13.51
CA ARG S 25 29.24 -26.49 12.47
C ARG S 25 29.36 -28.00 12.74
N LYS S 26 29.47 -28.39 14.02
CA LYS S 26 29.66 -29.81 14.45
C LYS S 26 28.33 -30.55 14.66
N GLY S 27 27.16 -29.96 14.42
CA GLY S 27 25.84 -30.59 14.68
C GLY S 27 25.57 -30.73 16.18
N GLN S 28 26.08 -29.82 17.03
CA GLN S 28 25.91 -29.93 18.50
C GLN S 28 25.08 -28.75 18.95
N ASP S 29 24.36 -28.91 20.05
CA ASP S 29 23.42 -27.87 20.54
C ASP S 29 23.63 -27.65 22.04
N PRO S 30 24.84 -27.24 22.47
CA PRO S 30 25.11 -27.06 23.89
C PRO S 30 24.28 -25.93 24.50
N TYR S 31 23.80 -24.99 23.69
CA TYR S 31 23.05 -23.81 24.22
C TYR S 31 21.55 -23.96 23.96
N ASN S 32 21.07 -25.17 23.69
CA ASN S 32 19.61 -25.46 23.78
C ASN S 32 18.79 -24.56 22.84
N ILE S 33 19.28 -24.33 21.63
CA ILE S 33 18.56 -23.54 20.61
C ILE S 33 17.48 -24.39 19.93
N LEU S 34 17.69 -25.71 19.82
CA LEU S 34 16.80 -26.63 19.08
C LEU S 34 15.92 -27.38 20.08
N ALA S 35 14.73 -27.73 19.63
CA ALA S 35 13.85 -28.64 20.38
C ALA S 35 14.35 -30.06 20.13
N PRO S 36 14.61 -30.84 21.20
CA PRO S 36 14.97 -32.26 21.03
C PRO S 36 13.78 -33.10 20.54
N LYS S 37 14.08 -34.11 19.73
CA LYS S 37 13.11 -35.10 19.17
C LYS S 37 12.95 -36.23 20.18
N ALA S 38 11.69 -36.56 20.51
CA ALA S 38 11.32 -37.59 21.49
C ALA S 38 11.73 -38.96 20.93
N THR S 39 12.15 -39.84 21.83
CA THR S 39 12.20 -41.30 21.58
C THR S 39 10.78 -41.88 21.73
N SER S 40 10.64 -43.18 21.71
CA SER S 40 9.34 -43.84 22.01
C SER S 40 8.99 -43.64 23.49
N GLY S 41 9.95 -43.30 24.34
CA GLY S 41 9.74 -43.01 25.78
C GLY S 41 9.45 -44.23 26.65
N THR S 42 9.75 -45.44 26.19
CA THR S 42 9.54 -46.68 26.98
C THR S 42 10.63 -46.78 28.04
N LYS S 43 10.51 -47.71 28.99
CA LYS S 43 11.61 -47.94 29.99
C LYS S 43 12.89 -48.37 29.26
N GLU S 44 12.78 -49.11 28.13
CA GLU S 44 13.93 -49.62 27.32
C GLU S 44 14.48 -48.48 26.46
N ASP S 45 13.66 -47.48 26.13
CA ASP S 45 14.07 -46.41 25.20
C ASP S 45 13.68 -45.05 25.76
N PRO S 46 14.23 -44.65 26.92
CA PRO S 46 13.78 -43.41 27.59
C PRO S 46 14.29 -42.18 26.84
N ASN S 47 13.57 -41.06 26.99
CA ASN S 47 14.05 -39.78 26.46
C ASN S 47 15.31 -39.44 27.26
N LEU S 48 16.39 -39.11 26.56
CA LEU S 48 17.69 -38.83 27.19
C LEU S 48 17.81 -37.30 27.33
N VAL S 49 17.83 -36.85 28.58
CA VAL S 49 17.82 -35.42 29.01
C VAL S 49 19.22 -35.00 29.49
N PRO S 50 19.97 -34.24 28.67
CA PRO S 50 21.29 -33.76 29.06
C PRO S 50 21.19 -32.72 30.17
N SER S 51 22.13 -32.77 31.09
CA SER S 51 22.29 -31.73 32.14
C SER S 51 23.76 -31.52 32.45
N ILE S 52 24.09 -30.29 32.82
CA ILE S 52 25.42 -30.00 33.44
C ILE S 52 25.40 -30.37 34.92
N THR S 53 24.25 -30.71 35.51
CA THR S 53 24.14 -30.98 36.97
C THR S 53 23.30 -32.24 37.19
N ASN S 54 22.79 -32.42 38.39
CA ASN S 54 22.20 -33.72 38.84
C ASN S 54 20.66 -33.67 38.78
N LYS S 55 20.09 -32.59 38.23
CA LYS S 55 18.63 -32.51 38.00
C LYS S 55 18.34 -31.41 36.97
N ARG S 56 17.23 -31.55 36.26
CA ARG S 56 16.82 -30.57 35.24
C ARG S 56 15.30 -30.59 35.17
N ILE S 57 14.69 -29.42 34.97
CA ILE S 57 13.23 -29.38 34.79
C ILE S 57 12.91 -29.90 33.39
N VAL S 58 11.96 -30.83 33.35
CA VAL S 58 11.38 -31.35 32.09
C VAL S 58 9.97 -30.78 32.00
N GLY S 59 9.58 -30.32 30.83
CA GLY S 59 8.18 -30.12 30.44
C GLY S 59 7.77 -31.16 29.43
N CYS S 60 6.67 -31.84 29.74
CA CYS S 60 6.10 -32.89 28.87
C CYS S 60 4.80 -32.40 28.24
N ILE S 61 4.84 -32.27 26.91
CA ILE S 61 3.63 -32.07 26.06
C ILE S 61 3.16 -33.48 25.68
N CYS S 62 2.25 -34.03 26.46
CA CYS S 62 1.98 -35.48 26.47
C CYS S 62 1.47 -35.96 25.11
N GLU S 63 0.63 -35.14 24.51
CA GLU S 63 0.05 -35.39 23.17
C GLU S 63 0.20 -34.11 22.39
N GLU S 64 0.34 -34.28 21.09
CA GLU S 64 0.54 -33.20 20.14
C GLU S 64 -0.66 -32.27 20.31
N ASP S 65 -0.36 -31.03 20.40
CA ASP S 65 -1.41 -29.99 20.47
C ASP S 65 -2.05 -29.89 21.85
N ASN S 66 -1.69 -30.70 22.85
CA ASN S 66 -1.99 -30.34 24.26
C ASN S 66 -1.54 -28.90 24.55
N SER S 67 -2.40 -28.08 25.14
CA SER S 67 -1.99 -26.73 25.57
C SER S 67 -1.33 -26.81 26.95
N THR S 68 -1.61 -27.83 27.72
CA THR S 68 -1.12 -28.01 29.10
C THR S 68 0.24 -28.70 29.02
N VAL S 69 1.26 -28.07 29.55
CA VAL S 69 2.59 -28.70 29.70
C VAL S 69 2.73 -29.19 31.15
N ILE S 70 3.25 -30.40 31.31
CA ILE S 70 3.47 -31.01 32.65
C ILE S 70 4.95 -30.85 33.01
N TRP S 71 5.23 -30.17 34.12
CA TRP S 71 6.59 -29.80 34.55
C TRP S 71 7.02 -30.60 35.76
N PHE S 72 8.26 -31.06 35.76
CA PHE S 72 8.81 -31.73 36.98
C PHE S 72 10.33 -31.73 36.88
N TRP S 73 10.95 -31.83 38.05
CA TRP S 73 12.43 -32.06 38.15
C TRP S 73 12.72 -33.52 37.80
N LEU S 74 13.60 -33.71 36.82
CA LEU S 74 14.18 -35.03 36.51
C LEU S 74 15.52 -35.13 37.23
N HIS S 75 15.67 -36.14 38.08
CA HIS S 75 16.88 -36.36 38.92
C HIS S 75 17.78 -37.39 38.26
N LYS S 76 19.07 -37.25 38.48
CA LYS S 76 20.04 -38.32 38.11
C LYS S 76 19.57 -39.65 38.69
N GLY S 77 19.80 -40.74 37.98
CA GLY S 77 19.56 -42.10 38.49
C GLY S 77 18.55 -42.79 37.60
N GLU S 78 17.76 -43.67 38.19
CA GLU S 78 16.70 -44.43 37.49
C GLU S 78 15.81 -43.42 36.76
N ALA S 79 15.43 -43.76 35.53
CA ALA S 79 14.47 -43.04 34.69
C ALA S 79 13.21 -42.73 35.53
N GLN S 80 12.63 -41.55 35.30
CA GLN S 80 11.37 -41.10 35.92
C GLN S 80 10.33 -40.97 34.82
N ARG S 81 9.07 -40.98 35.23
CA ARG S 81 7.93 -40.98 34.27
C ARG S 81 7.13 -39.70 34.45
N CYS S 82 6.66 -39.16 33.33
CA CYS S 82 5.75 -38.00 33.34
C CYS S 82 4.54 -38.40 34.19
N PRO S 83 4.17 -37.60 35.19
CA PRO S 83 3.04 -37.99 36.03
C PRO S 83 1.67 -37.92 35.32
N SER S 84 1.61 -37.40 34.09
CA SER S 84 0.36 -37.35 33.29
C SER S 84 0.30 -38.53 32.32
N CYS S 85 1.35 -38.79 31.53
CA CYS S 85 1.27 -39.79 30.42
C CYS S 85 2.17 -41.01 30.65
N GLY S 86 3.09 -40.93 31.63
CA GLY S 86 4.00 -42.03 32.00
C GLY S 86 5.20 -42.18 31.09
N THR S 87 5.43 -41.25 30.16
N THR S 87 5.41 -41.32 30.10
CA THR S 87 6.60 -41.21 29.26
CA THR S 87 6.57 -41.50 29.19
C THR S 87 7.88 -41.27 30.12
C THR S 87 7.84 -41.30 30.05
N HIS S 88 8.87 -42.07 29.73
CA HIS S 88 10.10 -42.19 30.53
C HIS S 88 11.13 -41.14 30.10
N TYR S 89 11.83 -40.58 31.08
CA TYR S 89 12.95 -39.63 30.92
C TYR S 89 14.10 -40.09 31.79
N LYS S 90 15.32 -40.02 31.26
CA LYS S 90 16.56 -40.43 31.95
C LYS S 90 17.57 -39.27 31.83
N LEU S 91 18.06 -38.79 32.98
CA LEU S 91 19.08 -37.71 32.96
C LEU S 91 20.43 -38.29 32.54
N VAL S 92 21.11 -37.59 31.65
CA VAL S 92 22.46 -38.00 31.21
C VAL S 92 23.36 -36.83 31.54
N PRO S 93 23.96 -36.71 32.74
CA PRO S 93 24.89 -35.61 32.98
C PRO S 93 25.74 -35.86 31.72
N GLY T 12 21.66 -7.58 -6.44
CA GLY T 12 22.98 -7.51 -6.06
C GLY T 12 23.34 -6.01 -5.79
N ALA T 13 24.48 -5.79 -5.20
CA ALA T 13 25.08 -4.46 -4.99
C ALA T 13 25.21 -3.73 -6.35
N ARG T 14 25.67 -4.43 -7.37
CA ARG T 14 25.88 -3.82 -8.70
C ARG T 14 24.58 -3.19 -9.21
N THR T 15 23.48 -3.91 -9.09
CA THR T 15 22.16 -3.43 -9.54
C THR T 15 21.74 -2.20 -8.73
N TRP T 16 21.91 -2.21 -7.41
CA TRP T 16 21.45 -1.08 -6.59
C TRP T 16 22.37 0.13 -6.80
N ARG T 17 23.64 -0.09 -7.08
CA ARG T 17 24.52 1.04 -7.45
C ARG T 17 24.06 1.60 -8.80
N PHE T 18 23.72 0.73 -9.75
CA PHE T 18 23.25 1.14 -11.07
C PHE T 18 21.96 1.99 -10.91
N LEU T 19 21.05 1.59 -10.02
CA LEU T 19 19.83 2.40 -9.76
C LEU T 19 20.18 3.72 -9.06
N THR T 20 21.13 3.67 -8.12
CA THR T 20 21.55 4.91 -7.40
C THR T 20 22.05 5.95 -8.41
N PHE T 21 23.01 5.59 -9.27
CA PHE T 21 23.65 6.57 -10.17
C PHE T 21 22.87 6.79 -11.47
N GLY T 22 22.06 5.80 -11.90
CA GLY T 22 21.42 5.84 -13.22
C GLY T 22 19.98 6.35 -13.15
N LEU T 23 19.34 6.29 -11.98
CA LEU T 23 17.92 6.71 -11.78
C LEU T 23 17.78 7.73 -10.64
N ALA T 24 18.22 7.37 -9.44
CA ALA T 24 17.94 8.12 -8.20
C ALA T 24 18.65 9.46 -8.25
N LEU T 25 19.96 9.48 -8.44
CA LEU T 25 20.66 10.78 -8.39
C LEU T 25 20.32 11.65 -9.60
N PRO T 26 20.17 11.11 -10.82
CA PRO T 26 19.65 11.92 -11.91
C PRO T 26 18.29 12.57 -11.58
N SER T 27 17.39 11.86 -10.90
CA SER T 27 16.09 12.41 -10.47
C SER T 27 16.33 13.62 -9.57
N VAL T 28 17.21 13.46 -8.59
CA VAL T 28 17.55 14.57 -7.66
C VAL T 28 18.11 15.75 -8.44
N ALA T 29 19.02 15.50 -9.39
CA ALA T 29 19.61 16.55 -10.26
C ALA T 29 18.49 17.29 -11.01
N LEU T 30 17.54 16.55 -11.60
CA LEU T 30 16.44 17.20 -12.36
C LEU T 30 15.52 17.98 -11.41
N CYS T 31 15.17 17.45 -10.22
CA CYS T 31 14.33 18.22 -9.26
C CYS T 31 15.10 19.45 -8.72
N THR T 32 16.42 19.37 -8.62
CA THR T 32 17.27 20.49 -8.15
C THR T 32 17.20 21.61 -9.18
N LEU T 33 17.36 21.25 -10.46
CA LEU T 33 17.25 22.16 -11.62
C LEU T 33 15.85 22.80 -11.61
N ASN T 34 14.78 21.98 -11.49
CA ASN T 34 13.37 22.47 -11.42
C ASN T 34 13.26 23.50 -10.29
N SER T 35 13.71 23.15 -9.09
CA SER T 35 13.56 24.04 -7.91
C SER T 35 14.33 25.33 -8.17
N TRP T 36 15.56 25.21 -8.66
CA TRP T 36 16.48 26.36 -8.80
C TRP T 36 15.97 27.26 -9.93
N LEU T 37 15.06 26.76 -10.77
CA LEU T 37 14.48 27.62 -11.83
C LEU T 37 13.36 28.47 -11.24
N HIS T 38 12.70 28.04 -10.16
CA HIS T 38 11.54 28.72 -9.54
C HIS T 38 11.90 29.25 -8.15
N SER T 39 13.17 29.58 -7.90
CA SER T 39 13.70 29.94 -6.55
C SER T 39 13.55 31.45 -6.24
N GLY T 40 13.11 32.29 -7.20
CA GLY T 40 12.98 33.75 -6.99
C GLY T 40 11.92 34.09 -5.96
N HIS T 41 12.03 35.24 -5.25
CA HIS T 41 11.07 35.66 -4.18
C HIS T 41 9.73 36.10 -4.80
N ARG T 42 8.61 35.55 -4.31
CA ARG T 42 7.22 35.95 -4.68
C ARG T 42 6.86 37.25 -3.95
N GLU T 43 6.06 38.11 -4.59
CA GLU T 43 5.61 39.42 -4.03
C GLU T 43 4.68 39.14 -2.84
N ARG T 44 4.97 39.64 -1.64
CA ARG T 44 4.18 39.24 -0.44
C ARG T 44 2.77 39.85 -0.52
N PRO T 45 1.75 39.14 0.00
CA PRO T 45 0.35 39.53 -0.20
C PRO T 45 0.08 40.65 0.80
N ALA T 46 -0.82 41.58 0.45
CA ALA T 46 -1.32 42.60 1.37
C ALA T 46 -1.60 41.95 2.74
N PHE T 47 -1.27 42.66 3.79
CA PHE T 47 -1.61 42.25 5.19
C PHE T 47 -3.11 42.46 5.47
N ILE T 48 -3.79 41.44 5.96
CA ILE T 48 -5.19 41.51 6.50
C ILE T 48 -5.15 40.89 7.89
N PRO T 49 -5.60 41.61 8.95
CA PRO T 49 -5.47 41.09 10.32
C PRO T 49 -6.53 40.02 10.67
N TYR T 50 -6.58 38.96 9.85
CA TYR T 50 -7.54 37.84 10.05
C TYR T 50 -7.38 37.27 11.47
N HIS T 51 -8.50 36.95 12.14
CA HIS T 51 -8.51 36.52 13.56
C HIS T 51 -8.13 35.04 13.70
N HIS T 52 -8.14 34.29 12.62
CA HIS T 52 -7.76 32.85 12.64
C HIS T 52 -6.27 32.67 12.38
N LEU T 53 -5.53 33.76 12.16
CA LEU T 53 -4.08 33.73 11.87
C LEU T 53 -3.33 34.59 12.90
N ARG T 54 -2.02 34.46 12.94
CA ARG T 54 -1.18 35.23 13.90
C ARG T 54 -1.73 35.04 15.33
N ILE T 55 -2.04 33.80 15.67
CA ILE T 55 -2.65 33.47 16.97
C ILE T 55 -1.67 33.81 18.09
N ARG T 56 -2.19 34.46 19.12
CA ARG T 56 -1.43 34.79 20.35
C ARG T 56 -2.35 34.52 21.54
N THR T 57 -2.29 33.32 22.09
CA THR T 57 -2.99 32.98 23.37
C THR T 57 -2.00 33.04 24.53
N LYS T 58 -0.71 32.93 24.27
CA LYS T 58 0.34 33.02 25.31
C LYS T 58 1.60 33.53 24.63
N PRO T 59 2.40 34.42 25.26
CA PRO T 59 3.63 34.89 24.62
C PRO T 59 4.55 33.66 24.40
N PHE T 60 5.24 33.65 23.27
CA PHE T 60 6.31 32.64 23.02
C PHE T 60 7.40 32.81 24.08
N SER T 61 8.07 31.71 24.43
CA SER T 61 9.12 31.65 25.48
C SER T 61 10.49 32.10 24.96
N TRP T 62 10.54 33.04 24.03
CA TRP T 62 11.80 33.58 23.46
C TRP T 62 11.54 34.98 22.92
N GLY T 63 12.63 35.68 22.59
CA GLY T 63 12.61 37.05 22.06
C GLY T 63 11.66 37.91 22.86
N ASP T 64 10.78 38.68 22.20
CA ASP T 64 9.82 39.61 22.86
C ASP T 64 8.47 38.90 23.08
N GLY T 65 8.40 37.59 22.84
CA GLY T 65 7.17 36.81 23.02
C GLY T 65 6.20 36.89 21.84
N ASN T 66 6.49 37.70 20.82
CA ASN T 66 5.52 38.00 19.74
C ASN T 66 6.07 37.56 18.37
N HIS T 67 7.27 36.97 18.30
CA HIS T 67 7.91 36.54 17.03
C HIS T 67 7.95 35.01 17.02
N THR T 68 7.53 34.40 15.94
CA THR T 68 7.65 32.93 15.79
C THR T 68 9.12 32.51 15.69
N PHE T 69 9.38 31.24 15.93
CA PHE T 69 10.76 30.71 16.12
C PHE T 69 11.64 30.93 14.86
N PHE T 70 11.09 30.79 13.67
N PHE T 70 11.10 30.72 13.65
CA PHE T 70 11.80 31.01 12.40
CA PHE T 70 11.77 30.94 12.34
C PHE T 70 11.08 32.15 11.66
C PHE T 70 11.19 32.19 11.66
N HIS T 71 10.81 33.20 12.43
CA HIS T 71 10.24 34.46 11.92
C HIS T 71 11.13 34.98 10.76
N ASN T 72 10.50 35.27 9.64
CA ASN T 72 11.13 35.90 8.47
C ASN T 72 10.47 37.26 8.27
N PRO T 73 11.16 38.38 8.57
CA PRO T 73 10.55 39.71 8.46
C PRO T 73 9.93 40.01 7.09
N ARG T 74 10.47 39.41 6.03
CA ARG T 74 10.04 39.73 4.65
C ARG T 74 8.63 39.14 4.44
N VAL T 75 8.29 38.00 5.04
CA VAL T 75 7.04 37.28 4.64
C VAL T 75 6.11 36.95 5.81
N ASN T 76 6.54 37.13 7.06
CA ASN T 76 5.76 36.79 8.28
C ASN T 76 5.38 38.09 8.98
N PRO T 77 4.16 38.59 8.77
CA PRO T 77 3.71 39.75 9.52
C PRO T 77 3.46 39.35 10.98
N LEU T 78 3.59 40.33 11.86
CA LEU T 78 3.11 40.25 13.26
C LEU T 78 1.59 40.44 13.27
N PRO T 79 0.92 40.20 14.41
CA PRO T 79 -0.50 40.52 14.56
C PRO T 79 -0.86 41.94 14.09
N THR T 80 0.06 42.89 14.22
CA THR T 80 -0.20 44.32 13.85
C THR T 80 0.32 44.60 12.43
N GLY T 81 0.89 43.62 11.74
CA GLY T 81 1.33 43.77 10.35
C GLY T 81 2.81 43.53 10.12
N TYR T 82 3.27 43.83 8.90
CA TYR T 82 4.68 43.66 8.50
C TYR T 82 5.51 44.60 9.34
N GLU T 83 6.65 44.12 9.81
CA GLU T 83 7.66 45.03 10.45
C GLU T 83 8.15 46.13 9.50
N TYR U 11 -44.10 32.66 8.87
CA TYR U 11 -42.77 32.24 9.47
C TYR U 11 -42.90 32.10 10.99
N GLN U 12 -42.61 30.91 11.51
CA GLN U 12 -42.58 30.61 12.95
C GLN U 12 -41.11 30.44 13.34
N THR U 13 -40.46 29.41 12.82
CA THR U 13 -39.01 29.23 13.00
C THR U 13 -38.44 28.62 11.73
N ALA U 14 -37.13 28.47 11.70
CA ALA U 14 -36.42 27.86 10.56
C ALA U 14 -36.91 26.42 10.43
N PRO U 15 -37.39 26.02 9.25
CA PRO U 15 -37.76 24.62 9.02
C PRO U 15 -36.56 23.66 8.88
N PHE U 16 -36.83 22.36 9.02
CA PHE U 16 -35.89 21.29 8.65
C PHE U 16 -35.31 21.63 7.27
N ASP U 17 -34.00 21.52 7.14
CA ASP U 17 -33.25 21.68 5.88
C ASP U 17 -32.48 20.38 5.63
N SER U 18 -32.77 19.68 4.54
CA SER U 18 -32.19 18.35 4.23
C SER U 18 -30.67 18.45 4.03
N ARG U 19 -30.15 19.67 3.78
CA ARG U 19 -28.70 19.90 3.62
C ARG U 19 -28.00 19.74 4.98
N PHE U 20 -28.73 19.91 6.08
CA PHE U 20 -28.16 20.01 7.44
C PHE U 20 -29.03 19.19 8.37
N PRO U 21 -29.03 17.85 8.22
CA PRO U 21 -30.01 17.01 8.91
C PRO U 21 -29.56 16.49 10.27
N ASN U 22 -28.34 16.79 10.71
CA ASN U 22 -27.74 16.17 11.91
C ASN U 22 -27.68 17.15 13.08
N GLN U 23 -27.17 16.69 14.20
CA GLN U 23 -27.13 17.42 15.49
C GLN U 23 -26.28 18.70 15.30
N ASN U 24 -25.23 18.65 14.47
CA ASN U 24 -24.32 19.80 14.31
C ASN U 24 -24.91 20.79 13.30
N GLN U 25 -25.45 21.90 13.78
CA GLN U 25 -26.17 22.90 12.95
C GLN U 25 -25.26 24.11 12.63
N THR U 26 -23.96 24.04 12.94
CA THR U 26 -23.03 25.17 12.72
C THR U 26 -23.15 25.66 11.27
N ARG U 27 -23.08 24.75 10.34
CA ARG U 27 -22.97 25.11 8.89
C ARG U 27 -24.34 25.68 8.41
N ASN U 28 -25.45 25.28 9.01
CA ASN U 28 -26.80 25.83 8.70
C ASN U 28 -26.84 27.33 9.02
N CYS U 29 -26.45 27.68 10.23
CA CYS U 29 -26.28 29.08 10.69
C CYS U 29 -25.36 29.83 9.71
N TRP U 30 -24.17 29.28 9.45
CA TRP U 30 -23.13 29.93 8.62
C TRP U 30 -23.68 30.13 7.20
N GLN U 31 -24.28 29.08 6.60
CA GLN U 31 -24.73 29.15 5.17
C GLN U 31 -25.79 30.26 5.03
N ASN U 32 -26.74 30.34 5.95
CA ASN U 32 -27.85 31.33 5.89
C ASN U 32 -27.33 32.77 6.15
N TYR U 33 -26.35 32.94 7.01
CA TYR U 33 -25.68 34.24 7.22
C TYR U 33 -25.00 34.66 5.91
N LEU U 34 -24.20 33.76 5.30
CA LEU U 34 -23.54 34.05 3.99
C LEU U 34 -24.60 34.42 2.94
N ASP U 35 -25.66 33.60 2.86
CA ASP U 35 -26.69 33.74 1.82
C ASP U 35 -27.36 35.11 1.97
N PHE U 36 -27.70 35.49 3.20
CA PHE U 36 -28.34 36.79 3.46
C PHE U 36 -27.42 37.91 2.97
N HIS U 37 -26.14 37.86 3.39
CA HIS U 37 -25.17 38.95 3.08
C HIS U 37 -24.80 38.95 1.59
N ARG U 38 -24.72 37.79 0.92
CA ARG U 38 -24.44 37.74 -0.54
C ARG U 38 -25.63 38.39 -1.24
N CYS U 39 -26.83 37.98 -0.85
CA CYS U 39 -28.07 38.52 -1.47
C CYS U 39 -28.15 40.04 -1.25
N GLU U 40 -28.00 40.50 -0.01
CA GLU U 40 -28.04 41.93 0.35
C GLU U 40 -27.06 42.70 -0.55
N LYS U 41 -25.85 42.18 -0.73
CA LYS U 41 -24.83 42.90 -1.53
C LYS U 41 -25.28 42.92 -3.01
N ALA U 42 -25.84 41.83 -3.53
CA ALA U 42 -26.38 41.76 -4.92
C ALA U 42 -27.54 42.77 -5.07
N MET U 43 -28.43 42.86 -4.08
CA MET U 43 -29.63 43.74 -4.21
C MET U 43 -29.21 45.21 -4.04
N THR U 44 -28.08 45.54 -3.40
CA THR U 44 -27.62 46.95 -3.23
C THR U 44 -26.76 47.37 -4.43
N ALA U 45 -26.10 46.39 -5.06
CA ALA U 45 -25.16 46.59 -6.19
C ALA U 45 -25.91 46.87 -7.50
N LYS U 46 -27.24 46.80 -7.56
CA LYS U 46 -28.03 47.46 -8.64
C LYS U 46 -29.01 48.45 -8.00
N GLY U 47 -28.79 48.79 -6.73
CA GLY U 47 -29.79 49.47 -5.88
C GLY U 47 -31.08 48.69 -5.83
N GLY U 48 -31.02 47.35 -5.99
CA GLY U 48 -32.16 46.40 -6.07
C GLY U 48 -33.03 46.45 -4.82
N ASP U 49 -33.70 45.36 -4.38
CA ASP U 49 -34.46 45.44 -3.10
C ASP U 49 -34.19 44.28 -2.12
N VAL U 50 -33.80 44.64 -0.90
CA VAL U 50 -33.27 43.68 0.12
C VAL U 50 -34.42 42.85 0.72
N SER U 51 -35.70 43.20 0.52
CA SER U 51 -36.85 42.32 0.87
C SER U 51 -36.69 40.91 0.24
N VAL U 52 -36.03 40.83 -0.92
CA VAL U 52 -35.76 39.55 -1.65
C VAL U 52 -34.92 38.64 -0.74
N CYS U 53 -34.13 39.21 0.16
CA CYS U 53 -33.16 38.45 0.97
C CYS U 53 -33.81 37.96 2.30
N GLU U 54 -35.12 38.19 2.52
CA GLU U 54 -35.79 38.11 3.84
C GLU U 54 -35.71 36.68 4.40
N TRP U 55 -35.92 35.66 3.58
CA TRP U 55 -35.93 34.26 4.04
C TRP U 55 -34.60 33.96 4.74
N TYR U 56 -33.47 34.33 4.13
CA TYR U 56 -32.13 34.03 4.70
C TYR U 56 -31.95 34.78 6.02
N ARG U 57 -32.44 36.00 6.08
CA ARG U 57 -32.33 36.84 7.30
C ARG U 57 -33.07 36.17 8.44
N ARG U 58 -34.34 35.77 8.22
CA ARG U 58 -35.17 35.13 9.28
C ARG U 58 -34.45 33.85 9.76
N VAL U 59 -33.98 33.03 8.82
CA VAL U 59 -33.38 31.71 9.17
C VAL U 59 -32.09 31.92 9.98
N TYR U 60 -31.16 32.80 9.55
CA TYR U 60 -29.89 32.95 10.31
C TYR U 60 -30.21 33.60 11.66
N LYS U 61 -31.16 34.54 11.70
CA LYS U 61 -31.52 35.23 12.97
C LYS U 61 -32.03 34.18 13.98
N SER U 62 -32.87 33.23 13.50
CA SER U 62 -33.46 32.10 14.28
C SER U 62 -32.36 31.19 14.82
N LEU U 63 -31.39 30.80 14.00
CA LEU U 63 -30.45 29.71 14.31
C LEU U 63 -29.17 30.24 14.96
N CYS U 64 -28.64 31.39 14.53
CA CYS U 64 -27.26 31.80 14.88
C CYS U 64 -27.23 32.44 16.26
N PRO U 65 -26.27 32.03 17.12
CA PRO U 65 -25.98 32.76 18.36
C PRO U 65 -25.70 34.24 18.08
N ILE U 66 -26.28 35.09 18.92
CA ILE U 66 -26.10 36.56 18.83
C ILE U 66 -24.61 36.90 18.78
N SER U 67 -23.76 36.25 19.60
CA SER U 67 -22.32 36.61 19.66
C SER U 67 -21.64 36.24 18.33
N TRP U 68 -22.07 35.18 17.66
CA TRP U 68 -21.53 34.79 16.33
C TRP U 68 -21.90 35.87 15.30
N VAL U 69 -23.18 36.22 15.24
CA VAL U 69 -23.71 37.25 14.30
C VAL U 69 -22.91 38.53 14.55
N SER U 70 -22.80 38.94 15.81
CA SER U 70 -22.13 40.21 16.23
C SER U 70 -20.64 40.20 15.83
N THR U 71 -19.94 39.09 16.07
CA THR U 71 -18.51 38.92 15.68
C THR U 71 -18.36 38.98 14.15
N TRP U 72 -19.17 38.25 13.43
CA TRP U 72 -19.12 38.21 11.95
C TRP U 72 -19.37 39.64 11.42
N ASP U 73 -20.39 40.32 11.96
CA ASP U 73 -20.72 41.71 11.54
C ASP U 73 -19.47 42.59 11.74
N ASP U 74 -18.83 42.49 12.91
CA ASP U 74 -17.65 43.33 13.25
C ASP U 74 -16.56 43.04 12.22
N ARG U 75 -16.40 41.76 11.87
CA ARG U 75 -15.30 41.34 10.97
C ARG U 75 -15.59 41.82 9.55
N ARG U 76 -16.84 41.75 9.09
CA ARG U 76 -17.20 42.33 7.77
C ARG U 76 -16.82 43.82 7.77
N ALA U 77 -17.11 44.55 8.84
CA ALA U 77 -16.85 46.02 8.92
C ALA U 77 -15.34 46.24 8.96
N GLU U 78 -14.57 45.35 9.58
CA GLU U 78 -13.09 45.46 9.72
C GLU U 78 -12.36 45.05 8.42
N GLY U 79 -12.98 44.28 7.53
CA GLY U 79 -12.31 43.69 6.35
C GLY U 79 -11.62 42.37 6.69
N THR U 80 -12.01 41.71 7.78
CA THR U 80 -11.36 40.45 8.25
C THR U 80 -12.33 39.24 8.22
N PHE U 81 -13.50 39.38 7.62
CA PHE U 81 -14.45 38.25 7.50
C PHE U 81 -13.87 37.25 6.49
N PRO U 82 -13.66 35.97 6.88
CA PRO U 82 -12.93 35.03 6.03
C PRO U 82 -13.77 34.31 4.96
N GLY U 83 -15.09 34.48 5.05
CA GLY U 83 -16.01 33.97 4.01
C GLY U 83 -16.11 34.93 2.83
N LYS U 84 -16.48 34.42 1.68
CA LYS U 84 -16.66 35.20 0.44
C LYS U 84 -18.08 35.77 0.41
N ILE U 85 -18.21 37.08 0.35
CA ILE U 85 -19.52 37.75 0.17
C ILE U 85 -19.49 38.49 -1.17
N ALA V 3 -30.35 -57.97 49.65
CA ALA V 3 -29.23 -57.56 48.81
C ALA V 3 -29.55 -56.16 48.30
N LEU V 4 -28.55 -55.34 48.31
CA LEU V 4 -28.64 -53.97 47.77
C LEU V 4 -28.60 -54.03 46.24
N ALA V 5 -29.46 -53.27 45.59
CA ALA V 5 -29.44 -53.10 44.12
C ALA V 5 -28.39 -52.03 43.76
N LYS V 6 -27.91 -52.11 42.53
CA LYS V 6 -26.88 -51.23 41.98
C LYS V 6 -27.46 -49.82 41.80
N PRO V 7 -26.90 -48.82 42.49
CA PRO V 7 -27.29 -47.42 42.29
C PRO V 7 -26.56 -46.88 41.06
N GLN V 8 -27.03 -45.75 40.53
CA GLN V 8 -26.29 -45.06 39.42
C GLN V 8 -24.95 -44.64 40.01
N MET V 9 -23.90 -45.00 39.30
CA MET V 9 -22.53 -44.72 39.75
C MET V 9 -21.78 -43.84 38.75
N ARG V 10 -22.32 -43.62 37.56
CA ARG V 10 -21.66 -42.81 36.50
C ARG V 10 -22.41 -41.51 36.28
N GLY V 11 -21.65 -40.44 36.04
CA GLY V 11 -22.22 -39.17 35.56
C GLY V 11 -22.95 -38.45 36.69
N LEU V 12 -22.57 -38.67 37.96
CA LEU V 12 -23.30 -38.05 39.09
C LEU V 12 -23.14 -36.53 39.03
N LEU V 13 -21.96 -36.01 38.73
CA LEU V 13 -21.78 -34.56 38.63
C LEU V 13 -22.63 -34.00 37.47
N ALA V 14 -22.57 -34.64 36.30
CA ALA V 14 -23.29 -34.22 35.08
C ALA V 14 -24.81 -34.24 35.37
N ARG V 15 -25.29 -35.24 36.08
CA ARG V 15 -26.74 -35.36 36.38
C ARG V 15 -27.14 -34.19 37.30
N ARG V 16 -26.35 -33.90 38.33
CA ARG V 16 -26.64 -32.74 39.23
C ARG V 16 -26.65 -31.43 38.42
N LEU V 17 -25.69 -31.22 37.52
CA LEU V 17 -25.62 -29.96 36.72
C LEU V 17 -26.89 -29.81 35.89
N ARG V 18 -27.27 -30.87 35.18
CA ARG V 18 -28.43 -30.84 34.27
C ARG V 18 -29.69 -30.47 35.08
N PHE V 19 -29.88 -31.10 36.24
CA PHE V 19 -31.10 -30.89 37.06
C PHE V 19 -31.14 -29.41 37.52
N HIS V 20 -30.00 -28.85 37.94
CA HIS V 20 -30.00 -27.47 38.49
C HIS V 20 -29.98 -26.42 37.39
N ILE V 21 -29.47 -26.73 36.21
CA ILE V 21 -29.54 -25.79 35.06
C ILE V 21 -31.01 -25.70 34.61
N VAL V 22 -31.72 -26.82 34.53
CA VAL V 22 -33.17 -26.82 34.19
C VAL V 22 -33.91 -26.01 35.26
N GLY V 23 -33.59 -26.25 36.54
CA GLY V 23 -34.21 -25.52 37.67
C GLY V 23 -33.96 -24.03 37.50
N ALA V 24 -32.74 -23.63 37.17
CA ALA V 24 -32.38 -22.21 36.99
C ALA V 24 -33.20 -21.59 35.85
N PHE V 25 -33.33 -22.29 34.74
CA PHE V 25 -34.15 -21.86 33.58
C PHE V 25 -35.61 -21.61 34.05
N MET V 26 -36.15 -22.53 34.82
CA MET V 26 -37.56 -22.50 35.33
C MET V 26 -37.72 -21.25 36.20
N VAL V 27 -36.81 -21.04 37.14
CA VAL V 27 -36.82 -19.88 38.08
C VAL V 27 -36.73 -18.59 37.27
N SER V 28 -35.90 -18.59 36.21
CA SER V 28 -35.68 -17.41 35.32
C SER V 28 -37.00 -17.01 34.66
N LEU V 29 -37.72 -18.00 34.18
CA LEU V 29 -39.06 -17.84 33.56
C LEU V 29 -40.03 -17.24 34.60
N GLY V 30 -40.07 -17.80 35.81
CA GLY V 30 -40.88 -17.29 36.94
C GLY V 30 -40.53 -15.86 37.23
N PHE V 31 -39.25 -15.53 37.32
CA PHE V 31 -38.80 -14.16 37.59
C PHE V 31 -39.29 -13.23 36.48
N ALA V 32 -39.10 -13.62 35.21
CA ALA V 32 -39.45 -12.79 34.04
C ALA V 32 -40.95 -12.44 34.13
N THR V 33 -41.77 -13.43 34.55
CA THR V 33 -43.24 -13.24 34.73
C THR V 33 -43.51 -12.29 35.90
N PHE V 34 -42.86 -12.50 37.07
CA PHE V 34 -42.96 -11.60 38.25
C PHE V 34 -42.63 -10.16 37.83
N TYR V 35 -41.50 -10.01 37.16
CA TYR V 35 -40.95 -8.68 36.85
C TYR V 35 -41.81 -7.95 35.83
N LYS V 36 -42.32 -8.68 34.83
CA LYS V 36 -43.23 -8.15 33.79
C LYS V 36 -44.46 -7.57 34.50
N PHE V 37 -45.03 -8.29 35.49
CA PHE V 37 -46.22 -7.85 36.28
C PHE V 37 -45.86 -6.71 37.24
N ALA V 38 -44.82 -6.86 38.07
CA ALA V 38 -44.51 -5.96 39.20
C ALA V 38 -43.86 -4.66 38.73
N VAL V 39 -43.19 -4.64 37.59
CA VAL V 39 -42.36 -3.49 37.17
C VAL V 39 -42.83 -3.01 35.81
N ALA V 40 -42.64 -3.79 34.75
CA ALA V 40 -42.78 -3.31 33.34
C ALA V 40 -44.25 -2.95 33.05
N GLU V 41 -45.18 -3.88 33.25
CA GLU V 41 -46.63 -3.65 32.98
C GLU V 41 -47.20 -2.64 33.97
N LYS V 42 -46.75 -2.70 35.23
CA LYS V 42 -47.13 -1.71 36.26
C LYS V 42 -46.81 -0.30 35.74
N ARG V 43 -45.58 -0.12 35.23
CA ARG V 43 -45.11 1.18 34.70
C ARG V 43 -45.98 1.61 33.53
N LYS V 44 -46.21 0.72 32.55
CA LYS V 44 -47.02 0.99 31.33
C LYS V 44 -48.42 1.48 31.75
N LYS V 45 -49.03 0.76 32.71
CA LYS V 45 -50.40 1.03 33.22
C LYS V 45 -50.40 2.39 33.97
N ALA V 46 -49.36 2.68 34.74
CA ALA V 46 -49.32 3.93 35.55
C ALA V 46 -49.32 5.13 34.59
N TYR V 47 -48.56 5.07 33.51
CA TYR V 47 -48.44 6.18 32.53
C TYR V 47 -49.76 6.26 31.73
N ALA V 48 -50.31 5.11 31.29
CA ALA V 48 -51.54 5.07 30.46
C ALA V 48 -52.70 5.62 31.29
N ASP V 49 -52.81 5.18 32.55
CA ASP V 49 -53.88 5.64 33.49
C ASP V 49 -53.72 7.14 33.76
N PHE V 50 -52.51 7.59 34.03
CA PHE V 50 -52.29 9.02 34.36
C PHE V 50 -52.79 9.87 33.18
N TYR V 51 -52.50 9.49 31.94
CA TYR V 51 -52.75 10.35 30.74
C TYR V 51 -54.15 10.14 30.19
N ARG V 52 -54.87 9.06 30.50
CA ARG V 52 -56.13 8.72 29.79
C ARG V 52 -57.11 9.90 29.88
N ASN V 53 -57.26 10.54 31.04
CA ASN V 53 -58.24 11.65 31.21
C ASN V 53 -57.51 12.92 31.66
N TYR V 54 -56.23 13.02 31.37
CA TYR V 54 -55.37 14.12 31.87
C TYR V 54 -55.76 15.43 31.19
N ASP V 55 -55.90 16.48 32.00
CA ASP V 55 -56.32 17.83 31.56
C ASP V 55 -55.14 18.76 31.85
N SER V 56 -54.29 18.99 30.85
CA SER V 56 -53.03 19.78 30.99
C SER V 56 -53.36 21.23 31.40
N MET V 57 -54.46 21.80 30.91
CA MET V 57 -54.87 23.20 31.23
C MET V 57 -55.27 23.29 32.71
N LYS V 58 -56.02 22.29 33.20
CA LYS V 58 -56.46 22.23 34.61
C LYS V 58 -55.23 22.06 35.50
N ASP V 59 -54.30 21.18 35.10
CA ASP V 59 -53.03 20.98 35.84
C ASP V 59 -52.30 22.33 35.95
N PHE V 60 -52.19 23.04 34.84
CA PHE V 60 -51.52 24.36 34.79
C PHE V 60 -52.20 25.38 35.71
N GLU V 61 -53.52 25.51 35.64
CA GLU V 61 -54.30 26.48 36.46
C GLU V 61 -54.07 26.16 37.95
N GLU V 62 -54.09 24.89 38.33
CA GLU V 62 -53.76 24.45 39.71
C GLU V 62 -52.34 24.96 40.07
N MET V 63 -51.33 24.75 39.24
CA MET V 63 -49.95 25.20 39.59
C MET V 63 -49.90 26.74 39.62
N ARG V 64 -50.54 27.41 38.66
CA ARG V 64 -50.59 28.89 38.62
C ARG V 64 -51.24 29.40 39.91
N LYS V 65 -52.38 28.84 40.32
CA LYS V 65 -53.11 29.32 41.54
C LYS V 65 -52.21 29.14 42.77
N ALA V 66 -51.36 28.11 42.77
CA ALA V 66 -50.42 27.81 43.88
C ALA V 66 -49.19 28.75 43.88
N GLY V 67 -48.99 29.54 42.82
CA GLY V 67 -47.93 30.58 42.73
C GLY V 67 -46.59 30.03 42.25
N ILE V 68 -46.54 28.89 41.57
CA ILE V 68 -45.20 28.32 41.30
C ILE V 68 -44.51 29.01 40.12
N PHE V 69 -45.21 29.75 39.24
CA PHE V 69 -44.63 30.28 37.97
C PHE V 69 -44.10 31.71 38.11
N GLN V 70 -42.96 31.93 37.48
CA GLN V 70 -42.38 33.28 37.24
C GLN V 70 -43.24 34.01 36.22
N SER V 71 -43.67 33.36 35.16
CA SER V 71 -44.22 34.05 33.96
C SER V 71 -45.74 34.24 34.07
N ALA V 72 -46.41 33.65 35.05
CA ALA V 72 -47.89 33.67 35.18
C ALA V 72 -48.26 33.89 36.64
N PHE W 1 42.24 2.92 7.13
CA PHE W 1 42.23 2.45 8.55
C PHE W 1 42.44 0.93 8.55
N GLU W 2 42.85 0.42 9.71
CA GLU W 2 43.17 -1.01 9.97
C GLU W 2 42.11 -1.59 10.91
N ASN W 3 41.91 -2.91 10.81
CA ASN W 3 40.91 -3.61 11.63
C ASN W 3 41.54 -3.91 13.00
N ARG W 4 41.20 -3.14 14.03
CA ARG W 4 41.69 -3.29 15.42
C ARG W 4 40.60 -3.89 16.33
N VAL W 5 39.59 -4.53 15.77
CA VAL W 5 38.51 -5.15 16.59
C VAL W 5 39.09 -6.21 17.54
N ALA W 6 40.03 -7.05 17.09
CA ALA W 6 40.65 -8.10 17.95
C ALA W 6 41.20 -7.46 19.22
N GLU W 7 41.88 -6.31 19.14
CA GLU W 7 42.49 -5.64 20.31
C GLU W 7 41.36 -5.18 21.28
N LYS W 8 40.23 -4.68 20.77
CA LYS W 8 39.08 -4.26 21.62
C LYS W 8 38.40 -5.49 22.23
N GLN W 9 38.34 -6.59 21.50
CA GLN W 9 37.78 -7.86 22.06
C GLN W 9 38.63 -8.28 23.28
N LYS W 10 39.94 -8.23 23.14
CA LYS W 10 40.87 -8.61 24.25
C LYS W 10 40.59 -7.67 25.45
N LEU W 11 40.55 -6.34 25.22
CA LEU W 11 40.32 -5.37 26.34
C LEU W 11 38.97 -5.70 27.02
N PHE W 12 37.88 -5.85 26.28
CA PHE W 12 36.54 -5.96 26.88
C PHE W 12 36.25 -7.38 27.39
N GLN W 13 37.15 -8.34 27.14
CA GLN W 13 37.00 -9.71 27.67
C GLN W 13 38.02 -9.96 28.80
N GLU W 14 38.81 -8.97 29.18
CA GLU W 14 39.79 -9.14 30.28
C GLU W 14 39.03 -9.53 31.56
N ASP W 15 39.54 -10.52 32.27
CA ASP W 15 38.97 -11.04 33.53
C ASP W 15 39.34 -10.11 34.68
N ASN W 16 38.75 -8.92 34.76
CA ASN W 16 39.09 -7.91 35.80
C ASN W 16 37.85 -7.58 36.64
N GLY W 17 36.71 -8.24 36.42
CA GLY W 17 35.50 -8.07 37.24
C GLY W 17 34.77 -6.77 36.95
N LEU W 18 35.26 -5.92 36.03
CA LEU W 18 34.57 -4.62 35.77
C LEU W 18 33.27 -4.84 35.01
N PRO W 19 32.20 -4.09 35.37
CA PRO W 19 31.01 -4.07 34.53
C PRO W 19 31.28 -3.34 33.21
N VAL W 20 30.49 -3.65 32.19
CA VAL W 20 30.81 -3.26 30.78
C VAL W 20 30.91 -1.73 30.68
N HIS W 21 30.15 -0.99 31.50
CA HIS W 21 30.12 0.49 31.42
C HIS W 21 31.43 1.10 31.94
N LEU W 22 32.28 0.33 32.62
CA LEU W 22 33.52 0.89 33.20
C LEU W 22 34.73 0.16 32.59
N LYS W 23 34.50 -0.79 31.70
CA LYS W 23 35.59 -1.72 31.31
C LYS W 23 36.58 -1.09 30.31
N GLY W 24 36.28 0.09 29.77
CA GLY W 24 37.19 0.77 28.84
C GLY W 24 38.32 1.45 29.57
N GLY W 25 38.19 1.67 30.88
CA GLY W 25 39.27 2.29 31.68
C GLY W 25 38.83 3.61 32.28
N ALA W 26 39.80 4.40 32.73
CA ALA W 26 39.64 5.60 33.59
C ALA W 26 38.66 6.60 32.95
N THR W 27 38.61 6.70 31.63
CA THR W 27 37.72 7.66 30.92
C THR W 27 36.26 7.30 31.20
N ASP W 28 35.96 6.01 31.30
CA ASP W 28 34.58 5.56 31.55
C ASP W 28 34.14 6.06 32.94
N ASN W 29 35.01 5.94 33.92
CA ASN W 29 34.75 6.43 35.31
C ASN W 29 34.43 7.92 35.25
N ILE W 30 35.25 8.69 34.53
CA ILE W 30 35.10 10.16 34.48
C ILE W 30 33.73 10.46 33.85
N LEU W 31 33.41 9.82 32.73
CA LEU W 31 32.15 10.12 32.03
C LEU W 31 30.94 9.70 32.88
N TYR W 32 31.03 8.58 33.56
CA TYR W 32 29.97 8.11 34.50
C TYR W 32 29.81 9.14 35.64
N ARG W 33 30.92 9.60 36.24
CA ARG W 33 30.81 10.56 37.38
C ARG W 33 30.20 11.86 36.86
N VAL W 34 30.54 12.32 35.66
CA VAL W 34 29.95 13.57 35.12
C VAL W 34 28.43 13.38 34.95
N THR W 35 28.06 12.29 34.32
CA THR W 35 26.64 12.01 34.00
C THR W 35 25.84 11.92 35.31
N MET W 36 26.31 11.13 36.26
CA MET W 36 25.55 10.89 37.52
C MET W 36 25.53 12.21 38.31
N THR W 37 26.62 12.98 38.34
CA THR W 37 26.62 14.24 39.12
C THR W 37 25.60 15.19 38.48
N LEU W 38 25.56 15.30 37.15
CA LEU W 38 24.58 16.22 36.49
C LEU W 38 23.14 15.74 36.75
N CYS W 39 22.91 14.45 36.72
CA CYS W 39 21.54 13.90 36.92
C CYS W 39 21.10 14.16 38.36
N LEU W 40 21.94 13.82 39.35
CA LEU W 40 21.56 13.93 40.77
C LEU W 40 21.47 15.41 41.15
N GLY W 41 22.45 16.24 40.76
CA GLY W 41 22.45 17.69 41.01
C GLY W 41 21.25 18.34 40.33
N GLY W 42 21.01 17.98 39.06
CA GLY W 42 19.86 18.46 38.28
C GLY W 42 18.56 18.12 38.98
N THR W 43 18.48 16.91 39.54
CA THR W 43 17.27 16.40 40.23
C THR W 43 17.08 17.22 41.51
N LEU W 44 18.15 17.45 42.27
CA LEU W 44 18.08 18.32 43.49
C LEU W 44 17.62 19.71 43.07
N TYR W 45 18.12 20.24 41.95
CA TYR W 45 17.75 21.59 41.46
C TYR W 45 16.26 21.60 41.09
N SER W 46 15.77 20.52 40.48
CA SER W 46 14.34 20.42 40.07
C SER W 46 13.44 20.43 41.32
N LEU W 47 13.86 19.79 42.41
CA LEU W 47 13.11 19.82 43.70
C LEU W 47 13.09 21.24 44.29
N TYR W 48 14.22 21.96 44.28
CA TYR W 48 14.28 23.37 44.73
C TYR W 48 13.28 24.19 43.89
N CYS W 49 13.29 24.00 42.57
CA CYS W 49 12.40 24.72 41.63
C CYS W 49 10.94 24.41 42.00
N LEU W 50 10.62 23.15 42.33
CA LEU W 50 9.27 22.73 42.80
C LEU W 50 8.90 23.54 44.05
N GLY W 51 9.82 23.60 45.02
CA GLY W 51 9.63 24.32 46.29
C GLY W 51 9.28 25.77 46.03
N TRP W 52 10.07 26.42 45.16
CA TRP W 52 9.88 27.83 44.74
C TRP W 52 8.50 28.00 44.09
N ALA W 53 8.18 27.15 43.13
CA ALA W 53 6.95 27.28 42.30
C ALA W 53 5.68 26.90 43.09
N SER W 54 5.83 26.30 44.27
CA SER W 54 4.67 25.78 45.05
C SER W 54 3.98 26.92 45.83
N PHE W 55 4.62 28.09 45.90
CA PHE W 55 4.13 29.28 46.63
C PHE W 55 4.07 30.49 45.70
N PRO W 56 3.12 31.44 45.90
CA PRO W 56 3.08 32.70 45.14
C PRO W 56 4.41 33.41 44.87
N ALA X 6 -7.05 -32.02 69.51
CA ALA X 6 -6.10 -30.86 69.43
C ALA X 6 -6.85 -29.55 69.17
N PRO X 7 -7.55 -28.96 70.18
CA PRO X 7 -8.34 -27.75 69.94
C PRO X 7 -7.51 -26.54 69.48
N ASP X 8 -7.97 -25.84 68.44
CA ASP X 8 -7.24 -24.73 67.79
C ASP X 8 -7.79 -23.40 68.33
N PHE X 9 -7.27 -22.28 67.84
CA PHE X 9 -7.74 -20.92 68.21
C PHE X 9 -9.26 -20.82 68.02
N HIS X 10 -9.79 -21.38 66.93
CA HIS X 10 -11.21 -21.23 66.52
C HIS X 10 -12.11 -22.02 67.47
N ASP X 11 -11.70 -23.24 67.82
CA ASP X 11 -12.40 -24.07 68.82
C ASP X 11 -12.49 -23.29 70.16
N LYS X 12 -11.42 -22.63 70.58
CA LYS X 12 -11.32 -21.97 71.91
C LYS X 12 -12.10 -20.65 71.88
N TYR X 13 -11.92 -19.81 70.86
CA TYR X 13 -12.28 -18.37 70.92
C TYR X 13 -13.37 -18.01 69.90
N GLY X 14 -13.65 -18.88 68.93
CA GLY X 14 -14.56 -18.58 67.80
C GLY X 14 -15.92 -18.07 68.27
N ASN X 15 -16.55 -18.76 69.20
CA ASN X 15 -17.90 -18.40 69.67
C ASN X 15 -17.85 -16.98 70.23
N ALA X 16 -16.80 -16.69 71.01
CA ALA X 16 -16.65 -15.42 71.74
C ALA X 16 -16.37 -14.29 70.72
N VAL X 17 -15.48 -14.54 69.77
CA VAL X 17 -15.16 -13.55 68.69
C VAL X 17 -16.45 -13.25 67.91
N LEU X 18 -17.20 -14.28 67.52
CA LEU X 18 -18.45 -14.09 66.73
C LEU X 18 -19.48 -13.28 67.54
N ALA X 19 -19.75 -13.64 68.80
CA ALA X 19 -20.80 -12.99 69.61
C ALA X 19 -20.39 -11.55 69.94
N SER X 20 -19.14 -11.32 70.36
CA SER X 20 -18.62 -9.97 70.72
C SER X 20 -18.54 -9.09 69.47
N GLY X 21 -18.07 -9.64 68.37
CA GLY X 21 -17.97 -8.89 67.10
C GLY X 21 -19.33 -8.39 66.66
N ALA X 22 -20.32 -9.28 66.61
CA ALA X 22 -21.69 -8.94 66.15
C ALA X 22 -22.31 -7.90 67.08
N THR X 23 -22.17 -8.10 68.39
CA THR X 23 -22.76 -7.20 69.41
C THR X 23 -22.15 -5.79 69.27
N PHE X 24 -20.83 -5.71 69.18
CA PHE X 24 -20.10 -4.42 69.09
C PHE X 24 -20.48 -3.69 67.80
N CYS X 25 -20.40 -4.42 66.69
CA CYS X 25 -20.73 -3.89 65.35
C CYS X 25 -22.15 -3.30 65.36
N VAL X 26 -23.14 -4.05 65.83
CA VAL X 26 -24.55 -3.52 65.83
C VAL X 26 -24.61 -2.28 66.73
N ALA X 27 -24.09 -2.37 67.95
CA ALA X 27 -24.24 -1.27 68.95
C ALA X 27 -23.63 0.02 68.38
N VAL X 28 -22.40 -0.05 67.86
CA VAL X 28 -21.70 1.19 67.39
C VAL X 28 -22.38 1.77 66.14
N TRP X 29 -22.83 0.94 65.20
CA TRP X 29 -23.51 1.44 63.96
C TRP X 29 -24.86 2.06 64.34
N VAL X 30 -25.63 1.44 65.22
CA VAL X 30 -26.93 2.02 65.69
C VAL X 30 -26.66 3.38 66.36
N TYR X 31 -25.63 3.47 67.21
CA TYR X 31 -25.26 4.72 67.91
C TYR X 31 -24.94 5.78 66.84
N MET X 32 -24.03 5.47 65.93
CA MET X 32 -23.62 6.41 64.85
C MET X 32 -24.84 6.87 64.05
N ALA X 33 -25.73 5.94 63.70
CA ALA X 33 -26.91 6.18 62.82
C ALA X 33 -27.97 7.05 63.51
N THR X 34 -28.09 6.99 64.84
CA THR X 34 -29.29 7.54 65.55
C THR X 34 -28.94 8.64 66.56
N GLN X 35 -27.69 8.76 67.03
CA GLN X 35 -27.41 9.54 68.26
C GLN X 35 -26.50 10.75 68.01
N ILE X 36 -25.95 10.98 66.82
CA ILE X 36 -24.89 12.02 66.70
C ILE X 36 -25.29 13.10 65.68
N GLY X 37 -26.56 13.15 65.25
CA GLY X 37 -27.11 14.24 64.42
C GLY X 37 -26.77 14.07 62.94
N ILE X 38 -26.51 12.86 62.47
CA ILE X 38 -26.31 12.63 61.01
C ILE X 38 -27.64 12.98 60.33
N GLU X 39 -27.59 13.71 59.21
CA GLU X 39 -28.81 14.05 58.42
C GLU X 39 -28.94 13.05 57.28
N TRP X 40 -29.85 12.09 57.44
CA TRP X 40 -30.12 11.04 56.42
C TRP X 40 -31.01 11.60 55.31
N ASN X 41 -31.86 12.59 55.63
CA ASN X 41 -32.81 13.22 54.67
C ASN X 41 -33.67 12.14 54.03
N PRO X 42 -34.46 11.41 54.85
CA PRO X 42 -35.32 10.34 54.31
C PRO X 42 -36.48 10.99 53.55
N SER X 43 -37.29 10.18 52.87
CA SER X 43 -38.47 10.64 52.10
C SER X 43 -39.40 11.42 53.03
N PRO X 44 -39.98 12.56 52.59
CA PRO X 44 -41.05 13.18 53.35
C PRO X 44 -42.39 12.43 53.28
N VAL X 45 -42.49 11.44 52.39
CA VAL X 45 -43.76 10.70 52.13
C VAL X 45 -44.18 9.97 53.41
N GLY X 46 -45.39 10.22 53.90
CA GLY X 46 -45.94 9.65 55.14
C GLY X 46 -45.24 10.15 56.41
N ARG X 47 -44.45 11.23 56.36
CA ARG X 47 -43.65 11.74 57.53
C ARG X 47 -43.84 13.26 57.71
N VAL X 48 -43.80 14.03 56.64
CA VAL X 48 -43.79 15.52 56.68
C VAL X 48 -45.21 16.02 56.42
N THR X 49 -45.63 17.00 57.20
CA THR X 49 -46.85 17.80 56.95
C THR X 49 -46.47 19.00 56.11
N PRO X 50 -46.94 19.08 54.87
CA PRO X 50 -46.62 20.20 53.99
C PRO X 50 -47.09 21.52 54.63
N LYS X 51 -46.31 22.59 54.48
CA LYS X 51 -46.58 23.91 55.12
C LYS X 51 -46.56 24.99 54.04
N GLU X 52 -47.50 25.93 54.14
CA GLU X 52 -47.62 27.09 53.21
C GLU X 52 -46.25 27.75 53.06
N TRP X 53 -45.85 28.08 51.83
CA TRP X 53 -44.51 28.65 51.51
C TRP X 53 -44.65 29.99 50.80
N ARG X 54 -45.80 30.29 50.18
CA ARG X 54 -45.93 31.39 49.20
C ARG X 54 -46.40 32.68 49.91
N TYR Y 3 25.24 -11.48 45.29
CA TYR Y 3 24.01 -11.00 46.08
C TYR Y 3 23.43 -12.12 46.98
N GLU Y 4 22.83 -11.71 48.10
CA GLU Y 4 22.24 -12.63 49.11
C GLU Y 4 20.94 -13.21 48.51
N GLU Y 5 20.69 -14.47 48.79
CA GLU Y 5 19.56 -15.24 48.21
C GLU Y 5 18.66 -15.68 49.38
N GLY Y 6 17.39 -15.85 49.12
CA GLY Y 6 16.51 -16.57 50.05
C GLY Y 6 15.57 -15.64 50.80
N PRO Y 7 14.71 -16.22 51.62
CA PRO Y 7 13.65 -15.45 52.26
C PRO Y 7 14.27 -14.31 53.06
N GLY Y 8 13.71 -13.10 52.94
CA GLY Y 8 14.17 -11.92 53.70
C GLY Y 8 15.39 -11.24 53.08
N LYS Y 9 15.95 -11.82 52.00
CA LYS Y 9 17.24 -11.39 51.40
C LYS Y 9 17.04 -10.88 49.96
N ASN Y 10 15.83 -10.98 49.39
CA ASN Y 10 15.57 -10.60 47.98
C ASN Y 10 14.69 -9.33 47.95
N ILE Y 11 14.88 -8.45 48.93
CA ILE Y 11 14.03 -7.24 49.12
C ILE Y 11 14.98 -6.09 49.46
N PRO Y 12 14.59 -4.85 49.11
CA PRO Y 12 15.41 -3.70 49.43
C PRO Y 12 15.25 -3.16 50.87
N PHE Y 13 14.53 -3.88 51.72
CA PHE Y 13 14.36 -3.52 53.13
C PHE Y 13 14.71 -4.74 53.95
N SER Y 14 15.10 -4.50 55.19
CA SER Y 14 15.48 -5.56 56.15
C SER Y 14 14.23 -6.07 56.87
N VAL Y 15 14.14 -7.39 57.04
CA VAL Y 15 13.17 -8.01 57.97
C VAL Y 15 13.90 -8.73 59.12
N GLU Y 16 15.15 -8.34 59.42
CA GLU Y 16 15.95 -8.92 60.52
C GLU Y 16 15.23 -8.68 61.87
N ASN Y 17 14.63 -7.51 62.05
CA ASN Y 17 13.96 -7.10 63.32
C ASN Y 17 12.53 -6.67 62.99
N LYS Y 18 11.53 -7.35 63.54
CA LYS Y 18 10.11 -7.09 63.20
C LYS Y 18 9.69 -5.68 63.63
N TRP Y 19 10.35 -5.08 64.64
CA TRP Y 19 9.92 -3.77 65.16
C TRP Y 19 10.52 -2.65 64.30
N ARG Y 20 11.79 -2.79 63.89
CA ARG Y 20 12.40 -1.88 62.88
C ARG Y 20 11.56 -1.99 61.60
N LEU Y 21 11.21 -3.21 61.21
CA LEU Y 21 10.35 -3.41 60.02
C LEU Y 21 9.03 -2.65 60.19
N LEU Y 22 8.39 -2.77 61.34
CA LEU Y 22 7.10 -2.08 61.58
C LEU Y 22 7.28 -0.56 61.40
N ALA Y 23 8.40 0.00 61.88
CA ALA Y 23 8.72 1.44 61.74
C ALA Y 23 8.85 1.78 60.24
N MET Y 24 9.59 0.97 59.49
CA MET Y 24 9.86 1.25 58.06
C MET Y 24 8.53 1.13 57.30
N MET Y 25 7.71 0.14 57.61
CA MET Y 25 6.44 -0.06 56.84
C MET Y 25 5.46 1.08 57.15
N THR Y 26 5.45 1.55 58.38
CA THR Y 26 4.62 2.66 58.90
C THR Y 26 5.03 3.93 58.14
N LEU Y 27 6.33 4.22 58.08
CA LEU Y 27 6.84 5.43 57.39
C LEU Y 27 6.47 5.32 55.90
N PHE Y 28 6.65 4.13 55.33
CA PHE Y 28 6.46 3.87 53.89
C PHE Y 28 5.00 4.08 53.51
N PHE Y 29 4.09 3.25 54.02
CA PHE Y 29 2.65 3.34 53.68
C PHE Y 29 2.04 4.62 54.26
N GLY Y 30 2.46 5.04 55.44
CA GLY Y 30 1.90 6.24 56.08
C GLY Y 30 2.27 7.49 55.31
N SER Y 31 3.49 7.56 54.76
CA SER Y 31 3.90 8.73 53.96
C SER Y 31 2.97 8.83 52.73
N GLY Y 32 2.73 7.72 52.05
CA GLY Y 32 1.84 7.70 50.87
C GLY Y 32 0.44 8.13 51.22
N PHE Y 33 -0.11 7.56 52.30
CA PHE Y 33 -1.50 7.87 52.71
C PHE Y 33 -1.58 9.35 53.14
N ALA Y 34 -0.55 9.89 53.80
CA ALA Y 34 -0.61 11.27 54.37
C ALA Y 34 -0.52 12.30 53.25
N ALA Y 35 0.22 11.99 52.19
CA ALA Y 35 0.63 13.02 51.22
C ALA Y 35 -0.60 13.79 50.74
N PRO Y 36 -1.72 13.17 50.27
CA PRO Y 36 -2.83 13.98 49.74
C PRO Y 36 -3.46 14.94 50.75
N PHE Y 37 -3.53 14.53 52.02
CA PHE Y 37 -4.06 15.39 53.09
C PHE Y 37 -3.19 16.64 53.19
N PHE Y 38 -1.89 16.50 53.08
CA PHE Y 38 -0.95 17.65 53.20
C PHE Y 38 -0.99 18.52 51.93
N ILE Y 39 -1.24 17.93 50.76
CA ILE Y 39 -1.37 18.70 49.50
C ILE Y 39 -2.65 19.54 49.62
N VAL Y 40 -3.75 18.95 50.09
CA VAL Y 40 -5.01 19.72 50.24
C VAL Y 40 -4.76 20.88 51.20
N ARG Y 41 -4.08 20.64 52.32
CA ARG Y 41 -3.77 21.68 53.33
C ARG Y 41 -2.97 22.77 52.64
N HIS Y 42 -1.97 22.38 51.86
CA HIS Y 42 -1.07 23.33 51.15
C HIS Y 42 -1.92 24.21 50.23
N GLN Y 43 -2.86 23.62 49.48
CA GLN Y 43 -3.70 24.41 48.54
C GLN Y 43 -4.64 25.33 49.35
N LEU Y 44 -5.23 24.86 50.45
CA LEU Y 44 -6.17 25.67 51.27
C LEU Y 44 -5.40 26.84 51.88
N LEU Y 45 -4.14 26.63 52.27
CA LEU Y 45 -3.33 27.67 52.96
C LEU Y 45 -2.85 28.76 51.99
N LYS Y 46 -2.95 28.58 50.66
CA LYS Y 46 -2.85 29.70 49.67
C LYS Y 46 -4.16 30.51 49.70
N ILE Z 1 -0.48 -25.02 50.72
CA ILE Z 1 0.90 -24.69 50.95
C ILE Z 1 1.24 -25.23 52.34
N THR Z 2 2.47 -25.73 52.53
CA THR Z 2 2.99 -26.04 53.89
C THR Z 2 4.23 -25.19 54.16
N ALA Z 3 4.45 -24.95 55.44
CA ALA Z 3 5.51 -24.04 55.90
C ALA Z 3 6.14 -24.63 57.15
N LYS Z 4 7.37 -24.21 57.36
CA LYS Z 4 8.12 -24.49 58.60
C LYS Z 4 7.41 -23.70 59.70
N PRO Z 5 7.52 -24.15 60.96
CA PRO Z 5 7.15 -23.29 62.09
C PRO Z 5 7.83 -21.91 61.96
N ALA Z 6 7.09 -20.86 62.35
CA ALA Z 6 7.58 -19.46 62.39
C ALA Z 6 8.96 -19.40 63.08
N LYS Z 7 9.91 -18.75 62.42
CA LYS Z 7 11.25 -18.60 63.02
C LYS Z 7 11.08 -17.66 64.21
N THR Z 8 10.22 -16.65 64.11
CA THR Z 8 10.10 -15.56 65.12
C THR Z 8 8.62 -15.32 65.38
N PRO Z 9 7.92 -16.28 66.04
CA PRO Z 9 6.46 -16.20 66.16
C PRO Z 9 6.01 -14.84 66.73
N THR Z 10 4.88 -14.37 66.20
CA THR Z 10 4.28 -13.08 66.58
C THR Z 10 3.06 -13.41 67.43
N SER Z 11 3.20 -13.24 68.74
CA SER Z 11 2.18 -13.52 69.78
C SER Z 11 0.96 -12.62 69.56
N PRO Z 12 -0.21 -12.99 70.10
CA PRO Z 12 -1.38 -12.12 70.06
C PRO Z 12 -1.07 -10.69 70.52
N LYS Z 13 -0.25 -10.54 71.57
CA LYS Z 13 0.08 -9.21 72.13
C LYS Z 13 0.89 -8.45 71.09
N GLU Z 14 1.86 -9.15 70.46
CA GLU Z 14 2.72 -8.57 69.41
C GLU Z 14 1.83 -8.14 68.23
N GLN Z 15 0.83 -8.96 67.88
CA GLN Z 15 -0.11 -8.61 66.77
C GLN Z 15 -0.91 -7.34 67.12
N ALA Z 16 -1.36 -7.21 68.38
CA ALA Z 16 -2.16 -6.07 68.87
C ALA Z 16 -1.30 -4.81 68.73
N ILE Z 17 0.01 -4.93 69.00
CA ILE Z 17 0.94 -3.78 68.88
C ILE Z 17 1.10 -3.41 67.40
N GLY Z 18 1.46 -4.39 66.56
CA GLY Z 18 1.60 -4.18 65.10
C GLY Z 18 0.34 -3.56 64.49
N LEU Z 19 -0.85 -4.09 64.82
CA LEU Z 19 -2.12 -3.60 64.25
C LEU Z 19 -2.39 -2.16 64.70
N SER Z 20 -2.17 -1.88 65.98
CA SER Z 20 -2.45 -0.55 66.59
C SER Z 20 -1.53 0.49 65.94
N VAL Z 21 -0.25 0.16 65.80
CA VAL Z 21 0.75 1.10 65.22
C VAL Z 21 0.40 1.34 63.75
N THR Z 22 0.06 0.26 63.04
CA THR Z 22 -0.35 0.34 61.62
C THR Z 22 -1.55 1.30 61.50
N PHE Z 23 -2.61 1.08 62.29
CA PHE Z 23 -3.85 1.89 62.19
C PHE Z 23 -3.48 3.35 62.48
N LEU Z 24 -2.73 3.60 63.54
CA LEU Z 24 -2.39 4.98 63.99
C LEU Z 24 -1.57 5.70 62.89
N SER Z 25 -0.72 4.98 62.16
CA SER Z 25 0.16 5.58 61.12
C SER Z 25 -0.70 6.18 60.00
N PHE Z 26 -1.86 5.55 59.72
CA PHE Z 26 -2.84 6.03 58.71
C PHE Z 26 -3.72 7.13 59.32
N LEU Z 27 -4.15 6.97 60.57
CA LEU Z 27 -5.27 7.75 61.12
C LEU Z 27 -4.77 9.10 61.65
N LEU Z 28 -3.59 9.13 62.30
CA LEU Z 28 -3.19 10.32 63.10
C LEU Z 28 -2.89 11.49 62.16
N PRO Z 29 -2.10 11.32 61.08
CA PRO Z 29 -1.76 12.46 60.22
C PRO Z 29 -2.99 13.03 59.50
N ALA Z 30 -3.79 12.17 58.85
CA ALA Z 30 -5.07 12.56 58.19
C ALA Z 30 -5.99 13.24 59.23
N GLY Z 31 -6.09 12.63 60.42
CA GLY Z 31 -6.87 13.18 61.54
C GLY Z 31 -6.42 14.61 61.85
N TRP Z 32 -5.11 14.83 61.96
CA TRP Z 32 -4.57 16.17 62.29
C TRP Z 32 -5.05 17.17 61.22
N VAL Z 33 -4.89 16.82 59.94
CA VAL Z 33 -5.26 17.74 58.83
C VAL Z 33 -6.78 18.00 58.87
N LEU Z 34 -7.60 16.95 59.00
CA LEU Z 34 -9.08 17.11 58.91
C LEU Z 34 -9.58 17.92 60.11
N TYR Z 35 -8.94 17.73 61.26
CA TYR Z 35 -9.32 18.44 62.50
C TYR Z 35 -9.04 19.94 62.38
N HIS Z 36 -8.00 20.31 61.64
CA HIS Z 36 -7.53 21.71 61.50
C HIS Z 36 -8.02 22.37 60.20
N LEU Z 37 -8.92 21.72 59.44
CA LEU Z 37 -9.43 22.25 58.13
C LEU Z 37 -9.96 23.67 58.32
N ASP Z 38 -10.75 23.88 59.39
CA ASP Z 38 -11.28 25.19 59.80
C ASP Z 38 -10.17 26.26 59.76
N ASN Z 39 -9.02 25.96 60.38
CA ASN Z 39 -7.83 26.84 60.58
C ASN Z 39 -7.18 27.18 59.22
N TYR Z 40 -7.31 26.30 58.22
CA TYR Z 40 -7.02 26.58 56.79
C TYR Z 40 -8.25 27.28 56.18
FE HEA AA . 3.23 5.29 -43.56
CHA HEA AA . 0.71 7.34 -42.59
CHB HEA AA . 3.39 6.74 -46.68
CHC HEA AA . 5.65 3.11 -44.51
CHD HEA AA . 3.38 3.97 -40.38
NA HEA AA . 2.15 6.69 -44.50
C1A HEA AA . 1.28 7.59 -43.84
C2A HEA AA . 0.96 8.74 -44.69
C3A HEA AA . 1.80 8.57 -45.88
C4A HEA AA . 2.52 7.30 -45.70
CMA HEA AA . 1.86 9.53 -46.97
OMA HEA AA . 2.67 9.48 -47.88
CAA HEA AA . 0.08 9.89 -44.35
CBA HEA AA . -1.34 9.64 -44.87
CGA HEA AA . -2.26 10.83 -44.54
O1A HEA AA . -3.30 11.04 -45.28
O2A HEA AA . -1.97 11.56 -43.54
NB HEA AA . 4.28 5.00 -45.22
C1B HEA AA . 4.18 5.58 -46.42
C2B HEA AA . 5.04 5.10 -47.53
C3B HEA AA . 5.71 3.99 -46.86
C4B HEA AA . 5.18 4.00 -45.51
CMB HEA AA . 5.13 5.59 -48.93
NC HEA AA . 4.31 3.85 -42.63
C1C HEA AA . 5.27 3.09 -43.16
C2C HEA AA . 5.90 2.17 -42.19
C3C HEA AA . 5.25 2.45 -40.95
C4C HEA AA . 4.26 3.45 -41.35
CMC HEA AA . 6.97 1.18 -42.44
CAC HEA AA . 5.37 1.87 -39.61
CBC HEA AA . 6.24 0.98 -39.32
ND HEA AA . 2.18 5.56 -41.87
C1D HEA AA . 2.34 4.98 -40.69
C2D HEA AA . 1.41 5.43 -39.65
C3D HEA AA . 0.60 6.42 -40.34
C4D HEA AA . 1.20 6.43 -41.63
CMD HEA AA . 1.36 5.02 -38.27
CAD HEA AA . -0.51 7.28 -39.75
CBD HEA AA . -1.88 6.70 -40.08
CGD HEA AA . -2.99 7.64 -39.56
O1D HEA AA . -3.90 7.17 -38.81
O2D HEA AA . -2.86 8.86 -39.84
C11 HEA AA . 6.66 3.02 -47.45
O11 HEA AA . 6.26 2.72 -48.81
C12 HEA AA . 8.04 3.53 -47.28
C13 HEA AA . 8.95 2.31 -47.73
C14 HEA AA . 8.95 1.10 -46.77
C15 HEA AA . 8.67 -0.14 -47.18
C16 HEA AA . 8.60 -1.27 -46.18
C17 HEA AA . 9.34 -2.42 -46.59
C18 HEA AA . 9.29 -3.60 -45.60
C19 HEA AA . 8.85 -4.83 -45.84
C20 HEA AA . 9.01 -5.98 -44.85
C21 HEA AA . 10.05 -7.01 -45.38
C22 HEA AA . 10.24 -8.10 -44.37
C23 HEA AA . 11.35 -8.87 -44.14
C24 HEA AA . 12.65 -8.69 -44.84
C25 HEA AA . 11.31 -9.93 -43.12
C26 HEA AA . 8.36 -0.35 -48.58
C27 HEA AA . 8.31 -5.21 -47.16
FE HEA BA . 7.81 10.61 -32.14
CHA HEA BA . 4.63 11.58 -32.80
CHB HEA BA . 8.36 13.34 -30.10
CHC HEA BA . 10.72 9.27 -30.90
CHD HEA BA . 7.07 7.51 -33.59
NA HEA BA . 6.73 12.21 -31.65
C1A HEA BA . 5.37 12.35 -31.84
C2A HEA BA . 4.85 13.61 -31.26
C3A HEA BA . 5.93 14.14 -30.47
C4A HEA BA . 7.02 13.11 -30.63
CMA HEA BA . 5.83 15.30 -29.56
OMA HEA BA . 6.68 15.58 -28.76
CAA HEA BA . 3.44 14.19 -31.40
CBA HEA BA . 3.41 15.27 -32.51
CGA HEA BA . 2.01 15.66 -32.85
O1A HEA BA . 1.74 16.91 -32.88
O2A HEA BA . 1.18 14.73 -33.17
NB HEA BA . 9.23 11.25 -30.83
C1B HEA BA . 9.37 12.37 -30.17
C2B HEA BA . 10.59 12.58 -29.41
C3B HEA BA . 11.30 11.36 -29.62
C4B HEA BA . 10.40 10.60 -30.49
CMB HEA BA . 11.08 13.80 -28.66
NC HEA BA . 8.71 8.74 -32.21
C1C HEA BA . 9.89 8.41 -31.70
C2C HEA BA . 10.29 7.01 -31.94
C3C HEA BA . 9.27 6.54 -32.75
C4C HEA BA . 8.31 7.65 -32.88
CMC HEA BA . 11.50 6.32 -31.41
CAC HEA BA . 9.13 5.23 -33.37
CBC HEA BA . 10.20 4.52 -33.80
ND HEA BA . 6.17 9.70 -32.99
C1D HEA BA . 6.07 8.53 -33.63
C2D HEA BA . 4.76 8.27 -34.20
C3D HEA BA . 4.06 9.51 -34.02
C4D HEA BA . 5.02 10.31 -33.29
CMD HEA BA . 4.28 7.09 -34.94
CAD HEA BA . 2.70 9.91 -34.45
CBD HEA BA . 1.59 9.16 -34.02
CGD HEA BA . 0.35 9.57 -34.80
O1D HEA BA . -0.14 10.69 -34.54
O2D HEA BA . -0.12 8.79 -35.65
C11 HEA BA . 12.64 11.01 -29.01
O11 HEA BA . 12.55 9.69 -28.45
C12 HEA BA . 13.72 11.17 -30.09
C13 HEA BA . 15.10 11.15 -29.45
C14 HEA BA . 16.21 11.10 -30.45
C15 HEA BA . 17.06 12.13 -30.76
C16 HEA BA . 18.09 11.88 -31.81
C17 HEA BA . 19.42 11.29 -31.29
C18 HEA BA . 20.04 12.10 -30.20
C19 HEA BA . 21.24 12.77 -30.30
C20 HEA BA . 21.71 13.51 -29.05
C21 HEA BA . 21.75 14.99 -29.18
C22 HEA BA . 20.37 15.62 -29.39
C23 HEA BA . 19.89 16.72 -28.78
C24 HEA BA . 20.62 17.49 -27.75
C25 HEA BA . 18.54 17.23 -29.15
C26 HEA BA . 16.95 13.50 -30.19
C27 HEA BA . 22.08 12.70 -31.53
CU CU CA . 4.67 9.95 -28.09
MG MG DA . -5.21 16.02 -33.69
CA CA EA . -5.38 13.10 -56.20
C1 CDL FA . 14.48 29.99 -46.41
O1 CDL FA . 13.99 31.34 -46.33
CA2 CDL FA . 14.94 29.59 -45.02
OA2 CDL FA . 13.91 29.84 -43.99
PA1 CDL FA . 12.55 29.00 -44.04
OA3 CDL FA . 11.86 29.45 -45.28
OA4 CDL FA . 11.86 29.07 -42.71
OA5 CDL FA . 13.14 27.48 -44.07
CA3 CDL FA . 12.75 26.39 -43.16
CA4 CDL FA . 13.03 25.27 -44.12
OA6 CDL FA . 12.73 23.86 -43.79
CA5 CDL FA . 13.10 23.12 -42.71
OA7 CDL FA . 13.03 23.39 -41.54
C11 CDL FA . 13.39 21.74 -43.16
C12 CDL FA . 13.22 20.67 -42.08
C13 CDL FA . 14.45 19.83 -41.94
C14 CDL FA . 14.47 18.85 -40.79
C15 CDL FA . 15.86 18.40 -40.36
C16 CDL FA . 16.85 18.25 -41.51
C17 CDL FA . 18.16 17.58 -41.22
C18 CDL FA . 19.20 17.84 -42.33
C19 CDL FA . 20.27 16.77 -42.56
C20 CDL FA . 21.71 17.33 -42.57
C21 CDL FA . 22.69 16.64 -43.50
C22 CDL FA . 23.13 17.50 -44.69
C23 CDL FA . 23.89 16.76 -45.78
CA6 CDL FA . 14.39 25.54 -44.75
OA8 CDL FA . 15.17 24.34 -44.83
CA7 CDL FA . 16.03 24.22 -45.85
OA9 CDL FA . 16.57 25.15 -46.39
C31 CDL FA . 16.22 22.77 -46.28
C32 CDL FA . 17.55 22.17 -45.89
C33 CDL FA . 18.00 21.03 -46.82
C34 CDL FA . 18.85 19.95 -46.17
C35 CDL FA . 20.10 19.56 -46.95
CB2 CDL FA . 15.56 29.94 -47.47
OB2 CDL FA . 15.02 29.44 -48.73
PB2 CDL FA . 15.04 30.37 -50.06
OB3 CDL FA . 15.48 31.78 -49.75
OB4 CDL FA . 13.75 30.13 -50.81
OB5 CDL FA . 16.25 29.77 -50.95
CB3 CDL FA . 15.96 29.00 -52.16
CB4 CDL FA . 16.04 27.53 -51.80
OB6 CDL FA . 17.41 27.28 -51.37
CB5 CDL FA . 17.62 26.55 -50.25
OB7 CDL FA . 17.35 26.95 -49.15
C51 CDL FA . 18.24 25.22 -50.55
C52 CDL FA . 17.90 24.16 -49.54
CB6 CDL FA . 15.65 26.61 -52.94
OB8 CDL FA . 15.64 25.25 -52.45
CB7 CDL FA . 14.68 24.44 -52.89
OB9 CDL FA . 14.02 24.66 -53.87
C71 CDL FA . 14.53 23.22 -51.98
C72 CDL FA . 15.19 21.97 -52.48
C73 CDL FA . 14.73 20.70 -51.76
C74 CDL FA . 14.69 19.44 -52.62
C75 CDL FA . 14.15 18.17 -51.96
C76 CDL FA . 14.72 16.88 -52.54
C77 CDL FA . 14.18 15.58 -51.94
C78 CDL FA . 15.28 14.56 -51.58
C79 CDL FA . 16.07 13.97 -52.76
C80 CDL FA . 16.57 12.52 -52.58
C81 CDL FA . 18.11 12.34 -52.43
C82 CDL FA . 18.57 10.95 -51.98
C1 LFA GA . 16.01 -7.32 -14.88
C2 LFA GA . 14.64 -6.72 -15.25
C3 LFA GA . 14.72 -5.58 -16.26
C4 LFA GA . 13.50 -4.70 -16.41
C5 LFA GA . 13.75 -3.50 -17.29
C6 LFA GA . 12.52 -2.61 -17.52
C7 LFA GA . 12.81 -1.16 -17.88
C8 LFA GA . 11.60 -0.32 -18.32
C9 LFA GA . 10.83 0.26 -17.20
C10 LFA GA . 9.37 0.55 -17.45
C11 LFA GA . 8.58 0.77 -16.15
C12 LFA GA . 7.59 1.91 -16.24
C13 LFA GA . 6.55 2.01 -15.13
C14 LFA GA . 5.26 2.73 -15.57
C25 DMU HA . 33.53 2.14 -50.09
C28 DMU HA . 32.03 1.89 -49.78
C31 DMU HA . 31.16 3.15 -50.08
C34 DMU HA . 30.40 3.68 -48.83
C37 DMU HA . 28.90 3.26 -48.78
C40 DMU HA . 28.06 4.17 -47.82
C43 DMU HA . 26.69 3.64 -47.38
C1 DMU IA . 29.08 -10.82 -56.39
C2 DMU IA . 30.04 -11.85 -55.82
C3 DMU IA . 29.45 -13.25 -55.99
C4 DMU IA . 29.07 -13.43 -57.50
O5 DMU IA . 28.06 -12.46 -57.85
C6 DMU IA . 28.55 -11.18 -57.77
O7 DMU IA . 30.44 -14.27 -55.53
O16 DMU IA . 27.72 -10.21 -58.27
C18 DMU IA . 27.25 -10.37 -59.58
C19 DMU IA . 26.58 -9.07 -59.96
C22 DMU IA . 25.17 -9.00 -59.43
C25 DMU IA . 24.53 -7.64 -59.78
C28 DMU IA . 24.10 -7.60 -61.22
C31 DMU IA . 23.61 -6.25 -61.68
C34 DMU IA . 23.27 -6.30 -63.17
C37 DMU IA . 22.79 -4.94 -63.68
C40 DMU IA . 21.28 -4.89 -63.78
C43 DMU IA . 20.82 -3.57 -64.39
O49 DMU IA . 29.76 -9.57 -56.49
O55 DMU IA . 30.31 -11.56 -54.41
C57 DMU IA . 28.60 -14.83 -57.95
O61 DMU IA . 27.23 -15.06 -57.68
C5 DMU IA . 31.68 -14.51 -53.44
C7 DMU IA . 32.61 -15.56 -53.93
C8 DMU IA . 31.98 -16.93 -53.77
C9 DMU IA . 30.55 -16.89 -54.33
O1 DMU IA . 29.80 -15.78 -53.82
C10 DMU IA . 30.36 -14.52 -54.07
O2 DMU IA . 32.70 -17.94 -54.48
O3 DMU IA . 32.22 -13.23 -53.33
O4 DMU IA . 33.74 -15.49 -53.16
C11 DMU IA . 29.83 -18.21 -54.03
O6 DMU IA . 29.35 -18.75 -55.27
C1 EDO JA . 27.97 -8.65 -30.85
O1 EDO JA . 29.21 -9.21 -30.49
C2 EDO JA . 27.50 -7.69 -29.91
O2 EDO JA . 27.29 -8.31 -28.69
C1 EDO KA . 29.49 3.31 -19.77
O1 EDO KA . 29.37 1.94 -20.07
C2 EDO KA . 29.57 3.65 -18.34
O2 EDO KA . 29.78 2.52 -17.53
C1 EDO LA . 27.63 -12.59 -41.53
O1 EDO LA . 28.34 -11.42 -42.06
C2 EDO LA . 26.68 -13.16 -42.50
O2 EDO LA . 25.67 -12.16 -42.84
C1 EDO MA . 38.95 -13.31 -28.66
O1 EDO MA . 38.46 -13.97 -29.86
C2 EDO MA . 38.03 -12.21 -28.29
O2 EDO MA . 38.26 -11.03 -29.02
P PGV NA . 3.26 -23.87 -22.15
C01 PGV NA . 2.60 -20.42 -19.56
C02 PGV NA . 1.61 -21.58 -19.56
C03 PGV NA . 2.29 -22.92 -19.92
C04 PGV NA . 5.12 -25.10 -20.64
C05 PGV NA . 5.26 -26.46 -20.03
C06 PGV NA . 4.15 -26.75 -18.97
O01 PGV NA . 0.73 -21.28 -20.65
O02 PGV NA . -1.04 -21.96 -19.33
O03 PGV NA . 1.99 -19.14 -19.20
O04 PGV NA . 2.25 -19.84 -17.15
O05 PGV NA . 6.52 -26.56 -19.39
O06 PGV NA . 4.16 -28.13 -18.50
O11 PGV NA . 3.10 -22.71 -21.03
O12 PGV NA . 3.86 -25.16 -21.34
O13 PGV NA . 4.15 -23.40 -23.25
O14 PGV NA . 1.90 -24.35 -22.60
C1 PGV NA . -0.66 -21.47 -20.39
C2 PGV NA . -1.53 -21.02 -21.53
C3 PGV NA . -2.93 -21.65 -21.44
C4 PGV NA . -3.74 -21.17 -22.67
C5 PGV NA . -5.20 -21.74 -22.67
C6 PGV NA . -5.99 -21.40 -23.93
C7 PGV NA . -6.30 -19.91 -23.95
C8 PGV NA . -7.01 -19.51 -25.26
C9 PGV NA . -7.29 -18.04 -25.24
C10 PGV NA . -7.98 -17.50 -26.49
C11 PGV NA . -7.21 -16.29 -26.93
C12 PGV NA . -7.63 -15.03 -26.82
C13 PGV NA . -8.94 -14.62 -26.23
C14 PGV NA . -9.48 -13.55 -27.18
C15 PGV NA . -10.32 -12.69 -26.31
C16 PGV NA . -11.09 -11.65 -27.09
C17 PGV NA . -12.54 -12.00 -27.08
C18 PGV NA . -13.35 -10.74 -26.87
C19 PGV NA . 1.86 -18.92 -17.84
C20 PGV NA . 1.25 -17.64 -17.36
C21 PGV NA . 0.27 -17.12 -18.43
C22 PGV NA . -1.01 -17.90 -18.35
C23 PGV NA . -1.99 -17.25 -19.38
C24 PGV NA . -3.36 -17.80 -19.57
C25 PGV NA . -4.16 -17.42 -20.88
C26 PGV NA . -4.57 -15.98 -21.02
C27 PGV NA . -5.68 -15.58 -22.05
C28 PGV NA . -6.13 -14.07 -22.15
C29 PGV NA . -5.06 -13.05 -21.61
C30 PGV NA . -5.18 -11.49 -21.76
C31 PGV NA . -4.86 -10.77 -20.48
C32 PGV NA . -5.96 -9.84 -19.97
C33 PGV NA . -5.40 -8.48 -19.65
C34 PGV NA . -5.08 -7.64 -20.86
O16 DMU OA . 7.27 25.93 -16.01
C18 DMU OA . 7.66 24.72 -15.37
C19 DMU OA . 9.06 24.32 -15.81
C22 DMU OA . 9.02 23.07 -16.71
C25 DMU OA . 8.95 21.82 -15.85
C28 DMU OA . 10.26 21.02 -15.91
C31 DMU OA . 10.08 19.65 -15.23
C34 DMU OA . 10.87 18.53 -15.93
C37 DMU OA . 10.14 17.19 -15.85
C40 DMU OA . 11.04 16.02 -16.24
C43 DMU OA . 10.48 14.70 -15.77
CU1 CUA PA . -13.82 18.61 -39.71
CU2 CUA PA . -11.70 17.39 -40.22
O16 DMU QA . 22.17 31.59 -28.63
C18 DMU QA . 21.40 30.43 -28.44
C19 DMU QA . 21.87 29.35 -29.41
C22 DMU QA . 23.02 28.54 -28.82
C25 DMU QA . 22.80 27.06 -29.06
C28 DMU QA . 24.03 26.40 -29.66
C31 DMU QA . 23.68 25.03 -30.24
C34 DMU QA . 24.82 24.04 -30.09
C37 DMU QA . 24.55 22.78 -30.89
C40 DMU QA . 25.83 22.13 -31.31
C43 DMU QA . 25.59 20.71 -31.66
O16 DMU RA . 36.79 12.78 -27.69
C18 DMU RA . 35.76 12.62 -28.63
C19 DMU RA . 34.69 13.68 -28.38
C22 DMU RA . 33.32 13.05 -28.33
C25 DMU RA . 32.37 13.74 -29.31
C28 DMU RA . 31.49 14.76 -28.58
C31 DMU RA . 30.17 14.95 -29.33
C34 DMU RA . 29.06 15.40 -28.38
C37 DMU RA . 27.95 16.08 -29.18
C40 DMU RA . 26.84 16.67 -28.35
C43 DMU RA . 25.74 17.20 -29.30
C1 DMU SA . 41.46 3.49 -24.38
C2 DMU SA . 42.82 3.63 -23.71
C3 DMU SA . 43.87 3.77 -24.77
C4 DMU SA . 43.57 4.92 -25.72
O5 DMU SA . 42.23 4.86 -26.24
C6 DMU SA . 41.21 4.61 -25.33
O7 DMU SA . 45.14 3.95 -24.13
O16 DMU SA . 39.89 4.51 -25.93
C18 DMU SA . 38.91 5.48 -25.42
C19 DMU SA . 38.70 6.64 -26.41
C22 DMU SA . 37.58 6.35 -27.41
C25 DMU SA . 36.66 7.54 -27.65
C28 DMU SA . 35.78 7.31 -28.87
C31 DMU SA . 35.17 8.58 -29.39
C34 DMU SA . 34.46 8.34 -30.67
C37 DMU SA . 33.90 9.61 -31.24
C40 DMU SA . 32.48 9.36 -31.69
C43 DMU SA . 31.59 10.33 -30.98
O49 DMU SA . 40.41 3.42 -23.38
O55 DMU SA . 43.13 2.48 -22.88
C57 DMU SA . 44.58 4.84 -26.89
O61 DMU SA . 44.47 5.95 -27.79
C1 EDO TA . -3.66 26.99 -46.76
O1 EDO TA . -2.34 27.11 -47.30
C2 EDO TA . -3.84 27.52 -45.39
O2 EDO TA . -3.01 26.93 -44.40
C1 CHD UA . 25.89 9.91 -15.07
C2 CHD UA . 27.38 10.22 -15.29
C3 CHD UA . 27.63 10.65 -16.72
O3 CHD UA . 29.02 10.98 -16.93
C4 CHD UA . 27.14 9.59 -17.71
C5 CHD UA . 25.67 9.19 -17.47
C6 CHD UA . 25.22 8.10 -18.45
C7 CHD UA . 25.77 6.69 -18.13
O7 CHD UA . 27.18 6.61 -18.48
C8 CHD UA . 25.59 6.33 -16.64
C9 CHD UA . 26.07 7.45 -15.69
C10 CHD UA . 25.37 8.81 -16.00
C11 CHD UA . 25.96 7.03 -14.20
C12 CHD UA . 26.54 5.64 -13.90
O12 CHD UA . 27.97 5.65 -14.06
C13 CHD UA . 25.95 4.58 -14.81
C14 CHD UA . 26.24 5.01 -16.25
C15 CHD UA . 25.87 3.79 -17.08
C16 CHD UA . 26.23 2.59 -16.17
C17 CHD UA . 26.62 3.16 -14.78
C18 CHD UA . 24.46 4.44 -14.49
C19 CHD UA . 23.85 8.70 -15.74
C20 CHD UA . 26.22 2.22 -13.63
C21 CHD UA . 26.65 2.73 -12.26
C22 CHD UA . 26.79 0.81 -13.87
C23 CHD UA . 28.30 0.68 -13.74
O25 CHD UA . 29.46 -1.23 -14.61
C24 CHD UA . 28.76 -0.77 -13.66
O26 CHD UA . 28.38 -1.46 -12.68
C1 LFA VA . 30.30 13.21 -13.35
C2 LFA VA . 29.48 14.46 -13.62
C3 LFA VA . 27.98 14.21 -13.63
C4 LFA VA . 27.31 14.38 -14.97
C5 LFA VA . 25.84 13.97 -14.98
C6 LFA VA . 25.02 14.63 -16.10
C7 LFA VA . 24.14 13.68 -16.90
C8 LFA VA . 22.97 13.08 -16.13
C9 LFA VA . 21.75 12.79 -16.98
C10 LFA VA . 20.46 13.23 -16.32
C11 LFA VA . 19.21 13.01 -17.13
C12 LFA VA . 19.17 11.70 -17.86
C13 LFA VA . 17.78 11.18 -18.03
C14 LFA VA . 17.67 9.69 -17.98
C15 LFA VA . 17.65 9.11 -16.56
C16 LFA VA . 16.35 8.39 -16.13
C17 LFA VA . 15.38 9.18 -15.27
C1 DMU WA . 9.48 30.62 -14.89
C2 DMU WA . 8.28 31.35 -15.41
C3 DMU WA . 8.60 31.75 -16.80
C4 DMU WA . 8.54 30.49 -17.67
O5 DMU WA . 8.92 29.30 -16.92
C6 DMU WA . 9.77 29.46 -15.80
O7 DMU WA . 7.69 32.77 -17.27
O16 DMU WA . 11.15 29.25 -16.04
C18 DMU WA . 11.42 28.34 -17.11
C19 DMU WA . 11.97 27.04 -16.54
C22 DMU WA . 12.87 26.28 -17.55
C25 DMU WA . 12.66 24.76 -17.46
C28 DMU WA . 13.69 23.98 -18.30
C31 DMU WA . 13.52 22.44 -18.16
C34 DMU WA . 13.84 21.73 -19.48
C37 DMU WA . 14.18 20.25 -19.31
C40 DMU WA . 15.27 19.80 -20.29
C43 DMU WA . 16.55 19.41 -19.54
O49 DMU WA . 9.24 30.20 -13.53
O55 DMU WA . 7.97 32.47 -14.61
C57 DMU WA . 9.43 30.60 -18.89
O61 DMU WA . 9.82 31.96 -19.08
C1 CHD XA . 2.39 18.37 -14.36
C2 CHD XA . 1.65 19.69 -14.28
C3 CHD XA . 1.60 20.15 -12.85
O3 CHD XA . 0.91 21.41 -12.74
C4 CHD XA . 0.94 19.09 -11.96
C5 CHD XA . 1.66 17.73 -12.05
C6 CHD XA . 1.00 16.71 -11.13
C7 CHD XA . -0.35 16.18 -11.63
O7 CHD XA . -1.35 17.18 -11.43
C8 CHD XA . -0.28 15.76 -13.11
C9 CHD XA . 0.35 16.83 -14.02
C10 CHD XA . 1.78 17.23 -13.52
C11 CHD XA . 0.31 16.43 -15.49
C12 CHD XA . -1.08 15.98 -15.98
O12 CHD XA . -2.03 17.07 -15.94
C13 CHD XA . -1.59 14.81 -15.12
C14 CHD XA . -1.63 15.31 -13.65
C15 CHD XA . -2.38 14.21 -12.91
C16 CHD XA . -3.46 13.77 -13.94
C17 CHD XA . -3.07 14.41 -15.31
C18 CHD XA . -0.67 13.58 -15.30
C19 CHD XA . 2.78 16.05 -13.62
C20 CHD XA . -3.51 13.57 -16.50
C21 CHD XA . -2.94 14.08 -17.82
C22 CHD XA . -5.06 13.57 -16.51
C23 CHD XA . -5.62 12.57 -17.39
O25 CHD XA . -7.70 13.80 -17.74
C24 CHD XA . -7.15 12.68 -17.46
O26 CHD XA . -7.77 11.68 -17.25
UNK UNX YA . 3.41 -23.42 -1.32
P PGV ZA . 1.76 -28.39 -10.16
C01 PGV ZA . 1.30 -25.70 -13.33
C02 PGV ZA . 0.32 -26.72 -12.78
C03 PGV ZA . 1.00 -28.09 -12.68
C04 PGV ZA . 2.78 -30.81 -10.26
C05 PGV ZA . 2.83 -31.63 -8.99
C06 PGV ZA . 4.15 -32.43 -8.92
O01 PGV ZA . -0.71 -26.84 -13.76
O02 PGV ZA . -2.24 -25.95 -12.35
O03 PGV ZA . 0.77 -24.35 -13.22
O04 PGV ZA . 0.67 -24.21 -15.43
O05 PGV ZA . 1.74 -32.54 -9.00
O06 PGV ZA . 4.26 -33.10 -7.64
O11 PGV ZA . 2.03 -28.02 -11.67
O12 PGV ZA . 1.59 -30.00 -10.20
O13 PGV ZA . 0.36 -27.91 -9.73
O14 PGV ZA . 2.94 -27.95 -9.39
C1 PGV ZA . -2.01 -26.44 -13.43
C2 PGV ZA . -2.99 -26.72 -14.50
C3 PGV ZA . -4.43 -26.30 -14.18
C4 PGV ZA . -4.64 -24.81 -14.50
C5 PGV ZA . -6.13 -24.50 -14.35
C6 PGV ZA . -6.48 -23.05 -14.67
C7 PGV ZA . -7.99 -22.74 -14.56
C8 PGV ZA . -8.38 -21.30 -14.84
C9 PGV ZA . -9.93 -21.11 -14.95
C10 PGV ZA . -10.36 -20.59 -16.33
C11 PGV ZA . -11.83 -20.45 -16.35
C12 PGV ZA . -12.46 -19.63 -17.20
C13 PGV ZA . -11.75 -18.76 -18.22
C14 PGV ZA . -12.69 -18.51 -19.41
C15 PGV ZA . -13.83 -17.52 -19.14
C16 PGV ZA . -15.19 -18.19 -18.82
C17 PGV ZA . -15.79 -17.79 -17.46
C18 PGV ZA . -16.93 -18.70 -17.00
C19 PGV ZA . 0.42 -23.66 -14.37
C20 PGV ZA . -0.30 -22.35 -14.13
C21 PGV ZA . -1.35 -22.11 -15.18
C22 PGV ZA . -2.16 -20.83 -14.83
C23 PGV ZA . -3.20 -20.20 -15.64
C24 PGV ZA . -4.42 -19.43 -15.13
C25 PGV ZA . -4.62 -17.96 -15.26
C26 PGV ZA . -6.09 -17.61 -15.27
C27 PGV ZA . -6.57 -17.76 -16.71
C28 PGV ZA . -7.22 -16.55 -17.31
C29 PGV ZA . -8.06 -16.88 -18.53
C30 PGV ZA . -8.90 -15.64 -19.00
C31 PGV ZA . -8.75 -14.33 -18.17
C32 PGV ZA . -8.85 -12.99 -18.91
C33 PGV ZA . -10.16 -12.25 -18.65
C34 PGV ZA . -10.30 -10.98 -19.48
C1 CDL AB . -5.43 -38.81 -16.06
O1 CDL AB . -4.05 -38.71 -15.79
CA2 CDL AB . -5.80 -39.50 -17.35
OA2 CDL AB . -6.91 -38.78 -17.96
PA1 CDL AB . -6.87 -37.18 -17.86
OA3 CDL AB . -5.34 -36.87 -17.87
OA4 CDL AB . -7.92 -36.62 -18.78
OA5 CDL AB . -7.84 -36.89 -16.62
CA3 CDL AB . -8.91 -35.89 -16.73
CA4 CDL AB . -8.13 -34.67 -16.42
OA6 CDL AB . -7.44 -35.04 -15.21
CA5 CDL AB . -6.33 -34.36 -14.91
OA7 CDL AB . -5.28 -34.40 -15.58
C11 CDL AB . -6.75 -33.58 -13.64
C12 CDL AB . -8.17 -33.89 -13.12
C13 CDL AB . -8.63 -32.97 -12.06
C14 CDL AB . -9.11 -31.65 -12.57
C15 CDL AB . -10.57 -31.60 -13.05
C16 CDL AB . -11.19 -30.24 -12.77
C17 CDL AB . -12.59 -29.92 -13.26
C18 CDL AB . -13.17 -28.65 -12.63
C19 CDL AB . -14.04 -27.76 -13.55
C20 CDL AB . -14.63 -26.55 -12.86
C21 CDL AB . -15.94 -25.96 -13.42
C22 CDL AB . -16.32 -24.62 -12.76
C23 CDL AB . -17.82 -24.35 -12.46
C24 CDL AB . -18.20 -22.85 -12.36
C25 CDL AB . -18.36 -22.27 -10.93
C26 CDL AB . -17.80 -20.84 -10.66
C27 CDL AB . -18.44 -20.03 -9.54
CA6 CDL AB . -8.91 -33.38 -16.30
OA8 CDL AB . -7.90 -32.37 -16.08
CA7 CDL AB . -8.10 -31.23 -16.69
OA9 CDL AB . -8.20 -31.10 -17.89
C31 CDL AB . -8.23 -30.16 -15.73
C32 CDL AB . -8.07 -28.80 -16.36
C33 CDL AB . -9.35 -28.01 -16.20
C34 CDL AB . -9.36 -26.70 -16.80
C35 CDL AB . -10.68 -26.01 -16.73
C36 CDL AB . -10.97 -25.16 -17.93
C37 CDL AB . -12.24 -24.40 -17.82
C38 CDL AB . -13.26 -24.76 -18.83
C39 CDL AB . -14.65 -24.26 -18.50
CB2 CDL AB . -6.37 -39.19 -14.96
OB2 CDL AB . -5.82 -38.96 -13.66
PB2 CDL AB . -6.58 -37.97 -12.65
OB3 CDL AB . -5.73 -38.12 -11.39
OB4 CDL AB . -6.70 -36.67 -13.39
OB5 CDL AB . -8.08 -38.60 -12.66
CB3 CDL AB . -9.09 -38.00 -13.55
CB4 CDL AB . -10.06 -38.96 -14.23
OB6 CDL AB . -10.78 -39.72 -13.20
CB5 CDL AB . -12.07 -39.39 -12.92
OB7 CDL AB . -12.86 -40.21 -12.50
C51 CDL AB . -12.47 -37.97 -13.19
C52 CDL AB . -13.07 -37.78 -14.56
C53 CDL AB . -12.47 -36.61 -15.32
C54 CDL AB . -12.64 -35.29 -14.64
C55 CDL AB . -12.79 -34.11 -15.61
C56 CDL AB . -14.19 -33.91 -16.15
C57 CDL AB . -14.40 -32.59 -16.85
C58 CDL AB . -15.68 -31.87 -16.48
C59 CDL AB . -15.89 -30.55 -17.20
C60 CDL AB . -15.12 -29.40 -16.62
C61 CDL AB . -14.58 -28.40 -17.61
C62 CDL AB . -15.51 -27.26 -17.90
CB6 CDL AB . -9.43 -39.88 -15.26
OB8 CDL AB . -10.31 -40.02 -16.40
CB7 CDL AB . -10.03 -39.30 -17.49
OB9 CDL AB . -9.78 -38.11 -17.47
C71 CDL AB . -10.06 -40.14 -18.76
C72 CDL AB . -11.06 -41.29 -18.75
C73 CDL AB . -12.00 -41.29 -19.96
C74 CDL AB . -13.34 -40.62 -19.73
C75 CDL AB . -13.48 -39.25 -20.40
C76 CDL AB . -14.48 -38.29 -19.74
C77 CDL AB . -14.01 -36.83 -19.64
C78 CDL AB . -14.59 -35.89 -20.69
C79 CDL AB . -14.06 -34.47 -20.62
C80 CDL AB . -14.92 -33.40 -21.26
C81 CDL AB . -14.41 -31.99 -21.00
C82 CDL AB . -14.91 -30.94 -21.92
C83 CDL AB . -14.81 -29.52 -21.36
C84 CDL AB . -15.32 -28.41 -22.30
C85 CDL AB . -16.85 -28.28 -22.37
C86 CDL AB . -17.44 -27.52 -23.55
C87 CDL AB . -18.95 -27.36 -23.46
C1 CHD BB . -18.40 -31.69 1.30
C2 CHD BB . -19.23 -31.96 2.57
C3 CHD BB . -19.09 -30.81 3.56
O3 CHD BB . -19.86 -31.08 4.76
C4 CHD BB . -17.64 -30.60 3.92
C5 CHD BB . -16.75 -30.34 2.68
C6 CHD BB . -15.28 -30.07 3.10
C7 CHD BB . -14.45 -31.31 3.39
O7 CHD BB . -14.80 -31.79 4.72
C8 CHD BB . -14.64 -32.43 2.36
C9 CHD BB . -16.14 -32.70 2.04
C10 CHD BB . -16.90 -31.42 1.55
C11 CHD BB . -16.32 -33.91 1.09
C12 CHD BB . -15.65 -35.19 1.60
O12 CHD BB . -16.34 -35.71 2.75
C13 CHD BB . -14.18 -34.95 1.97
C14 CHD BB . -14.04 -33.70 2.89
C15 CHD BB . -12.54 -33.73 3.32
C16 CHD BB . -12.23 -35.25 3.36
C17 CHD BB . -13.58 -35.96 3.00
C18 CHD BB . -13.37 -34.80 0.66
C19 CHD BB . -16.28 -30.94 0.22
C20 CHD BB . -13.61 -37.48 2.70
C21 CHD BB . -14.47 -38.28 3.67
C22 CHD BB . -12.20 -38.07 2.63
C23 CHD BB . -11.49 -37.69 1.36
O25 CHD BB . -10.12 -39.22 0.20
C24 CHD BB . -10.24 -38.50 1.23
O26 CHD BB . -9.38 -38.37 2.15
O16 DMU CB . -28.67 -13.97 -24.59
C18 DMU CB . -27.54 -14.14 -23.75
C19 DMU CB . -26.26 -14.07 -24.57
C22 DMU CB . -25.05 -13.96 -23.65
C25 DMU CB . -23.80 -13.51 -24.43
C28 DMU CB . -22.52 -13.69 -23.61
C31 DMU CB . -21.37 -12.93 -24.25
C34 DMU CB . -20.03 -13.17 -23.55
C37 DMU CB . -18.88 -13.19 -24.58
C40 DMU CB . -17.52 -12.81 -23.98
C43 DMU CB . -16.37 -13.39 -24.79
C1 LFA DB . -19.85 4.42 4.04
C2 LFA DB . -19.25 3.03 3.88
C3 LFA DB . -17.81 2.90 4.34
C4 LFA DB . -17.36 1.50 4.69
C5 LFA DB . -16.50 1.40 5.93
C6 LFA DB . -16.71 0.11 6.71
C7 LFA DB . -17.14 0.31 8.14
C8 LFA DB . -17.75 -0.90 8.82
C9 LFA DB . -17.48 -0.97 10.31
C10 LFA DB . -16.15 -1.61 10.68
C11 LFA DB . -15.48 -0.99 11.88
C1 LFA EB . -12.97 -2.37 4.38
C2 LFA EB . -13.55 -2.81 5.71
C3 LFA EB . -13.87 -4.29 5.78
C4 LFA EB . -14.58 -4.73 7.02
C5 LFA EB . -15.28 -6.03 6.89
C6 LFA EB . -15.47 -6.75 8.19
C1 LFA FB . -9.68 16.08 -16.41
C2 LFA FB . -8.65 17.06 -15.89
C3 LFA FB . -7.63 16.29 -15.07
C4 LFA FB . -8.21 15.56 -13.86
C5 LFA FB . -8.64 14.14 -14.08
C6 LFA FB . -8.03 13.23 -13.02
C7 LFA FB . -8.20 11.78 -13.27
C8 LFA FB . -6.91 11.05 -13.41
C9 LFA FB . -6.99 9.59 -13.06
C10 LFA FB . -5.66 8.86 -13.13
C11 LFA FB . -4.60 9.55 -13.99
C12 LFA FB . -3.18 9.06 -13.75
C13 LFA FB . -2.15 9.42 -14.81
C14 LFA FB . -1.24 8.28 -15.20
C15 LFA FB . -1.76 6.89 -14.86
C16 LFA FB . -0.67 5.91 -14.52
C17 LFA FB . -1.07 4.48 -14.58
C18 LFA FB . -0.42 3.61 -13.52
C1 LFA GB . -8.66 16.02 -9.12
C2 LFA GB . -7.44 15.57 -8.33
C3 LFA GB . -6.14 15.69 -9.06
C4 LFA GB . -5.83 14.53 -9.99
C5 LFA GB . -5.30 13.31 -9.31
C6 LFA GB . -4.60 12.32 -10.21
C7 LFA GB . -3.37 11.70 -9.60
C8 LFA GB . -2.88 10.47 -10.27
C9 LFA GB . -1.62 10.67 -11.08
C10 LFA GB . -0.51 11.34 -10.33
C11 LFA GB . 0.74 11.61 -11.15
C12 LFA GB . 2.03 11.27 -10.45
C13 LFA GB . 2.01 9.97 -9.65
C14 LFA GB . 3.39 9.42 -9.28
C15 LFA GB . 3.44 7.94 -9.04
C1 LFA HB . -10.59 17.04 -6.55
C2 LFA HB . -11.02 16.00 -5.52
C3 LFA HB . -9.89 15.21 -4.91
C4 LFA HB . -10.22 13.75 -4.63
C5 LFA HB . -9.01 12.85 -4.42
C6 LFA HB . -9.10 11.50 -5.12
C7 LFA HB . -7.78 10.96 -5.65
C8 LFA HB . -7.89 10.15 -6.94
C9 LFA HB . -6.94 8.97 -7.04
C10 LFA HB . -6.19 8.89 -8.35
C11 LFA HB . -6.64 7.78 -9.29
C1 LFA IB . -0.41 -14.80 11.71
C2 LFA IB . -0.92 -13.40 11.98
C3 LFA IB . -1.46 -12.67 10.75
C4 LFA IB . -2.17 -11.34 10.99
C5 LFA IB . -2.99 -10.82 9.81
C6 LFA IB . -4.36 -11.49 9.62
C7 LFA IB . -5.53 -10.50 9.56
C8 LFA IB . -6.73 -10.98 8.76
C9 LFA IB . -7.57 -9.87 8.12
C10 LFA IB . -8.83 -10.35 7.41
C11 LFA IB . -10.01 -10.54 8.31
C12 LFA IB . -11.19 -11.15 7.67
C13 LFA IB . -12.47 -10.38 7.86
C14 LFA IB . -13.67 -11.00 7.10
C1 LFA JB . 1.25 -17.07 5.53
C2 LFA JB . 1.57 -17.42 4.08
C3 LFA JB . 0.90 -16.49 3.12
C4 LFA JB . 0.24 -15.28 3.77
C5 LFA JB . -0.13 -14.18 2.80
C6 LFA JB . -0.97 -13.07 3.40
C7 LFA JB . -2.31 -13.52 3.90
C8 LFA JB . -3.46 -12.60 3.59
C9 LFA JB . -4.76 -12.97 4.29
C10 LFA JB . -5.93 -12.07 3.94
C11 LFA JB . -6.17 -10.94 4.92
C1 LFA KB . -0.40 -11.93 -3.66
C2 LFA KB . -0.32 -11.08 -4.93
C3 LFA KB . -1.58 -10.27 -5.19
C4 LFA KB . -1.39 -9.06 -6.05
C5 LFA KB . -2.28 -7.90 -5.73
C6 LFA KB . -2.07 -6.67 -6.61
C7 LFA KB . -3.37 -5.95 -6.85
C8 LFA KB . -3.35 -4.56 -7.45
C9 LFA KB . -4.70 -4.24 -8.11
C10 LFA KB . -5.09 -2.82 -8.13
C11 LFA KB . -6.14 -2.53 -9.17
C12 LFA KB . -5.95 -1.22 -9.86
C13 LFA KB . -6.02 0.00 -8.94
C14 LFA KB . -5.52 1.28 -9.57
C15 LFA KB . -5.79 2.54 -8.75
C1 LFA LB . 7.16 -16.29 -3.39
C2 LFA LB . 6.42 -14.95 -3.37
C3 LFA LB . 5.84 -14.54 -4.71
C4 LFA LB . 4.67 -13.58 -4.63
C5 LFA LB . 3.88 -13.45 -5.92
C6 LFA LB . 2.51 -12.82 -5.74
C7 LFA LB . 1.93 -12.26 -7.02
C8 LFA LB . 2.54 -10.93 -7.44
C9 LFA LB . 1.59 -9.95 -8.13
C10 LFA LB . 2.25 -8.63 -8.51
C11 LFA LB . 1.32 -7.43 -8.56
C12 LFA LB . 2.03 -6.11 -8.87
C13 LFA LB . 1.19 -5.05 -9.53
C1 DMU MB . -18.47 9.96 1.78
C2 DMU MB . -19.54 10.33 0.75
C3 DMU MB . -18.95 11.37 -0.19
C4 DMU MB . -17.72 10.78 -0.87
O5 DMU MB . -16.83 10.10 0.01
C6 DMU MB . -17.30 9.39 1.11
O7 DMU MB . -19.84 11.77 -1.25
O16 DMU MB . -16.17 9.18 1.93
C18 DMU MB . -15.07 8.70 1.11
C19 DMU MB . -13.88 8.26 1.98
C22 DMU MB . -12.98 7.27 1.22
C25 DMU MB . -12.26 6.33 2.15
C28 DMU MB . -10.75 6.40 1.98
C31 DMU MB . -10.05 5.42 2.94
C34 DMU MB . -8.58 5.23 2.57
C37 DMU MB . -8.30 3.78 2.21
C40 DMU MB . -8.53 2.86 3.41
C43 DMU MB . -7.22 2.41 4.02
O49 DMU MB . -18.96 9.02 2.74
O55 DMU MB . -20.69 10.84 1.40
C57 DMU MB . -16.91 11.88 -1.53
O61 DMU MB . -17.66 12.49 -2.60
C5 DMU MB . -21.77 12.85 -2.00
C7 DMU MB . -21.24 13.49 -3.18
C8 DMU MB . -20.57 14.78 -2.88
C9 DMU MB . -19.73 14.79 -1.59
O1 DMU MB . -20.26 13.97 -0.52
C10 DMU MB . -20.84 12.71 -0.86
O2 DMU MB . -19.79 15.11 -4.03
O3 DMU MB . -22.48 11.75 -2.30
O4 DMU MB . -22.31 13.82 -4.00
C11 DMU MB . -19.67 16.23 -1.04
O6 DMU MB . -18.34 16.76 -1.11
C25 DMU NB . -0.65 -11.80 0.03
C28 DMU NB . -1.56 -10.68 -0.47
C31 DMU NB . -2.35 -10.06 0.68
C34 DMU NB . -3.44 -9.14 0.16
C37 DMU NB . -4.81 -9.80 0.24
C40 DMU NB . -5.88 -8.81 0.72
C43 DMU NB . -5.53 -8.28 2.08
C1 DMU OB . 0.81 -7.61 -1.60
C2 DMU OB . 2.26 -8.02 -1.90
C3 DMU OB . 2.62 -7.63 -3.28
C4 DMU OB . 2.45 -6.14 -3.44
O5 DMU OB . 1.04 -5.81 -3.29
C6 DMU OB . 0.44 -6.27 -2.12
O7 DMU OB . 3.96 -8.00 -3.54
O16 DMU OB . -1.00 -6.23 -2.14
C18 DMU OB . -1.45 -4.86 -2.17
C19 DMU OB . -1.96 -4.44 -0.80
C22 DMU OB . -3.41 -3.99 -0.89
C25 DMU OB . -3.80 -3.08 0.27
C28 DMU OB . -4.67 -1.92 -0.19
C31 DMU OB . -6.15 -2.27 -0.13
C34 DMU OB . -6.96 -1.13 0.48
C37 DMU OB . -7.60 -0.30 -0.61
C40 DMU OB . -7.03 1.11 -0.63
C43 DMU OB . -7.66 1.84 -1.81
O49 DMU OB . 0.57 -7.63 -0.17
O55 DMU OB . 2.39 -9.45 -1.78
C57 DMU OB . 2.96 -5.68 -4.80
O61 DMU OB . 3.96 -4.67 -4.59
C1 DMU PB . -27.54 -18.48 -38.85
C2 DMU PB . -28.59 -17.72 -38.10
C3 DMU PB . -29.84 -17.56 -38.90
C4 DMU PB . -30.29 -18.87 -39.55
O5 DMU PB . -29.21 -19.63 -40.11
C6 DMU PB . -28.09 -19.77 -39.37
O7 DMU PB . -30.88 -17.13 -38.04
O16 DMU PB . -27.21 -20.55 -40.06
C18 DMU PB . -27.00 -21.87 -39.57
C19 DMU PB . -25.50 -22.02 -39.23
C22 DMU PB . -25.00 -23.39 -39.56
C25 DMU PB . -23.49 -23.41 -39.72
C28 DMU PB . -22.84 -23.90 -38.45
C31 DMU PB . -21.35 -24.26 -38.67
C34 DMU PB . -20.96 -25.36 -37.68
C37 DMU PB . -19.46 -25.62 -37.65
C40 DMU PB . -19.23 -26.99 -38.25
C43 DMU PB . -18.89 -28.01 -37.21
O49 DMU PB . -26.44 -18.68 -37.98
O55 DMU PB . -28.08 -16.45 -37.78
C57 DMU PB . -31.26 -18.53 -40.70
O61 DMU PB . -32.28 -19.47 -40.72
C5 DMU PB . -31.92 -15.51 -36.70
C7 DMU PB . -32.63 -14.25 -36.77
C8 DMU PB . -33.18 -14.07 -38.18
C9 DMU PB . -32.46 -14.98 -39.16
O1 DMU PB . -31.06 -14.98 -38.86
C10 DMU PB . -30.83 -15.75 -37.68
O2 DMU PB . -34.58 -14.36 -38.21
O3 DMU PB . -32.87 -16.63 -36.56
O4 DMU PB . -31.74 -13.19 -36.41
C11 DMU PB . -32.71 -14.52 -40.59
O6 DMU PB . -33.92 -15.11 -41.07
C1 DMU QB . -28.98 -18.35 -33.79
C2 DMU QB . -29.79 -17.50 -32.85
C3 DMU QB . -31.17 -17.14 -33.40
C4 DMU QB . -31.87 -18.44 -33.83
O5 DMU QB . -31.05 -19.11 -34.83
C6 DMU QB . -29.77 -19.48 -34.34
O7 DMU QB . -31.91 -16.42 -32.37
O16 DMU QB . -29.03 -20.29 -35.20
C18 DMU QB . -29.14 -21.68 -34.87
C19 DMU QB . -27.88 -22.42 -35.34
C22 DMU QB . -27.23 -23.23 -34.22
C25 DMU QB . -26.71 -24.54 -34.74
C28 DMU QB . -25.21 -24.67 -34.51
C31 DMU QB . -24.58 -25.65 -35.49
C34 DMU QB . -24.89 -27.10 -35.12
C37 DMU QB . -23.78 -28.02 -35.56
C40 DMU QB . -22.50 -27.77 -34.78
C43 DMU QB . -22.06 -29.03 -34.07
O49 DMU QB . -27.81 -18.85 -33.10
O55 DMU QB . -29.08 -16.32 -32.58
C57 DMU QB . -33.29 -18.18 -34.36
O61 DMU QB . -33.65 -19.13 -35.39
C5 DMU QB . -31.47 -14.18 -31.41
C7 DMU QB . -32.37 -14.07 -30.20
C8 DMU QB . -33.76 -13.80 -30.63
C9 DMU QB . -34.19 -14.73 -31.74
O1 DMU QB . -33.36 -14.57 -32.88
C10 DMU QB . -31.98 -14.96 -32.61
O2 DMU QB . -34.66 -13.97 -29.51
O3 DMU QB . -30.12 -14.33 -31.15
O4 DMU QB . -31.98 -12.98 -29.31
C11 DMU QB . -35.62 -14.44 -32.09
O6 DMU QB . -36.40 -15.33 -31.36
C1 EDO RB . -22.23 -25.28 -30.12
O1 EDO RB . -21.02 -25.96 -30.39
C2 EDO RB . -22.88 -24.81 -31.37
O2 EDO RB . -24.23 -24.41 -31.21
C1 EDO SB . -23.94 16.37 -25.87
O1 EDO SB . -24.67 16.68 -24.70
C2 EDO SB . -22.73 17.22 -25.99
O2 EDO SB . -23.06 18.55 -26.38
C1 EDO TB . -5.13 -28.15 12.20
O1 EDO TB . -4.98 -27.65 13.43
C2 EDO TB . -5.10 -26.95 11.34
O2 EDO TB . -5.18 -27.24 9.96
C1 DMU UB . -25.32 -15.23 -41.85
C2 DMU UB . -26.52 -15.17 -42.77
C3 DMU UB . -27.59 -14.24 -42.20
C4 DMU UB . -27.00 -12.88 -41.87
O5 DMU UB . -25.89 -13.02 -40.98
C6 DMU UB . -24.87 -13.86 -41.47
O7 DMU UB . -28.61 -14.11 -43.19
O16 DMU UB . -23.70 -13.78 -40.70
C18 DMU UB . -22.90 -12.59 -40.95
C19 DMU UB . -21.84 -12.37 -39.81
C22 DMU UB . -20.65 -11.53 -40.32
C25 DMU UB . -19.90 -10.76 -39.23
C28 DMU UB . -18.48 -10.42 -39.68
C31 DMU UB . -17.67 -11.73 -39.76
C34 DMU UB . -16.17 -11.46 -39.79
C37 DMU UB . -15.54 -12.70 -40.33
C40 DMU UB . -14.14 -12.79 -39.95
C43 DMU UB . -13.59 -13.99 -40.61
O49 DMU UB . -24.31 -15.93 -42.58
O55 DMU UB . -27.06 -16.46 -42.96
C57 DMU UB . -28.04 -11.95 -41.24
O61 DMU UB . -28.59 -12.57 -40.07
C5 DMU UB . -30.39 -15.62 -43.29
C7 DMU UB . -30.66 -15.58 -44.73
C8 DMU UB . -31.53 -14.39 -45.04
C9 DMU UB . -30.90 -13.13 -44.49
O1 DMU UB . -30.75 -13.26 -43.09
C10 DMU UB . -29.91 -14.36 -42.70
O2 DMU UB . -31.70 -14.24 -46.46
O3 DMU UB . -29.71 -16.76 -42.85
O4 DMU UB . -31.33 -16.77 -45.15
C11 DMU UB . -31.76 -11.93 -44.81
O6 DMU UB . -31.60 -10.95 -43.80
C1 LFA VB . -14.94 12.43 4.68
C2 LFA VB . -14.94 11.10 5.42
C3 LFA VB . -13.59 10.39 5.36
C4 LFA VB . -13.52 9.17 6.23
C5 LFA VB . -12.20 8.52 6.28
C6 LFA VB . -11.89 7.87 7.58
C7 LFA VB . -11.22 6.53 7.45
C8 LFA VB . -11.34 5.69 8.70
C9 LFA VB . -11.85 4.29 8.44
C10 LFA VB . -13.16 3.94 9.11
C11 LFA VB . -13.45 2.46 9.10
C12 LFA VB . -12.46 1.63 8.29
C13 LFA VB . -11.12 1.41 8.95
C14 LFA VB . -10.34 0.20 8.46
C15 LFA VB . -8.90 0.49 8.06
C1 DMU WB . 34.08 -1.09 -54.09
C2 DMU WB . 35.19 -1.93 -53.35
C3 DMU WB . 35.00 -1.75 -51.82
C4 DMU WB . 33.50 -2.19 -51.55
O5 DMU WB . 32.70 -1.22 -52.20
C6 DMU WB . 32.69 -1.37 -53.51
O7 DMU WB . 35.96 -2.50 -51.06
O16 DMU WB . 31.61 -0.69 -54.05
C18 DMU WB . 30.30 -1.06 -53.53
C19 DMU WB . 29.75 0.18 -52.79
C22 DMU WB . 28.40 0.62 -53.32
C25 DMU WB . 28.00 2.03 -52.85
C28 DMU WB . 26.55 2.10 -52.35
C31 DMU WB . 26.07 3.54 -52.28
C34 DMU WB . 24.82 3.73 -51.45
C37 DMU WB . 24.05 4.92 -51.97
C40 DMU WB . 23.10 5.60 -51.02
C43 DMU WB . 22.46 6.59 -51.92
O49 DMU WB . 34.07 -1.34 -55.42
O55 DMU WB . 36.57 -1.60 -53.77
C57 DMU WB . 32.91 -2.29 -50.12
O61 DMU WB . 31.43 -2.81 -50.14
C5 DMU WB . 38.09 -3.15 -50.53
C7 DMU WB . 37.86 -3.50 -49.12
C8 DMU WB . 38.03 -2.31 -48.19
C9 DMU WB . 37.35 -1.04 -48.70
O1 DMU WB . 37.51 -0.85 -50.15
C10 DMU WB . 37.31 -2.02 -51.02
O2 DMU WB . 37.48 -2.62 -46.88
O3 DMU WB . 38.05 -4.22 -51.37
O4 DMU WB . 38.78 -4.52 -48.73
C11 DMU WB . 37.96 0.16 -47.93
O6 DMU WB . 37.01 0.68 -47.01
C1 EDO XB . 67.32 -12.87 -47.12
O1 EDO XB . 67.74 -14.16 -46.78
C2 EDO XB . 67.88 -11.86 -46.26
O2 EDO XB . 69.27 -11.96 -46.37
C1 EDO YB . 54.74 -15.90 -23.85
O1 EDO YB . 55.96 -15.43 -23.29
C2 EDO YB . 53.62 -15.95 -22.86
O2 EDO YB . 53.91 -16.85 -21.83
C1 EDO ZB . 67.52 -16.26 -32.29
O1 EDO ZB . 67.56 -14.88 -31.90
C2 EDO ZB . 66.20 -16.92 -32.02
O2 EDO ZB . 65.81 -16.87 -30.65
ZN ZN AC . 38.77 -15.99 -21.19
C1 EDO BC . 29.47 -11.55 -26.67
O1 EDO BC . 29.79 -12.93 -26.53
C2 EDO BC . 28.36 -11.18 -25.77
O2 EDO BC . 28.63 -11.47 -24.37
C1 EDO CC . 11.73 -30.84 -5.69
O1 EDO CC . 11.28 -31.10 -7.00
C2 EDO CC . 10.96 -29.82 -4.96
O2 EDO CC . 9.53 -29.90 -5.16
P PEK DC . -28.17 -3.97 -16.22
N PEK DC . -30.97 -4.09 -12.47
C01 PEK DC . -25.21 -5.45 -18.21
C02 PEK DC . -25.00 -5.81 -16.77
C03 PEK DC . -25.74 -4.94 -15.81
C04 PEK DC . -28.83 -3.84 -13.67
C05 PEK DC . -30.21 -3.33 -13.47
O01 PEK DC . -23.58 -5.68 -16.56
O02 PEK DC . -23.41 -7.88 -16.19
O03 PEK DC . -24.73 -6.56 -18.99
O04 PEK DC . -24.92 -5.40 -20.88
O11 PEK DC . -27.15 -5.20 -15.96
O12 PEK DC . -28.20 -3.23 -14.80
O13 PEK DC . -27.55 -3.03 -17.19
O14 PEK DC . -29.50 -4.63 -16.52
C1 PEK DC . -22.89 -6.80 -16.31
C2 PEK DC . -21.43 -6.53 -16.15
C3 PEK DC . -20.83 -5.76 -17.30
C4 PEK DC . -20.96 -6.48 -18.62
C5 PEK DC . -20.29 -5.70 -19.71
C6 PEK DC . -19.07 -5.84 -20.20
C7 PEK DC . -18.19 -7.06 -20.10
C8 PEK DC . -17.58 -7.36 -18.76
C9 PEK DC . -17.49 -8.57 -18.19
C10 PEK DC . -18.08 -9.86 -18.66
C11 PEK DC . -19.53 -10.10 -18.31
C12 PEK DC . -20.30 -11.11 -18.75
C13 PEK DC . -21.82 -11.10 -18.90
C14 PEK DC . -22.65 -10.98 -17.63
C15 PEK DC . -22.45 -11.63 -16.48
C16 PEK DC . -21.15 -12.03 -15.84
C17 PEK DC . -20.60 -10.97 -14.90
C18 PEK DC . -20.13 -11.47 -13.53
C19 PEK DC . -20.61 -10.69 -12.31
C20 PEK DC . -21.94 -11.16 -11.75
C21 PEK DC . -24.65 -6.45 -20.30
C22 PEK DC . -24.23 -7.82 -20.81
C23 PEK DC . -23.55 -7.84 -22.03
C24 PEK DC . -23.03 -9.23 -22.41
C25 PEK DC . -22.07 -9.16 -23.55
C26 PEK DC . -20.72 -8.69 -23.17
C27 PEK DC . -19.82 -8.14 -24.28
C28 PEK DC . -18.36 -8.60 -24.21
C29 PEK DC . -17.30 -7.56 -24.32
C30 PEK DC . -16.00 -8.05 -24.90
C31 PEK DC . -14.90 -8.35 -23.91
C32 PEK DC . -13.54 -7.92 -24.39
C33 PEK DC . -12.41 -8.43 -23.53
C34 PEK DC . -11.04 -8.09 -24.04
C35 PEK DC . -9.89 -8.67 -23.27
C36 PEK DC . -8.54 -8.05 -23.60
C37 PEK DC . -7.76 -8.51 -24.84
C38 PEK DC . -6.46 -7.70 -25.18
O16 DMU EC . -28.26 0.38 11.71
C18 DMU EC . -27.88 -0.52 12.75
C19 DMU EC . -26.71 -1.39 12.27
C22 DMU EC . -25.64 -1.49 13.34
C25 DMU EC . -24.69 -2.67 13.06
C28 DMU EC . -25.26 -4.01 13.57
C31 DMU EC . -24.36 -5.20 13.17
C34 DMU EC . -23.06 -5.20 13.98
C37 DMU EC . -22.13 -4.04 13.58
C40 DMU EC . -21.06 -3.74 14.63
C43 DMU EC . -19.77 -4.46 14.32
C1 DMU FC . -28.03 2.85 6.82
C2 DMU FC . -28.91 4.05 6.58
C3 DMU FC . -30.26 3.84 7.25
C4 DMU FC . -30.08 3.45 8.71
O5 DMU FC . -29.16 2.34 8.83
C6 DMU FC . -27.91 2.59 8.24
O7 DMU FC . -31.06 5.02 7.16
O16 DMU FC . -26.93 1.66 8.52
C18 DMU FC . -26.48 1.75 9.86
C19 DMU FC . -25.17 2.50 9.95
C22 DMU FC . -24.16 1.69 10.75
C25 DMU FC . -23.43 0.69 9.88
C28 DMU FC . -22.63 -0.30 10.73
C31 DMU FC . -21.56 -1.03 9.89
C34 DMU FC . -21.87 -2.52 9.78
C37 DMU FC . -20.65 -3.39 10.13
C40 DMU FC . -21.07 -4.71 10.77
C43 DMU FC . -20.02 -5.80 10.58
O49 DMU FC . -26.72 3.03 6.29
O55 DMU FC . -29.10 4.20 5.17
C57 DMU FC . -31.43 3.11 9.34
O61 DMU FC . -31.67 1.68 9.30
C1 EDO GC . -34.31 8.64 -11.39
O1 EDO GC . -33.26 8.11 -12.22
C2 EDO GC . -35.34 9.38 -12.15
O2 EDO GC . -36.01 8.57 -13.12
C1 DMU HC . -8.06 18.09 -14.86
C2 DMU HC . -8.27 19.64 -14.98
C3 DMU HC . -9.72 20.02 -15.34
C4 DMU HC . -10.66 19.28 -14.43
O5 DMU HC . -10.49 17.89 -14.72
C6 DMU HC . -9.29 17.43 -14.29
O7 DMU HC . -9.96 21.41 -15.17
O16 DMU HC . -9.28 16.08 -14.29
C18 DMU HC . -9.75 15.65 -13.05
C19 DMU HC . -9.02 14.41 -12.64
C22 DMU HC . -9.21 13.29 -13.62
C25 DMU HC . -7.92 12.47 -13.67
C28 DMU HC . -8.24 11.01 -13.58
C31 DMU HC . -7.08 10.26 -12.98
C34 DMU HC . -5.80 10.59 -13.72
C37 DMU HC . -4.98 9.33 -14.01
C40 DMU HC . -3.63 9.66 -14.68
C43 DMU HC . -2.67 8.47 -14.67
O49 DMU HC . -6.87 17.77 -13.99
O55 DMU HC . -7.37 20.18 -15.95
C57 DMU HC . -12.09 19.68 -14.64
O61 DMU HC . -12.26 21.10 -14.49
C5 DMU HC . -9.80 23.49 -16.15
C7 DMU HC . -10.74 24.35 -15.36
C8 DMU HC . -12.11 24.37 -16.01
C9 DMU HC . -12.62 22.93 -16.15
O1 DMU HC . -11.62 22.07 -16.84
C10 DMU HC . -10.22 22.13 -16.39
O2 DMU HC . -13.04 25.12 -15.21
O3 DMU HC . -8.40 23.62 -15.78
O4 DMU HC . -10.20 25.69 -15.27
C11 DMU HC . -14.00 22.82 -16.87
O6 DMU HC . -14.16 21.42 -17.24
O16 DMU IC . -27.16 -21.40 -44.61
C18 DMU IC . -25.75 -21.42 -44.29
C19 DMU IC . -25.01 -22.25 -45.32
C22 DMU IC . -23.54 -21.90 -45.37
C25 DMU IC . -22.75 -22.68 -44.33
C28 DMU IC . -21.27 -22.77 -44.68
C31 DMU IC . -20.45 -23.17 -43.47
C34 DMU IC . -19.76 -24.50 -43.69
C37 DMU IC . -19.21 -25.08 -42.41
C40 DMU IC . -19.09 -26.59 -42.53
C43 DMU IC . -17.88 -26.96 -43.34
C1 CDL JC . 6.55 -28.67 -47.83
O1 CDL JC . 7.88 -28.71 -47.32
CA2 CDL JC . 6.01 -30.05 -48.19
OA2 CDL JC . 4.93 -30.46 -47.29
PA1 CDL JC . 3.95 -31.70 -47.64
OA3 CDL JC . 4.54 -32.56 -48.73
OA4 CDL JC . 3.47 -32.35 -46.37
OA5 CDL JC . 2.62 -31.00 -48.25
CA3 CDL JC . 2.49 -29.55 -48.26
CA4 CDL JC . 1.07 -29.23 -48.67
OA6 CDL JC . 0.85 -27.80 -48.77
CA5 CDL JC . 0.55 -27.28 -49.97
OA7 CDL JC . 1.43 -26.95 -50.74
C11 CDL JC . -0.93 -27.19 -50.32
C12 CDL JC . -1.76 -26.27 -49.44
C13 CDL JC . -1.64 -24.79 -49.81
C14 CDL JC . -2.43 -23.84 -48.89
C15 CDL JC . -2.09 -22.35 -49.06
C16 CDL JC . -1.73 -21.62 -47.76
C17 CDL JC . -0.34 -20.98 -47.75
C18 CDL JC . -0.24 -19.59 -47.11
C19 CDL JC . -1.23 -18.53 -47.64
C20 CDL JC . -0.61 -17.21 -48.02
C21 CDL JC . -1.56 -16.01 -47.97
C22 CDL JC . -2.79 -16.10 -48.86
C23 CDL JC . -3.92 -15.12 -48.49
C24 CDL JC . -4.76 -14.59 -49.65
C25 CDL JC . -5.33 -13.17 -49.45
C26 CDL JC . -6.20 -12.62 -50.57
C27 CDL JC . -6.91 -11.33 -50.17
CA6 CDL JC . 0.04 -29.81 -47.73
OA8 CDL JC . 0.14 -29.13 -46.46
CA7 CDL JC . -0.69 -29.56 -45.50
OA9 CDL JC . -1.02 -30.72 -45.37
C31 CDL JC . -1.16 -28.43 -44.60
C32 CDL JC . -2.52 -27.88 -44.96
C33 CDL JC . -3.12 -26.97 -43.87
C34 CDL JC . -2.50 -25.58 -43.81
C35 CDL JC . -3.41 -24.47 -43.27
C36 CDL JC . -2.66 -23.22 -42.77
C37 CDL JC . -2.70 -22.03 -43.72
C38 CDL JC . -1.58 -21.00 -43.53
C39 CDL JC . -1.85 -19.92 -42.48
C40 CDL JC . -2.22 -18.56 -43.03
C41 CDL JC . -3.65 -18.47 -43.55
CB2 CDL JC . 6.59 -27.71 -48.99
OB2 CDL JC . 5.31 -27.13 -49.32
PB2 CDL JC . 5.19 -26.32 -50.72
OB3 CDL JC . 4.29 -27.18 -51.57
OB4 CDL JC . 6.45 -25.76 -51.33
OB5 CDL JC . 4.22 -25.08 -50.35
CB3 CDL JC . 4.57 -24.20 -49.29
CB4 CDL JC . 3.33 -23.67 -48.61
OB6 CDL JC . 3.74 -22.96 -47.40
CB5 CDL JC . 3.60 -21.63 -47.35
OB7 CDL JC . 2.54 -21.08 -47.22
C51 CDL JC . 4.87 -20.89 -47.39
C52 CDL JC . 4.76 -19.61 -48.22
C53 CDL JC . 5.15 -19.80 -49.68
C54 CDL JC . 6.60 -19.57 -49.98
C55 CDL JC . 7.11 -18.23 -49.60
C56 CDL JC . 8.58 -18.13 -49.47
C57 CDL JC . 9.01 -16.75 -49.09
C58 CDL JC . 10.45 -16.57 -48.62
C59 CDL JC . 10.73 -15.35 -47.71
C60 CDL JC . 11.79 -15.63 -46.64
C61 CDL JC . 11.51 -15.08 -45.22
C62 CDL JC . 12.01 -15.97 -44.07
C63 CDL JC . 13.50 -15.87 -43.81
C64 CDL JC . 14.21 -17.07 -43.13
C65 CDL JC . 14.12 -18.32 -43.90
C66 CDL JC . 14.96 -19.45 -43.38
C67 CDL JC . 14.41 -20.02 -42.09
CB6 CDL JC . 2.36 -24.75 -48.19
OB8 CDL JC . 1.91 -24.44 -46.85
CB7 CDL JC . 0.67 -24.84 -46.55
OB9 CDL JC . -0.01 -25.47 -47.29
C71 CDL JC . 0.24 -24.42 -45.16
C72 CDL JC . 1.18 -23.46 -44.48
C73 CDL JC . 1.60 -23.93 -43.11
C74 CDL JC . 2.15 -22.87 -42.26
C75 CDL JC . 3.02 -21.88 -43.00
C76 CDL JC . 2.31 -20.75 -43.68
C77 CDL JC . 3.07 -19.46 -43.66
C78 CDL JC . 2.89 -18.67 -42.39
C79 CDL JC . 2.71 -17.23 -42.60
C80 CDL JC . 1.48 -16.89 -43.32
C81 CDL JC . 1.40 -15.46 -43.79
C82 CDL JC . 0.05 -15.14 -44.43
C83 CDL JC . -0.88 -14.38 -43.52
C84 CDL JC . -2.32 -14.42 -43.93
C85 CDL JC . -3.25 -13.60 -43.09
C86 CDL JC . -4.67 -13.80 -43.57
C87 CDL JC . -5.45 -12.54 -43.68
C1 DMU KC . 11.86 -23.53 -67.25
C2 DMU KC . 13.14 -24.35 -67.19
C3 DMU KC . 14.18 -23.60 -67.97
C4 DMU KC . 14.36 -22.25 -67.31
O5 DMU KC . 13.13 -21.47 -67.41
C6 DMU KC . 12.06 -22.11 -66.82
O7 DMU KC . 15.40 -24.33 -68.01
O16 DMU KC . 10.82 -21.48 -66.95
C18 DMU KC . 10.30 -20.99 -65.73
C19 DMU KC . 9.85 -19.55 -65.92
C22 DMU KC . 8.42 -19.38 -65.44
C25 DMU KC . 8.33 -19.56 -63.94
C28 DMU KC . 6.88 -19.72 -63.53
C31 DMU KC . 6.41 -18.58 -62.62
C34 DMU KC . 4.97 -18.19 -62.96
C37 DMU KC . 4.32 -17.35 -61.86
C40 DMU KC . 2.91 -17.87 -61.55
C43 DMU KC . 1.88 -16.80 -61.73
O49 DMU KC . 10.83 -24.16 -66.45
O55 DMU KC . 12.92 -25.65 -67.74
C57 DMU KC . 15.52 -21.50 -67.96
O61 DMU KC . 16.19 -22.38 -68.85
C1 DMU LC . -2.49 -4.18 -66.69
C2 DMU LC . -3.32 -4.45 -67.87
C3 DMU LC . -3.41 -3.24 -68.75
C4 DMU LC . -2.03 -2.75 -69.10
O5 DMU LC . -1.32 -2.47 -67.90
C6 DMU LC . -1.20 -3.54 -67.06
O7 DMU LC . -4.08 -3.65 -69.96
O16 DMU LC . -0.39 -3.24 -65.98
C18 DMU LC . 0.98 -3.01 -66.40
C19 DMU LC . 1.80 -2.61 -65.21
C22 DMU LC . 1.58 -1.20 -64.93
C25 DMU LC . 2.54 -0.68 -63.95
C28 DMU LC . 1.99 -0.78 -62.57
C31 DMU LC . 1.89 0.59 -61.95
C34 DMU LC . 2.18 0.55 -60.49
C37 DMU LC . 1.19 -0.28 -59.79
C40 DMU LC . 1.36 -0.21 -58.25
C43 DMU LC . 1.21 1.17 -57.57
O49 DMU LC . -2.30 -5.41 -66.00
O55 DMU LC . -4.61 -4.83 -67.44
C57 DMU LC . -2.07 -1.49 -69.96
O61 DMU LC . -0.72 -1.07 -70.25
C5 DMU LC . -6.31 -3.89 -70.60
C7 DMU LC . -6.05 -4.69 -71.79
C8 DMU LC . -5.72 -3.79 -72.96
C9 DMU LC . -4.61 -2.80 -72.58
O1 DMU LC . -4.98 -2.08 -71.41
C10 DMU LC . -5.26 -2.91 -70.29
O2 DMU LC . -5.30 -4.58 -74.06
O3 DMU LC . -6.67 -4.56 -69.48
O4 DMU LC . -7.19 -5.49 -72.12
C11 DMU LC . -4.32 -1.78 -73.67
O6 DMU LC . -5.45 -0.89 -73.82
C22 DMU MC . 27.24 -13.52 -62.21
C25 DMU MC . 25.74 -13.24 -62.11
C28 DMU MC . 25.42 -11.81 -62.53
C31 DMU MC . 24.29 -11.74 -63.57
C34 DMU MC . 23.42 -10.53 -63.32
C37 DMU MC . 22.65 -10.06 -64.53
C40 DMU MC . 21.18 -10.50 -64.50
C43 DMU MC . 20.19 -9.36 -64.71
FE HEA NC . -12.39 6.12 42.05
CHA HEA NC . -13.62 8.73 40.36
CHB HEA NC . -14.26 6.81 44.80
CHC HEA NC . -10.91 3.52 43.75
CHD HEA NC . -10.70 5.14 39.27
NA HEA NC . -13.63 7.61 42.54
C1A HEA NC . -14.22 8.45 41.63
C2A HEA NC . -15.40 9.16 42.15
C3A HEA NC . -15.58 8.57 43.44
C4A HEA NC . -14.49 7.60 43.61
CMA HEA NC . -16.71 8.89 44.33
OMA HEA NC . -16.95 8.25 45.36
CAA HEA NC . -16.25 10.18 41.43
CBA HEA NC . -15.77 11.58 41.85
CGA HEA NC . -16.63 12.67 41.15
O1A HEA NC . -16.71 13.84 41.67
O2A HEA NC . -17.21 12.33 40.06
NB HEA NC . -12.56 5.34 43.88
C1B HEA NC . -13.32 5.76 44.90
C2B HEA NC . -13.17 5.07 46.17
C3B HEA NC . -12.11 4.10 45.86
C4B HEA NC . -11.83 4.35 44.45
CMB HEA NC . -13.91 5.37 47.42
NC HEA NC . -11.11 4.60 41.62
C1C HEA NC . -10.61 3.61 42.38
C2C HEA NC . -9.72 2.64 41.72
C3C HEA NC . -9.71 3.12 40.36
C4C HEA NC . -10.54 4.35 40.42
CMC HEA NC . -9.04 1.47 42.31
CAC HEA NC . -8.99 2.67 39.17
CBC HEA NC . -8.27 1.58 39.13
ND HEA NC . -12.18 6.85 40.18
C1D HEA NC . -11.47 6.38 39.18
C2D HEA NC . -11.48 7.19 37.94
C3D HEA NC . -12.38 8.28 38.27
C4D HEA NC . -12.72 7.94 39.65
CMD HEA NC . -10.88 6.86 36.64
CAD HEA NC . -12.86 9.37 37.38
CBD HEA NC . -12.13 10.68 37.62
CGD HEA NC . -12.70 11.78 36.73
O1D HEA NC . -11.94 12.46 35.98
O2D HEA NC . -13.92 11.98 36.80
C11 HEA NC . -11.49 3.09 46.72
O11 HEA NC . -11.41 3.71 48.01
C12 HEA NC . -12.31 1.80 46.70
C13 HEA NC . -11.44 0.73 47.44
C14 HEA NC . -10.12 0.39 46.77
C15 HEA NC . -8.91 0.50 47.38
C16 HEA NC . -7.62 0.18 46.64
C17 HEA NC . -6.82 -0.88 47.30
C18 HEA NC . -5.52 -1.24 46.60
C19 HEA NC . -4.31 -0.98 47.05
C20 HEA NC . -3.11 -1.52 46.32
C21 HEA NC . -2.43 -2.62 47.12
C22 HEA NC . -1.22 -3.16 46.42
C23 HEA NC . -0.70 -4.38 46.54
C24 HEA NC . -1.38 -5.44 47.28
C25 HEA NC . 0.55 -4.77 45.81
C26 HEA NC . -8.84 0.98 48.74
C27 HEA NC . -4.03 -0.20 48.30
FE HEA OC . -16.80 0.60 30.66
CHA HEA OC . -17.13 3.98 30.67
CHB HEA OC . -19.27 0.25 28.27
CHC HEA OC . -15.97 -2.68 30.16
CHD HEA OC . -13.86 0.99 32.55
NA HEA OC . -18.04 1.82 29.73
C1A HEA OC . -17.90 3.27 29.72
C2A HEA OC . -18.86 3.92 28.79
C3A HEA OC . -19.49 2.82 28.10
C4A HEA OC . -18.83 1.61 28.59
CMA HEA OC . -20.43 2.94 26.99
OMA HEA OC . -20.81 2.03 26.29
CAA HEA OC . -19.13 5.39 28.61
CBA HEA OC . -20.35 5.78 29.44
CGA HEA OC . -20.52 7.30 29.53
O1A HEA OC . -21.69 7.81 29.30
O2A HEA OC . -19.53 7.98 29.88
NB HEA OC . -17.52 -0.92 29.48
C1B HEA OC . -18.54 -0.93 28.62
C2B HEA OC . -18.90 -2.20 28.03
C3B HEA OC . -17.89 -3.07 28.61
C4B HEA OC . -17.12 -2.20 29.43
CMB HEA OC . -20.03 -2.60 27.12
NC HEA OC . -15.25 -0.60 31.21
C1C HEA OC . -15.05 -1.89 30.93
C2C HEA OC . -13.85 -2.51 31.52
C3C HEA OC . -13.28 -1.47 32.22
C4C HEA OC . -14.18 -0.30 31.99
CMC HEA OC . -13.33 -3.90 31.38
CAC HEA OC . -12.07 -1.50 33.08
CBC HEA OC . -11.70 -2.55 33.78
ND HEA OC . -15.71 2.15 31.43
C1D HEA OC . -14.61 2.18 32.24
C2D HEA OC . -14.19 3.46 32.71
C3D HEA OC . -15.16 4.33 32.14
C4D HEA OC . -16.06 3.44 31.41
CMD HEA OC . -13.00 3.83 33.51
CAD HEA OC . -15.26 5.85 32.33
CBD HEA OC . -14.25 6.72 31.75
CGD HEA OC . -14.51 8.10 32.26
O1D HEA OC . -15.46 8.74 31.75
O2D HEA OC . -13.80 8.52 33.20
C11 HEA OC . -17.73 -4.53 28.29
O11 HEA OC . -16.37 -4.81 27.94
C12 HEA OC . -18.30 -5.38 29.45
C13 HEA OC . -18.58 -6.82 28.99
C14 HEA OC . -18.92 -7.70 30.16
C15 HEA OC . -20.10 -8.28 30.40
C16 HEA OC . -20.24 -9.14 31.63
C17 HEA OC . -19.89 -10.63 31.43
C18 HEA OC . -20.69 -11.25 30.31
C19 HEA OC . -21.60 -12.26 30.47
C20 HEA OC . -22.26 -12.77 29.19
C21 HEA OC . -23.67 -12.47 29.03
C22 HEA OC . -23.97 -11.00 28.88
C23 HEA OC . -24.88 -10.50 28.04
C24 HEA OC . -25.71 -11.25 27.07
C25 HEA OC . -25.09 -9.01 28.13
C26 HEA OC . -21.33 -8.00 29.60
C27 HEA OC . -21.90 -12.93 31.80
CU CU PC . -14.84 2.74 26.37
MG MG QC . -19.39 14.49 29.15
CA CA RC . -19.81 18.29 51.48
C1 LFA SC . 1.22 -13.86 18.40
C2 LFA SC . 0.85 -12.40 18.57
C3 LFA SC . -0.50 -12.14 19.28
C4 LFA SC . -1.03 -10.70 19.27
C5 LFA SC . -2.49 -10.57 19.61
C6 LFA SC . -3.05 -9.13 19.67
C7 LFA SC . -4.55 -9.03 19.80
C8 LFA SC . -5.08 -7.58 19.89
C9 LFA SC . -5.45 -7.01 18.56
C10 LFA SC . -5.13 -5.57 18.30
C11 LFA SC . -5.40 -5.18 16.84
C12 LFA SC . -5.64 -3.70 16.58
C13 LFA SC . -6.84 -3.38 15.71
C14 LFA SC . -6.91 -1.95 15.20
C1 LFA TC . -1.08 -16.11 16.76
C2 LFA TC . -2.38 -15.36 16.95
C3 LFA TC . -3.64 -16.20 16.76
C4 LFA TC . -4.78 -15.49 16.05
C5 LFA TC . -6.20 -15.98 16.41
C6 LFA TC . -7.31 -15.09 15.88
C7 LFA TC . -8.65 -15.22 16.55
C8 LFA TC . -9.05 -13.98 17.32
C9 LFA TC . -9.60 -12.96 16.43
C10 LFA TC . -9.73 -11.62 17.01
C11 LFA TC . -8.74 -10.62 16.43
C12 LFA TC . -7.31 -11.01 16.36
C13 LFA TC . -6.48 -10.00 15.60
C14 LFA TC . -5.26 -10.57 14.96
C25 DMU UC . -17.58 -23.21 54.20
C28 DMU UC . -17.22 -22.28 53.05
C31 DMU UC . -17.37 -20.79 53.41
C34 DMU UC . -17.02 -19.88 52.21
C37 DMU UC . -17.67 -18.48 52.29
C40 DMU UC . -17.89 -17.85 50.90
C43 DMU UC . -16.72 -16.97 50.45
C1 DMU VC . -4.79 -19.62 61.52
C2 DMU VC . -3.84 -20.75 61.43
C3 DMU VC . -2.44 -20.37 61.92
C4 DMU VC . -2.60 -19.77 63.33
O5 DMU VC . -3.41 -18.62 63.23
C6 DMU VC . -4.68 -18.91 62.83
O7 DMU VC . -1.66 -21.56 61.92
O16 DMU VC . -5.48 -17.87 62.89
C18 DMU VC . -5.47 -17.15 64.08
C19 DMU VC . -6.64 -16.17 64.00
C22 DMU VC . -6.20 -14.81 63.46
C25 DMU VC . -7.39 -13.82 63.43
C28 DMU VC . -7.66 -13.29 64.81
C31 DMU VC . -8.79 -12.31 64.81
C34 DMU VC . -9.11 -11.87 66.22
C37 DMU VC . -10.30 -10.92 66.24
C40 DMU VC . -9.84 -9.53 66.63
C43 DMU VC . -10.73 -8.48 66.06
O49 DMU VC . -6.12 -20.15 61.29
O55 DMU VC . -3.79 -21.14 60.08
C57 DMU VC . -1.28 -19.40 64.03
O61 DMU VC . -0.61 -18.23 63.45
C5 DMU VC . 0.04 -22.60 60.79
C7 DMU VC . 0.24 -23.77 61.64
C8 DMU VC . 1.48 -23.60 62.51
C9 DMU VC . 1.78 -22.14 62.86
O1 DMU VC . 0.59 -21.32 62.74
C10 DMU VC . -0.27 -21.41 61.54
O2 DMU VC . 1.28 -24.32 63.70
O3 DMU VC . -0.83 -22.81 59.72
O4 DMU VC . 0.37 -24.94 60.85
C11 DMU VC . 2.97 -21.54 62.03
O6 DMU VC . 4.02 -21.02 62.90
C1 EDO WC . -2.92 -22.24 35.03
O1 EDO WC . -2.19 -22.40 33.84
C2 EDO WC . -2.33 -22.96 36.15
O2 EDO WC . -2.29 -24.38 35.93
C1 EDO XC . -12.50 -25.14 22.19
O1 EDO XC . -11.62 -24.99 21.10
C2 EDO XC . -12.60 -23.87 22.90
O2 EDO XC . -11.70 -23.77 24.01
C1 EDO YC . -0.32 -21.47 46.93
O1 EDO YC . -1.64 -21.84 47.37
C2 EDO YC . 0.25 -20.36 47.75
O2 EDO YC . -0.57 -19.17 47.78
C1 EDO ZC . -0.20 -34.16 36.29
O1 EDO ZC . 0.58 -33.85 37.42
C2 EDO ZC . -1.45 -33.35 36.18
O2 EDO ZC . -2.52 -33.90 36.91
C1 EDO AD . 7.44 -25.72 45.13
O1 EDO AD . 7.12 -26.77 46.09
C2 EDO AD . 7.77 -24.41 45.67
O2 EDO AD . 8.65 -24.82 46.66
P PGV BD . 18.95 -3.54 26.71
C01 PGV BD . 16.20 -2.73 23.42
C02 PGV BD . 17.52 -1.94 23.49
C03 PGV BD . 18.58 -2.78 24.19
C04 PGV BD . 20.01 -5.83 25.77
C05 PGV BD . 21.36 -6.42 25.45
C06 PGV BD . 22.04 -5.55 24.36
O01 PGV BD . 17.20 -0.84 24.33
O02 PGV BD . 18.40 0.43 22.94
O03 PGV BD . 15.16 -1.96 22.77
O04 PGV BD . 16.10 -2.75 20.92
O05 PGV BD . 21.21 -7.78 24.98
O06 PGV BD . 23.40 -5.89 24.11
O11 PGV BD . 18.08 -3.38 25.37
O12 PGV BD . 20.20 -4.51 26.26
O13 PGV BD . 18.12 -4.13 27.82
O14 PGV BD . 19.64 -2.24 27.02
C1 PGV BD . 17.74 0.40 23.95
C2 PGV BD . 17.35 1.48 24.90
C3 PGV BD . 18.22 2.70 24.78
C4 PGV BD . 17.74 3.80 25.71
C5 PGV BD . 18.65 5.03 25.58
C6 PGV BD . 18.35 6.22 26.54
C7 PGV BD . 16.95 6.78 26.29
C8 PGV BD . 16.55 7.88 27.28
C9 PGV BD . 15.12 8.32 27.05
C10 PGV BD . 14.62 9.25 28.12
C11 PGV BD . 13.18 8.85 28.27
C12 PGV BD . 12.12 9.52 27.76
C13 PGV BD . 12.16 10.81 26.96
C14 PGV BD . 11.16 11.75 27.62
C15 PGV BD . 10.47 12.56 26.54
C16 PGV BD . 9.70 13.72 27.13
C17 PGV BD . 10.09 15.01 26.46
C18 PGV BD . 8.87 15.85 26.21
C19 PGV BD . 15.17 -2.04 21.36
C20 PGV BD . 14.13 -1.31 20.50
C21 PGV BD . 13.70 -0.04 21.22
C22 PGV BD . 14.72 1.06 21.20
C23 PGV BD . 14.14 2.34 21.89
C24 PGV BD . 15.00 3.60 22.19
C25 PGV BD . 14.42 4.71 23.18
C26 PGV BD . 13.15 5.53 22.80
C27 PGV BD . 12.65 6.62 23.78
C28 PGV BD . 11.44 7.56 23.41
C29 PGV BD . 10.37 6.99 22.45
C30 PGV BD . 8.85 6.96 22.77
C31 PGV BD . 8.16 6.47 21.48
C32 PGV BD . 7.74 7.60 20.49
C33 PGV BD . 6.36 7.03 20.07
C34 PGV BD . 5.40 7.39 21.15
C1 DMU CD . -18.13 13.84 10.51
C2 DMU CD . -19.43 14.52 10.08
C3 DMU CD . -19.42 16.02 10.35
C4 DMU CD . -18.10 16.65 9.97
O5 DMU CD . -17.00 15.96 10.59
C6 DMU CD . -16.98 14.65 10.10
O7 DMU CD . -20.50 16.71 9.64
O16 DMU CD . -15.76 13.99 10.08
C18 DMU CD . -15.34 13.93 8.71
C19 DMU CD . -14.09 13.12 8.57
C22 DMU CD . -12.92 13.74 9.31
C25 DMU CD . -12.29 12.60 10.09
C28 DMU CD . -10.82 12.61 10.03
C31 DMU CD . -10.26 11.20 9.90
C34 DMU CD . -10.75 10.30 11.04
C37 DMU CD . -9.77 9.15 11.34
C40 DMU CD . -10.46 7.96 12.04
C43 DMU CD . -9.47 6.94 12.59
O49 DMU CD . -18.02 12.52 9.90
O55 DMU CD . -20.53 13.93 10.77
C57 DMU CD . -18.15 18.12 10.31
O61 DMU CD . -19.17 18.74 9.49
C5 DMU CD . -22.86 17.08 9.99
C7 DMU CD . -23.39 17.99 8.94
C8 DMU CD . -23.19 19.45 9.39
C9 DMU CD . -21.72 19.74 9.80
O1 DMU CD . -21.22 18.75 10.77
C10 DMU CD . -21.48 17.31 10.53
O2 DMU CD . -23.58 20.35 8.31
O3 DMU CD . -23.27 15.72 9.79
O4 DMU CD . -24.80 17.66 8.72
C11 DMU CD . -21.57 21.17 10.41
O6 DMU CD . -20.23 21.36 10.86
C1 CHD DD . -17.54 -20.10 16.92
C2 CHD DD . -18.29 -21.38 17.29
C3 CHD DD . -18.93 -21.27 18.64
O3 CHD DD . -19.54 -22.54 18.99
C4 CHD DD . -17.92 -20.87 19.67
C5 CHD DD . -17.14 -19.58 19.33
C6 CHD DD . -16.15 -19.23 20.45
C7 CHD DD . -14.87 -20.10 20.49
O7 CHD DD . -15.18 -21.39 21.06
C8 CHD DD . -14.28 -20.23 19.09
C9 CHD DD . -15.32 -20.65 18.04
C10 CHD DD . -16.50 -19.64 17.93
C11 CHD DD . -14.71 -20.95 16.66
C12 CHD DD . -13.46 -21.79 16.71
O12 CHD DD . -13.84 -23.13 17.05
C13 CHD DD . -12.41 -21.27 17.70
C14 CHD DD . -13.08 -21.16 19.05
C15 CHD DD . -11.94 -20.92 20.02
C16 CHD DD . -10.75 -21.70 19.42
C17 CHD DD . -11.20 -22.21 18.03
C18 CHD DD . -11.93 -19.91 17.18
C19 CHD DD . -16.00 -18.25 17.46
C20 CHD DD . -10.03 -22.23 17.04
C21 CHD DD . -10.46 -22.72 15.67
C22 CHD DD . -8.83 -23.05 17.57
C23 CHD DD . -9.05 -24.55 17.72
O25 CHD DD . -7.57 -25.80 19.16
C24 CHD DD . -7.74 -25.28 18.01
O26 CHD DD . -6.87 -25.26 17.10
C1 LFA ED . -21.58 -23.62 14.36
C2 LFA ED . -21.84 -22.78 15.59
C3 LFA ED . -22.09 -21.32 15.26
C4 LFA ED . -22.15 -20.43 16.46
C5 LFA ED . -21.78 -18.97 16.19
C6 LFA ED . -22.06 -18.04 17.37
C7 LFA ED . -21.40 -16.65 17.34
C8 LFA ED . -20.03 -16.57 16.70
C9 LFA ED . -19.59 -15.18 16.31
C10 LFA ED . -20.05 -14.06 17.20
C11 LFA ED . -19.18 -12.82 17.15
C12 LFA ED . -18.10 -12.85 18.19
C13 LFA ED . -17.42 -11.55 18.42
C14 LFA ED . -15.95 -11.66 18.61
C15 LFA ED . -15.19 -12.05 17.35
C16 LFA ED . -14.19 -11.01 16.82
C17 LFA ED . -14.56 -10.38 15.49
C1 LFA FD . -12.32 -27.78 15.78
C2 LFA FD . -12.78 -26.41 15.28
C3 LFA FD . -14.28 -26.31 15.13
C4 LFA FD . -14.80 -25.47 13.97
C5 LFA FD . -15.90 -24.46 14.36
C6 LFA FD . -16.68 -23.96 13.17
C7 LFA FD . -17.75 -22.92 13.49
C8 LFA FD . -17.37 -21.50 13.15
C9 LFA FD . -18.56 -20.58 12.84
C10 LFA FD . -18.24 -19.11 12.83
C11 LFA FD . -19.46 -18.20 12.87
C1 DMU GD . -32.77 0.68 11.05
C2 DMU GD . -33.85 1.74 10.73
C3 DMU GD . -35.05 1.55 11.60
C4 DMU GD . -34.59 1.60 13.01
O5 DMU GD . -33.80 0.47 13.34
C6 DMU GD . -32.94 -0.05 12.37
O7 DMU GD . -36.03 2.57 11.38
O16 DMU GD . -33.03 -1.45 12.25
C18 DMU GD . -32.49 -2.14 13.42
C19 DMU GD . -31.07 -2.72 13.13
C22 DMU GD . -30.68 -3.80 14.18
C25 DMU GD . -29.15 -3.93 14.40
C28 DMU GD . -28.83 -4.85 15.61
C31 DMU GD . -27.33 -4.86 16.04
C34 DMU GD . -27.05 -6.01 17.05
C37 DMU GD . -25.70 -5.92 17.75
C40 DMU GD . -25.43 -7.12 18.66
C43 DMU GD . -25.13 -8.44 17.90
O49 DMU GD . -31.48 1.32 11.06
O55 DMU GD . -34.26 1.68 9.36
C57 DMU GD . -35.78 1.65 13.92
O61 DMU GD . -35.76 0.48 14.70
CU1 CUA HD . -20.85 24.40 33.21
CU2 CUA HD . -20.22 22.19 34.27
O16 DMU ID . -39.47 -10.14 25.09
C18 DMU ID . -38.19 -9.57 25.14
C19 DMU ID . -37.58 -9.80 26.53
C22 DMU ID . -36.84 -11.13 26.57
C25 DMU ID . -35.49 -11.01 27.25
C28 DMU ID . -35.21 -12.27 28.05
C31 DMU ID . -33.71 -12.54 28.15
C34 DMU ID . -33.38 -13.06 29.54
C37 DMU ID . -31.92 -13.47 29.65
C40 DMU ID . -31.78 -14.64 30.58
C43 DMU ID . -30.37 -15.09 30.75
O16 DMU JD . -24.40 -27.81 29.94
C18 DMU JD . -25.15 -26.60 29.79
C19 DMU JD . -24.78 -25.63 30.91
C22 DMU JD . -24.28 -24.31 30.36
C25 DMU JD . -25.03 -23.13 30.97
C28 DMU JD . -25.38 -22.07 29.92
C31 DMU JD . -25.45 -20.67 30.50
C34 DMU JD . -25.32 -19.61 29.40
C37 DMU JD . -26.15 -18.38 29.75
C40 DMU JD . -26.11 -17.28 28.69
C43 DMU JD . -26.75 -16.00 29.24
C1 DMU KD . -16.13 -34.85 29.05
C2 DMU KD . -16.57 -36.20 28.57
C3 DMU KD . -17.25 -36.94 29.68
C4 DMU KD . -18.38 -36.11 30.29
O5 DMU KD . -18.02 -34.74 30.56
C6 DMU KD . -17.29 -34.10 29.54
O7 DMU KD . -17.76 -38.17 29.18
O16 DMU KD . -16.85 -32.80 29.85
C18 DMU KD . -17.77 -31.80 29.42
C19 DMU KD . -18.30 -31.06 30.63
C22 DMU KD . -18.88 -29.71 30.22
C25 DMU KD . -18.71 -28.77 31.37
C28 DMU KD . -19.60 -27.55 31.27
C31 DMU KD . -19.92 -27.11 32.68
C34 DMU KD . -20.47 -25.72 32.70
C37 DMU KD . -20.69 -25.31 34.12
C40 DMU KD . -20.94 -23.82 34.34
C43 DMU KD . -21.51 -23.08 33.19
O49 DMU KD . -15.45 -34.10 28.00
O55 DMU KD . -15.45 -36.97 28.14
C57 DMU KD . -18.79 -36.82 31.60
O61 DMU KD . -19.85 -36.15 32.28
C1 EDO LD . -32.59 17.66 38.52
O1 EDO LD . -31.94 16.61 37.80
C2 EDO LD . -32.31 17.69 39.98
O2 EDO LD . -32.81 16.54 40.66
C1 CHD MD . -20.37 3.94 11.12
C2 CHD MD . -21.49 4.88 10.65
C3 CHD MD . -21.69 4.77 9.15
O3 CHD MD . -22.74 5.66 8.75
C4 CHD MD . -20.40 5.06 8.39
C5 CHD MD . -19.26 4.14 8.87
C6 CHD MD . -17.98 4.38 8.08
C7 CHD MD . -17.25 5.68 8.48
O7 CHD MD . -17.93 6.80 7.93
C8 CHD MD . -17.08 5.80 10.01
C9 CHD MD . -18.40 5.57 10.77
C10 CHD MD . -19.02 4.18 10.41
C11 CHD MD . -18.21 5.80 12.26
C12 CHD MD . -17.57 7.14 12.61
O12 CHD MD . -18.42 8.23 12.22
C13 CHD MD . -16.21 7.26 11.94
C14 CHD MD . -16.44 7.11 10.42
C15 CHD MD . -15.10 7.49 9.78
C16 CHD MD . -14.54 8.57 10.72
C17 CHD MD . -15.52 8.65 11.93
C18 CHD MD . -15.29 6.17 12.53
C19 CHD MD . -18.10 3.03 10.87
C20 CHD MD . -14.79 9.17 13.17
C21 CHD MD . -15.56 8.96 14.47
C22 CHD MD . -14.51 10.67 12.95
C23 CHD MD . -13.53 11.18 13.88
O25 CHD MD . -14.28 13.44 13.77
C24 CHD MD . -13.30 12.68 13.76
O26 CHD MD . -12.16 13.05 13.63
UNK UNX ND . 21.61 -7.47 6.42
P PGV OD . 25.41 -5.17 15.68
C01 PGV OD . 22.46 -3.68 18.24
C02 PGV OD . 23.72 -2.97 17.73
C03 PGV OD . 24.87 -3.91 17.93
C04 PGV OD . 27.49 -6.63 16.39
C05 PGV OD . 28.47 -7.11 15.33
C06 PGV OD . 28.99 -8.50 15.63
O01 PGV OD . 23.90 -1.82 18.53
O02 PGV OD . 23.64 -0.53 16.69
O03 PGV OD . 21.37 -2.93 17.75
O04 PGV OD . 20.78 -2.45 19.90
O05 PGV OD . 29.60 -6.21 15.30
O06 PGV OD . 29.74 -8.98 14.47
O11 PGV OD . 24.73 -5.07 17.12
O12 PGV OD . 26.97 -5.35 15.96
O13 PGV OD . 25.30 -3.87 14.98
O14 PGV OD . 24.87 -6.39 15.05
C1 PGV OD . 23.86 -0.58 17.89
C2 PGV OD . 24.17 0.53 18.89
C3 PGV OD . 24.10 1.94 18.28
C4 PGV OD . 22.69 2.46 18.19
C5 PGV OD . 22.72 3.97 17.80
C6 PGV OD . 21.37 4.66 17.80
C7 PGV OD . 21.50 6.19 17.52
C8 PGV OD . 20.12 6.84 17.39
C9 PGV OD . 20.15 8.34 17.09
C10 PGV OD . 19.92 9.08 18.39
C11 PGV OD . 19.54 10.53 18.33
C12 PGV OD . 18.74 10.97 19.33
C13 PGV OD . 18.25 12.41 19.48
C14 PGV OD . 19.34 13.47 19.24
C15 PGV OD . 19.13 14.31 17.96
C16 PGV OD . 19.97 15.58 17.91
C17 PGV OD . 21.38 15.33 17.37
C18 PGV OD . 22.19 16.61 17.23
C19 PGV OD . 20.55 -2.29 18.70
C20 PGV OD . 19.45 -1.41 18.09
C21 PGV OD . 19.33 -0.16 18.89
C22 PGV OD . 18.22 0.60 18.21
C23 PGV OD . 18.18 2.02 18.59
C24 PGV OD . 17.02 2.65 17.87
C25 PGV OD . 17.13 4.12 18.08
C26 PGV OD . 15.99 5.01 17.53
C27 PGV OD . 15.98 6.11 18.63
C28 PGV OD . 14.84 7.04 18.56
C29 PGV OD . 14.78 8.03 19.71
C30 PGV OD . 13.31 8.36 20.10
C31 PGV OD . 12.65 9.40 19.19
C32 PGV OD . 11.20 9.79 19.55
C33 PGV OD . 10.96 11.28 19.30
C34 PGV OD . 9.50 11.65 19.59
C1 CDL PD . 36.09 1.00 22.23
O1 CDL PD . 35.55 -0.32 22.12
CA2 CDL PD . 36.74 1.34 23.54
OA2 CDL PD . 36.24 2.65 23.92
PA1 CDL PD . 34.65 2.88 23.76
OA3 CDL PD . 33.92 1.51 23.66
OA4 CDL PD . 34.45 3.83 24.91
OA5 CDL PD . 34.55 3.90 22.51
CA3 CDL PD . 33.44 4.85 22.45
CA4 CDL PD . 32.40 4.18 21.57
OA6 CDL PD . 33.02 3.43 20.50
CA5 CDL PD . 32.32 2.39 20.01
OA7 CDL PD . 32.05 1.44 20.74
C11 CDL PD . 31.97 2.65 18.55
C12 CDL PD . 32.14 4.12 18.11
C13 CDL PD . 32.00 4.36 16.67
C14 CDL PD . 30.76 5.14 16.33
C15 CDL PD . 30.57 6.45 17.07
C16 CDL PD . 30.00 7.56 16.19
C17 CDL PD . 29.37 8.75 16.90
C18 CDL PD . 28.66 9.71 15.93
C19 CDL PD . 28.11 10.99 16.52
C20 CDL PD . 26.76 11.44 15.92
C21 CDL PD . 26.54 12.96 15.89
C22 CDL PD . 25.73 13.47 14.70
C23 CDL PD . 25.81 14.98 14.45
C24 CDL PD . 24.50 15.66 14.00
C25 CDL PD . 23.91 15.12 12.68
C26 CDL PD . 23.04 16.08 11.86
C27 CDL PD . 22.08 15.40 10.91
CA6 CDL PD . 31.42 5.12 20.92
OA8 CDL PD . 30.28 4.30 20.57
CA7 CDL PD . 29.10 4.84 20.81
OA9 CDL PD . 28.82 5.36 21.85
C31 CDL PD . 28.21 4.81 19.68
C32 CDL PD . 26.83 5.18 20.08
C33 CDL PD . 26.62 6.65 20.01
C34 CDL PD . 25.23 7.08 19.95
C35 CDL PD . 25.09 8.55 19.76
C36 CDL PD . 23.88 9.13 20.38
C37 CDL PD . 23.75 10.59 20.14
C38 CDL PD . 23.69 11.42 21.39
C39 CDL PD . 23.71 12.91 21.12
CB2 CDL PD . 36.79 1.67 21.09
OB2 CDL PD . 36.87 0.90 19.88
PB2 CDL PD . 36.19 1.51 18.56
OB3 CDL PD . 36.23 0.32 17.60
OB4 CDL PD . 34.89 2.00 19.14
OB5 CDL PD . 37.16 2.78 18.27
CB3 CDL PD . 36.85 4.10 18.86
CB4 CDL PD . 38.04 4.91 19.34
OB6 CDL PD . 38.54 5.76 18.26
CB5 CDL PD . 38.60 7.10 18.44
OB7 CDL PD . 39.62 7.68 18.73
C51 CDL PD . 37.30 7.80 18.21
C52 CDL PD . 36.51 8.04 19.48
C53 CDL PD . 35.19 7.30 19.50
C54 CDL PD . 34.07 8.00 18.76
C55 CDL PD . 32.90 8.38 19.64
C56 CDL PD . 32.97 9.77 20.25
C57 CDL PD . 32.33 10.88 19.41
C58 CDL PD . 31.69 12.02 20.19
C59 CDL PD . 30.17 11.97 20.28
C60 CDL PD . 29.48 13.32 20.07
C61 CDL PD . 27.95 13.24 20.01
C62 CDL PD . 27.25 14.58 20.10
CB6 CDL PD . 39.19 4.07 19.88
OB8 CDL PD . 39.77 4.71 21.04
CB7 CDL PD . 39.12 4.63 22.20
OB9 CDL PD . 37.94 4.37 22.27
C71 CDL PD . 40.03 4.89 23.40
C72 CDL PD . 40.40 6.34 23.64
C73 CDL PD . 39.74 6.95 24.90
C74 CDL PD . 39.38 8.44 24.77
C75 CDL PD . 38.00 8.84 25.30
C76 CDL PD . 37.14 9.71 24.38
C77 CDL PD . 35.61 9.57 24.56
C78 CDL PD . 34.79 10.86 24.48
C79 CDL PD . 33.33 10.73 24.89
C80 CDL PD . 32.39 11.92 24.56
C81 CDL PD . 30.90 11.60 24.72
C82 CDL PD . 29.93 12.77 24.74
C83 CDL PD . 28.52 12.43 24.27
C84 CDL PD . 27.41 13.39 24.74
C85 CDL PD . 27.65 14.88 24.42
C86 CDL PD . 26.39 15.74 24.44
C87 CDL PD . 26.59 17.22 24.68
C1 CHD QD . 34.65 11.38 2.08
C2 CHD QD . 35.27 11.95 0.81
C3 CHD QD . 34.32 11.81 -0.37
O3 CHD QD . 34.90 12.35 -1.56
C4 CHD QD . 33.98 10.34 -0.56
C5 CHD QD . 33.32 9.74 0.70
C6 CHD QD . 32.80 8.30 0.48
C7 CHD QD . 33.91 7.26 0.50
O7 CHD QD . 34.60 7.42 -0.78
C8 CHD QD . 34.86 7.43 1.71
C9 CHD QD . 35.36 8.89 1.88
C10 CHD QD . 34.19 9.90 1.98
C11 CHD QD . 36.42 9.04 3.00
C12 CHD QD . 37.62 8.12 2.81
O12 CHD QD . 38.36 8.51 1.63
C13 CHD QD . 37.16 6.65 2.67
C14 CHD QD . 36.07 6.53 1.56
C15 CHD QD . 35.89 5.01 1.37
C16 CHD QD . 37.31 4.46 1.67
C17 CHD QD . 38.20 5.69 2.02
C18 CHD QD . 36.69 6.19 4.06
C19 CHD QD . 33.38 9.60 3.27
C20 CHD QD . 39.57 5.48 2.72
C21 CHD QD . 40.76 6.01 1.93
C22 CHD QD . 39.77 4.02 3.06
C23 CHD QD . 38.86 3.52 4.15
O25 CHD QD . 40.05 2.23 5.70
C24 CHD QD . 39.47 2.23 4.60
O26 CHD QD . 39.36 1.25 3.83
O16 DMU RD . 16.92 29.20 21.88
C18 DMU RD . 15.62 28.66 22.03
C19 DMU RD . 15.66 27.42 22.92
C22 DMU RD . 15.12 26.20 22.17
C25 DMU RD . 14.81 25.06 23.14
C28 DMU RD . 14.20 23.89 22.40
C31 DMU RD . 14.07 22.70 23.32
C34 DMU RD . 13.47 21.48 22.61
C37 DMU RD . 13.72 20.20 23.44
C40 DMU RD . 12.57 19.19 23.35
C43 DMU RD . 12.66 18.15 24.47
C1 LFA SD . 1.08 18.81 -7.66
C2 LFA SD . 2.03 17.87 -6.92
C3 LFA SD . 2.17 16.61 -7.72
C4 LFA SD . 3.27 15.68 -7.33
C5 LFA SD . 3.72 14.77 -8.44
C6 LFA SD . 4.81 15.35 -9.29
C7 LFA SD . 5.33 14.44 -10.36
C8 LFA SD . 6.23 15.10 -11.39
C9 LFA SD . 6.66 14.17 -12.51
C10 LFA SD . 5.97 12.82 -12.54
C11 LFA SD . 5.10 12.55 -13.76
C1 LFA TD . 5.58 11.44 -5.47
C2 LFA TD . 6.45 11.29 -6.72
C3 LFA TD . 7.92 11.56 -6.51
C4 LFA TD . 8.75 11.70 -7.77
C5 LFA TD . 10.13 12.24 -7.53
C6 LFA TD . 10.87 12.56 -8.80
C1 LFA UD . -17.95 16.46 8.95
C2 LFA UD . -16.81 15.62 8.40
C3 LFA UD . -16.02 14.94 9.50
C4 LFA UD . -14.50 14.98 9.37
C5 LFA UD . -13.77 14.01 10.24
C6 LFA UD . -13.29 12.78 9.47
C7 LFA UD . -11.80 12.55 9.44
C8 LFA UD . -11.40 11.21 10.00
C9 LFA UD . -9.91 10.98 10.20
C10 LFA UD . -9.51 9.51 10.38
C11 LFA UD . -10.42 8.69 11.29
C12 LFA UD . -10.02 7.22 11.44
C13 LFA UD . -10.58 6.52 12.68
C14 LFA UD . -9.68 5.41 13.24
C15 LFA UD . -8.29 5.85 13.67
C16 LFA UD . -7.15 5.21 12.92
C17 LFA UD . -5.95 4.85 13.77
C18 LFA UD . -5.25 3.55 13.36
C1 LFA VD . -15.36 14.38 2.25
C2 LFA VD . -14.13 14.53 1.38
C3 LFA VD . -13.57 13.23 0.83
C4 LFA VD . -12.07 13.25 0.57
C5 LFA VD . -11.36 11.95 0.83
C6 LFA VD . -9.88 12.10 1.16
C7 LFA VD . -9.27 10.91 1.86
C8 LFA VD . -9.79 10.65 3.27
C9 LFA VD . -8.82 11.03 4.37
C10 LFA VD . -8.48 9.93 5.33
C11 LFA VD . -7.21 9.19 5.02
C1 LFA WD . 17.01 -5.53 -1.77
C2 LFA WD . 16.78 -5.48 -0.27
C3 LFA WD . 15.73 -4.43 0.08
C4 LFA WD . 14.90 -3.85 -1.08
C5 LFA WD . 13.97 -2.70 -0.70
C6 LFA WD . 13.95 -1.55 -1.71
C7 LFA WD . 13.56 -0.19 -1.17
C8 LFA WD . 14.10 1.01 -1.96
C9 LFA WD . 13.40 2.31 -1.67
C10 LFA WD . 13.52 3.38 -2.73
C11 LFA WD . 12.52 3.27 -3.85
C1 LFA XD . 10.24 -1.15 6.49
C2 LFA XD . 9.66 0.04 7.23
C3 LFA XD . 8.57 0.75 6.46
C4 LFA XD . 7.67 1.59 7.30
C5 LFA XD . 6.23 1.31 7.06
C6 LFA XD . 5.31 2.04 7.97
C7 LFA XD . 5.22 3.49 7.65
C8 LFA XD . 3.81 4.02 7.63
C9 LFA XD . 3.75 5.42 8.16
C10 LFA XD . 2.46 6.09 7.91
C11 LFA XD . 2.17 7.22 8.85
C12 LFA XD . 0.70 7.36 9.20
C13 LFA XD . -0.18 7.73 8.05
C14 LFA XD . -1.68 7.57 8.28
C15 LFA XD . -2.52 7.96 7.07
C1 LFA YD . 13.85 -9.16 8.00
C2 LFA YD . 12.71 -8.34 7.40
C3 LFA YD . 11.92 -7.54 8.41
C4 LFA YD . 11.33 -6.22 7.89
C5 LFA YD . 11.06 -5.21 8.97
C6 LFA YD . 10.78 -3.83 8.49
C7 LFA YD . 10.12 -2.90 9.52
C8 LFA YD . 8.66 -3.21 9.83
C9 LFA YD . 7.74 -2.01 10.13
C10 LFA YD . 6.27 -2.38 10.23
C11 LFA YD . 5.28 -1.21 10.14
C12 LFA YD . 3.81 -1.64 10.28
C13 LFA YD . 2.86 -0.53 10.76
C1 DMU ZD . -5.26 19.70 -6.10
C2 DMU ZD . -5.55 20.87 -5.19
C3 DMU ZD . -6.82 20.58 -4.50
C4 DMU ZD . -6.51 19.44 -3.57
O5 DMU ZD . -6.01 18.29 -4.24
C6 DMU ZD . -5.09 18.45 -5.28
O7 DMU ZD . -7.28 21.67 -3.71
O16 DMU ZD . -5.05 17.18 -5.91
C18 DMU ZD . -4.68 16.22 -4.88
C19 DMU ZD . -4.61 14.80 -5.44
C22 DMU ZD . -4.07 13.81 -4.39
C25 DMU ZD . -3.19 12.77 -5.03
C28 DMU ZD . -3.41 11.38 -4.43
C31 DMU ZD . -2.68 10.35 -5.27
C34 DMU ZD . -2.64 8.99 -4.60
C37 DMU ZD . -1.21 8.55 -4.33
C40 DMU ZD . -0.52 8.00 -5.58
C43 DMU ZD . 0.45 6.92 -5.15
O49 DMU ZD . -4.12 20.00 -6.86
O55 DMU ZD . -5.63 22.08 -5.92
C57 DMU ZD . -7.75 19.04 -2.83
O61 DMU ZD . -7.45 17.88 -2.07
C5 DMU ZD . -8.16 23.80 -3.46
C7 DMU ZD . -8.93 23.66 -2.25
C8 DMU ZD . -10.23 23.00 -2.55
C9 DMU ZD . -9.98 21.68 -3.32
O1 DMU ZD . -9.37 22.01 -4.56
C10 DMU ZD . -8.07 22.61 -4.36
O2 DMU ZD . -10.94 22.79 -1.35
O3 DMU ZD . -6.99 24.46 -3.21
O4 DMU ZD . -9.20 24.95 -1.73
C11 DMU ZD . -11.30 20.92 -3.57
O6 DMU ZD . -11.94 20.66 -2.32
C25 DMU AE . 12.82 -2.06 2.28
C28 DMU AE . 11.62 -1.28 2.83
C31 DMU AE . 10.86 -0.59 1.70
C34 DMU AE . 10.03 0.58 2.23
C37 DMU AE . 10.32 1.85 1.43
C40 DMU AE . 9.30 2.03 0.30
C43 DMU AE . 9.41 3.39 -0.35
C1 DMU BE . 7.26 -2.68 2.41
C2 DMU BE . 7.45 -4.00 3.17
C3 DMU BE . 7.05 -3.84 4.60
C4 DMU BE . 5.60 -3.46 4.63
O5 DMU BE . 5.46 -2.11 4.12
C6 DMU BE . 6.15 -1.80 2.93
O7 DMU BE . 7.27 -5.08 5.28
O16 DMU BE . 6.61 -0.43 2.89
C18 DMU BE . 5.49 0.45 2.92
C19 DMU BE . 5.13 0.92 1.53
C22 DMU BE . 4.12 2.06 1.58
C25 DMU BE . 4.52 3.18 0.62
C28 DMU BE . 3.28 3.81 -0.01
C31 DMU BE . 3.40 5.33 -0.01
C34 DMU BE . 2.40 5.97 -0.96
C37 DMU BE . 1.78 7.21 -0.32
C40 DMU BE . 0.27 7.12 -0.38
C43 DMU BE . -0.30 8.19 0.55
O49 DMU BE . 7.04 -2.96 1.03
O55 DMU BE . 8.81 -4.40 3.11
C57 DMU BE . 5.06 -3.53 6.05
O61 DMU BE . 4.22 -2.38 6.28
C1 DMU CE . 17.96 30.19 37.38
C2 DMU CE . 17.35 31.20 36.38
C3 DMU CE . 17.62 32.68 36.75
C4 DMU CE . 19.04 32.84 37.31
O5 DMU CE . 19.26 31.93 38.37
C6 DMU CE . 19.26 30.63 37.98
O7 DMU CE . 17.56 33.52 35.58
O16 DMU CE . 19.74 29.79 38.97
C18 DMU CE . 21.10 29.38 38.79
C19 DMU CE . 21.37 28.16 39.68
C22 DMU CE . 22.02 27.05 38.87
C25 DMU CE . 21.55 25.66 39.32
C28 DMU CE . 22.66 24.66 39.06
C31 DMU CE . 22.12 23.27 38.81
C34 DMU CE . 23.07 22.23 39.35
C37 DMU CE . 23.48 21.24 38.29
C40 DMU CE . 24.21 20.10 38.97
C43 DMU CE . 25.67 20.06 38.68
O49 DMU CE . 18.14 28.93 36.72
O55 DMU CE . 15.93 30.96 36.34
C57 DMU CE . 19.30 34.27 37.82
O61 DMU CE . 18.98 34.35 39.21
C5 DMU CE . 16.42 34.77 33.91
C7 DMU CE . 15.36 35.75 33.69
C8 DMU CE . 15.22 36.61 34.92
C9 DMU CE . 15.68 35.84 36.16
O1 DMU CE . 15.41 34.42 36.02
C10 DMU CE . 16.25 33.81 35.03
O2 DMU CE . 15.97 37.82 34.78
O3 DMU CE . 17.76 35.42 33.81
O4 DMU CE . 14.13 35.12 33.41
C11 DMU CE . 14.96 36.38 37.38
O6 DMU CE . 15.49 37.63 37.73
C1 DMU DE . 19.24 30.58 32.21
C2 DMU DE . 18.77 31.46 31.08
C3 DMU DE . 18.56 32.83 31.59
C4 DMU DE . 19.84 33.34 32.21
O5 DMU DE . 20.32 32.44 33.23
C6 DMU DE . 20.46 31.13 32.82
O7 DMU DE . 18.14 33.66 30.51
O16 DMU DE . 21.08 30.29 33.77
C18 DMU DE . 22.51 30.38 33.71
C19 DMU DE . 23.15 29.01 34.00
C22 DMU DE . 22.97 28.04 32.82
C25 DMU DE . 23.86 26.80 32.95
C28 DMU DE . 23.67 26.09 34.30
C31 DMU DE . 25.01 25.99 35.05
C34 DMU DE . 25.22 24.59 35.62
C37 DMU DE . 26.68 24.31 35.80
C40 DMU DE . 26.92 22.81 36.01
C43 DMU DE . 28.31 22.65 36.55
O49 DMU DE . 19.49 29.27 31.70
O55 DMU DE . 17.54 30.98 30.53
C57 DMU DE . 19.64 34.73 32.83
O61 DMU DE . 20.83 35.10 33.55
C5 DMU DE . 17.21 33.16 28.39
C7 DMU DE . 16.08 33.51 27.51
C8 DMU DE . 15.62 34.92 27.85
C9 DMU DE . 16.11 35.26 29.25
O1 DMU DE . 15.91 34.10 30.06
C10 DMU DE . 16.95 33.18 29.83
O2 DMU DE . 16.14 35.86 26.90
O3 DMU DE . 18.43 33.85 28.08
O4 DMU DE . 14.99 32.58 27.71
C11 DMU DE . 15.39 36.46 29.86
O6 DMU DE . 16.03 37.66 29.43
C1 EDO EE . 24.25 22.14 30.94
O1 EDO EE . 25.23 21.20 31.31
C2 EDO EE . 24.68 23.51 31.20
O2 EDO EE . 23.82 24.18 32.08
C1 EDO FE . -14.42 30.92 18.76
O1 EDO FE . -14.21 31.58 17.54
C2 EDO FE . -15.59 30.05 18.71
O2 EDO FE . -16.81 30.73 18.61
C1 EDO GE . 30.18 -2.69 -7.14
O1 EDO GE . 29.71 -3.09 -8.36
C2 EDO GE . 28.98 -2.15 -6.50
O2 EDO GE . 29.10 -1.75 -5.16
C1 DMU HE . 14.02 29.28 40.00
C2 DMU HE . 14.13 30.58 40.68
C3 DMU HE . 13.62 31.68 39.76
C4 DMU HE . 12.18 31.38 39.32
O5 DMU HE . 12.09 30.08 38.73
C6 DMU HE . 12.59 29.06 39.57
O7 DMU HE . 13.60 32.93 40.46
O16 DMU HE . 12.29 27.79 39.13
C18 DMU HE . 10.85 27.48 39.13
C19 DMU HE . 10.57 26.41 38.06
C22 DMU HE . 9.38 25.48 38.38
C25 DMU HE . 9.08 24.54 37.23
C28 DMU HE . 8.17 23.41 37.67
C31 DMU HE . 8.87 22.59 38.74
C34 DMU HE . 8.66 21.11 38.53
C37 DMU HE . 9.71 20.37 39.30
C40 DMU HE . 9.45 18.91 39.29
C43 DMU HE . 10.48 18.20 40.09
O49 DMU HE . 14.48 28.27 40.92
O55 DMU HE . 15.49 30.77 41.05
C57 DMU HE . 11.60 32.44 38.35
O61 DMU HE . 12.26 32.41 37.09
C5 DMU HE . 15.02 33.34 42.38
C7 DMU HE . 15.07 34.58 43.24
C8 DMU HE . 14.51 35.83 42.52
C9 DMU HE . 13.80 35.34 41.31
O1 DMU HE . 14.81 34.79 40.51
C10 DMU HE . 14.87 33.45 40.86
O2 DMU HE . 13.61 36.54 43.36
O3 DMU HE . 14.18 32.31 42.91
O4 DMU HE . 16.40 34.83 43.63
C11 DMU HE . 12.99 36.33 40.53
O6 DMU HE . 12.02 35.55 39.84
C1 DMU IE . -14.93 -22.71 57.72
C2 DMU IE . -14.27 -24.06 57.38
C3 DMU IE . -14.08 -24.09 55.89
C4 DMU IE . -13.16 -22.87 55.60
O5 DMU IE . -13.95 -21.69 55.78
C6 DMU IE . -14.15 -21.51 57.10
O7 DMU IE . -13.46 -25.28 55.43
O16 DMU IE . -14.56 -20.23 57.43
C18 DMU IE . -14.05 -19.10 56.60
C19 DMU IE . -15.34 -18.35 56.21
C22 DMU IE . -15.15 -17.29 55.19
C25 DMU IE . -16.26 -16.27 55.31
C28 DMU IE . -16.08 -15.17 54.25
C31 DMU IE . -17.06 -14.06 54.50
C34 DMU IE . -17.30 -13.23 53.28
C37 DMU IE . -18.25 -12.14 53.65
C40 DMU IE . -18.54 -11.23 52.50
C43 DMU IE . -19.72 -10.39 52.91
O49 DMU IE . -15.02 -22.66 59.09
O55 DMU IE . -15.06 -25.19 57.90
C57 DMU IE . -12.50 -22.83 54.26
O61 DMU IE . -12.11 -21.41 53.93
C5 DMU IE . -13.42 -27.59 55.23
C7 DMU IE . -12.70 -27.60 53.95
C8 DMU IE . -13.67 -27.53 52.79
C9 DMU IE . -14.73 -26.46 52.98
O1 DMU IE . -15.26 -26.42 54.32
C10 DMU IE . -14.31 -26.44 55.40
O2 DMU IE . -12.99 -27.26 51.57
O3 DMU IE . -12.65 -27.86 56.30
O4 DMU IE . -11.93 -28.80 53.87
C11 DMU IE . -15.88 -26.74 52.00
O6 DMU IE . -16.93 -25.79 52.19
C1 EDO JE . -10.57 -58.67 58.34
O1 EDO JE . -9.56 -59.26 57.57
C2 EDO JE . -11.87 -59.16 57.89
O2 EDO JE . -11.79 -59.47 56.53
C1 EDO KE . -0.56 -51.30 34.09
O1 EDO KE . -1.22 -52.46 33.71
C2 EDO KE . 0.01 -50.54 32.95
O2 EDO KE . 1.12 -51.16 32.40
C1 EDO LE . -4.85 -62.21 44.17
O1 EDO LE . -5.84 -62.25 43.12
C2 EDO LE . -3.75 -61.19 44.02
O2 EDO LE . -3.31 -60.99 42.69
ZN ZN ME . 3.57 -36.42 29.62
C1 EDO NE . 0.45 -24.57 31.80
O1 EDO NE . 0.71 -25.07 30.51
C2 EDO NE . 0.53 -25.66 32.81
O2 EDO NE . 1.91 -26.04 33.01
C1 EDO OE . 26.06 -15.90 13.60
O1 EDO OE . 26.17 -15.38 14.92
C2 EDO OE . 25.22 -15.01 12.76
O2 EDO OE . 25.91 -13.83 12.44
C1 LFA PE . 18.25 -4.73 -14.02
C2 LFA PE . 18.01 -3.48 -13.23
C3 LFA PE . 19.00 -2.37 -13.51
C4 LFA PE . 18.54 -1.00 -13.08
C5 LFA PE . 19.34 0.19 -13.67
C6 LFA PE . 18.60 1.51 -13.55
C7 LFA PE . 19.01 2.61 -14.45
C8 LFA PE . 17.92 3.12 -15.36
C9 LFA PE . 17.00 3.94 -14.65
C10 LFA PE . 15.84 4.34 -15.36
C11 LFA PE . 14.80 3.24 -15.49
C12 LFA PE . 14.81 2.25 -14.39
C13 LFA PE . 13.55 1.48 -14.22
C14 LFA PE . 13.76 0.28 -13.36
P PEK QE . 7.57 29.38 12.49
N PEK QE . 8.83 31.38 8.41
C01 PEK QE . 8.16 26.69 15.14
C02 PEK QE . 8.65 26.09 13.84
C03 PEK QE . 8.13 26.77 12.60
C04 PEK QE . 8.05 29.62 9.91
C05 PEK QE . 7.81 30.99 9.39
O01 PEK QE . 8.18 24.75 13.76
O02 PEK QE . 10.19 24.02 13.87
O03 PEK QE . 8.86 26.09 16.26
O04 PEK QE . 7.47 27.08 17.71
O11 PEK QE . 8.62 28.15 12.56
O12 PEK QE . 7.10 29.34 10.96
O13 PEK QE . 6.35 29.19 13.36
O14 PEK QE . 8.43 30.60 12.62
C1 PEK QE . 9.01 23.73 14.02
C2 PEK QE . 8.21 22.44 14.41
C3 PEK QE . 8.39 22.04 15.90
C4 PEK QE . 7.32 22.46 16.94
C5 PEK QE . 6.98 21.38 17.96
C6 PEK QE . 7.56 20.20 18.21
C7 PEK QE . 8.10 19.16 17.21
C8 PEK QE . 9.62 18.91 17.27
C9 PEK QE . 10.58 19.86 17.10
C10 PEK QE . 11.79 20.11 18.01
C11 PEK QE . 12.85 21.09 17.52
C12 PEK QE . 12.83 22.45 17.56
C13 PEK QE . 13.49 23.39 16.57
C14 PEK QE . 13.72 22.59 15.31
C15 PEK QE . 12.87 21.67 14.82
C16 PEK QE . 13.17 20.47 13.98
C17 PEK QE . 13.59 20.83 12.59
C18 PEK QE . 13.27 19.80 11.52
C19 PEK QE . 13.53 20.20 10.08
C20 PEK QE . 14.30 21.49 9.92
C21 PEK QE . 8.44 26.44 17.48
C22 PEK QE . 9.35 26.08 18.62
C23 PEK QE . 10.04 24.86 18.59
C24 PEK QE . 10.86 24.68 19.88
C25 PEK QE . 10.08 24.29 21.11
C26 PEK QE . 9.43 22.94 21.07
C27 PEK QE . 9.08 22.40 22.45
C28 PEK QE . 8.00 21.35 22.48
C29 PEK QE . 8.48 19.98 22.78
C30 PEK QE . 7.41 18.94 22.79
C31 PEK QE . 7.83 17.69 23.48
C32 PEK QE . 7.01 16.48 23.21
C33 PEK QE . 7.79 15.20 23.07
C34 PEK QE . 6.92 14.01 22.78
C35 PEK QE . 7.23 12.80 23.62
C36 PEK QE . 6.29 11.67 23.42
C37 PEK QE . 6.68 10.36 24.03
C38 PEK QE . 5.49 9.38 24.22
C1 LFA RE . 16.11 -4.82 -8.25
C2 LFA RE . 14.68 -4.40 -8.50
C3 LFA RE . 14.26 -3.21 -7.67
C4 LFA RE . 13.27 -2.27 -8.33
C5 LFA RE . 12.73 -1.17 -7.44
C6 LFA RE . 13.44 0.16 -7.56
C7 LFA RE . 12.54 1.34 -7.47
C8 LFA RE . 13.12 2.53 -6.73
C9 LFA RE . 12.22 3.75 -6.77
C10 LFA RE . 12.86 5.01 -6.27
C11 LFA RE . 13.65 5.78 -7.30
C12 LFA RE . 14.23 7.09 -6.80
C13 LFA RE . 13.82 8.25 -7.60
C14 LFA RE . 14.02 9.58 -6.88
C1 LFA SE . 31.86 4.08 -11.47
C2 LFA SE . 30.76 5.05 -11.90
C3 LFA SE . 30.74 6.42 -11.23
C4 LFA SE . 29.55 7.28 -11.61
C5 LFA SE . 29.68 8.75 -11.21
C6 LFA SE . 28.47 9.33 -10.52
C7 LFA SE . 27.39 9.83 -11.45
C8 LFA SE . 26.13 10.33 -10.75
C9 LFA SE . 25.67 11.71 -11.17
C10 LFA SE . 24.17 11.86 -11.26
C11 LFA SE . 23.74 12.76 -12.39
C1 DMU TE . 4.75 25.98 -11.35
C2 DMU TE . 3.92 27.26 -11.38
C3 DMU TE . 4.58 28.30 -12.24
C4 DMU TE . 5.11 27.77 -13.55
O5 DMU TE . 5.71 26.43 -13.44
C6 DMU TE . 4.96 25.50 -12.73
O7 DMU TE . 3.65 29.35 -12.50
O16 DMU TE . 5.36 24.17 -12.88
C18 DMU TE . 4.33 23.39 -13.57
C19 DMU TE . 4.88 22.08 -14.17
C22 DMU TE . 6.16 21.67 -13.40
C25 DMU TE . 6.32 20.15 -13.30
C28 DMU TE . 7.44 19.79 -12.34
C31 DMU TE . 8.12 18.47 -12.72
C34 DMU TE . 9.48 18.29 -11.98
C37 DMU TE . 10.43 17.39 -12.79
C40 DMU TE . 11.55 16.81 -11.93
C43 DMU TE . 11.60 15.28 -11.98
O49 DMU TE . 4.10 25.01 -10.57
O55 DMU TE . 3.79 27.82 -10.06
C57 DMU TE . 6.13 28.80 -14.07
O61 DMU TE . 6.69 28.35 -15.33
C1 EDO UE . -2.39 36.87 4.42
O1 EDO UE . -2.17 35.95 5.48
C2 EDO UE . -3.05 38.12 4.86
O2 EDO UE . -2.34 38.83 5.86
C1 CDL VE . -39.63 0.70 41.77
O1 CDL VE . -40.66 1.22 40.94
CA2 CDL VE . -38.71 -0.16 40.94
OA2 CDL VE . -38.41 0.54 39.70
PA1 CDL VE . -37.32 1.71 39.70
OA3 CDL VE . -37.84 2.64 40.76
OA4 CDL VE . -37.05 2.22 38.31
OA5 CDL VE . -36.03 0.88 40.21
CA3 CDL VE . -34.83 0.63 39.39
CA4 CDL VE . -33.66 0.52 40.35
OA6 CDL VE . -32.71 -0.51 39.99
CA5 CDL VE . -31.58 -0.21 39.38
OA7 CDL VE . -31.56 0.10 38.23
C11 CDL VE . -30.32 -0.44 40.16
C12 CDL VE . -29.14 -0.64 39.22
C13 CDL VE . -28.36 -1.89 39.53
C14 CDL VE . -27.52 -2.43 38.42
C15 CDL VE . -27.49 -3.94 38.37
C16 CDL VE . -27.29 -4.59 39.71
C17 CDL VE . -27.20 -6.11 39.72
C18 CDL VE . -27.72 -6.71 41.01
C19 CDL VE . -27.08 -8.01 41.43
C20 CDL VE . -28.07 -9.14 41.67
C21 CDL VE . -27.57 -10.31 42.55
C22 CDL VE . -28.68 -11.25 43.05
C23 CDL VE . -28.91 -11.27 44.54
CA6 CDL VE . -34.05 0.04 41.72
OA8 CDL VE . -34.16 -1.41 41.74
CA7 CDL VE . -34.63 -1.94 42.87
OA9 CDL VE . -35.81 -2.05 43.10
C31 CDL VE . -33.54 -2.39 43.85
C32 CDL VE . -32.36 -3.09 43.23
C33 CDL VE . -32.19 -4.55 43.69
C34 CDL VE . -30.87 -4.82 44.40
C35 CDL VE . -30.33 -6.20 44.20
CB2 CDL VE . -40.24 -0.04 42.92
OB2 CDL VE . -39.58 0.39 44.14
PB2 CDL VE . -40.45 0.44 45.51
OB3 CDL VE . -41.85 0.07 45.14
OB4 CDL VE . -40.19 1.74 46.24
OB5 CDL VE . -39.86 -0.79 46.36
CB3 CDL VE . -39.37 -0.59 47.72
CB4 CDL VE . -37.89 -0.91 47.73
OB6 CDL VE . -37.76 -2.35 47.51
CB5 CDL VE . -37.02 -2.80 46.47
OB7 CDL VE . -37.47 -3.01 45.37
C51 CDL VE . -35.58 -3.04 46.84
C52 CDL VE . -34.68 -1.87 46.59
CB6 CDL VE . -37.18 -0.48 49.00
OB8 CDL VE . -35.76 -0.41 48.73
CB7 CDL VE . -35.01 0.46 49.42
OB9 CDL VE . -35.42 1.10 50.36
C71 CDL VE . -33.61 0.55 48.83
C72 CDL VE . -32.62 -0.42 49.44
C73 CDL VE . -31.23 -0.32 48.83
C74 CDL VE . -30.11 -0.85 49.71
C75 CDL VE . -28.86 0.03 49.78
C76 CDL VE . -27.54 -0.73 49.51
C77 CDL VE . -26.57 -0.78 50.66
C78 CDL VE . -25.18 -1.31 50.32
C79 CDL VE . -25.06 -2.83 50.16
C80 CDL VE . -24.54 -3.60 51.40
C81 CDL VE . -23.16 -4.25 51.23
C82 CDL VE . -23.06 -5.70 51.71
O16 DMU WE . 20.89 29.85 45.03
C18 DMU WE . 19.75 29.02 44.79
C19 DMU WE . 20.19 27.74 44.08
C22 DMU WE . 19.90 26.52 44.93
C25 DMU WE . 20.43 25.26 44.25
C28 DMU WE . 20.05 24.01 45.03
C31 DMU WE . 20.36 22.77 44.20
C34 DMU WE . 21.82 22.36 44.38
C37 DMU WE . 22.19 21.26 43.41
C40 DMU WE . 23.71 21.14 43.35
C43 DMU WE . 24.20 20.07 44.31
C1 CDL XE . 19.34 -2.39 53.55
O1 CDL XE . 18.69 -3.65 53.59
CA2 CDL XE . 20.84 -2.51 53.72
OA2 CDL XE . 21.48 -1.71 52.67
PA1 CDL XE . 22.42 -0.46 53.00
OA3 CDL XE . 22.75 -0.50 54.47
OA4 CDL XE . 23.55 -0.47 52.01
OA5 CDL XE . 21.53 0.84 52.65
CA3 CDL XE . 20.51 1.34 53.56
CA4 CDL XE . 20.48 2.86 53.64
OA6 CDL XE . 19.09 3.33 53.55
CA5 CDL XE . 18.53 3.94 54.62
OA7 CDL XE . 18.41 3.37 55.69
C11 CDL XE . 18.06 5.37 54.42
C12 CDL XE . 17.42 5.64 53.08
C13 CDL XE . 16.04 6.29 53.17
C14 CDL XE . 15.56 6.97 51.91
C15 CDL XE . 14.04 7.06 51.76
C16 CDL XE . 13.43 6.22 50.63
C17 CDL XE . 12.15 5.48 50.99
C18 CDL XE . 11.20 5.23 49.84
C19 CDL XE . 10.34 6.42 49.43
C20 CDL XE . 9.25 6.80 50.40
C21 CDL XE . 8.35 7.92 49.90
C22 CDL XE . 8.75 9.32 50.34
C23 CDL XE . 8.05 10.44 49.57
C24 CDL XE . 7.48 11.57 50.44
C25 CDL XE . 6.17 12.20 49.92
C26 CDL XE . 5.98 13.68 50.29
C27 CDL XE . 4.93 14.44 49.49
CA6 CDL XE . 21.30 3.55 52.58
OA8 CDL XE . 21.26 2.81 51.34
CA7 CDL XE . 21.89 3.34 50.29
OA9 CDL XE . 23.09 3.47 50.23
C31 CDL XE . 20.92 3.74 49.21
C32 CDL XE . 20.75 5.22 49.07
C33 CDL XE . 20.04 5.61 47.78
C34 CDL XE . 18.59 5.16 47.71
C35 CDL XE . 17.62 6.17 47.12
C36 CDL XE . 16.26 5.62 46.74
C37 CDL XE . 15.37 6.56 45.94
C38 CDL XE . 13.91 6.12 45.79
C39 CDL XE . 12.95 7.21 45.35
C40 CDL XE . 11.52 6.76 45.16
C41 CDL XE . 11.34 5.54 44.28
CB2 CDL XE . 18.72 -1.53 54.62
OB2 CDL XE . 17.32 -1.46 54.36
PB2 CDL XE . 16.38 -0.73 55.44
OB3 CDL XE . 17.35 0.04 56.31
OB4 CDL XE . 15.44 -1.72 56.06
OB5 CDL XE . 15.59 0.36 54.56
CB3 CDL XE . 15.46 0.14 53.14
CB4 CDL XE . 15.04 1.41 52.42
OB6 CDL XE . 14.58 1.02 51.10
CB5 CDL XE . 13.33 1.32 50.72
OB7 CDL XE . 13.02 2.37 50.22
C51 CDL XE . 12.42 0.15 50.94
C52 CDL XE . 10.97 0.52 51.10
C53 CDL XE . 10.57 0.71 52.56
C54 CDL XE . 10.09 -0.54 53.21
C55 CDL XE . 8.72 -0.92 52.79
C56 CDL XE . 8.32 -2.33 53.04
C57 CDL XE . 6.90 -2.61 52.62
C58 CDL XE . 6.58 -4.08 52.40
C59 CDL XE . 5.30 -4.30 51.62
C60 CDL XE . 5.39 -5.40 50.58
C61 CDL XE . 4.62 -5.16 49.32
C62 CDL XE . 5.35 -5.64 48.06
C63 CDL XE . 5.75 -7.09 48.10
C64 CDL XE . 7.16 -7.39 47.68
C65 CDL XE . 7.35 -8.82 47.26
C66 CDL XE . 8.22 -9.63 48.17
C67 CDL XE . 9.47 -9.99 47.43
CB6 CDL XE . 16.18 2.39 52.29
OB8 CDL XE . 16.76 2.25 50.96
CB7 CDL XE . 16.47 3.21 50.09
OB9 CDL XE . 16.19 4.33 50.42
C71 CDL XE . 16.57 2.74 48.64
C72 CDL XE . 15.79 1.50 48.30
C73 CDL XE . 15.90 1.08 46.83
C74 CDL XE . 14.73 1.44 46.00
C75 CDL XE . 13.41 0.94 46.53
C76 CDL XE . 12.23 1.85 46.26
C77 CDL XE . 10.94 1.13 45.96
C78 CDL XE . 9.96 1.97 45.20
C79 CDL XE . 9.26 2.92 46.12
C80 CDL XE . 8.10 3.62 45.47
C81 CDL XE . 7.41 4.61 46.36
C82 CDL XE . 7.97 5.99 46.28
C83 CDL XE . 7.45 6.78 45.12
C84 CDL XE . 8.04 8.17 45.07
C85 CDL XE . 7.50 9.04 43.98
C86 CDL XE . 7.63 10.52 44.32
C87 CDL XE . 6.30 11.24 44.41
C1 DMU YE . 9.61 -4.03 71.92
C2 DMU YE . 10.03 -5.42 72.34
C3 DMU YE . 8.95 -5.99 73.21
C4 DMU YE . 7.64 -6.01 72.44
O5 DMU YE . 7.26 -4.65 72.04
C6 DMU YE . 8.26 -3.94 71.36
O7 DMU YE . 9.31 -7.31 73.62
O16 DMU YE . 8.02 -2.56 71.15
C18 DMU YE . 8.30 -2.11 69.82
C19 DMU YE . 7.02 -1.56 69.18
C22 DMU YE . 7.22 -0.13 68.67
C25 DMU YE . 7.01 -0.02 67.16
C28 DMU YE . 7.82 1.14 66.56
C31 DMU YE . 7.21 1.61 65.24
C34 DMU YE . 7.18 3.15 65.19
C37 DMU YE . 6.42 3.66 63.97
C40 DMU YE . 7.19 4.76 63.24
C43 DMU YE . 6.34 5.98 62.99
O49 DMU YE . 10.56 -3.50 70.98
O55 DMU YE . 11.25 -5.38 73.08
C57 DMU YE . 6.54 -6.66 73.29
O61 DMU YE . 6.61 -8.12 73.17
C1 DMU ZE . -5.37 13.91 65.42
C2 DMU ZE . -5.15 14.96 66.50
C3 DMU ZE . -6.43 15.40 67.16
C4 DMU ZE . -7.30 14.18 67.55
O5 DMU ZE . -7.48 13.34 66.41
C6 DMU ZE . -6.34 12.87 65.85
O7 DMU ZE . -6.08 16.14 68.32
O16 DMU ZE . -6.65 11.96 64.89
C18 DMU ZE . -7.29 10.80 65.43
C19 DMU ZE . -7.75 9.92 64.30
C22 DMU ZE . -9.16 10.23 63.94
C25 DMU ZE . -9.69 9.17 63.02
C28 DMU ZE . -9.14 9.38 61.62
C31 DMU ZE . -10.24 9.81 60.71
C34 DMU ZE . -10.23 9.05 59.43
C37 DMU ZE . -9.40 9.75 58.41
C40 DMU ZE . -9.55 9.04 57.05
C43 DMU ZE . -9.97 10.03 55.97
O49 DMU ZE . -4.10 13.32 65.08
O55 DMU ZE . -4.50 16.09 65.93
C57 DMU ZE . -8.67 14.61 68.05
O61 DMU ZE . -9.38 13.53 68.63
C5 DMU ZE . -5.48 18.38 68.63
C7 DMU ZE . -4.93 18.17 70.00
C8 DMU ZE . -6.03 18.23 71.03
C9 DMU ZE . -7.20 17.32 70.63
O1 DMU ZE . -7.64 17.66 69.30
C10 DMU ZE . -6.59 17.49 68.32
O2 DMU ZE . -5.53 17.79 72.29
O3 DMU ZE . -4.61 18.42 67.59
O4 DMU ZE . -3.97 19.14 70.30
C11 DMU ZE . -8.38 17.46 71.61
O6 DMU ZE . -9.45 18.25 71.03
C22 DMU AF . -2.63 -15.93 66.14
C25 DMU AF . -3.42 -15.35 67.32
C28 DMU AF . -4.29 -14.18 66.85
C31 DMU AF . -4.57 -13.19 67.95
C34 DMU AF . -4.87 -11.84 67.35
C37 DMU AF . -4.97 -10.73 68.38
C40 DMU AF . -4.72 -9.43 67.61
C43 DMU AF . -5.62 -8.30 68.05
#